data_3IYJ
#
_entry.id   3IYJ
#
_cell.length_a   1.0
_cell.length_b   1.0
_cell.length_c   1.0
_cell.angle_alpha   90.0
_cell.angle_beta   90.0
_cell.angle_gamma   90.0
#
_symmetry.space_group_name_H-M   'P 1'
#
_entity_poly.entity_id   1
_entity_poly.type   'polypeptide(L)'
_entity_poly.pdbx_seq_one_letter_code
;MALWQQGQKLYLPPTPVSKVLCSETYVQRKSIFYHAETERLLTIGHPYYPVSIGAKTVPKVSANQYRVFKIQLPDPNQFA
LPDRTVHNPSKERLVWAVIGVQVSRGQPLGGTVTGHPTFNALLDAENVNRKVTTQTTDDRKQTGLDAKQQQILLLGCTPA
EGEYWTTARPCVTDRLENGACPPLELKNKHIEDGDMMEIGFGAANFKEINASKSDLPLDIQNEICLYPDYLKMAEDAAGN
SMFFFARKEQVYVRHIWTRGGSEKEAPTTDFYLKNNKGDATLKIPSVHFGSPSGSLVSTDNQIFNRPYWLFRAQGMNNGI
AWNNLLFLTVGDNTRGTNLTISVASDGTPLTEYDSSKFNVYHRHMEEYKLAFILELCSVEITAQTVSHLQGLMPSVLENW
EIGVQPPTSSILEDTYRYIESPATKCASNVIPAKEDPYAGFKFWNIDLKEKLSLDLDQFPLGRRFLAQQGAGCSTVRKRR
ISQKTSSKPAKKKKK
;
_entity_poly.pdbx_strand_id   F,A,B,C,D,E
#
# COMPACT_ATOMS: atom_id res chain seq x y z
N PRO A 14 -29.52 -36.73 -31.47
CA PRO A 14 -30.76 -37.55 -31.36
C PRO A 14 -31.93 -36.89 -30.62
N THR A 15 -32.93 -36.47 -31.40
CA THR A 15 -34.17 -35.92 -30.88
C THR A 15 -35.28 -36.65 -31.62
N PRO A 16 -35.44 -37.93 -31.32
CA PRO A 16 -36.42 -38.79 -31.99
C PRO A 16 -37.75 -38.85 -31.27
N VAL A 17 -37.89 -38.10 -30.19
CA VAL A 17 -39.12 -38.13 -29.40
C VAL A 17 -40.32 -37.68 -30.23
N SER A 18 -41.43 -38.39 -30.05
CA SER A 18 -42.67 -38.11 -30.76
C SER A 18 -43.95 -38.20 -29.93
N LYS A 19 -43.89 -38.85 -28.78
CA LYS A 19 -45.07 -39.01 -27.94
C LYS A 19 -44.79 -38.75 -26.47
N VAL A 20 -45.82 -38.31 -25.75
CA VAL A 20 -45.68 -38.05 -24.33
C VAL A 20 -45.37 -39.35 -23.61
N LEU A 21 -44.48 -39.28 -22.64
CA LEU A 21 -44.07 -40.45 -21.87
C LEU A 21 -44.38 -40.29 -20.39
N CYS A 22 -44.32 -41.39 -19.65
CA CYS A 22 -44.64 -41.38 -18.22
C CYS A 22 -43.48 -41.15 -17.25
N SER A 23 -43.66 -40.18 -16.36
CA SER A 23 -42.59 -39.61 -15.55
C SER A 23 -41.83 -40.64 -14.73
N GLU A 24 -42.49 -41.74 -14.40
CA GLU A 24 -41.85 -42.79 -13.63
C GLU A 24 -40.64 -43.34 -14.40
N THR A 25 -40.73 -43.39 -15.73
CA THR A 25 -39.67 -43.96 -16.56
C THR A 25 -38.30 -43.26 -16.45
N TYR A 26 -38.26 -41.92 -16.43
CA TYR A 26 -37.01 -41.26 -16.24
C TYR A 26 -36.79 -40.73 -14.82
N VAL A 27 -37.70 -41.06 -13.91
CA VAL A 27 -37.56 -40.60 -12.53
C VAL A 27 -37.25 -41.72 -11.55
N GLN A 28 -36.11 -41.60 -10.88
CA GLN A 28 -35.71 -42.57 -9.88
C GLN A 28 -36.26 -42.15 -8.54
N ARG A 29 -36.81 -43.09 -7.80
CA ARG A 29 -37.32 -42.71 -6.52
C ARG A 29 -36.36 -43.22 -5.47
N LYS A 30 -35.83 -42.30 -4.67
CA LYS A 30 -34.93 -42.69 -3.60
C LYS A 30 -35.87 -43.12 -2.51
N SER A 31 -35.35 -43.60 -1.40
CA SER A 31 -36.23 -44.04 -0.34
C SER A 31 -36.20 -43.06 0.83
N ILE A 32 -36.10 -41.79 0.53
CA ILE A 32 -36.05 -40.80 1.60
C ILE A 32 -37.33 -40.03 1.75
N PHE A 33 -37.66 -39.68 2.98
CA PHE A 33 -38.90 -38.94 3.22
C PHE A 33 -38.70 -37.71 4.05
N TYR A 34 -39.60 -36.76 3.87
CA TYR A 34 -39.55 -35.52 4.61
C TYR A 34 -40.93 -35.13 5.08
N HIS A 35 -40.96 -34.28 6.08
CA HIS A 35 -42.21 -33.83 6.61
C HIS A 35 -42.31 -32.31 6.61
N ALA A 36 -43.15 -31.75 5.75
CA ALA A 36 -43.28 -30.29 5.71
C ALA A 36 -44.57 -29.79 6.35
N GLU A 37 -44.51 -29.31 7.59
CA GLU A 37 -45.70 -28.82 8.30
C GLU A 37 -45.76 -27.28 8.43
N THR A 38 -46.80 -26.66 7.88
CA THR A 38 -46.95 -25.19 7.94
C THR A 38 -47.61 -24.83 9.26
N GLU A 39 -47.24 -23.70 9.83
CA GLU A 39 -47.87 -23.31 11.10
C GLU A 39 -49.26 -22.79 10.77
N ARG A 40 -50.22 -23.02 11.67
CA ARG A 40 -51.61 -22.62 11.45
C ARG A 40 -51.77 -21.20 10.89
N LEU A 41 -52.62 -21.06 9.87
CA LEU A 41 -52.86 -19.79 9.20
C LEU A 41 -54.22 -19.21 9.49
N LEU A 42 -54.27 -17.95 9.88
CA LEU A 42 -55.55 -17.32 10.16
C LEU A 42 -55.70 -16.08 9.32
N THR A 43 -56.93 -15.72 9.03
CA THR A 43 -57.24 -14.55 8.25
C THR A 43 -58.62 -14.22 8.69
N ILE A 44 -58.93 -12.95 8.86
CA ILE A 44 -60.27 -12.62 9.29
C ILE A 44 -60.76 -11.40 8.54
N GLY A 45 -62.07 -11.13 8.54
CA GLY A 45 -62.55 -9.96 7.82
C GLY A 45 -64.01 -10.00 7.44
N HIS A 46 -64.46 -8.99 6.69
CA HIS A 46 -65.83 -8.99 6.20
C HIS A 46 -65.85 -9.74 4.87
N PRO A 47 -66.57 -10.86 4.85
CA PRO A 47 -66.64 -11.75 3.69
C PRO A 47 -67.27 -11.15 2.43
N TYR A 48 -68.35 -10.38 2.60
CA TYR A 48 -69.11 -9.89 1.46
C TYR A 48 -68.35 -9.01 0.50
N TYR A 49 -67.65 -8.03 1.06
CA TYR A 49 -66.87 -7.12 0.26
C TYR A 49 -65.81 -6.47 1.15
N PRO A 50 -64.73 -6.03 0.53
CA PRO A 50 -63.66 -5.30 1.20
C PRO A 50 -64.17 -3.99 1.80
N VAL A 51 -63.88 -3.80 3.09
CA VAL A 51 -64.31 -2.60 3.83
C VAL A 51 -63.17 -1.61 3.92
N SER A 52 -63.48 -0.37 4.28
CA SER A 52 -62.45 0.64 4.38
C SER A 52 -62.69 1.65 5.51
N ILE A 53 -61.91 1.52 6.59
CA ILE A 53 -62.00 2.45 7.71
C ILE A 53 -60.72 3.28 7.74
N GLY A 54 -60.86 4.60 7.73
CA GLY A 54 -59.68 5.47 7.73
C GLY A 54 -58.96 5.37 6.41
N ALA A 55 -57.67 5.04 6.45
CA ALA A 55 -56.87 4.91 5.23
C ALA A 55 -56.32 3.49 5.12
N LYS A 56 -56.93 2.56 5.85
CA LYS A 56 -56.51 1.16 5.84
C LYS A 56 -57.67 0.33 5.30
N THR A 57 -57.42 -0.95 5.02
CA THR A 57 -58.46 -1.83 4.48
C THR A 57 -58.81 -3.01 5.41
N VAL A 58 -59.71 -3.88 4.95
CA VAL A 58 -60.14 -5.07 5.69
C VAL A 58 -60.47 -6.11 4.64
N PRO A 59 -59.52 -6.99 4.33
CA PRO A 59 -59.79 -8.02 3.30
C PRO A 59 -61.14 -8.69 3.45
N LYS A 60 -61.86 -8.81 2.33
CA LYS A 60 -63.17 -9.43 2.32
C LYS A 60 -62.93 -10.93 2.32
N VAL A 61 -62.87 -11.49 3.52
CA VAL A 61 -62.63 -12.91 3.72
C VAL A 61 -63.92 -13.68 3.86
N SER A 62 -64.30 -14.39 2.80
CA SER A 62 -65.54 -15.17 2.79
C SER A 62 -65.29 -16.65 2.96
N ALA A 63 -66.39 -17.38 3.06
CA ALA A 63 -66.35 -18.81 3.20
C ALA A 63 -66.54 -19.42 1.82
N ASN A 64 -66.72 -18.56 0.83
CA ASN A 64 -66.89 -19.04 -0.53
C ASN A 64 -65.82 -18.50 -1.47
N GLN A 65 -64.56 -18.83 -1.19
CA GLN A 65 -63.42 -18.42 -2.01
C GLN A 65 -62.39 -19.52 -1.98
N TYR A 66 -61.90 -19.91 -3.15
CA TYR A 66 -60.92 -20.95 -3.21
C TYR A 66 -59.59 -20.52 -2.60
N ARG A 67 -59.29 -20.96 -1.39
CA ARG A 67 -58.00 -20.61 -0.82
C ARG A 67 -57.01 -21.33 -1.69
N VAL A 68 -56.17 -20.60 -2.41
CA VAL A 68 -55.16 -21.26 -3.24
C VAL A 68 -53.75 -20.98 -2.75
N PHE A 69 -53.16 -22.00 -2.16
CA PHE A 69 -51.83 -21.90 -1.62
C PHE A 69 -50.79 -22.21 -2.64
N LYS A 70 -49.70 -21.48 -2.61
CA LYS A 70 -48.56 -21.81 -3.42
C LYS A 70 -47.61 -22.29 -2.37
N ILE A 71 -47.34 -23.58 -2.35
CA ILE A 71 -46.43 -24.10 -1.36
C ILE A 71 -45.10 -24.10 -2.05
N GLN A 72 -44.27 -23.12 -1.74
CA GLN A 72 -42.97 -23.06 -2.39
C GLN A 72 -41.98 -23.92 -1.66
N LEU A 73 -41.34 -24.81 -2.38
CA LEU A 73 -40.39 -25.71 -1.78
C LEU A 73 -38.96 -25.26 -1.73
N PRO A 74 -38.14 -25.99 -0.97
CA PRO A 74 -36.73 -25.72 -0.81
C PRO A 74 -36.09 -26.51 -1.96
N ASP A 75 -35.30 -25.85 -2.79
CA ASP A 75 -34.79 -26.55 -3.94
C ASP A 75 -33.95 -27.71 -3.43
N PRO A 76 -34.32 -28.90 -3.86
CA PRO A 76 -33.62 -30.13 -3.48
C PRO A 76 -32.22 -30.19 -4.05
N ASN A 77 -32.05 -29.67 -5.26
CA ASN A 77 -30.77 -29.77 -5.93
C ASN A 77 -29.68 -29.08 -5.13
N GLN A 78 -30.01 -27.93 -4.56
CA GLN A 78 -29.05 -27.20 -3.75
C GLN A 78 -29.06 -27.65 -2.28
N PHE A 79 -28.55 -28.85 -2.02
CA PHE A 79 -28.41 -29.31 -0.63
C PHE A 79 -27.10 -30.05 -0.30
N ALA A 80 -26.80 -30.14 0.99
CA ALA A 80 -25.60 -30.78 1.55
C ALA A 80 -25.46 -32.30 1.39
N LEU A 81 -24.48 -32.72 0.59
CA LEU A 81 -24.22 -34.14 0.32
C LEU A 81 -23.04 -34.67 1.09
N PRO A 82 -23.25 -35.24 2.28
CA PRO A 82 -22.14 -35.78 3.08
C PRO A 82 -21.54 -37.11 2.56
N ASP A 83 -21.87 -37.50 1.32
CA ASP A 83 -21.36 -38.75 0.74
C ASP A 83 -21.13 -38.77 -0.78
N ARG A 84 -20.81 -39.95 -1.29
CA ARG A 84 -20.54 -40.16 -2.70
C ARG A 84 -21.68 -40.82 -3.47
N THR A 85 -22.46 -41.65 -2.76
CA THR A 85 -23.61 -42.33 -3.34
C THR A 85 -24.71 -41.30 -3.64
N VAL A 86 -24.57 -40.12 -3.08
CA VAL A 86 -25.52 -39.04 -3.33
C VAL A 86 -25.29 -38.78 -4.80
N HIS A 87 -26.32 -38.38 -5.54
CA HIS A 87 -26.19 -38.32 -6.99
C HIS A 87 -24.97 -37.53 -7.48
N ASN A 88 -24.35 -38.09 -8.52
CA ASN A 88 -23.17 -37.50 -9.12
C ASN A 88 -23.56 -36.13 -9.64
N PRO A 89 -22.60 -35.21 -9.62
CA PRO A 89 -22.88 -33.81 -9.92
C PRO A 89 -23.47 -33.59 -11.31
N SER A 90 -23.02 -34.31 -12.33
CA SER A 90 -23.56 -34.04 -13.66
C SER A 90 -24.49 -35.08 -14.28
N LYS A 91 -24.62 -36.24 -13.63
CA LYS A 91 -25.48 -37.29 -14.15
C LYS A 91 -26.96 -36.99 -13.93
N GLU A 92 -27.32 -36.76 -12.67
CA GLU A 92 -28.71 -36.64 -12.22
C GLU A 92 -29.04 -35.44 -11.30
N ARG A 93 -30.32 -35.13 -11.24
CA ARG A 93 -30.86 -33.99 -10.52
C ARG A 93 -31.93 -34.51 -9.56
N LEU A 94 -32.08 -33.82 -8.44
CA LEU A 94 -33.07 -34.26 -7.46
C LEU A 94 -34.26 -33.35 -7.44
N VAL A 95 -35.39 -33.88 -7.03
CA VAL A 95 -36.60 -33.10 -6.95
C VAL A 95 -37.44 -33.57 -5.79
N TRP A 96 -38.67 -33.13 -5.76
CA TRP A 96 -39.57 -33.52 -4.70
C TRP A 96 -40.71 -34.31 -5.28
N ALA A 97 -41.29 -35.20 -4.49
CA ALA A 97 -42.43 -35.98 -4.95
C ALA A 97 -43.36 -36.10 -3.76
N VAL A 98 -44.60 -35.65 -3.92
CA VAL A 98 -45.56 -35.74 -2.82
C VAL A 98 -46.14 -37.13 -2.68
N ILE A 99 -46.30 -37.54 -1.44
CA ILE A 99 -46.83 -38.86 -1.19
C ILE A 99 -48.04 -38.67 -0.36
N GLY A 100 -47.95 -37.72 0.55
CA GLY A 100 -49.07 -37.49 1.42
C GLY A 100 -49.37 -36.04 1.66
N VAL A 101 -50.66 -35.75 1.71
CA VAL A 101 -51.15 -34.40 1.96
C VAL A 101 -52.28 -34.48 2.94
N GLN A 102 -52.27 -33.58 3.89
CA GLN A 102 -53.32 -33.57 4.87
C GLN A 102 -53.62 -32.14 5.22
N VAL A 103 -54.68 -31.62 4.61
CA VAL A 103 -55.13 -30.28 4.84
C VAL A 103 -56.01 -30.31 6.09
N SER A 104 -55.63 -29.54 7.10
CA SER A 104 -56.41 -29.51 8.33
C SER A 104 -57.16 -28.21 8.46
N ARG A 105 -58.45 -28.32 8.72
CA ARG A 105 -59.31 -27.15 8.86
C ARG A 105 -59.77 -26.98 10.31
N GLY A 106 -59.25 -25.97 10.98
CA GLY A 106 -59.62 -25.76 12.36
C GLY A 106 -60.62 -24.67 12.66
N GLN A 107 -61.88 -25.06 12.83
CA GLN A 107 -62.96 -24.13 13.15
C GLN A 107 -64.21 -24.92 13.51
N PRO A 108 -65.16 -24.29 14.20
CA PRO A 108 -66.39 -25.01 14.56
C PRO A 108 -67.27 -25.21 13.33
N LEU A 109 -67.77 -26.42 13.16
CA LEU A 109 -68.63 -26.73 12.03
C LEU A 109 -69.90 -25.90 12.04
N GLY A 110 -70.55 -25.77 10.89
CA GLY A 110 -71.78 -24.98 10.80
C GLY A 110 -72.16 -24.68 9.36
N GLY A 111 -73.29 -24.03 9.14
CA GLY A 111 -73.71 -23.72 7.78
C GLY A 111 -73.40 -22.30 7.36
N THR A 112 -73.16 -22.08 6.07
CA THR A 112 -72.87 -20.72 5.59
C THR A 112 -74.10 -20.05 5.06
N VAL A 113 -74.31 -18.81 5.46
CA VAL A 113 -75.45 -18.07 4.98
C VAL A 113 -74.94 -16.81 4.30
N THR A 114 -75.77 -16.30 3.41
CA THR A 114 -75.45 -15.09 2.67
C THR A 114 -76.79 -14.47 2.30
N GLY A 115 -76.83 -13.16 2.20
CA GLY A 115 -78.07 -12.52 1.83
C GLY A 115 -77.79 -11.31 0.98
N HIS A 116 -78.70 -10.34 1.02
CA HIS A 116 -78.55 -9.12 0.28
C HIS A 116 -79.59 -8.13 0.75
N PRO A 117 -79.19 -6.88 0.86
CA PRO A 117 -80.12 -5.83 1.30
C PRO A 117 -81.40 -5.76 0.46
N THR A 118 -81.25 -5.55 -0.85
CA THR A 118 -82.41 -5.48 -1.75
C THR A 118 -82.34 -6.42 -2.96
N PHE A 119 -82.89 -7.62 -2.79
CA PHE A 119 -82.90 -8.63 -3.82
C PHE A 119 -84.05 -8.44 -4.79
N ASN A 120 -84.01 -9.12 -5.93
CA ASN A 120 -85.06 -9.01 -6.93
C ASN A 120 -85.93 -10.26 -7.04
N ALA A 121 -86.97 -10.32 -6.21
CA ALA A 121 -87.88 -11.45 -6.22
C ALA A 121 -89.33 -10.96 -6.06
N LEU A 122 -90.08 -10.98 -7.15
CA LEU A 122 -91.49 -10.59 -7.16
C LEU A 122 -92.49 -11.50 -6.43
N LEU A 123 -92.38 -12.81 -6.63
CA LEU A 123 -93.35 -13.77 -6.08
C LEU A 123 -92.81 -15.20 -6.03
N ASP A 124 -93.48 -16.08 -5.30
CA ASP A 124 -92.98 -17.43 -5.10
C ASP A 124 -94.00 -18.52 -5.37
N ALA A 125 -93.60 -19.77 -5.13
CA ALA A 125 -94.46 -20.92 -5.37
C ALA A 125 -95.44 -21.12 -4.20
N GLU A 126 -96.52 -20.36 -4.22
CA GLU A 126 -97.56 -20.44 -3.19
C GLU A 126 -98.97 -20.36 -3.82
N ASN A 127 -99.88 -21.21 -3.37
CA ASN A 127 -101.21 -21.23 -3.94
C ASN A 127 -102.28 -20.36 -3.31
N VAL A 128 -102.10 -19.99 -2.05
CA VAL A 128 -103.11 -19.18 -1.40
C VAL A 128 -102.69 -17.71 -1.27
N ASN A 129 -101.56 -17.35 -1.90
CA ASN A 129 -101.08 -15.97 -1.85
C ASN A 129 -101.93 -15.09 -2.75
N ARG A 130 -102.21 -13.86 -2.31
CA ARG A 130 -103.02 -12.92 -3.08
C ARG A 130 -102.53 -12.79 -4.52
N LYS A 131 -103.35 -12.22 -5.40
CA LYS A 131 -102.98 -12.05 -6.80
C LYS A 131 -101.84 -11.05 -7.04
N VAL A 132 -100.99 -11.35 -8.01
CA VAL A 132 -99.82 -10.52 -8.35
C VAL A 132 -100.14 -9.07 -8.71
N THR A 133 -99.72 -8.15 -7.85
CA THR A 133 -99.92 -6.73 -8.08
C THR A 133 -98.92 -6.33 -9.17
N THR A 134 -99.35 -5.43 -10.04
CA THR A 134 -98.47 -4.94 -11.10
C THR A 134 -97.19 -4.56 -10.35
N GLN A 135 -96.04 -4.76 -10.98
CA GLN A 135 -94.81 -4.41 -10.31
C GLN A 135 -94.79 -2.91 -9.99
N THR A 136 -94.50 -2.60 -8.74
CA THR A 136 -94.41 -1.23 -8.28
C THR A 136 -93.04 -0.72 -8.69
N THR A 137 -92.70 0.50 -8.28
CA THR A 137 -91.42 1.08 -8.68
C THR A 137 -90.35 0.14 -8.17
N ASP A 138 -90.56 -0.41 -6.97
CA ASP A 138 -89.64 -1.40 -6.41
C ASP A 138 -90.41 -2.56 -5.79
N ASP A 139 -89.83 -3.76 -5.84
CA ASP A 139 -90.43 -4.96 -5.27
C ASP A 139 -89.37 -5.73 -4.50
N ARG A 140 -88.15 -5.20 -4.51
CA ARG A 140 -87.04 -5.81 -3.81
C ARG A 140 -87.37 -5.93 -2.33
N LYS A 141 -86.68 -6.81 -1.63
CA LYS A 141 -86.92 -6.99 -0.20
C LYS A 141 -85.64 -7.48 0.38
N GLN A 142 -85.57 -7.62 1.70
CA GLN A 142 -84.35 -8.13 2.30
C GLN A 142 -84.46 -9.64 2.10
N THR A 143 -83.39 -10.24 1.58
CA THR A 143 -83.37 -11.66 1.26
C THR A 143 -82.33 -12.55 1.92
N GLY A 144 -82.81 -13.64 2.51
CA GLY A 144 -81.90 -14.59 3.11
C GLY A 144 -81.67 -15.63 2.02
N LEU A 145 -80.49 -16.23 1.98
CA LEU A 145 -80.21 -17.23 0.97
C LEU A 145 -79.06 -18.11 1.44
N ASP A 146 -79.38 -19.31 1.90
CA ASP A 146 -78.35 -20.20 2.39
C ASP A 146 -77.45 -20.75 1.28
N ALA A 147 -76.14 -20.81 1.55
CA ALA A 147 -75.16 -21.29 0.58
C ALA A 147 -75.49 -22.68 0.05
N LYS A 148 -74.94 -23.02 -1.10
CA LYS A 148 -75.16 -24.32 -1.73
C LYS A 148 -73.98 -25.26 -1.38
N GLN A 149 -74.00 -25.88 -0.20
CA GLN A 149 -72.80 -26.55 0.31
C GLN A 149 -72.05 -27.53 -0.61
N GLN A 150 -70.73 -27.31 -0.65
CA GLN A 150 -69.77 -28.06 -1.45
C GLN A 150 -68.35 -27.99 -0.87
N GLN A 151 -67.47 -28.88 -1.35
CA GLN A 151 -66.07 -28.98 -0.92
C GLN A 151 -65.14 -29.43 -2.03
N ILE A 152 -64.06 -28.70 -2.22
CA ILE A 152 -63.12 -29.01 -3.29
C ILE A 152 -61.67 -28.97 -2.83
N LEU A 153 -60.99 -30.10 -2.97
CA LEU A 153 -59.60 -30.19 -2.56
C LEU A 153 -58.77 -30.71 -3.71
N LEU A 154 -57.72 -29.98 -4.07
CA LEU A 154 -56.85 -30.40 -5.15
C LEU A 154 -55.40 -30.08 -4.90
N LEU A 155 -54.53 -30.93 -5.44
CA LEU A 155 -53.11 -30.70 -5.42
C LEU A 155 -52.51 -30.97 -6.79
N GLY A 156 -51.51 -30.16 -7.14
CA GLY A 156 -50.86 -30.31 -8.43
C GLY A 156 -49.59 -29.49 -8.56
N CYS A 157 -49.11 -29.40 -9.79
CA CYS A 157 -47.90 -28.67 -10.10
C CYS A 157 -48.21 -27.26 -10.58
N THR A 158 -49.20 -27.15 -11.46
CA THR A 158 -49.62 -25.88 -12.04
C THR A 158 -50.98 -25.49 -11.47
N PRO A 159 -51.29 -24.20 -11.44
CA PRO A 159 -52.59 -23.76 -10.92
C PRO A 159 -53.78 -24.40 -11.62
N ALA A 160 -54.79 -24.75 -10.85
CA ALA A 160 -56.00 -25.37 -11.36
C ALA A 160 -56.78 -24.44 -12.27
N GLU A 161 -57.41 -25.01 -13.29
CA GLU A 161 -58.18 -24.23 -14.25
C GLU A 161 -59.69 -24.27 -14.03
N GLY A 162 -60.33 -23.12 -14.21
CA GLY A 162 -61.76 -23.01 -14.05
C GLY A 162 -62.43 -22.52 -15.32
N GLU A 163 -63.74 -22.64 -15.37
CA GLU A 163 -64.53 -22.22 -16.51
C GLU A 163 -65.66 -21.30 -16.04
N TYR A 164 -66.18 -20.50 -16.96
CA TYR A 164 -67.23 -19.52 -16.66
C TYR A 164 -67.88 -18.99 -17.95
N TRP A 165 -69.01 -18.30 -17.83
CA TRP A 165 -69.63 -17.70 -18.99
C TRP A 165 -69.48 -16.20 -19.03
N THR A 166 -69.27 -15.65 -20.23
CA THR A 166 -69.10 -14.21 -20.42
C THR A 166 -69.79 -13.84 -21.70
N THR A 167 -69.72 -12.58 -22.04
CA THR A 167 -70.34 -12.09 -23.26
C THR A 167 -69.31 -12.00 -24.38
N ALA A 168 -69.55 -12.70 -25.48
CA ALA A 168 -68.63 -12.68 -26.62
C ALA A 168 -68.98 -11.50 -27.53
N ARG A 169 -67.97 -10.79 -28.01
CA ARG A 169 -68.23 -9.67 -28.92
C ARG A 169 -69.30 -10.13 -29.94
N PRO A 170 -70.33 -9.31 -30.01
CA PRO A 170 -71.45 -9.41 -30.92
C PRO A 170 -70.89 -9.04 -32.27
N CYS A 171 -71.46 -9.64 -33.29
CA CYS A 171 -71.03 -9.48 -34.65
C CYS A 171 -71.38 -8.16 -35.33
N VAL A 172 -70.68 -7.88 -36.43
CA VAL A 172 -70.90 -6.66 -37.20
C VAL A 172 -72.33 -6.65 -37.75
N THR A 173 -72.81 -7.79 -38.24
CA THR A 173 -74.19 -7.87 -38.71
C THR A 173 -75.01 -7.05 -37.71
N ASP A 174 -75.84 -6.13 -38.21
CA ASP A 174 -76.62 -5.28 -37.31
C ASP A 174 -78.15 -5.41 -37.33
N ARG A 175 -78.68 -6.04 -36.28
CA ARG A 175 -80.11 -6.23 -36.06
C ARG A 175 -80.27 -5.88 -34.57
N LEU A 176 -79.26 -5.20 -34.06
CA LEU A 176 -79.16 -4.80 -32.64
C LEU A 176 -80.17 -3.76 -32.15
N GLU A 177 -80.41 -3.82 -30.85
CA GLU A 177 -81.29 -2.91 -30.14
C GLU A 177 -80.57 -2.67 -28.82
N ASN A 178 -81.11 -1.81 -27.97
CA ASN A 178 -80.44 -1.53 -26.71
C ASN A 178 -80.63 -2.61 -25.66
N GLY A 179 -81.81 -3.23 -25.67
CA GLY A 179 -82.14 -4.31 -24.77
C GLY A 179 -81.84 -5.70 -25.30
N ALA A 180 -81.17 -5.78 -26.45
CA ALA A 180 -80.87 -7.05 -27.11
C ALA A 180 -80.01 -7.97 -26.23
N CYS A 181 -80.30 -9.28 -26.30
CA CYS A 181 -79.68 -10.27 -25.45
C CYS A 181 -78.23 -10.59 -25.81
N PRO A 182 -77.30 -10.35 -24.88
CA PRO A 182 -75.88 -10.61 -25.11
C PRO A 182 -75.54 -12.05 -25.49
N PRO A 183 -74.69 -12.24 -26.51
CA PRO A 183 -74.33 -13.60 -26.91
C PRO A 183 -73.47 -14.11 -25.75
N LEU A 184 -73.32 -15.42 -25.63
CA LEU A 184 -72.51 -15.98 -24.55
C LEU A 184 -71.44 -16.91 -25.06
N GLU A 185 -70.44 -17.15 -24.23
CA GLU A 185 -69.37 -18.02 -24.64
C GLU A 185 -68.57 -18.49 -23.44
N LEU A 186 -68.01 -19.68 -23.54
CA LEU A 186 -67.22 -20.26 -22.45
C LEU A 186 -65.78 -19.75 -22.42
N LYS A 187 -65.21 -19.62 -21.22
CA LYS A 187 -63.82 -19.18 -21.11
C LYS A 187 -63.10 -19.85 -19.96
N ASN A 188 -61.82 -20.08 -20.17
CA ASN A 188 -60.98 -20.69 -19.16
C ASN A 188 -60.19 -19.64 -18.46
N LYS A 189 -59.68 -19.98 -17.29
CA LYS A 189 -58.83 -19.08 -16.51
C LYS A 189 -58.22 -19.94 -15.43
N HIS A 190 -57.17 -19.45 -14.76
CA HIS A 190 -56.71 -20.24 -13.62
C HIS A 190 -57.41 -19.73 -12.38
N ILE A 191 -57.33 -20.52 -11.33
CA ILE A 191 -57.96 -20.19 -10.06
C ILE A 191 -56.93 -19.49 -9.13
N GLU A 192 -57.21 -18.24 -8.75
CA GLU A 192 -56.32 -17.45 -7.89
C GLU A 192 -56.78 -17.51 -6.43
N ASP A 193 -56.19 -16.70 -5.55
CA ASP A 193 -56.56 -16.76 -4.12
C ASP A 193 -57.93 -16.24 -3.68
N GLY A 194 -58.40 -15.15 -4.27
CA GLY A 194 -59.69 -14.63 -3.86
C GLY A 194 -60.78 -14.79 -4.90
N ASP A 195 -61.06 -16.00 -5.33
CA ASP A 195 -62.11 -16.22 -6.32
C ASP A 195 -63.35 -16.73 -5.66
N MET A 196 -64.46 -16.68 -6.39
CA MET A 196 -65.73 -17.11 -5.84
C MET A 196 -66.14 -18.57 -6.11
N MET A 197 -66.69 -19.17 -5.06
CA MET A 197 -67.19 -20.54 -5.09
C MET A 197 -68.52 -20.50 -5.78
N GLU A 198 -69.00 -21.65 -6.24
CA GLU A 198 -70.28 -21.66 -6.93
C GLU A 198 -71.44 -21.79 -5.96
N ILE A 199 -72.17 -20.69 -5.79
CA ILE A 199 -73.40 -20.67 -5.02
C ILE A 199 -74.72 -20.57 -5.78
N GLY A 200 -75.21 -21.72 -6.20
CA GLY A 200 -76.51 -21.76 -6.85
C GLY A 200 -76.72 -21.18 -8.23
N PHE A 201 -75.88 -20.27 -8.71
CA PHE A 201 -76.15 -19.74 -10.03
C PHE A 201 -75.02 -20.06 -10.96
N GLY A 202 -75.33 -20.08 -12.25
CA GLY A 202 -74.31 -20.37 -13.24
C GLY A 202 -73.08 -19.50 -13.02
N ALA A 203 -71.93 -19.96 -13.52
CA ALA A 203 -70.67 -19.23 -13.36
C ALA A 203 -70.42 -18.20 -14.44
N ALA A 204 -70.20 -16.95 -14.02
CA ALA A 204 -69.94 -15.88 -14.97
C ALA A 204 -69.47 -14.63 -14.26
N ASN A 205 -68.75 -13.81 -15.02
CA ASN A 205 -68.27 -12.56 -14.49
C ASN A 205 -69.57 -11.83 -14.62
N PHE A 206 -70.25 -11.81 -13.49
CA PHE A 206 -71.61 -11.31 -13.38
C PHE A 206 -71.58 -9.85 -13.72
N LYS A 207 -70.40 -9.26 -13.59
CA LYS A 207 -70.27 -7.84 -13.78
C LYS A 207 -70.99 -7.36 -15.06
N GLU A 208 -71.03 -8.20 -16.08
CA GLU A 208 -71.68 -7.84 -17.33
C GLU A 208 -73.03 -8.51 -17.51
N ILE A 209 -73.46 -9.25 -16.49
CA ILE A 209 -74.75 -9.93 -16.57
C ILE A 209 -75.79 -9.33 -15.66
N ASN A 210 -75.36 -8.83 -14.51
CA ASN A 210 -76.29 -8.15 -13.61
C ASN A 210 -76.07 -6.66 -13.75
N ALA A 211 -76.96 -6.02 -14.49
CA ALA A 211 -76.94 -4.58 -14.66
C ALA A 211 -77.97 -4.02 -13.71
N SER A 212 -78.58 -4.93 -12.95
CA SER A 212 -79.66 -4.54 -12.03
C SER A 212 -79.24 -4.46 -10.57
N LYS A 213 -78.20 -5.20 -10.22
CA LYS A 213 -77.63 -5.16 -8.87
C LYS A 213 -78.54 -5.89 -7.89
N SER A 214 -79.64 -6.42 -8.40
CA SER A 214 -80.61 -7.13 -7.58
C SER A 214 -80.65 -8.61 -7.88
N ASP A 215 -79.75 -9.07 -8.73
CA ASP A 215 -79.75 -10.47 -9.13
C ASP A 215 -78.80 -11.42 -8.42
N LEU A 216 -78.05 -10.96 -7.44
CA LEU A 216 -77.14 -11.88 -6.78
C LEU A 216 -77.07 -11.68 -5.28
N PRO A 217 -76.49 -12.65 -4.57
CA PRO A 217 -76.41 -12.45 -3.12
C PRO A 217 -75.25 -11.45 -2.96
N LEU A 218 -75.38 -10.49 -2.05
CA LEU A 218 -74.51 -9.33 -2.04
C LEU A 218 -73.02 -9.69 -2.02
N ASP A 219 -72.66 -10.74 -1.30
CA ASP A 219 -71.26 -11.17 -1.27
C ASP A 219 -70.68 -11.60 -2.62
N ILE A 220 -71.49 -12.29 -3.43
CA ILE A 220 -71.03 -12.89 -4.67
C ILE A 220 -71.00 -11.84 -5.78
N GLN A 221 -72.01 -10.98 -5.81
CA GLN A 221 -72.15 -9.94 -6.81
C GLN A 221 -70.90 -9.16 -7.22
N ASN A 222 -70.85 -8.81 -8.52
CA ASN A 222 -69.75 -8.03 -9.06
C ASN A 222 -68.42 -8.77 -9.07
N GLU A 223 -68.47 -10.06 -8.76
CA GLU A 223 -67.29 -10.91 -8.71
C GLU A 223 -67.51 -12.14 -9.58
N ILE A 224 -66.42 -12.75 -10.02
CA ILE A 224 -66.51 -13.93 -10.87
C ILE A 224 -66.58 -15.29 -10.17
N CYS A 225 -67.62 -16.04 -10.55
CA CYS A 225 -67.89 -17.38 -10.06
C CYS A 225 -67.18 -18.40 -10.94
N LEU A 226 -66.20 -19.11 -10.39
CA LEU A 226 -65.51 -20.11 -11.19
C LEU A 226 -66.06 -21.49 -10.91
N TYR A 227 -65.45 -22.45 -11.57
CA TYR A 227 -65.84 -23.82 -11.36
C TYR A 227 -64.66 -24.70 -11.79
N PRO A 228 -64.63 -25.94 -11.33
CA PRO A 228 -63.52 -26.80 -11.71
C PRO A 228 -63.83 -27.40 -13.08
N ASP A 229 -62.98 -27.09 -14.06
CA ASP A 229 -63.17 -27.61 -15.39
C ASP A 229 -62.51 -28.97 -15.40
N TYR A 230 -63.11 -29.92 -14.69
CA TYR A 230 -62.55 -31.26 -14.62
C TYR A 230 -62.21 -31.83 -15.99
N LEU A 231 -63.04 -31.53 -16.97
CA LEU A 231 -62.79 -32.04 -18.32
C LEU A 231 -61.42 -31.65 -18.82
N LYS A 232 -61.08 -30.38 -18.67
CA LYS A 232 -59.80 -29.87 -19.12
C LYS A 232 -58.64 -30.53 -18.38
N MET A 233 -58.78 -30.67 -17.07
CA MET A 233 -57.75 -31.28 -16.21
C MET A 233 -57.45 -32.72 -16.60
N ALA A 234 -58.48 -33.45 -17.01
CA ALA A 234 -58.32 -34.84 -17.39
C ALA A 234 -57.72 -35.01 -18.79
N GLU A 235 -57.59 -33.91 -19.51
CA GLU A 235 -57.05 -34.04 -20.85
C GLU A 235 -55.55 -33.71 -20.98
N ASP A 236 -55.04 -32.80 -20.16
CA ASP A 236 -53.62 -32.42 -20.23
C ASP A 236 -52.69 -33.61 -20.08
N ALA A 237 -51.78 -33.75 -21.03
CA ALA A 237 -50.84 -34.85 -21.01
C ALA A 237 -50.10 -34.86 -19.68
N ALA A 238 -49.49 -33.74 -19.35
CA ALA A 238 -48.75 -33.60 -18.11
C ALA A 238 -49.54 -34.13 -16.93
N GLY A 239 -50.68 -33.51 -16.70
CA GLY A 239 -51.50 -33.91 -15.56
C GLY A 239 -51.09 -32.96 -14.45
N ASN A 240 -50.18 -32.05 -14.79
CA ASN A 240 -49.69 -31.08 -13.83
C ASN A 240 -50.84 -30.36 -13.18
N SER A 241 -51.93 -30.20 -13.92
CA SER A 241 -53.10 -29.52 -13.41
C SER A 241 -53.58 -30.04 -12.05
N MET A 242 -53.60 -31.37 -11.89
CA MET A 242 -54.01 -31.97 -10.61
C MET A 242 -53.46 -33.39 -10.37
N PHE A 243 -52.77 -33.60 -9.24
CA PHE A 243 -52.23 -34.93 -8.91
C PHE A 243 -53.36 -35.91 -8.61
N PHE A 244 -54.34 -35.40 -7.87
CA PHE A 244 -55.56 -36.08 -7.44
C PHE A 244 -56.53 -34.99 -7.02
N PHE A 245 -57.71 -35.37 -6.52
CA PHE A 245 -58.68 -34.37 -6.10
C PHE A 245 -59.93 -35.05 -5.55
N ALA A 246 -60.65 -34.33 -4.71
CA ALA A 246 -61.88 -34.83 -4.11
C ALA A 246 -62.96 -33.74 -4.11
N ARG A 247 -64.21 -34.16 -4.24
CA ARG A 247 -65.30 -33.19 -4.22
C ARG A 247 -66.56 -33.82 -3.64
N LYS A 248 -67.26 -33.07 -2.80
CA LYS A 248 -68.50 -33.53 -2.21
C LYS A 248 -69.38 -32.32 -2.17
N GLU A 249 -70.55 -32.40 -2.77
CA GLU A 249 -71.43 -31.24 -2.79
C GLU A 249 -72.87 -31.66 -2.96
N GLN A 250 -73.73 -31.20 -2.07
CA GLN A 250 -75.13 -31.53 -2.17
C GLN A 250 -75.89 -30.23 -2.22
N VAL A 251 -76.99 -30.24 -2.92
CA VAL A 251 -77.82 -29.06 -3.01
C VAL A 251 -79.17 -29.50 -3.52
N TYR A 252 -80.13 -28.59 -3.43
CA TYR A 252 -81.47 -28.87 -3.89
C TYR A 252 -82.23 -27.57 -3.72
N VAL A 253 -83.31 -27.43 -4.48
CA VAL A 253 -84.13 -26.24 -4.44
C VAL A 253 -84.82 -26.15 -3.09
N ARG A 254 -85.01 -24.92 -2.61
CA ARG A 254 -85.65 -24.71 -1.32
C ARG A 254 -86.82 -23.75 -1.36
N HIS A 255 -86.85 -22.93 -2.40
CA HIS A 255 -87.94 -21.97 -2.61
C HIS A 255 -87.88 -21.78 -4.10
N ILE A 256 -88.88 -21.13 -4.65
CA ILE A 256 -88.85 -20.89 -6.07
C ILE A 256 -89.30 -19.47 -6.26
N TRP A 257 -88.47 -18.65 -6.90
CA TRP A 257 -88.83 -17.25 -7.08
C TRP A 257 -88.91 -16.76 -8.51
N THR A 258 -89.24 -15.48 -8.62
CA THR A 258 -89.40 -14.85 -9.91
C THR A 258 -88.74 -13.48 -9.99
N ARG A 259 -87.98 -13.28 -11.05
CA ARG A 259 -87.30 -12.01 -11.26
C ARG A 259 -88.36 -10.94 -11.39
N GLY A 260 -87.94 -9.68 -11.47
CA GLY A 260 -88.90 -8.59 -11.58
C GLY A 260 -88.68 -7.66 -12.75
N GLY A 261 -88.03 -8.15 -13.80
CA GLY A 261 -87.75 -7.32 -14.95
C GLY A 261 -88.79 -7.32 -16.06
N SER A 262 -88.81 -6.22 -16.80
CA SER A 262 -89.72 -6.09 -17.92
C SER A 262 -89.29 -7.13 -18.94
N GLU A 263 -90.26 -7.68 -19.67
CA GLU A 263 -89.95 -8.72 -20.66
C GLU A 263 -89.87 -8.30 -22.11
N LYS A 264 -88.81 -8.76 -22.77
CA LYS A 264 -88.58 -8.48 -24.17
C LYS A 264 -89.03 -9.68 -25.00
N GLU A 265 -89.46 -10.73 -24.31
CA GLU A 265 -89.91 -11.96 -24.96
C GLU A 265 -90.85 -12.77 -24.08
N ALA A 266 -92.14 -12.71 -24.39
CA ALA A 266 -93.12 -13.44 -23.61
C ALA A 266 -93.52 -14.68 -24.39
N PRO A 267 -94.22 -15.60 -23.73
CA PRO A 267 -94.67 -16.83 -24.40
C PRO A 267 -95.74 -16.47 -25.42
N THR A 268 -95.55 -16.90 -26.67
CA THR A 268 -96.50 -16.61 -27.73
C THR A 268 -97.91 -17.11 -27.40
N THR A 269 -98.91 -16.60 -28.12
CA THR A 269 -100.30 -16.97 -27.90
C THR A 269 -100.56 -18.46 -28.01
N ASP A 270 -99.61 -19.21 -28.57
CA ASP A 270 -99.78 -20.65 -28.70
C ASP A 270 -99.54 -21.37 -27.36
N PHE A 271 -99.01 -20.64 -26.39
CA PHE A 271 -98.75 -21.19 -25.05
C PHE A 271 -99.67 -20.56 -24.02
N TYR A 272 -99.79 -19.24 -24.08
CA TYR A 272 -100.62 -18.50 -23.14
C TYR A 272 -102.02 -18.22 -23.66
N LEU A 273 -103.03 -18.77 -23.01
CA LEU A 273 -104.41 -18.54 -23.41
C LEU A 273 -104.99 -17.34 -22.65
N LYS A 274 -105.40 -16.32 -23.40
CA LYS A 274 -105.95 -15.10 -22.82
C LYS A 274 -107.26 -15.34 -22.08
N ASN A 275 -107.67 -14.38 -21.25
CA ASN A 275 -108.91 -14.49 -20.50
C ASN A 275 -109.73 -13.20 -20.62
N ASN A 276 -110.97 -13.25 -20.13
CA ASN A 276 -111.87 -12.10 -20.18
C ASN A 276 -111.29 -10.87 -19.52
N LYS A 277 -111.40 -9.74 -20.19
CA LYS A 277 -110.92 -8.49 -19.61
C LYS A 277 -109.42 -8.56 -19.36
N GLY A 278 -108.78 -9.63 -19.84
CA GLY A 278 -107.34 -9.78 -19.65
C GLY A 278 -106.55 -8.96 -20.66
N ASP A 279 -105.25 -9.21 -20.78
CA ASP A 279 -104.43 -8.46 -21.74
C ASP A 279 -103.91 -9.35 -22.87
N ALA A 280 -103.85 -8.78 -24.08
CA ALA A 280 -103.39 -9.51 -25.25
C ALA A 280 -102.06 -10.23 -25.06
N THR A 281 -101.06 -9.54 -24.54
CA THR A 281 -99.74 -10.13 -24.30
C THR A 281 -99.43 -10.13 -22.81
N LEU A 282 -98.63 -11.11 -22.37
CA LEU A 282 -98.25 -11.21 -20.97
C LEU A 282 -97.20 -10.16 -20.65
N LYS A 283 -97.35 -9.50 -19.50
CA LYS A 283 -96.41 -8.45 -19.12
C LYS A 283 -95.50 -8.75 -17.94
N ILE A 284 -95.98 -9.49 -16.95
CA ILE A 284 -95.18 -9.86 -15.77
C ILE A 284 -94.18 -10.94 -16.21
N PRO A 285 -92.87 -10.73 -15.96
CA PRO A 285 -91.79 -11.67 -16.31
C PRO A 285 -91.96 -13.10 -15.82
N SER A 286 -91.51 -14.06 -16.60
CA SER A 286 -91.71 -15.44 -16.22
C SER A 286 -90.38 -16.16 -16.19
N VAL A 287 -89.59 -15.79 -15.20
CA VAL A 287 -88.33 -16.44 -14.93
C VAL A 287 -88.49 -17.05 -13.54
N HIS A 288 -88.29 -18.35 -13.48
CA HIS A 288 -88.40 -19.08 -12.23
C HIS A 288 -87.08 -19.71 -11.82
N PHE A 289 -86.28 -19.01 -11.01
CA PHE A 289 -85.01 -19.57 -10.55
C PHE A 289 -85.23 -19.98 -9.10
N GLY A 290 -84.69 -21.11 -8.72
CA GLY A 290 -84.85 -21.58 -7.36
C GLY A 290 -83.69 -21.09 -6.53
N SER A 291 -83.88 -21.06 -5.22
CA SER A 291 -82.82 -20.65 -4.33
C SER A 291 -82.07 -21.92 -4.00
N PRO A 292 -80.75 -21.84 -4.09
CA PRO A 292 -79.89 -22.99 -3.81
C PRO A 292 -79.96 -23.35 -2.33
N SER A 293 -80.01 -24.64 -2.05
CA SER A 293 -80.08 -25.09 -0.66
C SER A 293 -78.90 -25.99 -0.33
N GLY A 294 -78.24 -25.71 0.79
CA GLY A 294 -77.14 -26.52 1.26
C GLY A 294 -77.66 -27.62 2.18
N SER A 295 -77.22 -28.84 1.91
CA SER A 295 -77.63 -30.01 2.70
C SER A 295 -77.01 -29.99 4.08
N LEU A 296 -77.63 -30.68 5.03
CA LEU A 296 -77.12 -30.72 6.40
C LEU A 296 -75.72 -31.30 6.33
N VAL A 297 -74.81 -30.72 7.11
CA VAL A 297 -73.41 -31.09 7.02
C VAL A 297 -73.09 -32.02 8.19
N SER A 298 -72.20 -32.97 7.97
CA SER A 298 -71.87 -33.91 9.04
C SER A 298 -70.41 -33.93 9.42
N THR A 299 -70.14 -34.72 10.47
CA THR A 299 -68.79 -34.88 11.00
C THR A 299 -68.02 -35.87 10.16
N ASP A 300 -68.76 -36.59 9.33
CA ASP A 300 -68.15 -37.59 8.48
C ASP A 300 -68.08 -37.13 7.03
N ASN A 301 -69.05 -36.35 6.58
CA ASN A 301 -69.00 -35.92 5.21
C ASN A 301 -67.84 -35.03 4.86
N GLN A 302 -67.44 -34.13 5.75
CA GLN A 302 -66.36 -33.22 5.39
C GLN A 302 -65.07 -33.97 5.07
N ILE A 303 -64.48 -33.64 3.94
CA ILE A 303 -63.24 -34.27 3.50
C ILE A 303 -61.98 -33.54 3.97
N PHE A 304 -61.63 -33.69 5.24
CA PHE A 304 -60.43 -33.04 5.76
C PHE A 304 -59.85 -33.68 6.99
N ASN A 305 -58.63 -33.28 7.30
CA ASN A 305 -57.96 -33.85 8.45
C ASN A 305 -57.73 -35.32 8.16
N ARG A 306 -58.02 -35.73 6.92
CA ARG A 306 -57.86 -37.12 6.51
C ARG A 306 -56.67 -37.26 5.60
N PRO A 307 -55.55 -37.74 6.12
CA PRO A 307 -54.37 -37.88 5.26
C PRO A 307 -54.65 -38.63 3.94
N TYR A 308 -54.26 -38.01 2.82
CA TYR A 308 -54.43 -38.60 1.51
C TYR A 308 -53.15 -39.17 1.00
N TRP A 309 -53.07 -40.49 0.94
CA TRP A 309 -51.89 -41.14 0.43
C TRP A 309 -52.04 -41.23 -1.07
N LEU A 310 -51.16 -40.57 -1.80
CA LEU A 310 -51.22 -40.56 -3.24
C LEU A 310 -50.38 -41.71 -3.78
N PHE A 311 -51.00 -42.75 -4.33
CA PHE A 311 -50.17 -43.83 -4.85
C PHE A 311 -49.97 -43.82 -6.34
N ARG A 312 -50.92 -43.30 -7.09
CA ARG A 312 -50.74 -43.19 -8.53
C ARG A 312 -51.59 -42.02 -8.92
N ALA A 313 -51.01 -41.06 -9.63
CA ALA A 313 -51.79 -39.89 -10.03
C ALA A 313 -52.64 -40.28 -11.22
N GLN A 314 -53.42 -39.36 -11.79
CA GLN A 314 -54.32 -39.69 -12.91
C GLN A 314 -53.82 -39.25 -14.29
N GLY A 315 -52.51 -39.02 -14.38
CA GLY A 315 -51.85 -38.33 -15.47
C GLY A 315 -50.50 -39.02 -15.58
N MET A 316 -49.61 -38.57 -16.45
CA MET A 316 -48.33 -39.25 -16.54
C MET A 316 -47.39 -38.73 -15.48
N ASN A 317 -47.91 -37.86 -14.62
CA ASN A 317 -47.08 -37.30 -13.58
C ASN A 317 -47.53 -37.68 -12.18
N ASN A 318 -47.02 -38.79 -11.66
CA ASN A 318 -47.42 -39.24 -10.33
C ASN A 318 -46.78 -38.42 -9.20
N GLY A 319 -47.15 -37.14 -9.13
CA GLY A 319 -46.68 -36.27 -8.07
C GLY A 319 -45.26 -35.74 -8.05
N ILE A 320 -44.78 -35.23 -9.18
CA ILE A 320 -43.43 -34.68 -9.23
C ILE A 320 -43.47 -33.17 -9.15
N ALA A 321 -42.86 -32.64 -8.10
CA ALA A 321 -42.83 -31.21 -7.91
C ALA A 321 -41.83 -30.59 -8.87
N TRP A 322 -42.25 -30.45 -10.12
CA TRP A 322 -41.43 -29.84 -11.16
C TRP A 322 -41.34 -28.38 -10.78
N ASN A 323 -40.17 -27.78 -10.91
CA ASN A 323 -40.03 -26.38 -10.55
C ASN A 323 -40.10 -26.18 -9.06
N ASN A 324 -39.92 -27.23 -8.29
CA ASN A 324 -39.98 -27.12 -6.83
C ASN A 324 -41.14 -26.24 -6.43
N LEU A 325 -42.34 -26.63 -6.87
CA LEU A 325 -43.53 -25.87 -6.58
C LEU A 325 -44.78 -26.75 -6.50
N LEU A 326 -45.72 -26.36 -5.64
CA LEU A 326 -46.98 -27.09 -5.46
C LEU A 326 -48.13 -26.13 -5.44
N PHE A 327 -49.29 -26.62 -5.85
CA PHE A 327 -50.47 -25.78 -5.85
C PHE A 327 -51.60 -26.46 -5.15
N LEU A 328 -52.04 -25.85 -4.07
CA LEU A 328 -53.10 -26.46 -3.35
C LEU A 328 -54.34 -25.60 -3.46
N THR A 329 -55.34 -26.14 -4.13
CA THR A 329 -56.60 -25.43 -4.29
C THR A 329 -57.63 -26.08 -3.39
N VAL A 330 -57.87 -25.46 -2.24
CA VAL A 330 -58.82 -26.04 -1.30
C VAL A 330 -59.92 -25.07 -0.96
N GLY A 331 -61.15 -25.48 -1.23
CA GLY A 331 -62.30 -24.66 -0.91
C GLY A 331 -63.46 -25.46 -0.38
N ASP A 332 -64.08 -24.95 0.68
CA ASP A 332 -65.27 -25.58 1.23
C ASP A 332 -66.03 -24.56 2.07
N ASN A 333 -67.35 -24.54 1.93
CA ASN A 333 -68.15 -23.62 2.69
C ASN A 333 -68.70 -24.33 3.92
N THR A 334 -68.23 -25.54 4.17
CA THR A 334 -68.71 -26.30 5.32
C THR A 334 -68.33 -25.71 6.68
N ARG A 335 -67.04 -25.50 6.93
CA ARG A 335 -66.59 -24.95 8.21
C ARG A 335 -67.16 -23.60 8.58
N GLY A 336 -67.15 -22.69 7.61
CA GLY A 336 -67.61 -21.33 7.84
C GLY A 336 -68.99 -20.97 8.37
N THR A 337 -68.98 -20.05 9.34
CA THR A 337 -70.19 -19.49 9.96
C THR A 337 -69.76 -18.09 10.33
N ASN A 338 -70.62 -17.13 10.06
CA ASN A 338 -70.27 -15.76 10.34
C ASN A 338 -70.33 -15.39 11.79
N LEU A 339 -69.61 -14.35 12.14
CA LEU A 339 -69.58 -13.91 13.51
C LEU A 339 -70.08 -12.48 13.67
N THR A 340 -71.13 -12.32 14.48
CA THR A 340 -71.72 -11.02 14.73
C THR A 340 -71.08 -10.36 15.94
N ILE A 341 -71.25 -9.06 16.04
CA ILE A 341 -70.70 -8.32 17.16
C ILE A 341 -71.61 -7.13 17.40
N SER A 342 -71.47 -6.49 18.55
CA SER A 342 -72.30 -5.34 18.88
C SER A 342 -71.60 -4.43 19.87
N VAL A 343 -71.09 -3.32 19.36
CA VAL A 343 -70.40 -2.36 20.18
C VAL A 343 -71.36 -1.22 20.47
N ALA A 344 -71.27 -0.64 21.67
CA ALA A 344 -72.14 0.47 22.02
C ALA A 344 -71.63 1.67 21.20
N SER A 345 -72.54 2.46 20.65
CA SER A 345 -72.15 3.62 19.84
C SER A 345 -71.50 4.76 20.61
N ASP A 346 -71.36 4.59 21.93
CA ASP A 346 -70.76 5.62 22.79
C ASP A 346 -69.59 5.13 23.64
N GLY A 347 -69.41 3.81 23.73
CA GLY A 347 -68.31 3.28 24.52
C GLY A 347 -68.71 2.88 25.93
N THR A 348 -69.95 3.21 26.33
CA THR A 348 -70.46 2.87 27.66
C THR A 348 -71.62 1.88 27.55
N PRO A 349 -71.63 0.82 28.37
CA PRO A 349 -72.74 -0.13 28.26
C PRO A 349 -74.06 0.62 28.28
N LEU A 350 -74.98 0.24 27.40
CA LEU A 350 -76.27 0.88 27.27
C LEU A 350 -77.18 0.65 28.48
N THR A 351 -77.70 1.73 29.05
CA THR A 351 -78.59 1.61 30.21
C THR A 351 -80.00 1.24 29.79
N GLU A 352 -80.35 1.65 28.57
CA GLU A 352 -81.67 1.37 28.02
C GLU A 352 -81.44 0.74 26.66
N TYR A 353 -82.45 0.08 26.10
CA TYR A 353 -82.32 -0.55 24.80
C TYR A 353 -82.79 0.29 23.62
N ASP A 354 -81.85 0.81 22.84
CA ASP A 354 -82.16 1.64 21.67
C ASP A 354 -81.80 0.92 20.39
N SER A 355 -82.45 1.34 19.31
CA SER A 355 -82.19 0.74 18.02
C SER A 355 -80.97 1.43 17.38
N SER A 356 -80.58 2.57 17.96
CA SER A 356 -79.45 3.34 17.44
C SER A 356 -78.14 3.15 18.20
N LYS A 357 -78.22 2.78 19.46
CA LYS A 357 -77.03 2.61 20.29
C LYS A 357 -76.04 1.49 19.93
N PHE A 358 -76.53 0.31 19.60
CA PHE A 358 -75.59 -0.76 19.26
C PHE A 358 -75.29 -0.90 17.77
N ASN A 359 -74.01 -0.81 17.42
CA ASN A 359 -73.56 -0.94 16.04
C ASN A 359 -73.22 -2.38 15.77
N VAL A 360 -73.88 -2.97 14.78
CA VAL A 360 -73.66 -4.34 14.42
C VAL A 360 -72.44 -4.49 13.53
N TYR A 361 -71.48 -5.29 13.97
CA TYR A 361 -70.29 -5.52 13.19
C TYR A 361 -70.28 -6.89 12.62
N HIS A 362 -69.41 -7.12 11.65
CA HIS A 362 -69.48 -8.38 10.97
C HIS A 362 -68.10 -8.89 10.61
N ARG A 363 -67.68 -9.98 11.26
CA ARG A 363 -66.39 -10.61 10.99
C ARG A 363 -66.52 -12.12 10.83
N HIS A 364 -65.74 -12.67 9.90
CA HIS A 364 -65.70 -14.12 9.66
C HIS A 364 -64.23 -14.52 9.69
N MET A 365 -63.92 -15.71 10.20
CA MET A 365 -62.51 -16.07 10.32
C MET A 365 -62.28 -17.50 9.86
N GLU A 366 -61.29 -17.71 8.98
CA GLU A 366 -60.98 -19.06 8.47
C GLU A 366 -59.56 -19.51 8.83
N GLU A 367 -59.41 -20.77 9.22
CA GLU A 367 -58.08 -21.31 9.55
C GLU A 367 -57.68 -22.63 8.87
N TYR A 368 -56.46 -22.69 8.32
CA TYR A 368 -55.94 -23.90 7.68
C TYR A 368 -54.61 -24.34 8.29
N LYS A 369 -54.14 -25.50 7.82
CA LYS A 369 -52.85 -26.06 8.13
C LYS A 369 -52.50 -26.94 6.94
N LEU A 370 -51.22 -27.09 6.64
CA LEU A 370 -50.81 -27.94 5.51
C LEU A 370 -49.72 -28.91 5.92
N ALA A 371 -49.85 -30.18 5.53
CA ALA A 371 -48.80 -31.12 5.85
C ALA A 371 -48.50 -32.04 4.66
N PHE A 372 -47.23 -32.15 4.32
CA PHE A 372 -46.83 -32.99 3.21
C PHE A 372 -45.77 -34.00 3.56
N ILE A 373 -45.82 -35.13 2.87
CA ILE A 373 -44.83 -36.17 3.04
C ILE A 373 -44.16 -36.29 1.67
N LEU A 374 -43.16 -35.45 1.44
CA LEU A 374 -42.40 -35.42 0.19
C LEU A 374 -41.32 -36.45 0.31
N GLU A 375 -40.86 -36.92 -0.83
CA GLU A 375 -39.79 -37.88 -0.84
C GLU A 375 -38.81 -37.37 -1.87
N LEU A 376 -37.58 -37.83 -1.72
CA LEU A 376 -36.54 -37.44 -2.63
C LEU A 376 -36.58 -38.33 -3.87
N CYS A 377 -36.33 -37.75 -5.04
CA CYS A 377 -36.33 -38.53 -6.28
C CYS A 377 -35.44 -37.90 -7.34
N SER A 378 -34.47 -38.69 -7.78
CA SER A 378 -33.48 -38.27 -8.77
C SER A 378 -33.82 -38.60 -10.22
N VAL A 379 -33.90 -37.57 -11.05
CA VAL A 379 -34.17 -37.79 -12.46
C VAL A 379 -32.80 -37.90 -13.09
N GLU A 380 -32.66 -38.87 -13.97
CA GLU A 380 -31.44 -39.07 -14.73
C GLU A 380 -31.35 -37.99 -15.79
N ILE A 381 -30.15 -37.73 -16.29
CA ILE A 381 -29.98 -36.69 -17.30
C ILE A 381 -29.24 -37.28 -18.49
N THR A 382 -29.96 -38.09 -19.26
CA THR A 382 -29.39 -38.72 -20.46
C THR A 382 -29.81 -37.84 -21.61
N ALA A 383 -29.01 -37.83 -22.66
CA ALA A 383 -29.33 -37.01 -23.82
C ALA A 383 -30.83 -37.12 -24.15
N GLN A 384 -31.32 -38.35 -24.22
CA GLN A 384 -32.72 -38.61 -24.55
C GLN A 384 -33.77 -38.07 -23.61
N THR A 385 -33.63 -38.38 -22.33
CA THR A 385 -34.59 -37.92 -21.33
C THR A 385 -34.52 -36.40 -21.19
N VAL A 386 -33.30 -35.87 -21.21
CA VAL A 386 -33.07 -34.43 -21.11
C VAL A 386 -33.92 -33.77 -22.19
N SER A 387 -33.63 -34.16 -23.42
CA SER A 387 -34.35 -33.67 -24.56
C SER A 387 -35.83 -33.70 -24.28
N HIS A 388 -36.34 -34.91 -24.05
CA HIS A 388 -37.75 -35.14 -23.79
C HIS A 388 -38.49 -34.02 -23.07
N LEU A 389 -37.89 -33.48 -22.02
CA LEU A 389 -38.52 -32.41 -21.24
C LEU A 389 -38.78 -31.11 -21.98
N GLN A 390 -38.08 -30.93 -23.09
CA GLN A 390 -38.26 -29.72 -23.89
C GLN A 390 -39.73 -29.51 -24.22
N GLY A 391 -40.38 -30.60 -24.62
CA GLY A 391 -41.79 -30.55 -24.97
C GLY A 391 -42.74 -30.74 -23.81
N LEU A 392 -42.26 -31.40 -22.75
CA LEU A 392 -43.05 -31.50 -21.53
C LEU A 392 -43.20 -30.14 -20.84
N MET A 393 -42.07 -29.44 -20.71
CA MET A 393 -42.05 -28.08 -20.15
C MET A 393 -40.79 -27.30 -20.56
N PRO A 394 -40.97 -26.05 -20.96
CA PRO A 394 -39.85 -25.14 -21.27
C PRO A 394 -39.01 -24.70 -20.07
N SER A 395 -39.69 -24.44 -18.95
CA SER A 395 -39.15 -23.79 -17.77
C SER A 395 -38.30 -24.60 -16.79
N VAL A 396 -38.70 -25.83 -16.49
CA VAL A 396 -37.94 -26.66 -15.54
C VAL A 396 -36.53 -26.98 -16.03
N LEU A 397 -36.34 -26.90 -17.35
CA LEU A 397 -35.05 -27.19 -17.96
C LEU A 397 -34.13 -26.00 -17.81
N GLU A 398 -34.73 -24.86 -17.52
CA GLU A 398 -33.97 -23.63 -17.38
C GLU A 398 -33.32 -23.43 -16.00
N ASN A 399 -34.11 -23.40 -14.92
CA ASN A 399 -33.64 -23.19 -13.53
C ASN A 399 -32.71 -24.26 -13.08
N TRP A 400 -33.00 -25.45 -13.56
CA TRP A 400 -32.24 -26.62 -13.24
C TRP A 400 -30.77 -26.48 -13.63
N GLU A 401 -30.48 -25.52 -14.51
CA GLU A 401 -29.12 -25.27 -15.01
C GLU A 401 -28.65 -26.24 -16.09
N ILE A 402 -29.58 -26.97 -16.70
CA ILE A 402 -29.18 -27.93 -17.71
C ILE A 402 -28.66 -27.32 -19.00
N GLY A 403 -29.33 -26.27 -19.48
CA GLY A 403 -28.92 -25.61 -20.70
C GLY A 403 -29.02 -24.10 -20.56
N VAL A 404 -27.87 -23.42 -20.57
CA VAL A 404 -27.86 -21.97 -20.45
C VAL A 404 -26.52 -21.38 -20.88
N GLN A 405 -26.54 -20.12 -21.32
CA GLN A 405 -25.34 -19.49 -21.85
C GLN A 405 -24.25 -19.34 -20.80
N PRO A 406 -24.65 -18.92 -19.60
CA PRO A 406 -23.71 -18.74 -18.50
C PRO A 406 -24.39 -19.10 -17.19
N PRO A 407 -23.60 -19.45 -16.18
CA PRO A 407 -24.18 -19.74 -14.86
C PRO A 407 -24.80 -18.46 -14.32
N THR A 408 -25.95 -18.57 -13.65
CA THR A 408 -26.62 -17.39 -13.13
C THR A 408 -25.69 -16.72 -12.12
N SER A 409 -25.03 -17.55 -11.32
CA SER A 409 -24.09 -17.07 -10.31
C SER A 409 -22.90 -16.35 -10.93
N SER A 410 -22.38 -16.86 -12.05
CA SER A 410 -21.18 -16.28 -12.64
C SER A 410 -21.37 -14.82 -13.00
N ILE A 411 -22.55 -14.48 -13.52
CA ILE A 411 -22.84 -13.10 -13.88
C ILE A 411 -22.85 -12.24 -12.62
N LEU A 412 -22.32 -11.02 -12.74
CA LEU A 412 -22.28 -10.09 -11.62
C LEU A 412 -23.27 -8.96 -11.86
N GLU A 413 -24.11 -8.69 -10.87
CA GLU A 413 -25.13 -7.69 -11.03
C GLU A 413 -25.13 -6.77 -9.85
N ASP A 414 -25.60 -5.55 -10.10
CA ASP A 414 -25.67 -4.54 -9.08
C ASP A 414 -26.72 -4.88 -8.06
N THR A 415 -26.56 -4.30 -6.88
CA THR A 415 -27.44 -4.50 -5.76
C THR A 415 -27.06 -3.37 -4.87
N TYR A 416 -28.06 -2.63 -4.39
CA TYR A 416 -27.80 -1.52 -3.50
C TYR A 416 -28.36 -1.78 -2.13
N ARG A 417 -28.11 -0.85 -1.22
CA ARG A 417 -28.57 -0.96 0.14
C ARG A 417 -29.36 0.35 0.30
N TYR A 418 -30.56 0.28 0.86
CA TYR A 418 -31.37 1.50 0.99
C TYR A 418 -31.75 1.97 -0.42
N ILE A 419 -32.30 1.08 -1.24
CA ILE A 419 -32.66 1.47 -2.60
C ILE A 419 -33.77 2.51 -2.66
N GLU A 420 -34.30 2.86 -1.48
CA GLU A 420 -35.37 3.85 -1.36
C GLU A 420 -34.80 5.25 -1.22
N SER A 421 -33.49 5.34 -1.05
CA SER A 421 -32.87 6.64 -0.92
C SER A 421 -32.93 7.37 -2.24
N PRO A 422 -33.15 8.68 -2.18
CA PRO A 422 -33.22 9.52 -3.37
C PRO A 422 -31.86 9.64 -4.03
N ALA A 423 -30.81 9.23 -3.31
CA ALA A 423 -29.48 9.23 -3.90
C ALA A 423 -29.46 8.17 -4.99
N THR A 424 -30.08 7.03 -4.66
CA THR A 424 -30.19 5.86 -5.52
C THR A 424 -31.34 5.87 -6.53
N LYS A 425 -31.24 4.99 -7.52
CA LYS A 425 -32.26 4.83 -8.56
C LYS A 425 -33.49 4.13 -7.99
N CYS A 426 -34.63 4.28 -8.66
CA CYS A 426 -35.89 3.67 -8.21
C CYS A 426 -36.00 2.14 -8.30
N ALA A 427 -36.95 1.62 -7.52
CA ALA A 427 -37.22 0.20 -7.39
C ALA A 427 -37.68 -0.52 -8.65
N SER A 428 -38.18 0.22 -9.63
CA SER A 428 -38.66 -0.40 -10.86
C SER A 428 -37.56 -1.21 -11.51
N ASN A 429 -36.33 -0.69 -11.52
CA ASN A 429 -35.21 -1.43 -12.09
C ASN A 429 -35.02 -2.82 -11.50
N VAL A 430 -35.72 -3.09 -10.40
CA VAL A 430 -35.64 -4.37 -9.69
C VAL A 430 -36.13 -5.55 -10.52
N ILE A 431 -36.96 -5.26 -11.52
CA ILE A 431 -37.55 -6.26 -12.41
C ILE A 431 -36.56 -7.06 -13.26
N PRO A 432 -35.36 -6.52 -13.46
CA PRO A 432 -34.36 -7.18 -14.31
C PRO A 432 -33.97 -8.57 -13.82
N ALA A 433 -33.94 -8.80 -12.52
CA ALA A 433 -33.61 -10.11 -12.00
C ALA A 433 -34.69 -11.03 -12.54
N LYS A 434 -34.39 -12.32 -12.71
CA LYS A 434 -35.36 -13.22 -13.30
C LYS A 434 -36.65 -13.10 -12.50
N GLU A 435 -37.75 -13.00 -13.22
CA GLU A 435 -39.06 -12.81 -12.60
C GLU A 435 -39.99 -14.00 -12.63
N ASP A 436 -40.51 -14.29 -11.45
CA ASP A 436 -41.48 -15.36 -11.20
C ASP A 436 -42.48 -15.18 -12.29
N PRO A 437 -42.98 -16.30 -12.79
CA PRO A 437 -43.87 -16.28 -13.96
C PRO A 437 -45.31 -15.94 -13.59
N TYR A 438 -45.78 -16.46 -12.47
CA TYR A 438 -47.14 -16.22 -12.00
C TYR A 438 -47.32 -14.90 -11.30
N ALA A 439 -46.49 -13.93 -11.60
CA ALA A 439 -46.61 -12.65 -10.92
C ALA A 439 -47.85 -11.84 -11.26
N GLY A 440 -48.42 -12.05 -12.44
CA GLY A 440 -49.62 -11.32 -12.82
C GLY A 440 -50.78 -11.69 -11.92
N PHE A 441 -50.91 -12.99 -11.68
CA PHE A 441 -51.97 -13.54 -10.81
C PHE A 441 -51.39 -13.60 -9.43
N LYS A 442 -52.22 -13.67 -8.40
CA LYS A 442 -51.65 -13.75 -7.06
C LYS A 442 -52.44 -14.64 -6.16
N PHE A 443 -51.76 -15.24 -5.20
CA PHE A 443 -52.45 -16.11 -4.28
C PHE A 443 -51.66 -16.28 -2.99
N TRP A 444 -52.29 -16.92 -2.01
CA TRP A 444 -51.66 -17.04 -0.71
C TRP A 444 -50.31 -17.65 -0.94
N ASN A 445 -49.28 -17.10 -0.31
CA ASN A 445 -47.97 -17.63 -0.53
C ASN A 445 -47.45 -18.26 0.76
N ILE A 446 -47.33 -19.58 0.77
CA ILE A 446 -46.85 -20.29 1.94
C ILE A 446 -45.45 -20.82 1.71
N ASP A 447 -44.49 -20.29 2.46
CA ASP A 447 -43.11 -20.71 2.33
C ASP A 447 -42.78 -21.88 3.25
N LEU A 448 -42.18 -22.92 2.68
CA LEU A 448 -41.81 -24.09 3.46
C LEU A 448 -40.32 -24.39 3.45
N LYS A 449 -39.52 -23.44 2.97
CA LYS A 449 -38.07 -23.65 2.89
C LYS A 449 -37.36 -24.01 4.17
N GLU A 450 -37.92 -23.69 5.31
CA GLU A 450 -37.23 -24.02 6.55
C GLU A 450 -38.05 -24.98 7.37
N LYS A 451 -39.38 -24.86 7.29
CA LYS A 451 -40.22 -25.74 8.08
C LYS A 451 -40.32 -27.06 7.34
N LEU A 452 -39.16 -27.65 7.11
CA LEU A 452 -39.04 -28.95 6.48
C LEU A 452 -38.07 -29.79 7.31
N SER A 453 -38.43 -31.03 7.57
CA SER A 453 -37.57 -31.92 8.34
C SER A 453 -37.38 -33.33 7.78
N LEU A 454 -36.67 -34.17 8.54
CA LEU A 454 -36.36 -35.53 8.15
C LEU A 454 -36.73 -36.62 9.16
N ASP A 455 -37.22 -36.23 10.34
CA ASP A 455 -37.62 -37.18 11.39
C ASP A 455 -39.11 -37.47 11.33
N LEU A 456 -39.49 -38.52 10.63
CA LEU A 456 -40.90 -38.83 10.50
C LEU A 456 -41.61 -39.01 11.82
N ASP A 457 -40.98 -39.68 12.75
CA ASP A 457 -41.65 -39.92 14.01
C ASP A 457 -42.19 -38.67 14.73
N GLN A 458 -41.40 -37.61 14.75
CA GLN A 458 -41.78 -36.38 15.44
C GLN A 458 -43.15 -35.74 15.24
N PHE A 459 -43.51 -35.52 13.98
CA PHE A 459 -44.75 -34.85 13.65
C PHE A 459 -46.01 -35.68 13.67
N PRO A 460 -47.18 -35.02 13.60
CA PRO A 460 -48.48 -35.70 13.61
C PRO A 460 -48.67 -36.60 12.40
N LEU A 461 -48.47 -36.04 11.22
CA LEU A 461 -48.62 -36.80 9.99
C LEU A 461 -47.55 -37.88 9.77
N GLY A 462 -46.53 -37.87 10.62
CA GLY A 462 -45.47 -38.87 10.49
C GLY A 462 -45.95 -40.19 11.06
N ARG A 463 -46.33 -40.18 12.32
CA ARG A 463 -46.83 -41.39 12.96
C ARG A 463 -47.96 -41.91 12.09
N ARG A 464 -48.83 -41.00 11.67
CA ARG A 464 -49.97 -41.33 10.84
C ARG A 464 -49.51 -42.09 9.61
N PHE A 465 -48.28 -41.81 9.19
CA PHE A 465 -47.66 -42.42 8.02
C PHE A 465 -47.05 -43.77 8.35
N LEU A 466 -46.07 -43.75 9.25
CA LEU A 466 -45.39 -44.97 9.68
C LEU A 466 -46.40 -46.01 10.12
N ALA A 467 -47.48 -45.53 10.72
CA ALA A 467 -48.52 -46.40 11.18
C ALA A 467 -48.93 -47.29 10.02
N GLN A 468 -49.38 -46.66 8.94
CA GLN A 468 -49.81 -47.40 7.77
C GLN A 468 -48.66 -48.28 7.26
N GLN A 469 -47.44 -47.75 7.35
CA GLN A 469 -46.26 -48.47 6.86
C GLN A 469 -46.00 -49.82 7.55
N GLY A 470 -46.17 -49.89 8.87
CA GLY A 470 -45.91 -51.13 9.58
C GLY A 470 -44.79 -50.88 10.55
N ALA A 471 -44.00 -49.83 10.27
CA ALA A 471 -42.97 -49.37 11.19
C ALA A 471 -43.63 -48.36 12.12
N GLY A 472 -44.49 -48.85 13.01
CA GLY A 472 -45.24 -47.97 13.90
C GLY A 472 -45.06 -48.21 15.38
N CYS A 473 -44.82 -47.14 16.12
CA CYS A 473 -44.68 -47.21 17.56
C CYS A 473 -46.05 -46.72 18.04
N SER A 474 -46.89 -46.38 17.05
CA SER A 474 -48.25 -45.88 17.25
C SER A 474 -49.15 -46.29 16.08
N THR A 475 -49.85 -47.42 16.21
CA THR A 475 -50.74 -47.92 15.15
C THR A 475 -52.12 -47.23 15.28
N VAL A 476 -52.71 -46.84 14.16
CA VAL A 476 -54.01 -46.15 14.20
C VAL A 476 -55.17 -47.11 14.44
N ARG A 477 -55.34 -47.51 15.69
CA ARG A 477 -56.44 -48.40 16.03
C ARG A 477 -56.91 -48.20 17.46
N LYS A 478 -58.16 -47.80 17.56
CA LYS A 478 -58.87 -47.64 18.81
C LYS A 478 -60.15 -48.36 18.48
N ARG A 479 -60.06 -49.67 18.37
CA ARG A 479 -61.21 -50.45 17.93
C ARG A 479 -62.37 -50.25 18.89
N ARG A 480 -63.53 -50.00 18.31
CA ARG A 480 -64.73 -49.80 19.10
C ARG A 480 -65.77 -50.83 18.69
N ILE A 481 -66.27 -51.54 19.68
CA ILE A 481 -67.31 -52.55 19.44
C ILE A 481 -68.59 -51.98 20.09
N SER A 482 -69.75 -52.27 19.51
CA SER A 482 -71.03 -51.75 20.02
C SER A 482 -72.27 -52.54 19.54
N ALA B 2 3.55 -34.29 73.20
CA ALA B 2 3.07 -34.41 71.84
C ALA B 2 1.94 -33.43 71.57
N LEU B 3 2.06 -32.67 70.49
CA LEU B 3 1.06 -31.68 70.10
C LEU B 3 1.32 -31.19 68.68
N TRP B 4 0.25 -31.07 67.89
CA TRP B 4 0.38 -30.63 66.51
C TRP B 4 0.02 -29.16 66.33
N GLN B 5 0.75 -28.47 65.48
CA GLN B 5 0.50 -27.08 65.18
C GLN B 5 0.70 -26.87 63.69
N GLN B 6 0.51 -25.64 63.25
CA GLN B 6 0.68 -25.31 61.85
C GLN B 6 1.80 -24.36 61.52
N GLY B 7 2.91 -24.95 61.05
CA GLY B 7 4.14 -24.28 60.67
C GLY B 7 4.37 -23.38 59.47
N GLN B 8 3.85 -23.76 58.30
CA GLN B 8 4.16 -23.02 57.07
C GLN B 8 3.06 -22.77 56.03
N LYS B 9 3.35 -21.78 55.17
CA LYS B 9 2.50 -21.35 54.09
C LYS B 9 3.16 -21.97 52.83
N LEU B 10 2.38 -22.62 51.98
CA LEU B 10 2.93 -23.26 50.78
C LEU B 10 2.06 -23.17 49.58
N TYR B 11 2.66 -23.18 48.41
CA TYR B 11 1.85 -23.13 47.23
C TYR B 11 1.37 -24.53 46.86
N LEU B 12 0.47 -25.12 47.64
CA LEU B 12 -0.02 -26.45 47.27
C LEU B 12 -0.52 -26.41 45.81
N PRO B 13 -0.52 -27.57 45.10
CA PRO B 13 -0.99 -27.61 43.70
C PRO B 13 -2.46 -27.25 43.51
N PRO B 14 -2.74 -26.29 42.61
CA PRO B 14 -4.10 -25.80 42.29
C PRO B 14 -5.08 -26.90 41.93
N THR B 15 -6.39 -26.64 42.05
CA THR B 15 -7.42 -27.64 41.73
C THR B 15 -7.76 -27.54 40.25
N PRO B 16 -7.89 -28.69 39.57
CA PRO B 16 -8.23 -28.62 38.15
C PRO B 16 -9.44 -27.75 37.87
N VAL B 17 -9.49 -27.20 36.67
CA VAL B 17 -10.60 -26.37 36.26
C VAL B 17 -10.83 -26.54 34.76
N SER B 18 -12.05 -26.38 34.26
CA SER B 18 -12.28 -26.65 32.85
C SER B 18 -11.39 -25.78 31.94
N LYS B 19 -10.74 -26.43 31.01
CA LYS B 19 -9.90 -25.76 30.04
C LYS B 19 -10.60 -26.16 28.77
N VAL B 20 -10.93 -25.19 27.92
CA VAL B 20 -11.63 -25.58 26.72
C VAL B 20 -10.71 -26.53 25.98
N LEU B 21 -11.27 -27.64 25.52
CA LEU B 21 -10.48 -28.59 24.77
C LEU B 21 -10.70 -28.10 23.38
N CYS B 22 -9.65 -27.59 22.75
CA CYS B 22 -9.84 -27.02 21.40
C CYS B 22 -10.71 -27.79 20.41
N SER B 23 -11.42 -27.04 19.59
CA SER B 23 -12.55 -27.52 18.78
C SER B 23 -12.21 -28.67 17.85
N GLU B 24 -10.94 -28.79 17.47
CA GLU B 24 -10.53 -29.87 16.60
C GLU B 24 -10.83 -31.24 17.22
N THR B 25 -10.70 -31.35 18.54
CA THR B 25 -10.88 -32.62 19.23
C THR B 25 -12.28 -33.26 19.10
N TYR B 26 -13.35 -32.47 19.19
CA TYR B 26 -14.67 -33.01 18.99
C TYR B 26 -15.27 -32.69 17.63
N VAL B 27 -14.48 -32.08 16.75
CA VAL B 27 -14.98 -31.75 15.41
C VAL B 27 -14.33 -32.55 14.30
N GLN B 28 -15.16 -33.28 13.56
CA GLN B 28 -14.67 -34.08 12.44
C GLN B 28 -14.72 -33.23 11.21
N ARG B 29 -13.66 -33.28 10.42
CA ARG B 29 -13.69 -32.50 9.22
C ARG B 29 -13.93 -33.43 8.05
N LYS B 30 -15.00 -33.19 7.31
CA LYS B 30 -15.29 -34.01 6.15
C LYS B 30 -14.40 -33.40 5.09
N SER B 31 -14.39 -33.97 3.91
CA SER B 31 -13.55 -33.42 2.88
C SER B 31 -14.36 -32.70 1.81
N ILE B 32 -15.42 -32.03 2.23
CA ILE B 32 -16.28 -31.34 1.26
C ILE B 32 -16.09 -29.84 1.29
N PHE B 33 -16.22 -29.22 0.13
CA PHE B 33 -16.04 -27.78 0.05
C PHE B 33 -17.15 -27.09 -0.66
N TYR B 34 -17.33 -25.83 -0.30
CA TYR B 34 -18.36 -25.02 -0.92
C TYR B 34 -17.84 -23.65 -1.24
N HIS B 35 -18.51 -22.98 -2.16
CA HIS B 35 -18.13 -21.65 -2.54
C HIS B 35 -19.26 -20.66 -2.38
N ALA B 36 -19.15 -19.74 -1.42
CA ALA B 36 -20.22 -18.77 -1.20
C ALA B 36 -19.82 -17.37 -1.69
N GLU B 37 -20.28 -16.98 -2.87
CA GLU B 37 -19.98 -15.66 -3.43
C GLU B 37 -21.16 -14.67 -3.41
N THR B 38 -20.99 -13.55 -2.71
CA THR B 38 -22.04 -12.52 -2.61
C THR B 38 -21.96 -11.62 -3.83
N GLU B 39 -23.09 -11.14 -4.32
CA GLU B 39 -23.06 -10.26 -5.49
C GLU B 39 -22.59 -8.90 -5.01
N ARG B 40 -21.85 -8.18 -5.86
CA ARG B 40 -21.31 -6.87 -5.50
C ARG B 40 -22.30 -5.95 -4.78
N LEU B 41 -21.85 -5.34 -3.70
CA LEU B 41 -22.68 -4.44 -2.88
C LEU B 41 -22.29 -2.99 -3.01
N LEU B 42 -23.26 -2.13 -3.27
CA LEU B 42 -22.99 -0.71 -3.39
C LEU B 42 -23.84 0.06 -2.41
N THR B 43 -23.34 1.21 -2.00
CA THR B 43 -24.04 2.07 -1.07
C THR B 43 -23.45 3.41 -1.39
N ILE B 44 -24.27 4.44 -1.40
CA ILE B 44 -23.71 5.74 -1.70
C ILE B 44 -24.35 6.79 -0.78
N GLY B 45 -23.74 7.97 -0.66
CA GLY B 45 -24.34 8.98 0.20
C GLY B 45 -23.39 10.06 0.68
N HIS B 46 -23.87 10.93 1.57
CA HIS B 46 -23.01 11.94 2.15
C HIS B 46 -22.36 11.34 3.40
N PRO B 47 -21.04 11.22 3.35
CA PRO B 47 -20.26 10.59 4.42
C PRO B 47 -20.29 11.30 5.77
N TYR B 48 -20.23 12.63 5.76
CA TYR B 48 -20.09 13.39 7.00
C TYR B 48 -21.23 13.21 7.99
N TYR B 49 -22.45 13.33 7.49
CA TYR B 49 -23.62 13.17 8.32
C TYR B 49 -24.82 12.85 7.43
N PRO B 50 -25.81 12.21 8.02
CA PRO B 50 -27.07 11.90 7.34
C PRO B 50 -27.81 13.17 6.91
N VAL B 51 -28.18 13.22 5.64
CA VAL B 51 -28.89 14.37 5.06
C VAL B 51 -30.38 14.08 4.99
N SER B 52 -31.17 15.14 4.79
CA SER B 52 -32.61 14.96 4.71
C SER B 52 -33.29 15.90 3.72
N ILE B 53 -33.71 15.35 2.58
CA ILE B 53 -34.42 16.11 1.56
C ILE B 53 -35.87 15.61 1.52
N GLY B 54 -36.82 16.53 1.69
CA GLY B 54 -38.23 16.14 1.69
C GLY B 54 -38.54 15.35 2.94
N ALA B 55 -39.10 14.15 2.77
CA ALA B 55 -39.44 13.30 3.91
C ALA B 55 -38.67 11.99 3.83
N LYS B 56 -37.58 11.98 3.06
CA LYS B 56 -36.73 10.80 2.89
C LYS B 56 -35.35 11.13 3.43
N THR B 57 -34.49 10.13 3.54
CA THR B 57 -33.13 10.34 4.06
C THR B 57 -32.03 10.00 3.05
N VAL B 58 -30.77 10.12 3.48
CA VAL B 58 -29.60 9.82 2.66
C VAL B 58 -28.55 9.31 3.62
N PRO B 59 -28.42 8.00 3.76
CA PRO B 59 -27.41 7.45 4.68
C PRO B 59 -26.04 8.13 4.57
N LYS B 60 -25.47 8.48 5.72
CA LYS B 60 -24.17 9.13 5.76
C LYS B 60 -23.15 8.01 5.59
N VAL B 61 -22.79 7.78 4.33
CA VAL B 61 -21.83 6.75 3.98
C VAL B 61 -20.42 7.32 3.85
N SER B 62 -19.60 7.04 4.85
CA SER B 62 -18.22 7.54 4.87
C SER B 62 -17.22 6.45 4.54
N ALA B 63 -15.97 6.88 4.43
CA ALA B 63 -14.89 5.98 4.13
C ALA B 63 -14.24 5.59 5.45
N ASN B 64 -14.76 6.13 6.55
CA ASN B 64 -14.21 5.81 7.86
C ASN B 64 -15.27 5.18 8.77
N GLN B 65 -15.79 4.04 8.37
CA GLN B 65 -16.79 3.31 9.14
C GLN B 65 -16.57 1.84 8.93
N TYR B 66 -16.52 1.08 10.01
CA TYR B 66 -16.31 -0.35 9.89
C TYR B 66 -17.49 -1.05 9.24
N ARG B 67 -17.38 -1.40 7.96
CA ARG B 67 -18.48 -2.12 7.35
C ARG B 67 -18.50 -3.45 8.06
N VAL B 68 -19.56 -3.75 8.80
CA VAL B 68 -19.63 -5.03 9.47
C VAL B 68 -20.72 -5.90 8.92
N PHE B 69 -20.31 -6.92 8.18
CA PHE B 69 -21.23 -7.83 7.56
C PHE B 69 -21.61 -8.97 8.47
N LYS B 70 -22.86 -9.37 8.41
CA LYS B 70 -23.29 -10.56 9.11
C LYS B 70 -23.54 -11.48 7.94
N ILE B 71 -22.68 -12.47 7.77
CA ILE B 71 -22.87 -13.38 6.68
C ILE B 71 -23.67 -14.50 7.28
N GLN B 72 -24.96 -14.52 7.00
CA GLN B 72 -25.77 -15.59 7.57
C GLN B 72 -25.74 -16.78 6.68
N LEU B 73 -25.41 -17.92 7.27
CA LEU B 73 -25.31 -19.14 6.50
C LEU B 73 -26.56 -19.98 6.40
N PRO B 74 -26.52 -20.98 5.51
CA PRO B 74 -27.61 -21.90 5.28
C PRO B 74 -27.36 -23.00 6.27
N ASP B 75 -28.32 -23.33 7.12
CA ASP B 75 -28.03 -24.31 8.15
C ASP B 75 -27.61 -25.61 7.47
N PRO B 76 -26.47 -26.13 7.92
CA PRO B 76 -25.90 -27.36 7.34
C PRO B 76 -26.51 -28.61 7.93
N ASN B 77 -27.27 -28.47 9.00
CA ASN B 77 -27.95 -29.63 9.62
C ASN B 77 -29.33 -30.09 9.08
N GLN B 78 -29.99 -29.26 8.27
CA GLN B 78 -31.35 -29.57 7.78
C GLN B 78 -31.44 -29.98 6.30
N PHE B 79 -30.29 -30.29 5.73
CA PHE B 79 -30.08 -30.53 4.30
C PHE B 79 -30.32 -31.96 3.82
N ALA B 80 -30.50 -32.10 2.50
CA ALA B 80 -30.79 -33.37 1.81
C ALA B 80 -29.69 -34.44 1.81
N LEU B 81 -29.93 -35.55 2.51
CA LEU B 81 -28.98 -36.66 2.60
C LEU B 81 -29.36 -37.82 1.70
N PRO B 82 -28.83 -37.88 0.46
CA PRO B 82 -29.15 -38.98 -0.46
C PRO B 82 -28.47 -40.33 -0.13
N ASP B 83 -27.90 -40.46 1.08
CA ASP B 83 -27.22 -41.70 1.49
C ASP B 83 -27.28 -42.05 2.99
N ARG B 84 -26.54 -43.10 3.35
CA ARG B 84 -26.47 -43.59 4.71
C ARG B 84 -25.21 -43.19 5.47
N THR B 85 -24.12 -43.03 4.73
CA THR B 85 -22.83 -42.63 5.31
C THR B 85 -22.92 -41.17 5.78
N VAL B 86 -23.97 -40.48 5.33
CA VAL B 86 -24.21 -39.10 5.75
C VAL B 86 -24.47 -39.29 7.22
N HIS B 87 -24.11 -38.33 8.06
CA HIS B 87 -24.15 -38.56 9.49
C HIS B 87 -25.50 -39.08 10.01
N ASN B 88 -25.41 -40.03 10.93
CA ASN B 88 -26.58 -40.63 11.52
C ASN B 88 -27.38 -39.55 12.20
N PRO B 89 -28.69 -39.72 12.24
CA PRO B 89 -29.60 -38.67 12.70
C PRO B 89 -29.34 -38.24 14.14
N SER B 90 -29.02 -39.15 15.04
CA SER B 90 -28.83 -38.72 16.42
C SER B 90 -27.40 -38.70 16.99
N LYS B 91 -26.48 -39.31 16.24
CA LYS B 91 -25.06 -39.34 16.61
C LYS B 91 -24.32 -38.00 16.56
N GLU B 92 -24.57 -37.20 15.51
CA GLU B 92 -23.82 -35.96 15.32
C GLU B 92 -24.51 -34.90 14.44
N ARG B 93 -23.99 -33.68 14.48
CA ARG B 93 -24.51 -32.57 13.70
C ARG B 93 -23.43 -31.89 12.84
N LEU B 94 -23.83 -31.41 11.67
CA LEU B 94 -22.92 -30.79 10.72
C LEU B 94 -22.91 -29.28 10.89
N VAL B 95 -21.80 -28.68 10.49
CA VAL B 95 -21.66 -27.24 10.58
C VAL B 95 -20.82 -26.73 9.44
N TRP B 96 -20.41 -25.50 9.55
CA TRP B 96 -19.59 -24.92 8.52
C TRP B 96 -18.25 -24.57 9.12
N ALA B 97 -17.21 -24.56 8.28
CA ALA B 97 -15.87 -24.20 8.72
C ALA B 97 -15.25 -23.40 7.59
N VAL B 98 -14.83 -22.17 7.88
CA VAL B 98 -14.21 -21.35 6.85
C VAL B 98 -12.77 -21.74 6.61
N ILE B 99 -12.39 -21.70 5.35
CA ILE B 99 -11.05 -22.06 5.01
C ILE B 99 -10.47 -20.89 4.29
N GLY B 100 -11.30 -20.28 3.47
CA GLY B 100 -10.82 -19.14 2.72
C GLY B 100 -11.78 -17.99 2.67
N VAL B 101 -11.22 -16.79 2.72
CA VAL B 101 -11.99 -15.58 2.65
C VAL B 101 -11.27 -14.64 1.76
N GLN B 102 -12.02 -13.97 0.90
CA GLN B 102 -11.41 -13.02 0.03
C GLN B 102 -12.35 -11.88 -0.15
N VAL B 103 -12.07 -10.80 0.57
CA VAL B 103 -12.86 -9.59 0.51
C VAL B 103 -12.35 -8.76 -0.66
N SER B 104 -13.22 -8.47 -1.62
CA SER B 104 -12.81 -7.71 -2.78
C SER B 104 -13.38 -6.31 -2.71
N ARG B 105 -12.50 -5.33 -2.89
CA ARG B 105 -12.88 -3.93 -2.84
C ARG B 105 -12.79 -3.29 -4.23
N GLY B 106 -13.93 -3.00 -4.83
CA GLY B 106 -13.92 -2.42 -6.16
C GLY B 106 -14.17 -0.92 -6.27
N GLN B 107 -13.09 -0.15 -6.39
CA GLN B 107 -13.18 1.30 -6.53
C GLN B 107 -11.81 1.83 -6.88
N PRO B 108 -11.72 3.05 -7.41
CA PRO B 108 -10.41 3.61 -7.76
C PRO B 108 -9.67 4.03 -6.50
N LEU B 109 -8.39 3.66 -6.41
CA LEU B 109 -7.58 4.00 -5.26
C LEU B 109 -7.45 5.51 -5.11
N GLY B 110 -7.11 5.96 -3.90
CA GLY B 110 -6.96 7.39 -3.63
C GLY B 110 -6.90 7.69 -2.14
N GLY B 111 -6.72 8.95 -1.78
CA GLY B 111 -6.64 9.30 -0.37
C GLY B 111 -7.93 9.89 0.17
N THR B 112 -8.20 9.68 1.46
CA THR B 112 -9.43 10.22 2.05
C THR B 112 -9.17 11.53 2.74
N VAL B 113 -10.04 12.49 2.48
CA VAL B 113 -9.91 13.79 3.11
C VAL B 113 -11.18 14.07 3.88
N THR B 114 -11.04 14.93 4.88
CA THR B 114 -12.15 15.32 5.71
C THR B 114 -11.79 16.71 6.25
N GLY B 115 -12.79 17.53 6.49
CA GLY B 115 -12.51 18.84 7.00
C GLY B 115 -13.61 19.26 7.96
N HIS B 116 -13.80 20.56 8.08
CA HIS B 116 -14.84 21.10 8.93
C HIS B 116 -14.99 22.58 8.65
N PRO B 117 -16.22 23.06 8.63
CA PRO B 117 -16.48 24.46 8.37
C PRO B 117 -15.72 25.40 9.30
N THR B 118 -15.92 25.26 10.62
CA THR B 118 -15.23 26.11 11.60
C THR B 118 -14.50 25.32 12.69
N PHE B 119 -13.22 25.05 12.44
CA PHE B 119 -12.39 24.30 13.36
C PHE B 119 -11.78 25.23 14.41
N ASN B 120 -11.22 24.64 15.47
CA ASN B 120 -10.63 25.41 16.56
C ASN B 120 -9.12 25.32 16.60
N ALA B 121 -8.46 26.19 15.84
CA ALA B 121 -7.00 26.22 15.80
C ALA B 121 -6.49 27.65 15.80
N LEU B 122 -5.98 28.10 16.94
CA LEU B 122 -5.41 29.44 17.09
C LEU B 122 -4.11 29.76 16.34
N LEU B 123 -3.13 28.84 16.40
CA LEU B 123 -1.80 29.08 15.83
C LEU B 123 -1.01 27.79 15.59
N ASP B 124 0.11 27.88 14.87
CA ASP B 124 0.91 26.69 14.55
C ASP B 124 2.41 26.81 14.83
N ALA B 125 3.16 25.79 14.44
CA ALA B 125 4.62 25.70 14.64
C ALA B 125 5.41 26.45 13.54
N GLU B 126 5.27 27.77 13.53
CA GLU B 126 5.94 28.65 12.56
C GLU B 126 6.77 29.72 13.29
N ASN B 127 7.99 29.97 12.82
CA ASN B 127 8.85 30.94 13.48
C ASN B 127 8.79 32.38 13.03
N VAL B 128 8.36 32.62 11.80
CA VAL B 128 8.30 33.99 11.31
C VAL B 128 6.89 34.57 11.31
N ASN B 129 5.93 33.84 11.89
CA ASN B 129 4.55 34.31 11.95
C ASN B 129 4.41 35.42 13.00
N ARG B 130 3.61 36.42 12.71
CA ARG B 130 3.40 37.55 13.63
C ARG B 130 3.04 37.06 15.03
N LYS B 131 3.14 37.94 16.03
CA LYS B 131 2.83 37.59 17.41
C LYS B 131 1.35 37.29 17.67
N VAL B 132 1.09 36.31 18.55
CA VAL B 132 -0.27 35.87 18.88
C VAL B 132 -1.19 36.95 19.42
N THR B 133 -2.20 37.29 18.61
CA THR B 133 -3.18 38.28 19.00
C THR B 133 -4.08 37.62 20.05
N THR B 134 -4.49 38.39 21.05
CA THR B 134 -5.38 37.88 22.08
C THR B 134 -6.50 37.19 21.29
N GLN B 135 -7.03 36.10 21.81
CA GLN B 135 -8.10 35.43 21.10
C GLN B 135 -9.29 36.36 20.94
N THR B 136 -9.77 36.48 19.71
CA THR B 136 -10.92 37.31 19.38
C THR B 136 -12.15 36.50 19.74
N THR B 137 -13.33 37.02 19.45
CA THR B 137 -14.55 36.32 19.80
C THR B 137 -14.49 34.97 19.11
N ASP B 138 -13.98 34.96 17.89
CA ASP B 138 -13.79 33.70 17.17
C ASP B 138 -12.42 33.67 16.49
N ASP B 139 -11.85 32.47 16.37
CA ASP B 139 -10.55 32.29 15.72
C ASP B 139 -10.63 31.07 14.81
N ARG B 140 -11.80 30.43 14.78
CA ARG B 140 -12.04 29.27 13.94
C ARG B 140 -11.79 29.64 12.49
N LYS B 141 -11.55 28.65 11.65
CA LYS B 141 -11.31 28.92 10.23
C LYS B 141 -11.74 27.67 9.51
N GLN B 142 -11.73 27.69 8.18
CA GLN B 142 -12.10 26.50 7.45
C GLN B 142 -10.84 25.64 7.49
N THR B 143 -11.01 24.38 7.87
CA THR B 143 -9.89 23.44 8.04
C THR B 143 -9.86 22.16 7.22
N GLY B 144 -8.74 21.94 6.54
CA GLY B 144 -8.59 20.73 5.79
C GLY B 144 -7.87 19.79 6.74
N LEU B 145 -8.13 18.50 6.65
CA LEU B 145 -7.47 17.54 7.52
C LEU B 145 -7.50 16.16 6.88
N ASP B 146 -6.38 15.72 6.34
CA ASP B 146 -6.33 14.44 5.67
C ASP B 146 -6.42 13.27 6.65
N ALA B 147 -7.19 12.25 6.29
CA ALA B 147 -7.38 11.06 7.12
C ALA B 147 -6.06 10.40 7.52
N LYS B 148 -6.10 9.62 8.59
CA LYS B 148 -4.91 8.93 9.10
C LYS B 148 -4.91 7.48 8.57
N GLN B 149 -4.48 7.25 7.34
CA GLN B 149 -4.71 5.96 6.68
C GLN B 149 -4.37 4.68 7.43
N GLN B 150 -5.35 3.77 7.40
CA GLN B 150 -5.32 2.46 8.04
C GLN B 150 -6.28 1.46 7.39
N GLN B 151 -6.10 0.18 7.69
CA GLN B 151 -6.90 -0.94 7.15
C GLN B 151 -7.08 -2.06 8.15
N ILE B 152 -8.32 -2.50 8.33
CA ILE B 152 -8.61 -3.56 9.29
C ILE B 152 -9.55 -4.61 8.74
N LEU B 153 -9.15 -5.87 8.82
CA LEU B 153 -10.01 -6.97 8.41
C LEU B 153 -10.01 -8.06 9.48
N LEU B 154 -11.19 -8.52 9.87
CA LEU B 154 -11.25 -9.64 10.79
C LEU B 154 -12.54 -10.41 10.77
N LEU B 155 -12.34 -11.70 10.61
CA LEU B 155 -13.39 -12.68 10.51
C LEU B 155 -13.50 -13.47 11.80
N GLY B 156 -14.74 -13.80 12.17
CA GLY B 156 -14.98 -14.55 13.37
C GLY B 156 -16.40 -15.06 13.50
N CYS B 157 -16.72 -15.54 14.71
CA CYS B 157 -18.03 -16.08 14.98
C CYS B 157 -18.94 -15.03 15.63
N THR B 158 -18.37 -14.29 16.59
CA THR B 158 -19.09 -13.26 17.32
C THR B 158 -18.57 -11.89 16.90
N PRO B 159 -19.40 -10.85 17.02
CA PRO B 159 -18.98 -9.50 16.64
C PRO B 159 -17.70 -9.06 17.36
N ALA B 160 -16.83 -8.38 16.62
CA ALA B 160 -15.58 -7.88 17.16
C ALA B 160 -15.79 -6.81 18.21
N GLU B 161 -14.91 -6.77 19.21
CA GLU B 161 -15.01 -5.81 20.30
C GLU B 161 -14.05 -4.64 20.18
N GLY B 162 -14.56 -3.46 20.53
CA GLY B 162 -13.77 -2.24 20.50
C GLY B 162 -13.70 -1.57 21.86
N GLU B 163 -12.79 -0.62 21.98
CA GLU B 163 -12.59 0.11 23.21
C GLU B 163 -12.64 1.60 22.92
N TYR B 164 -12.90 2.40 23.96
CA TYR B 164 -13.04 3.86 23.84
C TYR B 164 -13.00 4.53 25.21
N TRP B 165 -12.86 5.85 25.25
CA TRP B 165 -12.91 6.56 26.52
C TRP B 165 -14.17 7.36 26.70
N THR B 166 -14.68 7.36 27.92
CA THR B 166 -15.90 8.09 28.24
C THR B 166 -15.71 8.70 29.61
N THR B 167 -16.75 9.38 30.08
CA THR B 167 -16.70 10.02 31.37
C THR B 167 -17.37 9.13 32.42
N ALA B 168 -16.63 8.76 33.45
CA ALA B 168 -17.17 7.93 34.52
C ALA B 168 -17.84 8.80 35.58
N ARG B 169 -19.00 8.38 36.06
CA ARG B 169 -19.68 9.15 37.08
C ARG B 169 -18.72 9.58 38.17
N PRO B 170 -18.84 10.84 38.57
CA PRO B 170 -17.98 11.42 39.61
C PRO B 170 -18.36 10.95 41.02
N CYS B 171 -17.40 11.02 41.94
CA CYS B 171 -17.64 10.62 43.32
C CYS B 171 -18.55 11.60 44.03
N VAL B 172 -19.19 11.12 45.09
CA VAL B 172 -20.06 11.97 45.89
C VAL B 172 -19.19 13.09 46.45
N THR B 173 -17.97 12.75 46.86
CA THR B 173 -17.07 13.75 47.42
C THR B 173 -17.24 15.01 46.57
N ASP B 174 -17.42 16.16 47.22
CA ASP B 174 -17.65 17.40 46.49
C ASP B 174 -16.60 18.52 46.60
N ARG B 175 -15.81 18.68 45.52
CA ARG B 175 -14.79 19.70 45.39
C ARG B 175 -15.01 20.21 43.97
N LEU B 176 -16.19 19.91 43.44
CA LEU B 176 -16.61 20.25 42.08
C LEU B 176 -16.83 21.73 41.76
N GLU B 177 -16.70 22.03 40.48
CA GLU B 177 -16.88 23.37 39.94
C GLU B 177 -17.57 23.10 38.61
N ASN B 178 -17.94 24.15 37.89
CA ASN B 178 -18.61 23.96 36.62
C ASN B 178 -17.68 23.57 35.49
N GLY B 179 -16.52 24.19 35.44
CA GLY B 179 -15.58 23.88 34.37
C GLY B 179 -14.61 22.76 34.72
N ALA B 180 -14.83 22.12 35.87
CA ALA B 180 -13.94 21.09 36.37
C ALA B 180 -13.87 19.91 35.42
N CYS B 181 -12.66 19.38 35.25
CA CYS B 181 -12.43 18.29 34.30
C CYS B 181 -13.14 16.99 34.68
N PRO B 182 -13.74 16.35 33.69
CA PRO B 182 -14.41 15.07 33.89
C PRO B 182 -13.41 13.92 34.08
N PRO B 183 -13.77 12.94 34.90
CA PRO B 183 -12.92 11.78 35.12
C PRO B 183 -13.09 10.94 33.87
N LEU B 184 -12.17 10.03 33.61
CA LEU B 184 -12.26 9.19 32.41
C LEU B 184 -12.18 7.73 32.74
N GLU B 185 -12.63 6.90 31.81
CA GLU B 185 -12.60 5.48 32.06
C GLU B 185 -12.77 4.71 30.77
N LEU B 186 -12.17 3.54 30.70
CA LEU B 186 -12.24 2.70 29.50
C LEU B 186 -13.52 1.87 29.41
N LYS B 187 -14.03 1.65 28.21
CA LYS B 187 -15.24 0.85 28.04
C LYS B 187 -15.21 0.02 26.77
N ASN B 188 -15.82 -1.15 26.86
CA ASN B 188 -15.86 -2.07 25.74
C ASN B 188 -17.21 -1.95 25.09
N LYS B 189 -17.31 -2.42 23.86
CA LYS B 189 -18.56 -2.43 23.13
C LYS B 189 -18.32 -3.31 21.91
N HIS B 190 -19.37 -3.74 21.24
CA HIS B 190 -19.09 -4.44 19.99
C HIS B 190 -19.10 -3.44 18.87
N ILE B 191 -18.56 -3.86 17.73
CA ILE B 191 -18.49 -3.02 16.56
C ILE B 191 -19.70 -3.29 15.64
N GLU B 192 -20.53 -2.25 15.40
CA GLU B 192 -21.72 -2.36 14.57
C GLU B 192 -21.44 -1.88 13.14
N ASP B 193 -22.47 -1.74 12.30
CA ASP B 193 -22.25 -1.32 10.91
C ASP B 193 -21.82 0.14 10.63
N GLY B 194 -22.37 1.10 11.35
CA GLY B 194 -22.01 2.48 11.10
C GLY B 194 -21.17 3.12 12.18
N ASP B 195 -20.04 2.53 12.52
CA ASP B 195 -19.19 3.12 13.55
C ASP B 195 -18.03 3.85 12.94
N MET B 196 -17.36 4.65 13.75
CA MET B 196 -16.27 5.45 13.26
C MET B 196 -14.85 4.84 13.39
N MET B 197 -14.07 5.03 12.33
CA MET B 197 -12.70 4.58 12.26
C MET B 197 -11.86 5.57 13.04
N GLU B 198 -10.64 5.19 13.40
CA GLU B 198 -9.82 6.10 14.17
C GLU B 198 -9.04 7.05 13.27
N ILE B 199 -9.46 8.31 13.28
CA ILE B 199 -8.76 9.38 12.62
C ILE B 199 -7.98 10.36 13.47
N GLY B 200 -6.75 10.02 13.80
CA GLY B 200 -5.90 10.93 14.53
C GLY B 200 -6.18 11.29 15.98
N PHE B 201 -7.39 11.13 16.50
CA PHE B 201 -7.58 11.50 17.87
C PHE B 201 -8.00 10.30 18.69
N GLY B 202 -7.75 10.37 19.99
CA GLY B 202 -8.12 9.29 20.87
C GLY B 202 -9.56 8.88 20.66
N ALA B 203 -9.90 7.64 21.01
CA ALA B 203 -11.25 7.11 20.84
C ALA B 203 -12.18 7.43 22.00
N ALA B 204 -13.31 8.06 21.70
CA ALA B 204 -14.28 8.39 22.73
C ALA B 204 -15.59 8.88 22.13
N ASN B 205 -16.65 8.71 22.91
CA ASN B 205 -17.93 9.17 22.47
C ASN B 205 -17.71 10.62 22.78
N PHE B 206 -17.34 11.30 21.70
CA PHE B 206 -16.90 12.67 21.76
C PHE B 206 -18.04 13.52 22.24
N LYS B 207 -19.24 12.97 22.09
CA LYS B 207 -20.43 13.70 22.43
C LYS B 207 -20.32 14.41 23.77
N GLU B 208 -19.60 13.80 24.70
CA GLU B 208 -19.43 14.39 26.03
C GLU B 208 -18.07 15.01 26.24
N ILE B 209 -17.26 15.03 25.18
CA ILE B 209 -15.93 15.60 25.28
C ILE B 209 -15.80 16.90 24.51
N ASN B 210 -16.50 16.99 23.38
CA ASN B 210 -16.49 18.22 22.64
C ASN B 210 -17.79 18.97 22.92
N ALA B 211 -17.70 19.96 23.78
CA ALA B 211 -18.84 20.81 24.10
C ALA B 211 -18.67 22.08 23.29
N SER B 212 -17.62 22.09 22.48
CA SER B 212 -17.29 23.28 21.70
C SER B 212 -17.66 23.17 20.23
N LYS B 213 -17.73 21.95 19.73
CA LYS B 213 -18.17 21.69 18.36
C LYS B 213 -17.08 22.07 17.37
N SER B 214 -15.96 22.55 17.89
CA SER B 214 -14.84 22.98 17.06
C SER B 214 -13.63 22.07 17.22
N ASP B 215 -13.80 20.98 17.96
CA ASP B 215 -12.68 20.09 18.20
C ASP B 215 -12.54 18.85 17.34
N LEU B 216 -13.41 18.66 16.36
CA LEU B 216 -13.28 17.46 15.54
C LEU B 216 -13.52 17.71 14.08
N PRO B 217 -13.16 16.75 13.23
CA PRO B 217 -13.41 16.98 11.81
C PRO B 217 -14.92 16.71 11.67
N LEU B 218 -15.63 17.50 10.88
CA LEU B 218 -17.08 17.52 10.93
C LEU B 218 -17.72 16.15 10.76
N ASP B 219 -17.15 15.31 9.91
CA ASP B 219 -17.68 13.96 9.72
C ASP B 219 -17.64 13.09 10.99
N ILE B 220 -16.58 13.20 11.78
CA ILE B 220 -16.35 12.32 12.91
C ILE B 220 -17.15 12.80 14.11
N GLN B 221 -17.18 14.12 14.30
CA GLN B 221 -17.89 14.73 15.42
C GLN B 221 -19.26 14.19 15.83
N ASN B 222 -19.51 14.22 17.13
CA ASN B 222 -20.78 13.77 17.67
C ASN B 222 -21.03 12.26 17.51
N GLU B 223 -19.96 11.57 17.08
CA GLU B 223 -19.91 10.13 16.79
C GLU B 223 -18.95 9.38 17.72
N ILE B 224 -18.98 8.05 17.70
CA ILE B 224 -18.12 7.27 18.59
C ILE B 224 -16.98 6.59 17.85
N CYS B 225 -15.76 7.02 18.16
CA CYS B 225 -14.55 6.46 17.56
C CYS B 225 -14.16 5.19 18.27
N LEU B 226 -14.23 4.05 17.59
CA LEU B 226 -13.84 2.80 18.22
C LEU B 226 -12.43 2.42 17.84
N TYR B 227 -12.02 1.27 18.34
CA TYR B 227 -10.72 0.77 18.03
C TYR B 227 -10.73 -0.73 18.27
N PRO B 228 -9.78 -1.45 17.69
CA PRO B 228 -9.77 -2.90 17.89
C PRO B 228 -9.07 -3.20 19.21
N ASP B 229 -9.81 -3.79 20.14
CA ASP B 229 -9.25 -4.13 21.43
C ASP B 229 -8.58 -5.48 21.26
N TYR B 230 -7.48 -5.49 20.50
CA TYR B 230 -6.77 -6.73 20.26
C TYR B 230 -6.48 -7.50 21.53
N LEU B 231 -6.18 -6.80 22.60
CA LEU B 231 -5.89 -7.45 23.86
C LEU B 231 -7.01 -8.36 24.31
N LYS B 232 -8.23 -7.84 24.26
CA LYS B 232 -9.42 -8.58 24.66
C LYS B 232 -9.64 -9.82 23.78
N MET B 233 -9.49 -9.63 22.48
CA MET B 233 -9.68 -10.70 21.50
C MET B 233 -8.72 -11.86 21.71
N ALA B 234 -7.49 -11.55 22.11
CA ALA B 234 -6.48 -12.55 22.32
C ALA B 234 -6.67 -13.30 23.63
N GLU B 235 -7.59 -12.82 24.47
CA GLU B 235 -7.79 -13.48 25.74
C GLU B 235 -8.96 -14.47 25.81
N ASP B 236 -10.02 -14.22 25.05
CA ASP B 236 -11.19 -15.11 25.06
C ASP B 236 -10.83 -16.54 24.73
N ALA B 237 -11.25 -17.46 25.59
CA ALA B 237 -10.97 -18.87 25.39
C ALA B 237 -11.46 -19.29 24.01
N ALA B 238 -12.74 -19.03 23.76
CA ALA B 238 -13.35 -19.38 22.49
C ALA B 238 -12.49 -18.95 21.31
N GLY B 239 -12.28 -17.65 21.22
CA GLY B 239 -11.51 -17.11 20.13
C GLY B 239 -12.54 -16.72 19.10
N ASN B 240 -13.81 -16.91 19.46
CA ASN B 240 -14.90 -16.58 18.57
C ASN B 240 -14.78 -15.17 18.08
N SER B 241 -14.20 -14.32 18.91
CA SER B 241 -14.03 -12.92 18.56
C SER B 241 -13.38 -12.71 17.19
N MET B 242 -12.33 -13.47 16.88
CA MET B 242 -11.64 -13.36 15.59
C MET B 242 -10.89 -14.63 15.16
N PHE B 243 -11.19 -15.16 13.97
CA PHE B 243 -10.51 -16.35 13.45
C PHE B 243 -9.03 -16.04 13.14
N PHE B 244 -8.85 -14.87 12.54
CA PHE B 244 -7.58 -14.28 12.14
C PHE B 244 -7.85 -12.82 11.90
N PHE B 245 -6.85 -12.07 11.44
CA PHE B 245 -7.03 -10.64 11.20
C PHE B 245 -5.76 -10.01 10.67
N ALA B 246 -5.90 -8.89 9.97
CA ALA B 246 -4.78 -8.17 9.41
C ALA B 246 -4.97 -6.67 9.60
N ARG B 247 -3.87 -5.95 9.76
CA ARG B 247 -3.95 -4.52 9.92
C ARG B 247 -2.70 -3.85 9.37
N LYS B 248 -2.89 -2.74 8.68
CA LYS B 248 -1.78 -1.97 8.14
C LYS B 248 -2.20 -0.53 8.29
N GLU B 249 -1.40 0.27 8.97
CA GLU B 249 -1.76 1.66 9.16
C GLU B 249 -0.52 2.51 9.40
N GLN B 250 -0.40 3.57 8.62
CA GLN B 250 0.74 4.46 8.79
C GLN B 250 0.19 5.82 9.01
N VAL B 251 0.90 6.61 9.81
CA VAL B 251 0.48 7.97 10.07
C VAL B 251 1.68 8.69 10.62
N TYR B 252 1.57 10.01 10.70
CA TYR B 252 2.63 10.84 11.22
C TYR B 252 2.07 12.24 11.25
N VAL B 253 2.66 13.08 12.10
CA VAL B 253 2.24 14.45 12.23
C VAL B 253 2.54 15.22 10.96
N ARG B 254 1.67 16.17 10.62
CA ARG B 254 1.86 16.95 9.41
C ARG B 254 1.83 18.45 9.64
N HIS B 255 1.25 18.85 10.76
CA HIS B 255 1.17 20.25 11.14
C HIS B 255 1.04 20.15 12.64
N ILE B 256 1.17 21.27 13.32
CA ILE B 256 1.01 21.23 14.76
C ILE B 256 0.18 22.43 15.12
N TRP B 257 -0.96 22.19 15.77
CA TRP B 257 -1.83 23.30 16.13
C TRP B 257 -2.12 23.50 17.60
N THR B 258 -2.90 24.52 17.87
CA THR B 258 -3.24 24.87 19.23
C THR B 258 -4.72 25.17 19.40
N ARG B 259 -5.31 24.57 20.42
CA ARG B 259 -6.71 24.79 20.72
C ARG B 259 -6.90 26.26 21.03
N GLY B 260 -8.15 26.69 21.21
CA GLY B 260 -8.41 28.09 21.50
C GLY B 260 -9.25 28.34 22.74
N GLY B 261 -9.22 27.41 23.68
CA GLY B 261 -10.00 27.57 24.88
C GLY B 261 -9.32 28.24 26.06
N SER B 262 -10.13 28.84 26.91
CA SER B 262 -9.64 29.50 28.10
C SER B 262 -9.05 28.40 28.98
N GLU B 263 -7.99 28.73 29.71
CA GLU B 263 -7.32 27.75 30.56
C GLU B 263 -7.65 27.76 32.04
N LYS B 264 -7.92 26.57 32.57
CA LYS B 264 -8.23 26.40 33.98
C LYS B 264 -6.97 25.92 34.70
N GLU B 265 -5.90 25.71 33.95
CA GLU B 265 -4.63 25.21 34.50
C GLU B 265 -3.45 25.57 33.62
N ALA B 266 -2.70 26.57 34.01
CA ALA B 266 -1.55 26.99 33.25
C ALA B 266 -0.30 26.45 33.90
N PRO B 267 0.84 26.53 33.20
CA PRO B 267 2.09 26.05 33.77
C PRO B 267 2.52 26.98 34.91
N THR B 268 2.78 26.42 36.09
CA THR B 268 3.19 27.21 37.24
C THR B 268 4.43 28.05 36.95
N THR B 269 4.67 29.04 37.79
CA THR B 269 5.82 29.93 37.64
C THR B 269 7.17 29.22 37.61
N ASP B 270 7.18 27.95 38.01
CA ASP B 270 8.42 27.18 38.01
C ASP B 270 8.79 26.72 36.59
N PHE B 271 7.84 26.87 35.66
CA PHE B 271 8.08 26.50 34.26
C PHE B 271 8.10 27.72 33.36
N TYR B 272 7.14 28.62 33.57
CA TYR B 272 7.04 29.83 32.77
C TYR B 272 7.71 31.03 33.42
N LEU B 273 8.73 31.58 32.78
CA LEU B 273 9.43 32.74 33.32
C LEU B 273 8.82 34.01 32.73
N LYS B 274 8.30 34.87 33.61
CA LYS B 274 7.66 36.11 33.19
C LYS B 274 8.62 37.09 32.54
N ASN B 275 8.09 38.08 31.83
CA ASN B 275 8.92 39.09 31.17
C ASN B 275 8.42 40.49 31.48
N ASN B 276 9.20 41.50 31.09
CA ASN B 276 8.87 42.89 31.32
C ASN B 276 7.51 43.28 30.74
N LYS B 277 6.72 43.98 31.54
CA LYS B 277 5.42 44.42 31.06
C LYS B 277 4.54 43.23 30.69
N GLY B 278 5.01 42.03 31.01
CA GLY B 278 4.23 40.83 30.71
C GLY B 278 3.13 40.60 31.74
N ASP B 279 2.53 39.41 31.74
CA ASP B 279 1.46 39.10 32.70
C ASP B 279 1.88 38.02 33.69
N ALA B 280 1.44 38.17 34.94
CA ALA B 280 1.78 37.23 36.01
C ALA B 280 1.53 35.77 35.64
N THR B 281 0.33 35.48 35.13
CA THR B 281 -0.03 34.12 34.74
C THR B 281 -0.27 34.05 33.23
N LEU B 282 -0.02 32.89 32.64
CA LEU B 282 -0.23 32.69 31.21
C LEU B 282 -1.71 32.54 30.92
N LYS B 283 -2.19 33.19 29.87
CA LYS B 283 -3.60 33.14 29.53
C LYS B 283 -3.97 32.38 28.26
N ILE B 284 -3.12 32.44 27.24
CA ILE B 284 -3.37 31.73 25.98
C ILE B 284 -3.13 30.24 26.23
N PRO B 285 -4.11 29.36 25.90
CA PRO B 285 -4.03 27.90 26.08
C PRO B 285 -2.83 27.24 25.45
N SER B 286 -2.32 26.19 26.10
CA SER B 286 -1.12 25.56 25.59
C SER B 286 -1.38 24.09 25.39
N VAL B 287 -2.20 23.82 24.38
CA VAL B 287 -2.49 22.47 23.95
C VAL B 287 -1.95 22.38 22.53
N HIS B 288 -1.05 21.43 22.31
CA HIS B 288 -0.47 21.21 21.01
C HIS B 288 -0.79 19.85 20.44
N PHE B 289 -1.88 19.76 19.67
CA PHE B 289 -2.24 18.48 19.05
C PHE B 289 -1.83 18.58 17.59
N GLY B 290 -1.29 17.50 17.06
CA GLY B 290 -0.88 17.51 15.67
C GLY B 290 -2.00 16.99 14.81
N SER B 291 -1.96 17.31 13.53
CA SER B 291 -2.99 16.85 12.60
C SER B 291 -2.45 15.53 12.10
N PRO B 292 -3.32 14.53 12.10
CA PRO B 292 -2.95 13.19 11.64
C PRO B 292 -2.68 13.20 10.15
N SER B 293 -1.65 12.50 9.72
CA SER B 293 -1.32 12.44 8.31
C SER B 293 -1.35 11.00 7.80
N GLY B 294 -2.05 10.79 6.69
CA GLY B 294 -2.06 9.50 6.06
C GLY B 294 -1.08 9.64 4.94
N SER B 295 -0.07 8.77 4.96
CA SER B 295 1.01 8.70 3.98
C SER B 295 0.52 8.06 2.69
N LEU B 296 1.34 8.15 1.64
CA LEU B 296 0.95 7.65 0.33
C LEU B 296 0.62 6.16 0.36
N VAL B 297 -0.44 5.82 -0.35
CA VAL B 297 -1.02 4.48 -0.41
C VAL B 297 -0.52 3.80 -1.69
N SER B 298 -0.32 2.50 -1.64
CA SER B 298 0.18 1.80 -2.82
C SER B 298 -0.73 0.70 -3.31
N THR B 299 -0.33 0.13 -4.45
CA THR B 299 -1.05 -0.96 -5.09
C THR B 299 -0.71 -2.27 -4.42
N ASP B 300 0.34 -2.24 -3.61
CA ASP B 300 0.78 -3.43 -2.91
C ASP B 300 0.44 -3.37 -1.43
N ASN B 301 0.43 -2.18 -0.84
CA ASN B 301 0.12 -2.13 0.58
C ASN B 301 -1.29 -2.54 0.93
N GLN B 302 -2.27 -2.19 0.11
CA GLN B 302 -3.64 -2.52 0.48
C GLN B 302 -3.84 -4.03 0.62
N ILE B 303 -4.42 -4.43 1.74
CA ILE B 303 -4.68 -5.84 2.02
C ILE B 303 -6.05 -6.32 1.53
N PHE B 304 -6.19 -6.54 0.23
CA PHE B 304 -7.46 -7.02 -0.31
C PHE B 304 -7.36 -7.71 -1.63
N ASN B 305 -8.44 -8.40 -1.98
CA ASN B 305 -8.45 -9.12 -3.23
C ASN B 305 -7.43 -10.23 -3.10
N ARG B 306 -6.88 -10.40 -1.90
CA ARG B 306 -5.86 -11.43 -1.66
C ARG B 306 -6.45 -12.55 -0.85
N PRO B 307 -6.80 -13.65 -1.50
CA PRO B 307 -7.37 -14.77 -0.74
C PRO B 307 -6.58 -15.18 0.50
N TYR B 308 -7.27 -15.25 1.65
CA TYR B 308 -6.65 -15.63 2.91
C TYR B 308 -6.97 -17.05 3.25
N TRP B 309 -5.99 -17.91 3.18
CA TRP B 309 -6.19 -19.31 3.53
C TRP B 309 -5.97 -19.41 5.03
N LEU B 310 -7.01 -19.78 5.74
CA LEU B 310 -6.92 -19.91 7.19
C LEU B 310 -6.51 -21.33 7.55
N PHE B 311 -5.29 -21.55 8.03
CA PHE B 311 -4.93 -22.91 8.36
C PHE B 311 -5.01 -23.25 9.83
N ARG B 312 -4.80 -22.27 10.69
CA ARG B 312 -4.94 -22.52 12.12
C ARG B 312 -5.33 -21.19 12.70
N ALA B 313 -6.41 -21.15 13.46
CA ALA B 313 -6.83 -19.88 14.03
C ALA B 313 -5.94 -19.58 15.24
N GLN B 314 -6.17 -18.49 15.95
CA GLN B 314 -5.31 -18.12 17.10
C GLN B 314 -5.92 -18.41 18.48
N GLY B 315 -6.90 -19.30 18.49
CA GLY B 315 -7.82 -19.54 19.59
C GLY B 315 -8.10 -21.02 19.54
N MET B 316 -8.98 -21.55 20.39
CA MET B 316 -9.23 -22.98 20.31
C MET B 316 -10.26 -23.25 19.25
N ASN B 317 -10.65 -22.22 18.52
CA ASN B 317 -11.64 -22.40 17.48
C ASN B 317 -11.11 -22.12 16.08
N ASN B 318 -10.57 -23.12 15.42
CA ASN B 318 -10.02 -22.93 14.08
C ASN B 318 -11.11 -22.79 13.01
N GLY B 319 -11.89 -21.71 13.09
CA GLY B 319 -12.91 -21.41 12.09
C GLY B 319 -14.20 -22.20 12.02
N ILE B 320 -14.85 -22.41 13.17
CA ILE B 320 -16.12 -23.13 13.18
C ILE B 320 -17.28 -22.17 13.25
N ALA B 321 -18.11 -22.20 12.23
CA ALA B 321 -19.26 -21.33 12.18
C ALA B 321 -20.32 -21.85 13.12
N TRP B 322 -20.12 -21.58 14.41
CA TRP B 322 -21.07 -21.96 15.45
C TRP B 322 -22.29 -21.10 15.22
N ASN B 323 -23.49 -21.67 15.33
CA ASN B 323 -24.68 -20.89 15.11
C ASN B 323 -24.86 -20.53 13.65
N ASN B 324 -24.17 -21.23 12.76
CA ASN B 324 -24.28 -20.93 11.34
C ASN B 324 -24.27 -19.43 11.11
N LEU B 325 -23.21 -18.79 11.60
CA LEU B 325 -23.08 -17.36 11.47
C LEU B 325 -21.61 -16.91 11.40
N LEU B 326 -21.37 -15.84 10.65
CA LEU B 326 -20.04 -15.28 10.49
C LEU B 326 -20.06 -13.79 10.65
N PHE B 327 -18.96 -13.23 11.09
CA PHE B 327 -18.88 -11.79 11.27
C PHE B 327 -17.66 -11.24 10.58
N LEU B 328 -17.91 -10.39 9.59
CA LEU B 328 -16.80 -9.83 8.89
C LEU B 328 -16.70 -8.36 9.16
N THR B 329 -15.64 -7.99 9.85
CA THR B 329 -15.41 -6.60 10.17
C THR B 329 -14.31 -6.07 9.29
N VAL B 330 -14.69 -5.35 8.24
CA VAL B 330 -13.69 -4.84 7.32
C VAL B 330 -13.78 -3.35 7.16
N GLY B 331 -12.68 -2.66 7.49
CA GLY B 331 -12.64 -1.23 7.34
C GLY B 331 -11.31 -0.74 6.82
N ASP B 332 -11.36 0.16 5.84
CA ASP B 332 -10.15 0.78 5.32
C ASP B 332 -10.51 2.10 4.66
N ASN B 333 -9.70 3.12 4.90
CA ASN B 333 -9.97 4.40 4.30
C ASN B 333 -9.12 4.55 3.03
N THR B 334 -8.46 3.47 2.61
CA THR B 334 -7.61 3.51 1.42
C THR B 334 -8.36 3.76 0.10
N ARG B 335 -9.32 2.91 -0.21
CA ARG B 335 -10.09 3.04 -1.44
C ARG B 335 -10.81 4.36 -1.63
N GLY B 336 -11.50 4.79 -0.59
CA GLY B 336 -12.30 6.00 -0.63
C GLY B 336 -11.75 7.36 -1.02
N THR B 337 -12.50 8.05 -1.88
CA THR B 337 -12.21 9.39 -2.35
C THR B 337 -13.59 9.97 -2.60
N ASN B 338 -13.80 11.19 -2.17
CA ASN B 338 -15.11 11.79 -2.33
C ASN B 338 -15.41 12.23 -3.74
N LEU B 339 -16.69 12.35 -4.03
CA LEU B 339 -17.10 12.76 -5.35
C LEU B 339 -17.92 14.04 -5.31
N THR B 340 -17.44 15.04 -6.03
CA THR B 340 -18.10 16.34 -6.10
C THR B 340 -19.06 16.38 -7.28
N ILE B 341 -19.98 17.32 -7.23
CA ILE B 341 -20.94 17.48 -8.31
C ILE B 341 -21.31 18.95 -8.35
N SER B 342 -21.95 19.37 -9.44
CA SER B 342 -22.37 20.75 -9.58
C SER B 342 -23.55 20.89 -10.52
N VAL B 343 -24.72 21.11 -9.94
CA VAL B 343 -25.93 21.26 -10.71
C VAL B 343 -26.24 22.74 -10.81
N ALA B 344 -26.79 23.17 -11.94
CA ALA B 344 -27.13 24.57 -12.10
C ALA B 344 -28.35 24.80 -11.21
N SER B 345 -28.41 25.94 -10.52
CA SER B 345 -29.53 26.24 -9.61
C SER B 345 -30.86 26.52 -10.31
N ASP B 346 -30.86 26.47 -11.65
CA ASP B 346 -32.05 26.73 -12.45
C ASP B 346 -32.43 25.61 -13.42
N GLY B 347 -31.52 24.69 -13.66
CA GLY B 347 -31.81 23.59 -14.57
C GLY B 347 -31.30 23.83 -15.99
N THR B 348 -30.80 25.04 -16.25
CA THR B 348 -30.28 25.40 -17.57
C THR B 348 -28.78 25.70 -17.47
N PRO B 349 -27.97 25.15 -18.40
CA PRO B 349 -26.53 25.43 -18.32
C PRO B 349 -26.30 26.92 -18.16
N LEU B 350 -25.40 27.29 -17.26
CA LEU B 350 -25.10 28.69 -16.97
C LEU B 350 -24.40 29.40 -18.12
N THR B 351 -24.94 30.55 -18.54
CA THR B 351 -24.34 31.30 -19.64
C THR B 351 -23.17 32.13 -19.16
N GLU B 352 -23.23 32.52 -17.89
CA GLU B 352 -22.17 33.29 -17.29
C GLU B 352 -21.78 32.57 -16.00
N TYR B 353 -20.62 32.90 -15.45
CA TYR B 353 -20.14 32.25 -14.23
C TYR B 353 -20.47 33.00 -12.94
N ASP B 354 -21.43 32.47 -12.18
CA ASP B 354 -21.85 33.07 -10.91
C ASP B 354 -21.46 32.21 -9.74
N SER B 355 -21.34 32.84 -8.58
CA SER B 355 -20.99 32.12 -7.38
C SER B 355 -22.27 31.51 -6.78
N SER B 356 -23.41 31.97 -7.26
CA SER B 356 -24.70 31.50 -6.74
C SER B 356 -25.38 30.44 -7.60
N LYS B 357 -25.09 30.43 -8.89
CA LYS B 357 -25.73 29.50 -9.81
C LYS B 357 -25.46 28.00 -9.64
N PHE B 358 -24.21 27.61 -9.39
CA PHE B 358 -23.93 26.18 -9.24
C PHE B 358 -23.95 25.69 -7.79
N ASN B 359 -24.79 24.70 -7.53
CA ASN B 359 -24.92 24.11 -6.21
C ASN B 359 -24.00 22.92 -6.13
N VAL B 360 -23.09 22.97 -5.16
CA VAL B 360 -22.13 21.90 -4.96
C VAL B 360 -22.74 20.75 -4.17
N TYR B 361 -22.72 19.56 -4.76
CA TYR B 361 -23.25 18.40 -4.09
C TYR B 361 -22.15 17.49 -3.66
N HIS B 362 -22.47 16.59 -2.74
CA HIS B 362 -21.49 15.65 -2.22
C HIS B 362 -22.00 14.22 -2.28
N ARG B 363 -21.28 13.36 -3.01
CA ARG B 363 -21.64 11.96 -3.13
C ARG B 363 -20.40 11.08 -3.14
N HIS B 364 -20.38 10.08 -2.26
CA HIS B 364 -19.23 9.19 -2.15
C HIS B 364 -19.82 7.80 -2.19
N MET B 365 -19.07 6.84 -2.68
CA MET B 365 -19.67 5.53 -2.90
C MET B 365 -18.68 4.42 -2.62
N GLU B 366 -19.08 3.41 -1.83
CA GLU B 366 -18.19 2.28 -1.49
C GLU B 366 -18.73 0.93 -1.99
N GLU B 367 -17.84 0.09 -2.52
CA GLU B 367 -18.26 -1.24 -3.01
C GLU B 367 -17.45 -2.45 -2.51
N TYR B 368 -18.13 -3.50 -2.06
CA TYR B 368 -17.47 -4.73 -1.59
C TYR B 368 -17.97 -5.95 -2.34
N LYS B 369 -17.33 -7.08 -2.04
CA LYS B 369 -17.69 -8.40 -2.50
C LYS B 369 -17.18 -9.35 -1.42
N LEU B 370 -17.84 -10.48 -1.23
CA LEU B 370 -17.38 -11.45 -0.23
C LEU B 370 -17.30 -12.86 -0.81
N ALA B 371 -16.23 -13.58 -0.54
CA ALA B 371 -16.15 -14.94 -1.03
C ALA B 371 -15.56 -15.87 0.02
N PHE B 372 -16.26 -16.98 0.26
CA PHE B 372 -15.80 -17.94 1.26
C PHE B 372 -15.68 -19.35 0.72
N ILE B 373 -14.75 -20.09 1.30
CA ILE B 373 -14.55 -21.47 0.95
C ILE B 373 -14.82 -22.23 2.24
N LEU B 374 -16.09 -22.53 2.48
CA LEU B 374 -16.52 -23.26 3.67
C LEU B 374 -16.39 -24.72 3.37
N GLU B 375 -16.25 -25.50 4.43
CA GLU B 375 -16.17 -26.93 4.26
C GLU B 375 -17.13 -27.51 5.26
N LEU B 376 -17.54 -28.74 4.99
CA LEU B 376 -18.45 -29.42 5.85
C LEU B 376 -17.69 -30.08 6.98
N CYS B 377 -18.26 -30.07 8.18
CA CYS B 377 -17.60 -30.68 9.33
C CYS B 377 -18.60 -31.13 10.39
N SER B 378 -18.56 -32.43 10.69
CA SER B 378 -19.47 -33.06 11.63
C SER B 378 -18.94 -33.17 13.06
N VAL B 379 -19.66 -32.58 14.00
CA VAL B 379 -19.28 -32.66 15.40
C VAL B 379 -20.01 -33.87 15.91
N GLU B 380 -19.30 -34.70 16.68
CA GLU B 380 -19.88 -35.86 17.33
C GLU B 380 -20.74 -35.38 18.48
N ILE B 381 -21.68 -36.22 18.92
CA ILE B 381 -22.55 -35.85 20.01
C ILE B 381 -22.51 -36.93 21.08
N THR B 382 -21.38 -36.98 21.80
CA THR B 382 -21.20 -37.94 22.87
C THR B 382 -21.59 -37.21 24.14
N ALA B 383 -22.07 -37.96 25.12
CA ALA B 383 -22.45 -37.35 26.38
C ALA B 383 -21.43 -36.29 26.81
N GLN B 384 -20.15 -36.65 26.78
CA GLN B 384 -19.07 -35.77 27.20
C GLN B 384 -18.87 -34.50 26.40
N THR B 385 -18.78 -34.65 25.08
CA THR B 385 -18.58 -33.50 24.21
C THR B 385 -19.82 -32.61 24.22
N VAL B 386 -20.99 -33.24 24.21
CA VAL B 386 -22.27 -32.53 24.25
C VAL B 386 -22.23 -31.59 25.43
N SER B 387 -22.05 -32.20 26.59
CA SER B 387 -21.95 -31.48 27.84
C SER B 387 -21.02 -30.30 27.66
N HIS B 388 -19.76 -30.61 27.35
CA HIS B 388 -18.72 -29.62 27.18
C HIS B 388 -19.17 -28.26 26.63
N LEU B 389 -20.00 -28.28 25.59
CA LEU B 389 -20.46 -27.04 24.97
C LEU B 389 -21.30 -26.14 25.87
N GLN B 390 -21.83 -26.70 26.94
CA GLN B 390 -22.65 -25.93 27.87
C GLN B 390 -21.89 -24.69 28.31
N GLY B 391 -20.63 -24.89 28.65
CA GLY B 391 -19.78 -23.81 29.10
C GLY B 391 -19.10 -23.04 28.00
N LEU B 392 -18.92 -23.67 26.84
CA LEU B 392 -18.39 -22.97 25.68
C LEU B 392 -19.40 -21.95 25.15
N MET B 393 -20.65 -22.39 25.00
CA MET B 393 -21.74 -21.51 24.59
C MET B 393 -23.11 -22.05 24.99
N PRO B 394 -23.96 -21.19 25.53
CA PRO B 394 -25.36 -21.54 25.85
C PRO B 394 -26.28 -21.80 24.65
N SER B 395 -26.10 -20.98 23.62
CA SER B 395 -26.99 -20.87 22.46
C SER B 395 -26.92 -21.92 21.35
N VAL B 396 -25.72 -22.32 20.95
CA VAL B 396 -25.58 -23.30 19.88
C VAL B 396 -26.17 -24.65 20.23
N LEU B 397 -26.30 -24.91 21.53
CA LEU B 397 -26.85 -26.17 22.01
C LEU B 397 -28.35 -26.14 21.92
N GLU B 398 -28.89 -24.94 21.81
CA GLU B 398 -30.33 -24.78 21.75
C GLU B 398 -30.93 -24.98 20.37
N ASN B 399 -30.49 -24.11 19.43
CA ASN B 399 -30.98 -24.15 18.05
C ASN B 399 -30.74 -25.48 17.45
N TRP B 400 -29.60 -26.05 17.82
CA TRP B 400 -29.20 -27.33 17.32
C TRP B 400 -30.20 -28.43 17.65
N GLU B 401 -31.08 -28.16 18.61
CA GLU B 401 -32.11 -29.11 19.05
C GLU B 401 -31.60 -30.19 19.99
N ILE B 402 -30.43 -30.00 20.57
CA ILE B 402 -29.87 -31.02 21.44
C ILE B 402 -30.61 -31.19 22.76
N GLY B 403 -30.97 -30.07 23.39
CA GLY B 403 -31.70 -30.11 24.65
C GLY B 403 -32.83 -29.10 24.67
N VAL B 404 -34.07 -29.58 24.69
CA VAL B 404 -35.22 -28.68 24.73
C VAL B 404 -36.49 -29.40 25.15
N GLN B 405 -37.43 -28.66 25.73
CA GLN B 405 -38.64 -29.28 26.28
C GLN B 405 -39.50 -29.94 25.21
N PRO B 406 -39.68 -29.23 24.10
CA PRO B 406 -40.45 -29.75 22.98
C PRO B 406 -39.87 -29.19 21.70
N PRO B 407 -40.06 -29.89 20.59
CA PRO B 407 -39.56 -29.38 19.31
C PRO B 407 -40.32 -28.09 19.02
N THR B 408 -39.64 -27.08 18.49
CA THR B 408 -40.30 -25.83 18.17
C THR B 408 -41.34 -26.19 17.12
N SER B 409 -40.93 -27.10 16.24
CA SER B 409 -41.78 -27.60 15.18
C SER B 409 -43.11 -28.03 15.77
N SER B 410 -43.05 -28.72 16.91
CA SER B 410 -44.25 -29.31 17.49
C SER B 410 -45.30 -28.26 17.83
N ILE B 411 -44.87 -27.12 18.35
CA ILE B 411 -45.80 -26.06 18.69
C ILE B 411 -46.53 -25.49 17.47
N LEU B 412 -47.82 -25.25 17.66
CA LEU B 412 -48.67 -24.62 16.65
C LEU B 412 -48.93 -23.23 17.14
N GLU B 413 -48.34 -22.29 16.43
CA GLU B 413 -48.47 -20.90 16.77
C GLU B 413 -49.25 -20.19 15.70
N ASP B 414 -49.89 -19.10 16.10
CA ASP B 414 -50.68 -18.29 15.20
C ASP B 414 -49.79 -17.58 14.21
N THR B 415 -50.41 -17.20 13.10
CA THR B 415 -49.75 -16.52 12.02
C THR B 415 -50.92 -16.02 11.22
N TYR B 416 -50.90 -14.74 10.90
CA TYR B 416 -51.96 -14.13 10.10
C TYR B 416 -51.47 -13.71 8.75
N ARG B 417 -52.39 -13.23 7.96
CA ARG B 417 -52.08 -12.77 6.63
C ARG B 417 -52.62 -11.35 6.65
N TYR B 418 -51.84 -10.38 6.16
CA TYR B 418 -52.28 -8.99 6.20
C TYR B 418 -52.35 -8.57 7.67
N ILE B 419 -51.28 -8.80 8.43
CA ILE B 419 -51.28 -8.43 9.83
C ILE B 419 -51.41 -6.91 10.07
N GLU B 420 -51.40 -6.15 8.97
CA GLU B 420 -51.50 -4.69 9.04
C GLU B 420 -52.95 -4.26 9.00
N SER B 421 -53.85 -5.20 8.78
CA SER B 421 -55.26 -4.85 8.74
C SER B 421 -55.74 -4.52 10.13
N PRO B 422 -56.79 -3.87 9.96
CA PRO B 422 -57.35 -3.44 11.23
C PRO B 422 -58.27 -4.53 11.79
N ALA B 423 -58.62 -5.51 10.97
CA ALA B 423 -59.43 -6.61 11.45
C ALA B 423 -58.55 -7.41 12.42
N THR B 424 -57.29 -7.58 12.02
CA THR B 424 -56.27 -8.31 12.76
C THR B 424 -55.53 -7.53 13.85
N LYS B 425 -54.87 -8.27 14.74
CA LYS B 425 -54.07 -7.69 15.82
C LYS B 425 -52.79 -7.08 15.28
N CYS B 426 -52.17 -6.19 16.04
CA CYS B 426 -50.94 -5.51 15.60
C CYS B 426 -49.66 -6.37 15.55
N ALA B 427 -48.69 -5.85 14.80
CA ALA B 427 -47.41 -6.49 14.52
C ALA B 427 -46.52 -6.73 15.74
N SER B 428 -46.76 -6.00 16.82
CA SER B 428 -45.92 -6.15 18.01
C SER B 428 -45.94 -7.60 18.51
N ASN B 429 -47.11 -8.23 18.47
CA ASN B 429 -47.20 -9.63 18.88
C ASN B 429 -46.25 -10.55 18.13
N VAL B 430 -45.65 -10.05 17.06
CA VAL B 430 -44.72 -10.80 16.22
C VAL B 430 -43.46 -11.24 16.96
N ILE B 431 -43.13 -10.53 18.04
CA ILE B 431 -41.95 -10.78 18.85
C ILE B 431 -41.90 -12.15 19.55
N PRO B 432 -43.06 -12.80 19.72
CA PRO B 432 -43.14 -14.07 20.41
C PRO B 432 -42.30 -15.18 19.76
N ALA B 433 -42.18 -15.18 18.44
CA ALA B 433 -41.37 -16.17 17.77
C ALA B 433 -39.96 -15.95 18.29
N LYS B 434 -39.14 -16.99 18.30
CA LYS B 434 -37.81 -16.86 18.85
C LYS B 434 -37.14 -15.68 18.17
N GLU B 435 -36.50 -14.84 18.98
CA GLU B 435 -35.87 -13.63 18.48
C GLU B 435 -34.35 -13.62 18.45
N ASP B 436 -33.84 -13.25 17.28
CA ASP B 436 -32.43 -13.12 16.99
C ASP B 436 -31.90 -12.36 18.16
N PRO B 437 -30.70 -12.71 18.59
CA PRO B 437 -30.11 -12.14 19.80
C PRO B 437 -29.51 -10.76 19.58
N TYR B 438 -28.85 -10.58 18.44
CA TYR B 438 -28.21 -9.32 18.11
C TYR B 438 -29.17 -8.27 17.56
N ALA B 439 -30.43 -8.37 17.90
CA ALA B 439 -31.39 -7.42 17.37
C ALA B 439 -31.25 -5.99 17.88
N GLY B 440 -30.68 -5.82 19.07
CA GLY B 440 -30.51 -4.48 19.60
C GLY B 440 -29.53 -3.69 18.76
N PHE B 441 -28.43 -4.35 18.39
CA PHE B 441 -27.38 -3.75 17.56
C PHE B 441 -27.75 -4.07 16.13
N LYS B 442 -27.21 -3.34 15.17
CA LYS B 442 -27.56 -3.67 13.79
C LYS B 442 -26.40 -3.49 12.85
N PHE B 443 -26.39 -4.26 11.80
CA PHE B 443 -25.32 -4.14 10.85
C PHE B 443 -25.70 -4.70 9.49
N TRP B 444 -24.85 -4.47 8.50
CA TRP B 444 -25.20 -4.88 7.17
C TRP B 444 -25.50 -6.35 7.25
N ASN B 445 -26.61 -6.74 6.63
CA ASN B 445 -26.99 -8.13 6.63
C ASN B 445 -26.81 -8.67 5.23
N ILE B 446 -25.93 -9.67 5.12
CA ILE B 446 -25.71 -10.33 3.83
C ILE B 446 -26.15 -11.76 3.90
N ASP B 447 -27.19 -12.11 3.14
CA ASP B 447 -27.71 -13.46 3.14
C ASP B 447 -27.03 -14.32 2.08
N LEU B 448 -26.57 -15.50 2.50
CA LEU B 448 -25.90 -16.41 1.58
C LEU B 448 -26.59 -17.76 1.44
N LYS B 449 -27.82 -17.87 1.97
CA LYS B 449 -28.54 -19.14 1.91
C LYS B 449 -28.75 -19.77 0.55
N GLU B 450 -28.70 -18.98 -0.51
CA GLU B 450 -28.90 -19.58 -1.81
C GLU B 450 -27.67 -19.41 -2.67
N LYS B 451 -26.95 -18.32 -2.49
CA LYS B 451 -25.77 -18.10 -3.30
C LYS B 451 -24.64 -18.92 -2.69
N LEU B 452 -24.89 -20.22 -2.61
CA LEU B 452 -23.92 -21.18 -2.13
C LEU B 452 -23.89 -22.35 -3.11
N SER B 453 -22.70 -22.79 -3.48
CA SER B 453 -22.56 -23.92 -4.39
C SER B 453 -21.55 -25.00 -3.99
N LEU B 454 -21.37 -25.96 -4.89
CA LEU B 454 -20.47 -27.09 -4.67
C LEU B 454 -19.42 -27.34 -5.75
N ASP B 455 -19.47 -26.58 -6.85
CA ASP B 455 -18.51 -26.74 -7.95
C ASP B 455 -17.36 -25.74 -7.82
N LEU B 456 -16.27 -26.18 -7.21
CA LEU B 456 -15.16 -25.28 -7.02
C LEU B 456 -14.62 -24.67 -8.28
N ASP B 457 -14.52 -25.46 -9.33
CA ASP B 457 -13.98 -24.93 -10.55
C ASP B 457 -14.64 -23.66 -11.10
N GLN B 458 -15.97 -23.62 -11.07
CA GLN B 458 -16.72 -22.49 -11.60
C GLN B 458 -16.37 -21.05 -11.22
N PHE B 459 -16.28 -20.78 -9.93
CA PHE B 459 -16.02 -19.43 -9.44
C PHE B 459 -14.58 -18.96 -9.46
N PRO B 460 -14.38 -17.65 -9.24
CA PRO B 460 -13.05 -17.04 -9.23
C PRO B 460 -12.18 -17.59 -8.10
N LEU B 461 -12.69 -17.54 -6.88
CA LEU B 461 -11.96 -18.03 -5.73
C LEU B 461 -11.77 -19.57 -5.70
N GLY B 462 -12.43 -20.28 -6.62
CA GLY B 462 -12.29 -21.72 -6.67
C GLY B 462 -10.98 -22.08 -7.33
N ARG B 463 -10.81 -21.61 -8.56
CA ARG B 463 -9.57 -21.88 -9.29
C ARG B 463 -8.44 -21.42 -8.40
N ARG B 464 -8.60 -20.24 -7.83
CA ARG B 464 -7.61 -19.66 -6.95
C ARG B 464 -7.25 -20.62 -5.84
N PHE B 465 -8.21 -21.47 -5.49
CA PHE B 465 -8.08 -22.47 -4.42
C PHE B 465 -7.40 -23.72 -4.95
N LEU B 466 -8.06 -24.39 -5.90
CA LEU B 466 -7.53 -25.60 -6.50
C LEU B 466 -6.11 -25.40 -6.98
N ALA B 467 -5.84 -24.18 -7.45
CA ALA B 467 -4.51 -23.85 -7.93
C ALA B 467 -3.53 -24.20 -6.83
N GLN B 468 -3.71 -23.60 -5.66
CA GLN B 468 -2.81 -23.86 -4.55
C GLN B 468 -2.82 -25.35 -4.21
N GLN B 469 -3.99 -25.97 -4.33
CA GLN B 469 -4.13 -27.39 -4.01
C GLN B 469 -3.27 -28.34 -4.86
N GLY B 470 -3.16 -28.09 -6.17
CA GLY B 470 -2.37 -28.96 -7.00
C GLY B 470 -3.30 -29.58 -8.02
N ALA B 471 -4.60 -29.56 -7.73
CA ALA B 471 -5.60 -30.01 -8.69
C ALA B 471 -5.96 -28.78 -9.51
N GLY B 472 -5.13 -28.47 -10.50
CA GLY B 472 -5.31 -27.25 -11.26
C GLY B 472 -5.51 -27.31 -12.77
N CYS B 473 -6.52 -26.57 -13.21
CA CYS B 473 -6.81 -26.34 -14.63
C CYS B 473 -6.22 -24.95 -14.93
N SER B 474 -5.89 -24.24 -13.86
CA SER B 474 -5.35 -22.87 -13.91
C SER B 474 -4.41 -22.61 -12.73
N THR B 475 -3.09 -22.80 -12.92
CA THR B 475 -2.11 -22.56 -11.85
C THR B 475 -1.80 -21.04 -11.82
N VAL B 476 -1.71 -20.46 -10.62
CA VAL B 476 -1.44 -19.02 -10.50
C VAL B 476 0.02 -18.68 -10.74
N ARG B 477 0.42 -18.73 -11.99
CA ARG B 477 1.74 -18.31 -12.34
C ARG B 477 1.82 -17.58 -13.66
N LYS B 478 2.25 -16.33 -13.57
CA LYS B 478 2.50 -15.50 -14.72
C LYS B 478 3.86 -14.94 -14.37
N ARG B 479 4.85 -15.81 -14.41
CA ARG B 479 6.19 -15.44 -13.99
C ARG B 479 6.70 -14.33 -14.87
N ARG B 480 7.29 -13.32 -14.23
CA ARG B 480 7.85 -12.21 -14.96
C ARG B 480 9.31 -12.07 -14.59
N ILE B 481 10.17 -12.05 -15.61
CA ILE B 481 11.60 -11.88 -15.40
C ILE B 481 11.91 -10.46 -15.89
N SER B 482 12.89 -9.81 -15.26
CA SER B 482 13.26 -8.42 -15.62
C SER B 482 14.66 -8.00 -15.14
N PRO C 14 -25.83 -35.60 -29.91
CA PRO C 14 -25.69 -35.55 -28.43
C PRO C 14 -25.25 -34.18 -27.87
N THR C 15 -26.11 -33.55 -27.06
CA THR C 15 -25.86 -32.23 -26.45
C THR C 15 -26.03 -32.16 -24.88
N PRO C 16 -25.36 -33.04 -24.15
CA PRO C 16 -25.45 -33.12 -22.67
C PRO C 16 -24.92 -31.98 -21.77
N VAL C 17 -23.76 -31.39 -22.08
CA VAL C 17 -23.08 -30.46 -21.15
C VAL C 17 -23.76 -29.13 -20.75
N SER C 18 -23.68 -28.79 -19.47
CA SER C 18 -24.25 -27.54 -18.94
C SER C 18 -23.33 -26.56 -18.18
N LYS C 19 -22.10 -27.02 -17.90
CA LYS C 19 -21.08 -26.24 -17.23
C LYS C 19 -19.82 -26.18 -18.09
N VAL C 20 -19.10 -25.07 -18.03
CA VAL C 20 -17.90 -24.85 -18.84
C VAL C 20 -16.71 -25.77 -18.53
N LEU C 21 -15.96 -26.09 -19.57
CA LEU C 21 -14.78 -26.95 -19.48
C LEU C 21 -13.53 -26.13 -19.82
N CYS C 22 -12.49 -26.26 -18.99
CA CYS C 22 -11.26 -25.47 -19.19
C CYS C 22 -10.59 -25.74 -20.51
N SER C 23 -10.21 -24.67 -21.20
CA SER C 23 -9.88 -24.69 -22.62
C SER C 23 -8.78 -25.69 -22.98
N GLU C 24 -7.94 -26.04 -22.03
CA GLU C 24 -6.87 -27.01 -22.26
C GLU C 24 -7.42 -28.37 -22.70
N THR C 25 -8.56 -28.78 -22.17
CA THR C 25 -9.10 -30.13 -22.43
C THR C 25 -9.41 -30.47 -23.90
N TYR C 26 -10.03 -29.55 -24.65
CA TYR C 26 -10.24 -29.77 -26.05
C TYR C 26 -9.20 -29.09 -26.95
N VAL C 27 -8.17 -28.49 -26.34
CA VAL C 27 -7.14 -27.83 -27.13
C VAL C 27 -5.78 -28.53 -27.09
N GLN C 28 -5.31 -28.94 -28.26
CA GLN C 28 -4.03 -29.59 -28.37
C GLN C 28 -2.98 -28.54 -28.58
N ARG C 29 -1.87 -28.65 -27.88
CA ARG C 29 -0.84 -27.67 -28.09
C ARG C 29 0.26 -28.31 -28.89
N LYS C 30 0.55 -27.73 -30.05
CA LYS C 30 1.62 -28.23 -30.89
C LYS C 30 2.85 -27.63 -30.25
N SER C 31 4.02 -27.97 -30.75
CA SER C 31 5.22 -27.41 -30.16
C SER C 31 5.85 -26.37 -31.07
N ILE C 32 5.02 -25.58 -31.75
CA ILE C 32 5.54 -24.59 -32.65
C ILE C 32 5.43 -23.18 -32.10
N PHE C 33 6.39 -22.35 -32.42
CA PHE C 33 6.38 -20.99 -31.93
C PHE C 33 6.58 -19.95 -33.00
N TYR C 34 6.05 -18.77 -32.75
CA TYR C 34 6.17 -17.66 -33.68
C TYR C 34 6.52 -16.40 -32.96
N HIS C 35 7.06 -15.46 -33.72
CA HIS C 35 7.42 -14.19 -33.14
C HIS C 35 6.76 -13.03 -33.88
N ALA C 36 5.80 -12.35 -33.26
CA ALA C 36 5.13 -11.23 -33.91
C ALA C 36 5.57 -9.89 -33.36
N GLU C 37 6.48 -9.20 -34.06
CA GLU C 37 6.97 -7.90 -33.62
C GLU C 37 6.43 -6.71 -34.45
N THR C 38 5.72 -5.79 -33.79
CA THR C 38 5.16 -4.60 -34.46
C THR C 38 6.23 -3.52 -34.55
N GLU C 39 6.24 -2.75 -35.63
CA GLU C 39 7.24 -1.70 -35.75
C GLU C 39 6.80 -0.57 -34.83
N ARG C 40 7.77 0.13 -34.23
CA ARG C 40 7.50 1.22 -33.30
C ARG C 40 6.39 2.17 -33.76
N LEU C 41 5.48 2.48 -32.85
CA LEU C 41 4.33 3.34 -33.13
C LEU C 41 4.43 4.70 -32.45
N LEU C 42 4.24 5.77 -33.20
CA LEU C 42 4.29 7.10 -32.65
C LEU C 42 3.00 7.82 -32.93
N THR C 43 2.67 8.76 -32.07
CA THR C 43 1.46 9.56 -32.22
C THR C 43 1.81 10.79 -31.44
N ILE C 44 1.43 11.95 -31.94
CA ILE C 44 1.76 13.14 -31.19
C ILE C 44 0.59 14.11 -31.23
N GLY C 45 0.56 15.10 -30.34
CA GLY C 45 -0.56 16.03 -30.36
C GLY C 45 -0.80 16.78 -29.07
N HIS C 46 -1.84 17.61 -29.05
CA HIS C 46 -2.15 18.39 -27.85
C HIS C 46 -2.50 17.45 -26.70
N PRO C 47 -1.93 17.70 -25.54
CA PRO C 47 -2.22 16.83 -24.39
C PRO C 47 -3.70 16.85 -23.96
N TYR C 48 -4.33 18.02 -24.02
CA TYR C 48 -5.66 18.21 -23.45
C TYR C 48 -6.95 17.95 -24.22
N TYR C 49 -7.10 18.57 -25.39
CA TYR C 49 -8.33 18.45 -26.17
C TYR C 49 -7.96 18.55 -27.64
N PRO C 50 -8.82 18.03 -28.51
CA PRO C 50 -8.51 18.10 -29.94
C PRO C 50 -8.44 19.55 -30.38
N VAL C 51 -7.41 19.88 -31.15
CA VAL C 51 -7.24 21.22 -31.70
C VAL C 51 -7.65 21.27 -33.15
N SER C 52 -7.86 22.47 -33.67
CA SER C 52 -8.27 22.59 -35.06
C SER C 52 -7.68 23.82 -35.77
N ILE C 53 -6.71 23.58 -36.64
CA ILE C 53 -6.08 24.65 -37.42
C ILE C 53 -6.49 24.46 -38.89
N GLY C 54 -7.07 25.50 -39.48
CA GLY C 54 -7.52 25.40 -40.86
C GLY C 54 -8.71 24.48 -40.96
N ALA C 55 -8.62 23.46 -41.82
CA ALA C 55 -9.71 22.49 -41.98
C ALA C 55 -9.22 21.09 -41.62
N LYS C 56 -8.12 21.03 -40.88
CA LYS C 56 -7.56 19.75 -40.44
C LYS C 56 -7.61 19.70 -38.92
N THR C 57 -7.32 18.53 -38.34
CA THR C 57 -7.35 18.37 -36.89
C THR C 57 -5.98 18.02 -36.28
N VAL C 58 -5.97 17.81 -34.96
CA VAL C 58 -4.75 17.43 -34.21
C VAL C 58 -5.24 16.56 -33.08
N PRO C 59 -5.18 15.24 -33.24
CA PRO C 59 -5.64 14.34 -32.16
C PRO C 59 -5.13 14.75 -30.79
N LYS C 60 -6.05 14.76 -29.81
CA LYS C 60 -5.70 15.12 -28.44
C LYS C 60 -5.05 13.88 -27.83
N VAL C 61 -3.75 13.82 -27.95
CA VAL C 61 -2.98 12.70 -27.44
C VAL C 61 -2.43 12.99 -26.06
N SER C 62 -3.05 12.37 -25.05
CA SER C 62 -2.63 12.57 -23.66
C SER C 62 -1.87 11.40 -23.12
N ALA C 63 -1.38 11.59 -21.90
CA ALA C 63 -0.64 10.56 -21.20
C ALA C 63 -1.60 9.81 -20.29
N ASN C 64 -2.86 10.24 -20.30
CA ASN C 64 -3.86 9.58 -19.47
C ASN C 64 -5.00 9.02 -20.31
N GLN C 65 -4.68 8.08 -21.21
CA GLN C 65 -5.67 7.43 -22.06
C GLN C 65 -5.23 6.01 -22.30
N TYR C 66 -6.15 5.08 -22.11
CA TYR C 66 -5.82 3.69 -22.30
C TYR C 66 -5.54 3.37 -23.77
N ARG C 67 -4.28 3.25 -24.15
CA ARG C 67 -4.00 2.88 -25.52
C ARG C 67 -4.53 1.46 -25.65
N VAL C 68 -5.56 1.25 -26.46
CA VAL C 68 -6.06 -0.10 -26.62
C VAL C 68 -5.84 -0.62 -28.02
N PHE C 69 -4.90 -1.55 -28.12
CA PHE C 69 -4.54 -2.13 -29.39
C PHE C 69 -5.40 -3.31 -29.72
N LYS C 70 -5.75 -3.44 -31.00
CA LYS C 70 -6.42 -4.63 -31.46
C LYS C 70 -5.32 -5.24 -32.29
N ILE C 71 -4.77 -6.34 -31.79
CA ILE C 71 -3.71 -6.99 -32.54
C ILE C 71 -4.42 -8.01 -33.37
N GLN C 72 -4.59 -7.72 -34.66
CA GLN C 72 -5.29 -8.68 -35.49
C GLN C 72 -4.31 -9.69 -36.04
N LEU C 73 -4.63 -10.96 -35.83
CA LEU C 73 -3.76 -12.01 -36.28
C LEU C 73 -4.01 -12.55 -37.65
N PRO C 74 -3.07 -13.35 -38.14
CA PRO C 74 -3.12 -13.98 -39.45
C PRO C 74 -3.84 -15.27 -39.18
N ASP C 75 -4.92 -15.56 -39.89
CA ASP C 75 -5.70 -16.73 -39.54
C ASP C 75 -4.82 -17.96 -39.66
N PRO C 76 -4.74 -18.71 -38.56
CA PRO C 76 -3.93 -19.92 -38.46
C PRO C 76 -4.43 -21.07 -39.33
N ASN C 77 -5.75 -21.22 -39.37
CA ASN C 77 -6.37 -22.39 -39.99
C ASN C 77 -6.26 -22.30 -41.51
N GLN C 78 -5.68 -21.21 -42.00
CA GLN C 78 -5.54 -21.00 -43.43
C GLN C 78 -4.08 -20.85 -43.84
N PHE C 79 -3.21 -21.59 -43.16
CA PHE C 79 -1.79 -21.54 -43.45
C PHE C 79 -1.29 -22.57 -44.41
N ALA C 80 0.02 -22.78 -44.35
CA ALA C 80 0.71 -23.75 -45.18
C ALA C 80 1.12 -24.96 -44.34
N LEU C 81 0.80 -26.12 -44.88
CA LEU C 81 1.07 -27.40 -44.26
C LEU C 81 1.84 -28.24 -45.28
N PRO C 82 3.17 -28.30 -45.12
CA PRO C 82 4.04 -29.06 -46.03
C PRO C 82 3.95 -30.59 -45.85
N ASP C 83 3.33 -31.00 -44.74
CA ASP C 83 3.20 -32.40 -44.38
C ASP C 83 1.78 -32.96 -44.17
N ARG C 84 1.70 -34.28 -43.96
CA ARG C 84 0.43 -34.97 -43.71
C ARG C 84 0.14 -34.92 -42.19
N THR C 85 1.21 -34.71 -41.41
CA THR C 85 1.15 -34.62 -39.93
C THR C 85 0.30 -33.44 -39.45
N VAL C 86 0.31 -32.36 -40.23
CA VAL C 86 -0.49 -31.19 -39.90
C VAL C 86 -1.93 -31.70 -39.84
N HIS C 87 -2.75 -31.11 -38.97
CA HIS C 87 -4.07 -31.68 -38.66
C HIS C 87 -4.96 -31.94 -39.88
N ASN C 88 -5.68 -33.06 -39.81
CA ASN C 88 -6.54 -33.47 -40.89
C ASN C 88 -7.56 -32.38 -41.13
N PRO C 89 -7.96 -32.22 -42.38
CA PRO C 89 -8.79 -31.08 -42.78
C PRO C 89 -10.12 -31.03 -42.03
N SER C 90 -10.76 -32.17 -41.78
CA SER C 90 -12.03 -32.09 -41.06
C SER C 90 -12.08 -32.47 -39.58
N LYS C 91 -11.04 -33.09 -39.05
CA LYS C 91 -11.07 -33.46 -37.63
C LYS C 91 -10.81 -32.26 -36.73
N GLU C 92 -9.79 -31.46 -37.09
CA GLU C 92 -9.26 -30.36 -36.26
C GLU C 92 -8.97 -29.00 -36.96
N ARG C 93 -8.81 -27.95 -36.14
CA ARG C 93 -8.64 -26.57 -36.55
C ARG C 93 -7.48 -26.00 -35.75
N LEU C 94 -6.75 -25.07 -36.35
CA LEU C 94 -5.63 -24.46 -35.65
C LEU C 94 -5.93 -23.05 -35.22
N VAL C 95 -5.25 -22.62 -34.17
CA VAL C 95 -5.44 -21.28 -33.68
C VAL C 95 -4.14 -20.75 -33.13
N TRP C 96 -4.24 -19.67 -32.40
CA TRP C 96 -3.06 -19.08 -31.82
C TRP C 96 -3.17 -19.13 -30.31
N ALA C 97 -2.04 -19.16 -29.63
CA ALA C 97 -2.03 -19.16 -28.18
C ALA C 97 -0.84 -18.30 -27.76
N VAL C 98 -1.10 -17.25 -26.99
CA VAL C 98 -0.01 -16.40 -26.53
C VAL C 98 0.75 -17.01 -25.37
N ILE C 99 2.05 -16.83 -25.41
CA ILE C 99 2.89 -17.37 -24.37
C ILE C 99 3.63 -16.23 -23.78
N GLY C 100 4.05 -15.33 -24.64
CA GLY C 100 4.79 -14.19 -24.15
C GLY C 100 4.38 -12.88 -24.77
N VAL C 101 4.40 -11.86 -23.94
CA VAL C 101 4.07 -10.52 -24.38
C VAL C 101 5.04 -9.57 -23.75
N GLN C 102 5.50 -8.63 -24.55
CA GLN C 102 6.43 -7.67 -24.02
C GLN C 102 6.15 -6.34 -24.67
N VAL C 103 5.46 -5.50 -23.93
CA VAL C 103 5.12 -4.16 -24.35
C VAL C 103 6.29 -3.26 -24.04
N SER C 104 6.84 -2.65 -25.07
CA SER C 104 7.98 -1.78 -24.86
C SER C 104 7.58 -0.32 -25.01
N ARG C 105 7.94 0.49 -24.02
CA ARG C 105 7.63 1.91 -24.01
C ARG C 105 8.87 2.75 -24.21
N GLY C 106 9.01 3.36 -25.37
CA GLY C 106 10.19 4.16 -25.63
C GLY C 106 10.06 5.66 -25.51
N GLN C 107 10.45 6.22 -24.37
CA GLN C 107 10.39 7.67 -24.13
C GLN C 107 11.14 7.97 -22.85
N PRO C 108 11.53 9.23 -22.64
CA PRO C 108 12.25 9.57 -21.41
C PRO C 108 11.30 9.60 -20.24
N LEU C 109 11.70 8.97 -19.13
CA LEU C 109 10.88 8.92 -17.93
C LEU C 109 10.61 10.32 -17.39
N GLY C 110 9.56 10.47 -16.60
CA GLY C 110 9.20 11.76 -16.03
C GLY C 110 7.80 11.77 -15.43
N GLY C 111 7.40 12.89 -14.83
CA GLY C 111 6.07 12.95 -14.24
C GLY C 111 5.06 13.67 -15.11
N THR C 112 3.79 13.28 -15.01
CA THR C 112 2.75 13.93 -15.81
C THR C 112 2.05 15.01 -15.04
N VAL C 113 1.90 16.17 -15.67
CA VAL C 113 1.21 17.27 -15.03
C VAL C 113 0.02 17.66 -15.89
N THR C 114 -0.95 18.27 -15.25
CA THR C 114 -2.16 18.72 -15.91
C THR C 114 -2.68 19.87 -15.07
N GLY C 115 -3.33 20.82 -15.71
CA GLY C 115 -3.87 21.93 -14.95
C GLY C 115 -5.17 22.38 -15.56
N HIS C 116 -5.49 23.65 -15.38
CA HIS C 116 -6.70 24.22 -15.92
C HIS C 116 -6.64 25.72 -15.78
N PRO C 117 -7.11 26.43 -16.80
CA PRO C 117 -7.10 27.89 -16.77
C PRO C 117 -7.81 28.46 -15.54
N THR C 118 -9.10 28.13 -15.36
CA THR C 118 -9.86 28.62 -14.20
C THR C 118 -10.54 27.52 -13.38
N PHE C 119 -9.83 27.06 -12.36
CA PHE C 119 -10.32 26.00 -11.49
C PHE C 119 -11.20 26.57 -10.38
N ASN C 120 -11.92 25.69 -9.69
CA ASN C 120 -12.81 26.11 -8.62
C ASN C 120 -12.32 25.71 -7.23
N ALA C 121 -11.49 26.57 -6.64
CA ALA C 121 -10.95 26.32 -5.32
C ALA C 121 -10.91 27.61 -4.50
N LEU C 122 -11.85 27.73 -3.56
CA LEU C 122 -11.93 28.89 -2.66
C LEU C 122 -10.82 29.07 -1.61
N LEU C 123 -10.44 27.98 -0.93
CA LEU C 123 -9.48 28.04 0.17
C LEU C 123 -8.84 26.69 0.50
N ASP C 124 -7.75 26.70 1.26
CA ASP C 124 -7.02 25.46 1.52
C ASP C 124 -6.73 25.22 3.00
N ALA C 125 -5.99 24.15 3.28
CA ALA C 125 -5.63 23.78 4.64
C ALA C 125 -4.45 24.59 5.14
N GLU C 126 -4.74 25.80 5.61
CA GLU C 126 -3.71 26.71 6.13
C GLU C 126 -4.23 27.44 7.39
N ASN C 127 -3.39 27.53 8.41
CA ASN C 127 -3.81 28.16 9.67
C ASN C 127 -3.56 29.65 9.82
N VAL C 128 -2.58 30.20 9.10
CA VAL C 128 -2.29 31.61 9.25
C VAL C 128 -2.84 32.45 8.08
N ASN C 129 -3.63 31.81 7.21
CA ASN C 129 -4.21 32.54 6.08
C ASN C 129 -5.36 33.44 6.56
N ARG C 130 -5.48 34.63 5.97
CA ARG C 130 -6.52 35.58 6.35
C ARG C 130 -7.91 34.92 6.34
N LYS C 131 -8.89 35.57 6.97
CA LYS C 131 -10.26 35.03 7.02
C LYS C 131 -10.96 34.98 5.67
N VAL C 132 -11.77 33.93 5.46
CA VAL C 132 -12.51 33.72 4.22
C VAL C 132 -13.45 34.84 3.79
N THR C 133 -13.09 35.51 2.70
CA THR C 133 -13.90 36.60 2.17
C THR C 133 -15.12 35.93 1.52
N THR C 134 -16.27 36.59 1.63
CA THR C 134 -17.47 36.08 1.02
C THR C 134 -17.06 35.79 -0.42
N GLN C 135 -17.61 34.74 -1.01
CA GLN C 135 -17.23 34.43 -2.39
C GLN C 135 -17.60 35.60 -3.30
N THR C 136 -16.63 36.03 -4.09
CA THR C 136 -16.82 37.11 -5.05
C THR C 136 -17.49 36.51 -6.27
N THR C 137 -17.68 37.31 -7.31
CA THR C 137 -18.36 36.81 -8.49
C THR C 137 -17.56 35.62 -8.99
N ASP C 138 -16.23 35.73 -8.90
CA ASP C 138 -15.36 34.61 -9.27
C ASP C 138 -14.25 34.44 -8.24
N ASP C 139 -13.82 33.20 -8.04
CA ASP C 139 -12.75 32.89 -7.09
C ASP C 139 -11.78 31.90 -7.75
N ARG C 140 -12.10 31.52 -8.99
CA ARG C 140 -11.26 30.60 -9.76
C ARG C 140 -9.88 31.18 -9.90
N LYS C 141 -8.90 30.33 -10.19
CA LYS C 141 -7.53 30.80 -10.35
C LYS C 141 -6.88 29.83 -11.28
N GLN C 142 -5.63 30.09 -11.66
CA GLN C 142 -4.96 29.15 -12.54
C GLN C 142 -4.47 28.06 -11.59
N THR C 143 -4.74 26.79 -11.93
CA THR C 143 -4.41 25.66 -11.08
C THR C 143 -3.49 24.58 -11.63
N GLY C 144 -2.46 24.26 -10.86
CA GLY C 144 -1.57 23.20 -11.25
C GLY C 144 -2.10 21.98 -10.53
N LEU C 145 -1.96 20.80 -11.11
CA LEU C 145 -2.46 19.59 -10.47
C LEU C 145 -1.73 18.39 -11.06
N ASP C 146 -0.80 17.83 -10.29
CA ASP C 146 -0.02 16.66 -10.72
C ASP C 146 -0.90 15.41 -10.89
N ALA C 147 -0.54 14.60 -11.88
CA ALA C 147 -1.26 13.36 -12.17
C ALA C 147 -1.11 12.31 -11.06
N LYS C 148 -2.14 11.50 -10.86
CA LYS C 148 -2.12 10.51 -9.79
C LYS C 148 -1.48 9.21 -10.32
N GLN C 149 -0.15 9.13 -10.35
CA GLN C 149 0.52 8.06 -11.08
C GLN C 149 0.07 6.60 -10.87
N GLN C 150 -0.12 5.93 -12.01
CA GLN C 150 -0.58 4.55 -12.10
C GLN C 150 -0.19 3.90 -13.45
N GLN C 151 -0.28 2.57 -13.50
CA GLN C 151 0.06 1.76 -14.68
C GLN C 151 -0.80 0.53 -14.81
N ILE C 152 -1.36 0.32 -15.99
CA ILE C 152 -2.25 -0.81 -16.22
C ILE C 152 -1.95 -1.54 -17.52
N LEU C 153 -1.75 -2.84 -17.43
CA LEU C 153 -1.56 -3.66 -18.62
C LEU C 153 -2.44 -4.91 -18.55
N LEU C 154 -3.16 -5.19 -19.62
CA LEU C 154 -3.91 -6.44 -19.66
C LEU C 154 -4.25 -6.92 -21.04
N LEU C 155 -3.89 -8.18 -21.25
CA LEU C 155 -4.06 -8.89 -22.48
C LEU C 155 -5.22 -9.86 -22.39
N GLY C 156 -5.94 -10.00 -23.48
CA GLY C 156 -7.08 -10.90 -23.52
C GLY C 156 -7.64 -11.13 -24.91
N CYS C 157 -8.81 -11.74 -24.95
CA CYS C 157 -9.47 -12.05 -26.20
C CYS C 157 -10.51 -10.98 -26.56
N THR C 158 -11.28 -10.56 -25.56
CA THR C 158 -12.32 -9.57 -25.72
C THR C 158 -11.90 -8.27 -25.04
N PRO C 159 -12.40 -7.13 -25.51
CA PRO C 159 -12.06 -5.85 -24.91
C PRO C 159 -12.33 -5.81 -23.40
N ALA C 160 -11.41 -5.18 -22.66
CA ALA C 160 -11.54 -5.06 -21.22
C ALA C 160 -12.71 -4.17 -20.83
N GLU C 161 -13.32 -4.50 -19.70
CA GLU C 161 -14.48 -3.75 -19.21
C GLU C 161 -14.17 -2.78 -18.08
N GLY C 162 -14.80 -1.61 -18.14
CA GLY C 162 -14.61 -0.61 -17.12
C GLY C 162 -15.92 -0.22 -16.47
N GLU C 163 -15.83 0.48 -15.36
CA GLU C 163 -16.99 0.92 -14.61
C GLU C 163 -16.89 2.43 -14.36
N TYR C 164 -18.03 3.07 -14.09
CA TYR C 164 -18.12 4.51 -13.89
C TYR C 164 -19.47 4.90 -13.26
N TRP C 165 -19.59 6.14 -12.80
CA TRP C 165 -20.87 6.59 -12.27
C TRP C 165 -21.56 7.58 -13.18
N THR C 166 -22.88 7.46 -13.26
CA THR C 166 -23.68 8.35 -14.09
C THR C 166 -24.96 8.64 -13.34
N THR C 167 -25.83 9.43 -13.97
CA THR C 167 -27.09 9.79 -13.36
C THR C 167 -28.19 8.88 -13.88
N ALA C 168 -28.86 8.17 -12.96
CA ALA C 168 -29.95 7.29 -13.34
C ALA C 168 -31.26 8.08 -13.41
N ARG C 169 -32.07 7.81 -14.42
CA ARG C 169 -33.36 8.50 -14.54
C ARG C 169 -34.03 8.50 -13.15
N PRO C 170 -34.51 9.67 -12.77
CA PRO C 170 -35.28 9.91 -11.55
C PRO C 170 -36.69 9.37 -11.74
N CYS C 171 -37.34 9.05 -10.64
CA CYS C 171 -38.68 8.50 -10.61
C CYS C 171 -39.80 9.49 -10.90
N VAL C 172 -40.96 8.95 -11.23
CA VAL C 172 -42.13 9.75 -11.47
C VAL C 172 -42.44 10.50 -10.18
N THR C 173 -42.28 9.83 -9.04
CA THR C 173 -42.56 10.50 -7.77
C THR C 173 -41.96 11.91 -7.88
N ASP C 174 -42.75 12.93 -7.56
CA ASP C 174 -42.28 14.30 -7.70
C ASP C 174 -42.14 15.15 -6.42
N ARG C 175 -40.89 15.35 -6.00
CA ARG C 175 -40.52 16.17 -4.84
C ARG C 175 -39.31 16.97 -5.36
N LEU C 176 -39.20 16.99 -6.68
CA LEU C 176 -38.13 17.65 -7.42
C LEU C 176 -38.06 19.17 -7.34
N GLU C 177 -36.86 19.68 -7.54
CA GLU C 177 -36.55 21.10 -7.55
C GLU C 177 -35.52 21.22 -8.67
N ASN C 178 -35.10 22.43 -8.97
CA ASN C 178 -34.12 22.62 -10.04
C ASN C 178 -32.70 22.28 -9.64
N GLY C 179 -32.32 22.64 -8.42
CA GLY C 179 -30.97 22.35 -7.97
C GLY C 179 -30.84 21.03 -7.23
N ALA C 180 -31.89 20.22 -7.25
CA ALA C 180 -31.86 18.94 -6.55
C ALA C 180 -30.79 18.03 -7.13
N CYS C 181 -30.07 17.34 -6.25
CA CYS C 181 -29.00 16.45 -6.67
C CYS C 181 -29.51 15.23 -7.44
N PRO C 182 -28.79 14.88 -8.50
CA PRO C 182 -29.14 13.71 -9.32
C PRO C 182 -28.84 12.39 -8.62
N PRO C 183 -29.66 11.38 -8.86
CA PRO C 183 -29.44 10.04 -8.31
C PRO C 183 -28.25 9.51 -9.06
N LEU C 184 -27.59 8.49 -8.52
CA LEU C 184 -26.43 7.92 -9.19
C LEU C 184 -26.56 6.44 -9.37
N GLU C 185 -25.76 5.90 -10.29
CA GLU C 185 -25.82 4.48 -10.54
C GLU C 185 -24.58 4.02 -11.29
N LEU C 186 -24.18 2.77 -11.06
CA LEU C 186 -23.01 2.20 -11.69
C LEU C 186 -23.28 1.67 -13.09
N LYS C 187 -22.31 1.79 -13.99
CA LYS C 187 -22.49 1.28 -15.35
C LYS C 187 -21.21 0.71 -15.92
N ASN C 188 -21.39 -0.32 -16.75
CA ASN C 188 -20.26 -0.99 -17.37
C ASN C 188 -20.13 -0.48 -18.78
N LYS C 189 -18.97 -0.70 -19.38
CA LYS C 189 -18.71 -0.32 -20.75
C LYS C 189 -17.41 -0.98 -21.12
N HIS C 190 -17.09 -1.06 -22.41
CA HIS C 190 -15.76 -1.57 -22.71
C HIS C 190 -14.81 -0.40 -22.83
N ILE C 191 -13.52 -0.71 -22.78
CA ILE C 191 -12.49 0.32 -22.87
C ILE C 191 -12.03 0.47 -24.34
N GLU C 192 -12.21 1.66 -24.90
CA GLU C 192 -11.83 1.97 -26.29
C GLU C 192 -10.46 2.65 -26.37
N ASP C 193 -10.06 3.14 -27.54
CA ASP C 193 -8.73 3.75 -27.66
C ASP C 193 -8.47 5.09 -27.00
N GLY C 194 -9.44 6.00 -27.04
CA GLY C 194 -9.21 7.31 -26.44
C GLY C 194 -10.00 7.56 -25.18
N ASP C 195 -9.86 6.70 -24.17
CA ASP C 195 -10.60 6.90 -22.93
C ASP C 195 -9.70 7.51 -21.89
N MET C 196 -10.31 8.00 -20.82
CA MET C 196 -9.55 8.64 -19.77
C MET C 196 -9.12 7.75 -18.59
N MET C 197 -7.88 7.97 -18.15
CA MET C 197 -7.28 7.29 -17.02
C MET C 197 -7.84 7.93 -15.77
N GLU C 198 -7.72 7.25 -14.63
CA GLU C 198 -8.26 7.83 -13.42
C GLU C 198 -7.25 8.74 -12.75
N ILE C 199 -7.54 10.04 -12.81
CA ILE C 199 -6.79 11.05 -12.11
C ILE C 199 -7.42 11.69 -10.89
N GLY C 200 -7.27 11.04 -9.74
CA GLY C 200 -7.76 11.61 -8.51
C GLY C 200 -9.24 11.76 -8.22
N PHE C 201 -10.10 11.73 -9.20
CA PHE C 201 -11.51 11.89 -8.86
C PHE C 201 -12.28 10.68 -9.28
N GLY C 202 -13.41 10.45 -8.63
CA GLY C 202 -14.24 9.31 -8.97
C GLY C 202 -14.50 9.25 -10.45
N ALA C 203 -14.80 8.06 -10.97
CA ALA C 203 -15.06 7.85 -12.39
C ALA C 203 -16.50 8.12 -12.81
N ALA C 204 -16.68 9.01 -13.78
CA ALA C 204 -18.02 9.33 -14.25
C ALA C 204 -17.96 10.17 -15.52
N ASN C 205 -19.04 10.08 -16.28
CA ASN C 205 -19.13 10.84 -17.49
C ASN C 205 -19.48 12.14 -16.83
N PHE C 206 -18.43 12.93 -16.66
CA PHE C 206 -18.46 14.15 -15.90
C PHE C 206 -19.41 15.10 -16.60
N LYS C 207 -19.62 14.84 -17.88
CA LYS C 207 -20.43 15.73 -18.68
C LYS C 207 -21.73 16.13 -17.98
N GLU C 208 -22.28 15.23 -17.17
CA GLU C 208 -23.51 15.52 -16.46
C GLU C 208 -23.29 15.82 -14.99
N ILE C 209 -22.04 15.87 -14.58
CA ILE C 209 -21.73 16.13 -13.18
C ILE C 209 -21.11 17.49 -12.97
N ASN C 210 -20.31 17.93 -13.95
CA ASN C 210 -19.75 19.26 -13.87
C ASN C 210 -20.54 20.18 -14.79
N ALA C 211 -21.43 20.96 -14.19
CA ALA C 211 -22.21 21.94 -14.93
C ALA C 211 -21.52 23.27 -14.72
N SER C 212 -20.41 23.23 -14.00
CA SER C 212 -19.69 24.45 -13.64
C SER C 212 -18.44 24.70 -14.48
N LYS C 213 -17.85 23.63 -15.00
CA LYS C 213 -16.71 23.71 -15.89
C LYS C 213 -15.45 24.04 -15.11
N SER C 214 -15.61 24.18 -13.79
CA SER C 214 -14.48 24.53 -12.92
C SER C 214 -14.12 23.38 -11.99
N ASP C 215 -14.74 22.23 -12.19
CA ASP C 215 -14.49 21.10 -11.31
C ASP C 215 -13.51 20.04 -11.76
N LEU C 216 -12.87 20.21 -12.90
CA LEU C 216 -11.94 19.18 -13.33
C LEU C 216 -10.68 19.75 -13.96
N PRO C 217 -9.66 18.91 -14.12
CA PRO C 217 -8.44 19.44 -14.74
C PRO C 217 -8.80 19.50 -16.23
N LEU C 218 -8.40 20.56 -16.93
CA LEU C 218 -8.96 20.86 -18.24
C LEU C 218 -8.87 19.69 -19.22
N ASP C 219 -7.80 18.92 -19.17
CA ASP C 219 -7.65 17.75 -20.04
C ASP C 219 -8.74 16.67 -19.84
N ILE C 220 -9.11 16.42 -18.59
CA ILE C 220 -10.00 15.33 -18.24
C ILE C 220 -11.46 15.73 -18.48
N GLN C 221 -11.78 16.97 -18.13
CA GLN C 221 -13.13 17.50 -18.27
C GLN C 221 -13.92 17.16 -19.54
N ASN C 222 -15.23 16.99 -19.36
CA ASN C 222 -16.12 16.72 -20.46
C ASN C 222 -15.89 15.35 -21.11
N GLU C 223 -15.05 14.55 -20.47
CA GLU C 223 -14.71 13.22 -20.96
C GLU C 223 -14.94 12.20 -19.86
N ILE C 224 -15.13 10.95 -20.25
CA ILE C 224 -15.39 9.89 -19.27
C ILE C 224 -14.16 9.17 -18.71
N CYS C 225 -14.12 9.14 -17.38
CA CYS C 225 -13.09 8.48 -16.60
C CYS C 225 -13.48 7.03 -16.34
N LEU C 226 -12.75 6.09 -16.89
CA LEU C 226 -13.07 4.70 -16.65
C LEU C 226 -12.19 4.11 -15.57
N TYR C 227 -12.38 2.84 -15.32
CA TYR C 227 -11.57 2.16 -14.36
C TYR C 227 -11.65 0.67 -14.66
N PRO C 228 -10.71 -0.10 -14.16
CA PRO C 228 -10.73 -1.54 -14.44
C PRO C 228 -11.69 -2.21 -13.46
N ASP C 229 -12.75 -2.79 -13.99
CA ASP C 229 -13.72 -3.48 -13.15
C ASP C 229 -13.19 -4.88 -12.93
N TYR C 230 -12.11 -4.96 -12.17
CA TYR C 230 -11.49 -6.25 -11.91
C TYR C 230 -12.50 -7.28 -11.44
N LEU C 231 -13.46 -6.86 -10.64
CA LEU C 231 -14.46 -7.78 -10.14
C LEU C 231 -15.18 -8.52 -11.27
N LYS C 232 -15.61 -7.77 -12.26
CA LYS C 232 -16.32 -8.33 -13.41
C LYS C 232 -15.43 -9.31 -14.19
N MET C 233 -14.19 -8.92 -14.41
CA MET C 233 -13.23 -9.74 -15.16
C MET C 233 -12.97 -11.08 -14.51
N ALA C 234 -12.95 -11.09 -13.18
CA ALA C 234 -12.69 -12.32 -12.44
C ALA C 234 -13.90 -13.23 -12.38
N GLU C 235 -15.04 -12.75 -12.85
CA GLU C 235 -16.23 -13.57 -12.79
C GLU C 235 -16.59 -14.30 -14.09
N ASP C 236 -16.28 -13.71 -15.24
CA ASP C 236 -16.61 -14.34 -16.52
C ASP C 236 -16.02 -15.72 -16.66
N ALA C 237 -16.87 -16.68 -17.01
CA ALA C 237 -16.43 -18.05 -17.16
C ALA C 237 -15.28 -18.12 -18.15
N ALA C 238 -15.50 -17.57 -19.33
CA ALA C 238 -14.49 -17.55 -20.38
C ALA C 238 -13.15 -17.09 -19.85
N GLY C 239 -13.13 -15.86 -19.36
CA GLY C 239 -11.89 -15.30 -18.86
C GLY C 239 -11.34 -14.53 -20.03
N ASN C 240 -12.08 -14.53 -21.13
CA ASN C 240 -11.68 -13.83 -22.33
C ASN C 240 -11.33 -12.40 -22.02
N SER C 241 -11.99 -11.85 -21.02
CA SER C 241 -11.75 -10.47 -20.63
C SER C 241 -10.28 -10.15 -20.41
N MET C 242 -9.55 -11.03 -19.72
CA MET C 242 -8.13 -10.83 -19.47
C MET C 242 -7.32 -12.13 -19.23
N PHE C 243 -6.27 -12.36 -20.00
CA PHE C 243 -5.42 -13.55 -19.81
C PHE C 243 -4.66 -13.47 -18.49
N PHE C 244 -4.14 -12.27 -18.23
CA PHE C 244 -3.39 -11.88 -17.04
C PHE C 244 -3.43 -10.35 -17.00
N PHE C 245 -2.75 -9.75 -16.05
CA PHE C 245 -2.74 -8.30 -15.95
C PHE C 245 -1.87 -7.85 -14.78
N ALA C 246 -1.37 -6.61 -14.87
CA ALA C 246 -0.54 -6.04 -13.83
C ALA C 246 -0.95 -4.59 -13.56
N ARG C 247 -0.79 -4.14 -12.32
CA ARG C 247 -1.13 -2.77 -11.99
C ARG C 247 -0.26 -2.28 -10.85
N LYS C 248 0.21 -1.04 -10.96
CA LYS C 248 1.01 -0.43 -9.92
C LYS C 248 0.57 1.00 -9.90
N GLU C 249 0.13 1.48 -8.74
CA GLU C 249 -0.31 2.85 -8.68
C GLU C 249 -0.19 3.39 -7.27
N GLN C 250 0.47 4.54 -7.13
CA GLN C 250 0.60 5.13 -5.82
C GLN C 250 0.07 6.52 -5.90
N VAL C 251 -0.52 6.98 -4.81
CA VAL C 251 -1.06 8.32 -4.77
C VAL C 251 -1.24 8.68 -3.32
N TYR C 252 -1.49 9.96 -3.07
CA TYR C 252 -1.70 10.45 -1.73
C TYR C 252 -2.06 11.91 -1.89
N VAL C 253 -2.73 12.44 -0.87
CA VAL C 253 -3.15 13.82 -0.89
C VAL C 253 -1.95 14.73 -0.82
N ARG C 254 -2.03 15.88 -1.48
CA ARG C 254 -0.92 16.83 -1.50
C ARG C 254 -1.31 18.24 -1.08
N HIS C 255 -2.59 18.53 -1.16
CA HIS C 255 -3.13 19.83 -0.76
C HIS C 255 -4.55 19.48 -0.44
N ILE C 256 -5.27 20.40 0.17
CA ILE C 256 -6.65 20.12 0.46
C ILE C 256 -7.42 21.38 0.11
N TRP C 257 -8.39 21.25 -0.79
CA TRP C 257 -9.14 22.43 -1.19
C TRP C 257 -10.63 22.40 -0.94
N THR C 258 -11.27 23.50 -1.33
CA THR C 258 -12.69 23.66 -1.14
C THR C 258 -13.39 24.20 -2.37
N ARG C 259 -14.48 23.55 -2.74
CA ARG C 259 -15.27 24.00 -3.87
C ARG C 259 -15.78 25.40 -3.59
N GLY C 260 -16.42 26.02 -4.57
CA GLY C 260 -16.93 27.36 -4.36
C GLY C 260 -18.41 27.54 -4.68
N GLY C 261 -19.18 26.46 -4.59
CA GLY C 261 -20.59 26.55 -4.90
C GLY C 261 -21.53 26.85 -3.74
N SER C 262 -22.67 27.42 -4.08
CA SER C 262 -23.66 27.75 -3.08
C SER C 262 -24.16 26.41 -2.53
N GLU C 263 -24.51 26.38 -1.25
CA GLU C 263 -24.96 25.15 -0.63
C GLU C 263 -26.45 24.95 -0.46
N LYS C 264 -26.91 23.76 -0.84
CA LYS C 264 -28.31 23.39 -0.72
C LYS C 264 -28.51 22.56 0.53
N GLU C 265 -27.41 22.26 1.22
CA GLU C 265 -27.44 21.45 2.43
C GLU C 265 -26.24 21.73 3.33
N ALA C 266 -26.46 22.46 4.41
CA ALA C 266 -25.38 22.78 5.32
C ALA C 266 -25.51 21.90 6.54
N PRO C 267 -24.48 21.87 7.38
CA PRO C 267 -24.52 21.06 8.58
C PRO C 267 -25.53 21.67 9.56
N THR C 268 -26.47 20.86 10.03
CA THR C 268 -27.50 21.32 10.97
C THR C 268 -26.89 21.94 12.22
N THR C 269 -27.70 22.70 12.95
CA THR C 269 -27.25 23.35 14.17
C THR C 269 -26.68 22.40 15.22
N ASP C 270 -26.91 21.10 15.05
CA ASP C 270 -26.40 20.12 16.00
C ASP C 270 -24.90 19.86 15.77
N PHE C 271 -24.37 20.36 14.66
CA PHE C 271 -22.94 20.22 14.34
C PHE C 271 -22.24 21.55 14.38
N TYR C 272 -22.87 22.57 13.79
CA TYR C 272 -22.28 23.90 13.75
C TYR C 272 -22.80 24.81 14.86
N LEU C 273 -21.90 25.24 15.75
CA LEU C 273 -22.27 26.14 16.83
C LEU C 273 -22.08 27.59 16.41
N LYS C 274 -23.16 28.35 16.41
CA LYS C 274 -23.14 29.75 16.00
C LYS C 274 -22.28 30.62 16.94
N ASN C 275 -21.93 31.82 16.47
CA ASN C 275 -21.14 32.74 17.28
C ASN C 275 -21.75 34.14 17.26
N ASN C 276 -21.22 35.02 18.10
CA ASN C 276 -21.70 36.39 18.22
C ASN C 276 -21.66 37.13 16.89
N LYS C 277 -22.76 37.83 16.59
CA LYS C 277 -22.81 38.59 15.36
C LYS C 277 -22.65 37.68 14.14
N GLY C 278 -22.66 36.38 14.35
CA GLY C 278 -22.51 35.43 13.26
C GLY C 278 -23.83 35.24 12.52
N ASP C 279 -23.91 34.21 11.66
CA ASP C 279 -25.14 33.95 10.91
C ASP C 279 -25.81 32.65 11.35
N ALA C 280 -27.14 32.65 11.36
CA ALA C 280 -27.91 31.49 11.77
C ALA C 280 -27.49 30.19 11.05
N THR C 281 -27.41 30.24 9.73
CA THR C 281 -27.02 29.07 8.94
C THR C 281 -25.69 29.33 8.23
N LEU C 282 -24.93 28.26 7.99
CA LEU C 282 -23.65 28.39 7.32
C LEU C 282 -23.87 28.59 5.82
N LYS C 283 -23.13 29.50 5.22
CA LYS C 283 -23.29 29.80 3.80
C LYS C 283 -22.16 29.38 2.88
N ILE C 284 -20.91 29.46 3.35
CA ILE C 284 -19.76 29.05 2.54
C ILE C 284 -19.74 27.51 2.48
N PRO C 285 -19.69 26.93 1.27
CA PRO C 285 -19.67 25.48 1.03
C PRO C 285 -18.59 24.70 1.78
N SER C 286 -18.91 23.49 2.18
CA SER C 286 -17.96 22.73 2.97
C SER C 286 -17.71 21.40 2.30
N VAL C 287 -17.01 21.48 1.17
CA VAL C 287 -16.57 20.32 0.44
C VAL C 287 -15.06 20.40 0.45
N HIS C 288 -14.44 19.35 0.97
CA HIS C 288 -13.00 19.26 1.06
C HIS C 288 -12.44 18.12 0.24
N PHE C 289 -12.08 18.39 -1.02
CA PHE C 289 -11.49 17.34 -1.85
C PHE C 289 -10.00 17.63 -1.90
N GLY C 290 -9.20 16.57 -1.85
CA GLY C 290 -7.77 16.75 -1.90
C GLY C 290 -7.30 16.64 -3.34
N SER C 291 -6.09 17.11 -3.59
CA SER C 291 -5.45 16.98 -4.88
C SER C 291 -4.39 15.90 -4.73
N PRO C 292 -4.41 14.92 -5.63
CA PRO C 292 -3.50 13.77 -5.51
C PRO C 292 -2.24 13.92 -6.36
N SER C 293 -1.09 13.71 -5.73
CA SER C 293 0.20 13.79 -6.41
C SER C 293 0.85 12.41 -6.42
N GLY C 294 1.28 11.98 -7.61
CA GLY C 294 1.92 10.69 -7.77
C GLY C 294 3.25 10.61 -7.05
N SER C 295 3.55 9.42 -6.53
CA SER C 295 4.81 9.18 -5.83
C SER C 295 5.93 9.21 -6.86
N LEU C 296 7.15 9.47 -6.41
CA LEU C 296 8.26 9.57 -7.35
C LEU C 296 8.36 8.25 -8.11
N VAL C 297 8.57 8.35 -9.41
CA VAL C 297 8.58 7.19 -10.28
C VAL C 297 10.01 6.68 -10.39
N SER C 298 10.17 5.38 -10.52
CA SER C 298 11.51 4.83 -10.60
C SER C 298 11.78 4.03 -11.86
N THR C 299 13.03 3.62 -12.00
CA THR C 299 13.50 2.83 -13.13
C THR C 299 13.13 1.37 -12.93
N ASP C 300 12.74 1.04 -11.71
CA ASP C 300 12.38 -0.32 -11.37
C ASP C 300 10.87 -0.47 -11.22
N ASN C 301 10.18 0.57 -10.75
CA ASN C 301 8.75 0.42 -10.57
C ASN C 301 7.97 0.25 -11.86
N GLN C 302 8.35 0.93 -12.93
CA GLN C 302 7.57 0.82 -14.16
C GLN C 302 7.53 -0.62 -14.66
N ILE C 303 6.33 -1.10 -14.96
CA ILE C 303 6.13 -2.46 -15.46
C ILE C 303 6.16 -2.56 -16.98
N PHE C 304 7.35 -2.50 -17.57
CA PHE C 304 7.46 -2.62 -19.02
C PHE C 304 8.81 -3.06 -19.51
N ASN C 305 8.84 -3.44 -20.78
CA ASN C 305 10.08 -3.91 -21.36
C ASN C 305 10.44 -5.21 -20.65
N ARG C 306 9.52 -5.70 -19.82
CA ARG C 306 9.74 -6.94 -19.07
C ARG C 306 8.90 -8.04 -19.65
N PRO C 307 9.51 -8.93 -20.44
CA PRO C 307 8.72 -10.02 -21.01
C PRO C 307 7.88 -10.79 -19.99
N TYR C 308 6.59 -10.93 -20.28
CA TYR C 308 5.67 -11.65 -19.42
C TYR C 308 5.39 -13.03 -19.96
N TRP C 309 5.90 -14.04 -19.28
CA TRP C 309 5.64 -15.40 -19.70
C TRP C 309 4.34 -15.81 -19.06
N LEU C 310 3.35 -16.10 -19.89
CA LEU C 310 2.05 -16.51 -19.38
C LEU C 310 2.01 -18.03 -19.26
N PHE C 311 2.01 -18.58 -18.04
CA PHE C 311 1.96 -20.03 -17.94
C PHE C 311 0.60 -20.61 -17.64
N ARG C 312 -0.24 -19.87 -16.94
CA ARG C 312 -1.59 -20.35 -16.68
C ARG C 312 -2.41 -19.09 -16.52
N ALA C 313 -3.50 -18.97 -17.26
CA ALA C 313 -4.30 -17.77 -17.16
C ALA C 313 -5.16 -17.88 -15.90
N GLN C 314 -6.01 -16.90 -15.61
CA GLN C 314 -6.82 -16.92 -14.37
C GLN C 314 -8.28 -17.34 -14.57
N GLY C 315 -8.54 -18.01 -15.68
CA GLY C 315 -9.87 -18.26 -16.24
C GLY C 315 -9.75 -19.62 -16.89
N MET C 316 -10.79 -20.11 -17.55
CA MET C 316 -10.66 -21.43 -18.17
C MET C 316 -9.99 -21.30 -19.51
N ASN C 317 -9.55 -20.09 -19.83
CA ASN C 317 -8.92 -19.87 -21.13
C ASN C 317 -7.47 -19.44 -21.00
N ASN C 318 -6.55 -20.41 -20.96
CA ASN C 318 -5.13 -20.07 -20.83
C ASN C 318 -4.51 -19.53 -22.12
N GLY C 319 -4.98 -18.35 -22.54
CA GLY C 319 -4.43 -17.69 -23.72
C GLY C 319 -4.73 -18.18 -25.12
N ILE C 320 -5.99 -18.45 -25.42
CA ILE C 320 -6.37 -18.90 -26.75
C ILE C 320 -6.95 -17.76 -27.55
N ALA C 321 -6.28 -17.42 -28.64
CA ALA C 321 -6.73 -16.35 -29.48
C ALA C 321 -7.93 -16.82 -30.30
N TRP C 322 -9.09 -16.84 -29.64
CA TRP C 322 -10.34 -17.23 -30.29
C TRP C 322 -10.64 -16.10 -31.27
N ASN C 323 -11.09 -16.44 -32.47
CA ASN C 323 -11.38 -15.41 -33.45
C ASN C 323 -10.12 -14.75 -33.98
N ASN C 324 -8.98 -15.40 -33.81
CA ASN C 324 -7.71 -14.82 -34.27
C ASN C 324 -7.67 -13.34 -33.96
N LEU C 325 -7.82 -13.02 -32.67
CA LEU C 325 -7.82 -11.65 -32.22
C LEU C 325 -7.28 -11.49 -30.79
N LEU C 326 -6.61 -10.37 -30.54
CA LEU C 326 -6.06 -10.06 -29.24
C LEU C 326 -6.39 -8.65 -28.85
N PHE C 327 -6.46 -8.40 -27.55
CA PHE C 327 -6.75 -7.07 -27.07
C PHE C 327 -5.75 -6.66 -26.04
N LEU C 328 -5.01 -5.62 -26.36
CA LEU C 328 -4.03 -5.17 -25.44
C LEU C 328 -4.42 -3.82 -24.88
N THR C 329 -4.73 -3.79 -23.60
CA THR C 329 -5.11 -2.56 -22.94
C THR C 329 -3.96 -2.12 -22.07
N VAL C 330 -3.18 -1.16 -22.56
CA VAL C 330 -2.02 -0.72 -21.81
C VAL C 330 -2.06 0.78 -21.57
N GLY C 331 -2.05 1.16 -20.30
CA GLY C 331 -2.05 2.56 -19.94
C GLY C 331 -1.15 2.86 -18.77
N ASP C 332 -0.38 3.93 -18.89
CA ASP C 332 0.46 4.39 -17.79
C ASP C 332 0.82 5.85 -18.00
N ASN C 333 0.75 6.63 -16.93
CA ASN C 333 1.08 8.03 -17.06
C ASN C 333 2.54 8.23 -16.63
N THR C 334 3.28 7.15 -16.43
CA THR C 334 4.68 7.24 -16.01
C THR C 334 5.62 7.87 -17.04
N ARG C 335 5.66 7.29 -18.24
CA ARG C 335 6.54 7.80 -19.29
C ARG C 335 6.32 9.24 -19.68
N GLY C 336 5.06 9.60 -19.87
CA GLY C 336 4.70 10.94 -20.32
C GLY C 336 5.11 12.22 -19.60
N THR C 337 5.58 13.17 -20.39
CA THR C 337 5.97 14.51 -19.94
C THR C 337 5.66 15.36 -21.15
N ASN C 338 5.06 16.52 -20.90
CA ASN C 338 4.70 17.38 -21.99
C ASN C 338 5.85 18.12 -22.60
N LEU C 339 5.67 18.54 -23.84
CA LEU C 339 6.71 19.26 -24.53
C LEU C 339 6.26 20.65 -24.95
N THR C 340 6.98 21.66 -24.48
CA THR C 340 6.69 23.04 -24.79
C THR C 340 7.45 23.49 -26.02
N ILE C 341 6.98 24.56 -26.62
CA ILE C 341 7.63 25.11 -27.80
C ILE C 341 7.38 26.62 -27.79
N SER C 342 8.13 27.34 -28.60
CA SER C 342 7.98 28.78 -28.68
C SER C 342 8.43 29.31 -30.03
N VAL C 343 7.47 29.65 -30.86
CA VAL C 343 7.75 30.17 -32.18
C VAL C 343 7.56 31.67 -32.13
N ALA C 344 8.39 32.41 -32.88
CA ALA C 344 8.26 33.85 -32.91
C ALA C 344 6.99 34.16 -33.69
N SER C 345 6.20 35.12 -33.24
CA SER C 345 4.95 35.47 -33.91
C SER C 345 5.11 36.13 -35.28
N ASP C 346 6.36 36.33 -35.70
CA ASP C 346 6.65 36.97 -36.99
C ASP C 346 7.56 36.14 -37.91
N GLY C 347 8.21 35.13 -37.37
CA GLY C 347 9.07 34.30 -38.20
C GLY C 347 10.54 34.68 -38.12
N THR C 348 10.82 35.80 -37.44
CA THR C 348 12.19 36.28 -37.29
C THR C 348 12.59 36.25 -35.82
N PRO C 349 13.79 35.73 -35.50
CA PRO C 349 14.19 35.71 -34.08
C PRO C 349 13.96 37.07 -33.44
N LEU C 350 13.38 37.08 -32.25
CA LEU C 350 13.07 38.31 -31.53
C LEU C 350 14.32 39.08 -31.08
N THR C 351 14.40 40.36 -31.42
CA THR C 351 15.55 41.17 -31.03
C THR C 351 15.42 41.64 -29.60
N GLU C 352 14.17 41.79 -29.16
CA GLU C 352 13.89 42.23 -27.80
C GLU C 352 12.91 41.21 -27.22
N TYR C 353 12.76 41.20 -25.90
CA TYR C 353 11.85 40.26 -25.25
C TYR C 353 10.46 40.81 -24.97
N ASP C 354 9.47 40.35 -25.74
CA ASP C 354 8.09 40.79 -25.57
C ASP C 354 7.22 39.67 -25.06
N SER C 355 6.13 40.04 -24.44
CA SER C 355 5.20 39.05 -23.92
C SER C 355 4.26 38.60 -25.05
N SER C 356 4.24 39.35 -26.14
CA SER C 356 3.37 39.05 -27.28
C SER C 356 4.05 38.33 -28.43
N LYS C 357 5.36 38.51 -28.58
CA LYS C 357 6.10 37.90 -29.68
C LYS C 357 6.19 36.37 -29.74
N PHE C 358 6.44 35.70 -28.63
CA PHE C 358 6.55 34.25 -28.68
C PHE C 358 5.25 33.51 -28.36
N ASN C 359 4.81 32.68 -29.31
CA ASN C 359 3.60 31.89 -29.15
C ASN C 359 3.97 30.55 -28.57
N VAL C 360 3.38 30.24 -27.43
CA VAL C 360 3.63 28.97 -26.76
C VAL C 360 2.82 27.85 -27.35
N TYR C 361 3.50 26.82 -27.81
CA TYR C 361 2.82 25.68 -28.38
C TYR C 361 2.89 24.51 -27.45
N HIS C 362 2.08 23.51 -27.71
CA HIS C 362 2.01 22.43 -26.76
C HIS C 362 1.82 21.09 -27.46
N ARG C 363 2.90 20.30 -27.49
CA ARG C 363 2.92 19.01 -28.14
C ARG C 363 3.52 17.96 -27.21
N HIS C 364 2.93 16.77 -27.23
CA HIS C 364 3.36 15.66 -26.39
C HIS C 364 3.33 14.43 -27.26
N MET C 365 4.18 13.45 -26.97
CA MET C 365 4.32 12.35 -27.91
C MET C 365 4.52 11.04 -27.18
N GLU C 366 3.77 10.00 -27.56
CA GLU C 366 3.88 8.69 -26.92
C GLU C 366 4.31 7.58 -27.91
N GLU C 367 5.19 6.68 -27.47
CA GLU C 367 5.63 5.58 -28.34
C GLU C 367 5.56 4.17 -27.73
N TYR C 368 5.02 3.21 -28.49
CA TYR C 368 4.94 1.82 -28.04
C TYR C 368 5.59 0.87 -29.04
N LYS C 369 5.66 -0.41 -28.64
CA LYS C 369 6.10 -1.52 -29.44
C LYS C 369 5.38 -2.74 -28.86
N LEU C 370 5.09 -3.73 -29.70
CA LEU C 370 4.42 -4.94 -29.21
C LEU C 370 5.14 -6.20 -29.67
N ALA C 371 5.34 -7.16 -28.76
CA ALA C 371 5.98 -8.39 -29.19
C ALA C 371 5.29 -9.60 -28.55
N PHE C 372 4.94 -10.58 -29.39
CA PHE C 372 4.28 -11.78 -28.91
C PHE C 372 4.97 -13.05 -29.31
N ILE C 373 4.83 -14.06 -28.46
CA ILE C 373 5.39 -15.36 -28.73
C ILE C 373 4.17 -16.27 -28.76
N LEU C 374 3.53 -16.35 -29.93
CA LEU C 374 2.36 -17.19 -30.12
C LEU C 374 2.82 -18.57 -30.46
N GLU C 375 1.98 -19.55 -30.20
CA GLU C 375 2.32 -20.90 -30.53
C GLU C 375 1.13 -21.45 -31.24
N LEU C 376 1.37 -22.51 -31.99
CA LEU C 376 0.31 -23.15 -32.74
C LEU C 376 -0.41 -24.14 -31.84
N CYS C 377 -1.72 -24.24 -31.98
CA CYS C 377 -2.49 -25.18 -31.17
C CYS C 377 -3.78 -25.59 -31.87
N SER C 378 -3.91 -26.90 -32.07
CA SER C 378 -5.04 -27.51 -32.75
C SER C 378 -6.17 -27.99 -31.86
N VAL C 379 -7.36 -27.45 -32.08
CA VAL C 379 -8.52 -27.86 -31.31
C VAL C 379 -9.13 -28.98 -32.12
N GLU C 380 -9.50 -30.06 -31.43
CA GLU C 380 -10.17 -31.19 -32.06
C GLU C 380 -11.59 -30.77 -32.37
N ILE C 381 -12.23 -31.47 -33.29
CA ILE C 381 -13.60 -31.14 -33.66
C ILE C 381 -14.47 -32.39 -33.56
N THR C 382 -14.75 -32.78 -32.32
CA THR C 382 -15.59 -33.95 -32.05
C THR C 382 -16.98 -33.41 -31.83
N ALA C 383 -17.99 -34.20 -32.15
CA ALA C 383 -19.35 -33.77 -31.96
C ALA C 383 -19.52 -33.03 -30.63
N GLN C 384 -19.01 -33.63 -29.55
CA GLN C 384 -19.12 -33.06 -28.21
C GLN C 384 -18.44 -31.72 -27.96
N THR C 385 -17.17 -31.64 -28.31
CA THR C 385 -16.40 -30.42 -28.13
C THR C 385 -16.94 -29.32 -29.04
N VAL C 386 -17.27 -29.70 -30.28
CA VAL C 386 -17.82 -28.77 -31.26
C VAL C 386 -19.00 -28.09 -30.62
N SER C 387 -19.97 -28.93 -30.24
CA SER C 387 -21.17 -28.48 -29.59
C SER C 387 -20.81 -27.50 -28.49
N HIS C 388 -20.05 -28.00 -27.52
CA HIS C 388 -19.63 -27.21 -26.38
C HIS C 388 -19.41 -25.71 -26.62
N LEU C 389 -18.74 -25.37 -27.71
CA LEU C 389 -18.45 -23.97 -28.02
C LEU C 389 -19.67 -23.10 -28.28
N GLN C 390 -20.80 -23.73 -28.58
CA GLN C 390 -22.03 -22.99 -28.85
C GLN C 390 -22.32 -22.03 -27.72
N GLY C 391 -22.17 -22.54 -26.49
CA GLY C 391 -22.42 -21.75 -25.30
C GLY C 391 -21.23 -20.94 -24.82
N LEU C 392 -20.02 -21.38 -25.19
CA LEU C 392 -18.83 -20.60 -24.89
C LEU C 392 -18.80 -19.32 -25.72
N MET C 393 -19.05 -19.46 -27.03
CA MET C 393 -19.13 -18.32 -27.93
C MET C 393 -19.92 -18.65 -29.21
N PRO C 394 -20.81 -17.75 -29.62
CA PRO C 394 -21.56 -17.88 -30.87
C PRO C 394 -20.73 -17.72 -32.15
N SER C 395 -19.80 -16.77 -32.11
CA SER C 395 -19.04 -16.27 -33.26
C SER C 395 -17.87 -17.08 -33.80
N VAL C 396 -17.03 -17.64 -32.93
CA VAL C 396 -15.87 -18.42 -33.38
C VAL C 396 -16.27 -19.68 -34.15
N LEU C 397 -17.50 -20.12 -33.99
CA LEU C 397 -18.01 -21.26 -34.75
C LEU C 397 -18.03 -20.92 -36.25
N GLU C 398 -18.40 -19.67 -36.53
CA GLU C 398 -18.50 -19.18 -37.91
C GLU C 398 -17.16 -19.25 -38.62
N ASN C 399 -16.09 -18.94 -37.89
CA ASN C 399 -14.75 -19.03 -38.46
C ASN C 399 -14.47 -20.47 -38.86
N TRP C 400 -14.90 -21.40 -38.02
CA TRP C 400 -14.73 -22.83 -38.27
C TRP C 400 -15.49 -23.27 -39.52
N GLU C 401 -16.67 -22.68 -39.73
CA GLU C 401 -17.49 -23.02 -40.89
C GLU C 401 -18.25 -24.34 -40.70
N ILE C 402 -18.26 -24.84 -39.48
CA ILE C 402 -18.94 -26.08 -39.16
C ILE C 402 -20.44 -25.98 -39.42
N GLY C 403 -21.02 -24.83 -39.07
CA GLY C 403 -22.44 -24.61 -39.25
C GLY C 403 -22.87 -24.61 -40.70
N VAL C 404 -24.06 -25.18 -40.95
CA VAL C 404 -24.62 -25.28 -42.29
C VAL C 404 -25.29 -23.98 -42.76
N GLN C 405 -25.25 -23.76 -44.07
CA GLN C 405 -25.91 -22.60 -44.68
C GLN C 405 -26.75 -23.23 -45.78
N PRO C 406 -28.09 -23.17 -45.66
CA PRO C 406 -29.01 -23.74 -46.65
C PRO C 406 -28.67 -23.48 -48.11
N PRO C 407 -28.93 -24.48 -48.99
CA PRO C 407 -28.68 -24.46 -50.44
C PRO C 407 -29.73 -23.67 -51.24
N THR C 408 -29.92 -22.40 -50.89
CA THR C 408 -30.92 -21.55 -51.55
C THR C 408 -30.46 -20.85 -52.85
N SER C 409 -29.30 -21.24 -53.40
CA SER C 409 -28.84 -20.66 -54.67
C SER C 409 -29.53 -21.51 -55.75
N SER C 410 -30.46 -22.34 -55.24
CA SER C 410 -31.30 -23.25 -56.00
C SER C 410 -32.71 -22.62 -56.12
N ILE C 411 -32.73 -21.30 -56.07
CA ILE C 411 -33.93 -20.52 -56.30
C ILE C 411 -33.50 -19.69 -57.49
N LEU C 412 -34.30 -19.69 -58.55
CA LEU C 412 -33.88 -18.96 -59.72
C LEU C 412 -34.33 -17.53 -59.63
N GLU C 413 -33.36 -16.63 -59.44
CA GLU C 413 -33.69 -15.21 -59.44
C GLU C 413 -33.53 -14.78 -60.88
N ASP C 414 -33.81 -13.52 -61.16
CA ASP C 414 -33.73 -13.07 -62.55
C ASP C 414 -32.77 -11.96 -62.87
N THR C 415 -31.78 -12.28 -63.69
CA THR C 415 -30.82 -11.29 -64.10
C THR C 415 -31.45 -10.60 -65.31
N TYR C 416 -30.92 -9.42 -65.63
CA TYR C 416 -31.38 -8.65 -66.76
C TYR C 416 -30.22 -8.03 -67.48
N ARG C 417 -30.43 -7.66 -68.73
CA ARG C 417 -29.37 -7.01 -69.46
C ARG C 417 -29.79 -5.56 -69.61
N TYR C 418 -28.85 -4.66 -69.33
CA TYR C 418 -29.12 -3.23 -69.37
C TYR C 418 -30.25 -3.00 -68.37
N ILE C 419 -30.01 -3.37 -67.12
CA ILE C 419 -31.00 -3.23 -66.07
C ILE C 419 -31.33 -1.74 -65.98
N GLU C 420 -30.62 -0.96 -66.78
CA GLU C 420 -30.79 0.49 -66.84
C GLU C 420 -32.00 0.90 -67.67
N SER C 421 -32.30 0.16 -68.73
CA SER C 421 -33.39 0.56 -69.60
C SER C 421 -34.67 0.72 -68.79
N PRO C 422 -35.43 1.76 -69.11
CA PRO C 422 -36.62 2.14 -68.35
C PRO C 422 -37.69 1.07 -68.32
N ALA C 423 -37.90 0.42 -69.47
CA ALA C 423 -38.87 -0.65 -69.61
C ALA C 423 -38.44 -1.80 -68.71
N THR C 424 -37.13 -1.99 -68.66
CA THR C 424 -36.51 -3.03 -67.84
C THR C 424 -36.68 -2.63 -66.38
N LYS C 425 -36.50 -3.59 -65.49
CA LYS C 425 -36.68 -3.34 -64.07
C LYS C 425 -35.74 -2.25 -63.58
N CYS C 426 -36.23 -1.45 -62.63
CA CYS C 426 -35.49 -0.34 -62.03
C CYS C 426 -34.24 -0.74 -61.23
N ALA C 427 -34.33 -1.85 -60.50
CA ALA C 427 -33.20 -2.31 -59.68
C ALA C 427 -32.82 -1.28 -58.61
N SER C 428 -33.83 -0.64 -58.04
CA SER C 428 -33.66 0.38 -57.00
C SER C 428 -33.02 -0.08 -55.69
N ASN C 429 -33.33 -1.30 -55.26
CA ASN C 429 -32.84 -1.82 -53.99
C ASN C 429 -31.32 -1.93 -53.85
N VAL C 430 -30.81 -1.61 -52.67
CA VAL C 430 -29.37 -1.63 -52.46
C VAL C 430 -28.95 -2.63 -51.38
N ILE C 431 -27.99 -3.47 -51.70
CA ILE C 431 -27.48 -4.45 -50.75
C ILE C 431 -26.77 -3.69 -49.64
N PRO C 432 -26.88 -4.18 -48.42
CA PRO C 432 -26.24 -3.52 -47.28
C PRO C 432 -25.01 -4.29 -46.82
N ALA C 433 -23.88 -3.61 -46.74
CA ALA C 433 -22.65 -4.25 -46.31
C ALA C 433 -22.79 -4.73 -44.88
N LYS C 434 -22.27 -5.92 -44.61
CA LYS C 434 -22.35 -6.48 -43.26
C LYS C 434 -21.42 -5.78 -42.28
N GLU C 435 -21.91 -5.56 -41.07
CA GLU C 435 -21.11 -4.94 -40.01
C GLU C 435 -20.08 -5.92 -39.44
N ASP C 436 -19.06 -5.35 -38.80
CA ASP C 436 -18.00 -6.08 -38.11
C ASP C 436 -18.42 -6.25 -36.66
N PRO C 437 -17.79 -7.18 -35.95
CA PRO C 437 -18.13 -7.42 -34.54
C PRO C 437 -17.88 -6.20 -33.66
N TYR C 438 -16.77 -5.51 -33.89
CA TYR C 438 -16.43 -4.31 -33.11
C TYR C 438 -16.28 -3.05 -33.94
N ALA C 439 -17.30 -2.70 -34.69
CA ALA C 439 -17.23 -1.51 -35.53
C ALA C 439 -17.82 -0.25 -34.89
N GLY C 440 -18.75 -0.42 -33.96
CA GLY C 440 -19.34 0.74 -33.31
C GLY C 440 -18.30 1.46 -32.47
N PHE C 441 -17.51 0.68 -31.74
CA PHE C 441 -16.44 1.19 -30.89
C PHE C 441 -15.20 1.22 -31.76
N LYS C 442 -14.22 2.04 -31.42
CA LYS C 442 -13.01 2.10 -32.24
C LYS C 442 -11.74 2.13 -31.40
N PHE C 443 -10.68 1.55 -31.91
CA PHE C 443 -9.43 1.62 -31.20
C PHE C 443 -8.25 1.41 -32.13
N TRP C 444 -7.06 1.64 -31.60
CA TRP C 444 -5.88 1.57 -32.43
C TRP C 444 -5.89 0.21 -33.10
N ASN C 445 -5.62 0.17 -34.39
CA ASN C 445 -5.66 -1.09 -35.08
C ASN C 445 -4.27 -1.47 -35.55
N ILE C 446 -3.69 -2.50 -34.93
CA ILE C 446 -2.36 -2.95 -35.30
C ILE C 446 -2.43 -4.26 -36.03
N ASP C 447 -2.04 -4.24 -37.30
CA ASP C 447 -2.07 -5.45 -38.11
C ASP C 447 -0.76 -6.22 -38.03
N LEU C 448 -0.86 -7.52 -37.77
CA LEU C 448 0.32 -8.36 -37.67
C LEU C 448 0.35 -9.49 -38.68
N LYS C 449 -0.54 -9.45 -39.67
CA LYS C 449 -0.60 -10.52 -40.67
C LYS C 449 0.66 -10.83 -41.45
N GLU C 450 1.59 -9.90 -41.53
CA GLU C 450 2.78 -10.19 -42.27
C GLU C 450 3.99 -10.12 -41.37
N LYS C 451 3.95 -9.21 -40.41
CA LYS C 451 5.09 -9.03 -39.52
C LYS C 451 5.02 -10.12 -38.48
N LEU C 452 5.09 -11.35 -38.97
CA LEU C 452 5.11 -12.53 -38.15
C LEU C 452 6.16 -13.46 -38.75
N SER C 453 6.83 -14.22 -37.89
CA SER C 453 7.85 -15.16 -38.34
C SER C 453 7.94 -16.46 -37.57
N LEU C 454 8.95 -17.27 -37.91
CA LEU C 454 9.17 -18.57 -37.30
C LEU C 454 10.58 -18.82 -36.73
N ASP C 455 11.50 -17.88 -36.93
CA ASP C 455 12.87 -18.01 -36.43
C ASP C 455 13.04 -17.31 -35.10
N LEU C 456 12.89 -18.06 -34.01
CA LEU C 456 13.01 -17.44 -32.71
C LEU C 456 14.30 -16.73 -32.46
N ASP C 457 15.40 -17.32 -32.88
CA ASP C 457 16.68 -16.69 -32.63
C ASP C 457 16.82 -15.23 -33.11
N GLN C 458 16.34 -14.93 -34.30
CA GLN C 458 16.43 -13.60 -34.88
C GLN C 458 16.05 -12.36 -34.09
N PHE C 459 14.85 -12.36 -33.53
CA PHE C 459 14.35 -11.20 -32.81
C PHE C 459 14.82 -11.01 -31.38
N PRO C 460 14.54 -9.85 -30.79
CA PRO C 460 14.92 -9.52 -29.41
C PRO C 460 14.23 -10.43 -28.41
N LEU C 461 12.91 -10.51 -28.50
CA LEU C 461 12.13 -11.34 -27.59
C LEU C 461 12.34 -12.86 -27.78
N GLY C 462 13.04 -13.23 -28.85
CA GLY C 462 13.29 -14.64 -29.08
C GLY C 462 14.40 -15.13 -28.18
N ARG C 463 15.56 -14.50 -28.29
CA ARG C 463 16.70 -14.86 -27.46
C ARG C 463 16.21 -14.80 -26.01
N ARG C 464 15.50 -13.74 -25.69
CA ARG C 464 14.96 -13.53 -24.36
C ARG C 464 14.15 -14.75 -23.93
N PHE C 465 13.58 -15.43 -24.91
CA PHE C 465 12.74 -16.62 -24.72
C PHE C 465 13.60 -17.86 -24.56
N LEU C 466 14.33 -18.20 -25.62
CA LEU C 466 15.20 -19.36 -25.63
C LEU C 466 16.11 -19.34 -24.43
N ALA C 467 16.52 -18.15 -24.03
CA ALA C 467 17.39 -17.99 -22.87
C ALA C 467 16.74 -18.74 -21.71
N GLN C 468 15.53 -18.33 -21.36
CA GLN C 468 14.83 -18.97 -20.25
C GLN C 468 14.67 -20.46 -20.53
N GLN C 469 14.46 -20.81 -21.78
CA GLN C 469 14.25 -22.22 -22.17
C GLN C 469 15.44 -23.15 -21.88
N GLY C 470 16.66 -22.69 -22.13
CA GLY C 470 17.81 -23.53 -21.88
C GLY C 470 18.51 -23.74 -23.21
N ALA C 471 17.77 -23.55 -24.30
CA ALA C 471 18.34 -23.59 -25.63
C ALA C 471 18.83 -22.19 -25.95
N GLY C 472 19.94 -21.78 -25.35
CA GLY C 472 20.43 -20.42 -25.49
C GLY C 472 21.81 -20.20 -26.06
N CYS C 473 21.88 -19.29 -27.03
CA CYS C 473 23.13 -18.84 -27.62
C CYS C 473 23.46 -17.61 -26.80
N SER C 474 22.44 -17.13 -26.09
CA SER C 474 22.54 -15.94 -25.26
C SER C 474 21.74 -16.14 -23.98
N THR C 475 22.42 -16.35 -22.86
CA THR C 475 21.73 -16.52 -21.57
C THR C 475 21.64 -15.12 -20.91
N VAL C 476 20.50 -14.81 -20.30
CA VAL C 476 20.33 -13.50 -19.66
C VAL C 476 21.03 -13.40 -18.31
N ARG C 477 22.34 -13.20 -18.35
CA ARG C 477 23.10 -13.07 -17.12
C ARG C 477 24.33 -12.20 -17.31
N LYS C 478 24.32 -11.10 -16.57
CA LYS C 478 25.42 -10.16 -16.50
C LYS C 478 25.51 -10.00 -15.01
N ARG C 479 25.98 -11.04 -14.34
CA ARG C 479 26.01 -11.04 -12.88
C ARG C 479 26.85 -9.87 -12.39
N ARG C 480 26.30 -9.15 -11.43
CA ARG C 480 26.99 -8.02 -10.84
C ARG C 480 27.13 -8.25 -9.36
N ILE C 481 28.37 -8.14 -8.89
CA ILE C 481 28.65 -8.30 -7.46
C ILE C 481 29.07 -6.91 -6.96
N SER C 482 28.75 -6.59 -5.71
CA SER C 482 29.06 -5.26 -5.15
C SER C 482 29.06 -5.21 -3.60
N ALA D 2 -24.32 -26.58 -52.66
CA ALA D 2 -22.86 -26.76 -52.41
C ALA D 2 -22.12 -26.43 -53.70
N LEU D 3 -21.11 -25.56 -53.64
CA LEU D 3 -20.34 -25.17 -54.84
C LEU D 3 -18.95 -24.55 -54.62
N TRP D 4 -18.00 -24.86 -55.53
CA TRP D 4 -16.63 -24.35 -55.46
C TRP D 4 -16.61 -22.85 -55.47
N GLN D 5 -16.05 -22.28 -54.40
CA GLN D 5 -15.98 -20.84 -54.24
C GLN D 5 -14.52 -20.35 -54.22
N GLN D 6 -14.31 -19.07 -53.88
CA GLN D 6 -12.97 -18.47 -53.83
C GLN D 6 -12.55 -18.10 -52.39
N GLY D 7 -11.47 -18.69 -51.90
CA GLY D 7 -11.01 -18.41 -50.55
C GLY D 7 -9.83 -17.47 -50.53
N GLN D 8 -9.65 -16.76 -49.44
CA GLN D 8 -8.56 -15.81 -49.35
C GLN D 8 -7.17 -16.44 -49.43
N LYS D 9 -6.21 -15.71 -49.99
CA LYS D 9 -4.83 -16.20 -50.14
C LYS D 9 -4.29 -16.97 -48.93
N LEU D 10 -3.56 -18.04 -49.26
CA LEU D 10 -2.95 -18.94 -48.29
C LEU D 10 -1.44 -18.79 -48.33
N TYR D 11 -0.81 -18.92 -47.17
CA TYR D 11 0.62 -18.69 -47.01
C TYR D 11 1.58 -19.79 -47.36
N LEU D 12 2.85 -19.50 -47.16
CA LEU D 12 3.94 -20.43 -47.38
C LEU D 12 5.12 -19.88 -46.59
N PRO D 13 6.13 -20.71 -46.34
CA PRO D 13 7.33 -20.21 -45.66
C PRO D 13 8.40 -20.04 -46.72
N PRO D 14 8.90 -18.82 -46.88
CA PRO D 14 9.92 -18.59 -47.91
C PRO D 14 11.28 -18.91 -47.32
N THR D 15 12.37 -18.59 -48.01
CA THR D 15 13.70 -18.77 -47.44
C THR D 15 14.43 -17.46 -47.52
N PRO D 16 14.81 -16.91 -46.36
CA PRO D 16 15.61 -15.69 -46.40
C PRO D 16 17.02 -16.23 -46.48
N VAL D 17 17.14 -17.44 -45.98
CA VAL D 17 18.38 -18.19 -46.02
C VAL D 17 19.32 -17.17 -45.41
N SER D 18 18.72 -16.30 -44.59
CA SER D 18 19.38 -15.14 -43.98
C SER D 18 19.62 -15.21 -42.51
N LYS D 19 19.68 -16.42 -41.97
CA LYS D 19 19.82 -16.50 -40.53
C LYS D 19 21.10 -15.74 -40.16
N VAL D 20 21.10 -15.10 -38.99
CA VAL D 20 22.27 -14.40 -38.49
C VAL D 20 22.91 -15.48 -37.65
N LEU D 21 24.18 -15.36 -37.26
CA LEU D 21 24.79 -16.43 -36.46
C LEU D 21 25.26 -15.91 -35.10
N CYS D 22 25.40 -16.80 -34.11
CA CYS D 22 25.87 -16.33 -32.80
C CYS D 22 27.36 -16.48 -32.69
N SER D 23 28.03 -15.36 -32.43
CA SER D 23 29.46 -15.18 -32.66
C SER D 23 30.29 -16.24 -31.96
N GLU D 24 29.75 -16.85 -30.92
CA GLU D 24 30.45 -17.92 -30.22
C GLU D 24 30.72 -19.08 -31.18
N THR D 25 29.82 -19.33 -32.13
CA THR D 25 29.96 -20.48 -33.04
C THR D 25 31.23 -20.47 -33.90
N TYR D 26 31.60 -19.34 -34.49
CA TYR D 26 32.87 -19.26 -35.16
C TYR D 26 33.99 -18.65 -34.33
N VAL D 27 33.71 -18.39 -33.06
CA VAL D 27 34.74 -17.81 -32.20
C VAL D 27 35.25 -18.77 -31.12
N GLN D 28 36.53 -19.05 -31.14
CA GLN D 28 37.15 -19.92 -30.15
C GLN D 28 37.60 -19.07 -28.99
N ARG D 29 37.33 -19.53 -27.79
CA ARG D 29 37.77 -18.76 -26.66
C ARG D 29 38.99 -19.43 -26.07
N LYS D 30 40.10 -18.72 -26.02
CA LYS D 30 41.30 -19.26 -25.42
C LYS D 30 41.07 -19.05 -23.94
N SER D 31 41.97 -19.51 -23.11
CA SER D 31 41.78 -19.32 -21.68
C SER D 31 42.72 -18.27 -21.13
N ILE D 32 42.99 -17.23 -21.91
CA ILE D 32 43.91 -16.21 -21.46
C ILE D 32 43.21 -14.93 -21.05
N PHE D 33 43.76 -14.26 -20.05
CA PHE D 33 43.14 -13.04 -19.59
C PHE D 33 44.10 -11.90 -19.48
N TYR D 34 43.57 -10.69 -19.59
CA TYR D 34 44.36 -9.49 -19.49
C TYR D 34 43.68 -8.47 -18.62
N HIS D 35 44.47 -7.53 -18.13
CA HIS D 35 43.92 -6.49 -17.31
C HIS D 35 44.26 -5.11 -17.85
N ALA D 36 43.28 -4.38 -18.37
CA ALA D 36 43.53 -3.05 -18.91
C ALA D 36 43.03 -1.93 -17.99
N GLU D 37 43.92 -1.33 -17.23
CA GLU D 37 43.55 -0.24 -16.30
C GLU D 37 44.01 1.15 -16.75
N THR D 38 43.05 2.07 -16.98
CA THR D 38 43.36 3.43 -17.41
C THR D 38 43.71 4.28 -16.19
N GLU D 39 44.63 5.21 -16.32
CA GLU D 39 44.97 6.05 -15.18
C GLU D 39 43.85 7.06 -15.00
N ARG D 40 43.55 7.43 -13.76
CA ARG D 40 42.47 8.37 -13.45
C ARG D 40 42.42 9.59 -14.38
N LEU D 41 41.22 9.90 -14.86
CA LEU D 41 40.99 11.02 -15.79
C LEU D 41 40.26 12.17 -15.16
N LEU D 42 40.79 13.38 -15.30
CA LEU D 42 40.13 14.54 -14.74
C LEU D 42 39.87 15.55 -15.83
N THR D 43 38.85 16.36 -15.62
CA THR D 43 38.49 17.39 -16.57
C THR D 43 37.77 18.37 -15.69
N ILE D 44 37.96 19.65 -15.92
CA ILE D 44 37.26 20.60 -15.08
C ILE D 44 36.79 21.77 -15.93
N GLY D 45 35.84 22.57 -15.43
CA GLY D 45 35.38 23.69 -16.23
C GLY D 45 34.02 24.24 -15.88
N HIS D 46 33.52 25.18 -16.66
CA HIS D 46 32.18 25.71 -16.44
C HIS D 46 31.20 24.82 -17.21
N PRO D 47 30.33 24.15 -16.46
CA PRO D 47 29.37 23.21 -17.03
C PRO D 47 28.33 23.79 -17.98
N TYR D 48 27.80 24.96 -17.65
CA TYR D 48 26.69 25.54 -18.41
C TYR D 48 26.98 25.82 -19.86
N TYR D 49 28.11 26.46 -20.10
CA TYR D 49 28.51 26.78 -21.46
C TYR D 49 30.00 27.04 -21.47
N PRO D 50 30.61 26.86 -22.65
CA PRO D 50 32.02 27.16 -22.86
C PRO D 50 32.33 28.64 -22.65
N VAL D 51 33.34 28.91 -21.82
CA VAL D 51 33.77 30.27 -21.49
C VAL D 51 34.98 30.66 -22.32
N SER D 52 35.27 31.95 -22.36
CA SER D 52 36.42 32.40 -23.13
C SER D 52 37.15 33.59 -22.52
N ILE D 53 38.32 33.32 -21.97
CA ILE D 53 39.15 34.37 -21.36
C ILE D 53 40.40 34.54 -22.25
N GLY D 54 40.64 35.77 -22.70
CA GLY D 54 41.79 36.02 -23.57
C GLY D 54 41.56 35.38 -24.92
N ALA D 55 42.50 34.54 -25.35
CA ALA D 55 42.38 33.86 -26.64
C ALA D 55 42.36 32.35 -26.44
N LYS D 56 42.04 31.93 -25.22
CA LYS D 56 41.98 30.52 -24.88
C LYS D 56 40.54 30.19 -24.46
N THR D 57 40.22 28.91 -24.31
CA THR D 57 38.88 28.48 -23.93
C THR D 57 38.80 27.77 -22.56
N VAL D 58 37.61 27.30 -22.19
CA VAL D 58 37.38 26.57 -20.95
C VAL D 58 36.25 25.63 -21.24
N PRO D 59 36.56 24.37 -21.58
CA PRO D 59 35.49 23.42 -21.89
C PRO D 59 34.33 23.45 -20.89
N LYS D 60 33.11 23.46 -21.42
CA LYS D 60 31.91 23.49 -20.59
C LYS D 60 31.70 22.05 -20.12
N VAL D 61 32.27 21.76 -18.96
CA VAL D 61 32.18 20.44 -18.37
C VAL D 61 31.04 20.34 -17.38
N SER D 62 29.95 19.70 -17.79
CA SER D 62 28.78 19.55 -16.93
C SER D 62 28.66 18.16 -16.36
N ALA D 63 27.67 18.02 -15.48
CA ALA D 63 27.40 16.76 -14.83
C ALA D 63 26.29 16.06 -15.63
N ASN D 64 25.82 16.72 -16.67
CA ASN D 64 24.78 16.15 -17.49
C ASN D 64 25.22 15.99 -18.94
N GLN D 65 26.26 15.19 -19.16
CA GLN D 65 26.78 14.92 -20.50
C GLN D 65 27.30 13.51 -20.52
N TYR D 66 26.91 12.76 -21.54
CA TYR D 66 27.36 11.39 -21.64
C TYR D 66 28.85 11.29 -21.92
N ARG D 67 29.65 10.99 -20.91
CA ARG D 67 31.07 10.83 -21.18
C ARG D 67 31.14 9.59 -22.06
N VAL D 68 31.59 9.74 -23.30
CA VAL D 68 31.71 8.58 -24.16
C VAL D 68 33.15 8.29 -24.51
N PHE D 69 33.67 7.24 -23.92
CA PHE D 69 35.03 6.85 -24.12
C PHE D 69 35.17 5.93 -25.31
N LYS D 70 36.25 6.10 -26.05
CA LYS D 70 36.58 5.18 -27.10
C LYS D 70 37.79 4.52 -26.50
N ILE D 71 37.65 3.26 -26.11
CA ILE D 71 38.77 2.58 -25.53
C ILE D 71 39.40 1.88 -26.69
N GLN D 72 40.51 2.41 -27.18
CA GLN D 72 41.14 1.78 -28.32
C GLN D 72 42.10 0.72 -27.85
N LEU D 73 41.93 -0.48 -28.40
CA LEU D 73 42.76 -1.58 -28.00
C LEU D 73 44.02 -1.80 -28.78
N PRO D 74 44.89 -2.67 -28.27
CA PRO D 74 46.16 -3.03 -28.89
C PRO D 74 45.78 -4.19 -29.79
N ASP D 75 46.10 -4.11 -31.07
CA ASP D 75 45.61 -5.13 -31.95
C ASP D 75 46.13 -6.48 -31.47
N PRO D 76 45.19 -7.39 -31.24
CA PRO D 76 45.48 -8.74 -30.75
C PRO D 76 46.25 -9.59 -31.74
N ASN D 77 45.87 -9.47 -33.01
CA ASN D 77 46.37 -10.34 -34.05
C ASN D 77 47.81 -9.99 -34.37
N GLN D 78 48.34 -8.98 -33.69
CA GLN D 78 49.70 -8.53 -33.93
C GLN D 78 50.56 -8.61 -32.66
N PHE D 79 50.32 -9.63 -31.86
CA PHE D 79 51.05 -9.83 -30.63
C PHE D 79 52.24 -10.73 -30.73
N ALA D 80 52.64 -11.21 -29.56
CA ALA D 80 53.76 -12.13 -29.43
C ALA D 80 53.25 -13.53 -29.11
N LEU D 81 53.79 -14.48 -29.86
CA LEU D 81 53.45 -15.88 -29.77
C LEU D 81 54.76 -16.64 -29.58
N PRO D 82 55.07 -17.02 -28.34
CA PRO D 82 56.30 -17.76 -28.00
C PRO D 82 56.27 -19.22 -28.43
N ASP D 83 55.08 -19.70 -28.78
CA ASP D 83 54.86 -21.10 -29.16
C ASP D 83 54.25 -21.38 -30.55
N ARG D 84 54.19 -22.67 -30.91
CA ARG D 84 53.60 -23.11 -32.18
C ARG D 84 52.09 -23.29 -31.98
N THR D 85 51.68 -23.47 -30.71
CA THR D 85 50.28 -23.66 -30.30
C THR D 85 49.40 -22.45 -30.63
N VAL D 86 50.05 -21.29 -30.72
CA VAL D 86 49.35 -20.05 -31.06
C VAL D 86 48.79 -20.27 -32.45
N HIS D 87 47.68 -19.62 -32.77
CA HIS D 87 46.98 -19.92 -33.99
C HIS D 87 47.88 -19.82 -35.22
N ASN D 88 47.70 -20.76 -36.14
CA ASN D 88 48.47 -20.79 -37.36
C ASN D 88 48.22 -19.48 -38.07
N PRO D 89 49.24 -18.99 -38.78
CA PRO D 89 49.20 -17.65 -39.36
C PRO D 89 48.05 -17.46 -40.33
N SER D 90 47.72 -18.45 -41.14
CA SER D 90 46.61 -18.26 -42.08
C SER D 90 45.26 -18.89 -41.80
N LYS D 91 45.18 -19.82 -40.85
CA LYS D 91 43.90 -20.43 -40.55
C LYS D 91 42.99 -19.52 -39.71
N GLU D 92 43.57 -18.90 -38.68
CA GLU D 92 42.85 -18.12 -37.65
C GLU D 92 43.42 -16.75 -37.24
N ARG D 93 42.59 -15.96 -36.56
CA ARG D 93 42.87 -14.58 -36.17
C ARG D 93 42.46 -14.42 -34.72
N LEU D 94 43.17 -13.55 -34.00
CA LEU D 94 42.85 -13.33 -32.61
C LEU D 94 42.19 -12.00 -32.40
N VAL D 95 41.41 -11.89 -31.34
CA VAL D 95 40.73 -10.65 -31.02
C VAL D 95 40.63 -10.51 -29.54
N TRP D 96 39.79 -9.57 -29.12
CA TRP D 96 39.59 -9.35 -27.71
C TRP D 96 38.16 -9.65 -27.37
N ALA D 97 37.91 -10.03 -26.13
CA ALA D 97 36.56 -10.28 -25.68
C ALA D 97 36.48 -9.78 -24.25
N VAL D 98 35.56 -8.86 -23.97
CA VAL D 98 35.42 -8.34 -22.62
C VAL D 98 34.66 -9.30 -21.71
N ILE D 99 35.14 -9.37 -20.48
CA ILE D 99 34.52 -10.25 -19.53
C ILE D 99 34.09 -9.40 -18.39
N GLY D 100 34.94 -8.45 -18.06
CA GLY D 100 34.63 -7.60 -16.95
C GLY D 100 34.93 -6.14 -17.19
N VAL D 101 34.04 -5.31 -16.65
CA VAL D 101 34.20 -3.88 -16.75
C VAL D 101 33.85 -3.28 -15.43
N GLN D 102 34.65 -2.32 -15.01
CA GLN D 102 34.39 -1.68 -13.76
C GLN D 102 34.76 -0.23 -13.90
N VAL D 103 33.74 0.59 -14.10
CA VAL D 103 33.87 2.02 -14.21
C VAL D 103 33.88 2.60 -12.81
N SER D 104 34.97 3.29 -12.46
CA SER D 104 35.08 3.85 -11.13
C SER D 104 34.93 5.36 -11.17
N ARG D 105 34.05 5.88 -10.33
CA ARG D 105 33.78 7.29 -10.28
C ARG D 105 34.30 7.90 -8.99
N GLY D 106 35.37 8.68 -9.07
CA GLY D 106 35.93 9.27 -7.87
C GLY D 106 35.62 10.74 -7.58
N GLN D 107 34.63 10.98 -6.73
CA GLN D 107 34.24 12.33 -6.34
C GLN D 107 33.27 12.23 -5.18
N PRO D 108 33.08 13.32 -4.44
CA PRO D 108 32.14 13.29 -3.31
C PRO D 108 30.71 13.28 -3.81
N LEU D 109 29.88 12.41 -3.26
CA LEU D 109 28.49 12.31 -3.66
C LEU D 109 27.75 13.61 -3.39
N GLY D 110 26.62 13.81 -4.08
CA GLY D 110 25.83 15.03 -3.90
C GLY D 110 24.79 15.19 -5.00
N GLY D 111 23.97 16.24 -4.91
CA GLY D 111 22.96 16.45 -5.93
C GLY D 111 23.34 17.51 -6.94
N THR D 112 22.85 17.37 -8.17
CA THR D 112 23.17 18.35 -9.22
C THR D 112 22.09 19.40 -9.34
N VAL D 113 22.51 20.65 -9.39
CA VAL D 113 21.56 21.73 -9.55
C VAL D 113 21.91 22.50 -10.82
N THR D 114 20.91 23.16 -11.35
CA THR D 114 21.05 23.96 -12.55
C THR D 114 19.98 25.02 -12.48
N GLY D 115 20.24 26.17 -13.05
CA GLY D 115 19.24 27.22 -13.02
C GLY D 115 19.31 28.02 -14.30
N HIS D 116 18.90 29.27 -14.22
CA HIS D 116 18.93 30.16 -15.36
C HIS D 116 18.66 31.57 -14.89
N PRO D 117 19.36 32.52 -15.46
CA PRO D 117 19.19 33.92 -15.08
C PRO D 117 17.74 34.40 -15.21
N THR D 118 17.16 34.30 -16.41
CA THR D 118 15.77 34.72 -16.62
C THR D 118 14.89 33.65 -17.26
N PHE D 119 14.22 32.87 -16.41
CA PHE D 119 13.35 31.78 -16.86
C PHE D 119 11.96 32.30 -17.17
N ASN D 120 11.16 31.47 -17.84
CA ASN D 120 9.80 31.88 -18.21
C ASN D 120 8.73 31.14 -17.43
N ALA D 121 8.38 31.68 -16.27
CA ALA D 121 7.36 31.09 -15.43
C ALA D 121 6.47 32.18 -14.83
N LEU D 122 5.25 32.30 -15.36
CA LEU D 122 4.27 33.27 -14.87
C LEU D 122 3.65 33.03 -13.48
N LEU D 123 3.27 31.78 -13.19
CA LEU D 123 2.57 31.45 -11.95
C LEU D 123 2.62 29.96 -11.59
N ASP D 124 2.21 29.60 -10.38
CA ASP D 124 2.27 28.21 -9.93
C ASP D 124 0.98 27.66 -9.30
N ALA D 125 1.07 26.42 -8.80
CA ALA D 125 -0.05 25.72 -8.18
C ALA D 125 -0.25 26.11 -6.69
N GLU D 126 -0.64 27.36 -6.47
CA GLU D 126 -0.88 27.93 -5.13
C GLU D 126 -2.30 28.50 -5.03
N ASN D 127 -2.99 28.23 -3.92
CA ASN D 127 -4.35 28.71 -3.76
C ASN D 127 -4.58 30.06 -3.11
N VAL D 128 -3.63 30.52 -2.31
CA VAL D 128 -3.81 31.80 -1.65
C VAL D 128 -3.00 32.92 -2.30
N ASN D 129 -2.39 32.64 -3.45
CA ASN D 129 -1.61 33.66 -4.17
C ASN D 129 -2.55 34.65 -4.85
N ARG D 130 -2.16 35.93 -4.85
CA ARG D 130 -2.98 36.99 -5.45
C ARG D 130 -3.38 36.63 -6.88
N LYS D 131 -4.36 37.34 -7.43
CA LYS D 131 -4.84 37.08 -8.79
C LYS D 131 -3.82 37.43 -9.88
N VAL D 132 -3.80 36.62 -10.94
CA VAL D 132 -2.86 36.78 -12.06
C VAL D 132 -2.92 38.14 -12.77
N THR D 133 -1.84 38.90 -12.61
CA THR D 133 -1.74 40.20 -13.25
C THR D 133 -1.49 39.93 -14.73
N THR D 134 -2.05 40.76 -15.59
CA THR D 134 -1.85 40.62 -17.03
C THR D 134 -0.32 40.52 -17.16
N GLN D 135 0.15 39.74 -18.11
CA GLN D 135 1.59 39.62 -18.27
C GLN D 135 2.19 40.98 -18.60
N THR D 136 3.22 41.35 -17.84
CA THR D 136 3.93 42.60 -18.05
C THR D 136 4.90 42.38 -19.19
N THR D 137 5.72 43.38 -19.50
CA THR D 137 6.64 43.25 -20.62
C THR D 137 7.51 42.03 -20.33
N ASP D 138 7.87 41.86 -19.06
CA ASP D 138 8.64 40.68 -18.65
C ASP D 138 8.07 40.10 -17.34
N ASP D 139 8.17 38.78 -17.19
CA ASP D 139 7.69 38.10 -16.00
C ASP D 139 8.75 37.08 -15.57
N ARG D 140 9.83 37.01 -16.33
CA ARG D 140 10.93 36.10 -16.04
C ARG D 140 11.48 36.40 -14.67
N LYS D 141 12.17 35.44 -14.07
CA LYS D 141 12.76 35.64 -12.74
C LYS D 141 13.94 34.74 -12.67
N GLN D 142 14.71 34.82 -11.59
CA GLN D 142 15.84 33.93 -11.48
C GLN D 142 15.24 32.63 -11.01
N THR D 143 15.61 31.53 -11.67
CA THR D 143 15.05 30.20 -11.39
C THR D 143 16.00 29.08 -10.98
N GLY D 144 15.66 28.43 -9.88
CA GLY D 144 16.46 27.31 -9.45
C GLY D 144 15.73 26.11 -10.03
N LEU D 145 16.44 25.05 -10.38
CA LEU D 145 15.81 23.87 -10.93
C LEU D 145 16.72 22.67 -10.74
N ASP D 146 16.41 21.82 -9.76
CA ASP D 146 17.26 20.66 -9.48
C ASP D 146 17.17 19.60 -10.58
N ALA D 147 18.32 19.02 -10.93
CA ALA D 147 18.40 18.00 -11.97
C ALA D 147 17.45 16.82 -11.71
N LYS D 148 17.13 16.08 -12.76
CA LYS D 148 16.24 14.93 -12.67
C LYS D 148 17.09 13.64 -12.56
N GLN D 149 17.58 13.31 -11.38
CA GLN D 149 18.61 12.27 -11.25
C GLN D 149 18.40 10.93 -11.95
N GLN D 150 19.46 10.53 -12.66
CA GLN D 150 19.54 9.30 -13.45
C GLN D 150 20.99 8.85 -13.67
N GLN D 151 21.16 7.59 -14.09
CA GLN D 151 22.47 6.96 -14.36
C GLN D 151 22.43 5.97 -15.49
N ILE D 152 23.37 6.11 -16.43
CA ILE D 152 23.39 5.23 -17.59
C ILE D 152 24.78 4.70 -17.90
N LEU D 153 24.90 3.39 -18.03
CA LEU D 153 26.17 2.78 -18.42
C LEU D 153 25.94 1.75 -19.51
N LEU D 154 26.72 1.81 -20.58
CA LEU D 154 26.63 0.78 -21.59
C LEU D 154 27.85 0.64 -22.45
N LEU D 155 28.30 -0.61 -22.48
CA LEU D 155 29.46 -1.03 -23.20
C LEU D 155 29.07 -1.76 -24.48
N GLY D 156 29.86 -1.56 -25.52
CA GLY D 156 29.60 -2.18 -26.80
C GLY D 156 30.73 -2.05 -27.80
N CYS D 157 30.42 -2.38 -29.04
CA CYS D 157 31.39 -2.32 -30.11
C CYS D 157 31.25 -1.03 -30.91
N THR D 158 30.01 -0.65 -31.19
CA THR D 158 29.70 0.55 -31.97
C THR D 158 29.08 1.58 -31.04
N PRO D 159 29.22 2.87 -31.36
CA PRO D 159 28.64 3.93 -30.53
C PRO D 159 27.14 3.75 -30.31
N ALA D 160 26.71 4.03 -29.08
CA ALA D 160 25.30 3.91 -28.72
C ALA D 160 24.43 4.93 -29.46
N GLU D 161 23.20 4.53 -29.76
CA GLU D 161 22.27 5.39 -30.47
C GLU D 161 21.22 6.04 -29.60
N GLY D 162 20.93 7.31 -29.91
CA GLY D 162 19.94 8.06 -29.16
C GLY D 162 18.84 8.57 -30.08
N GLU D 163 17.77 9.03 -29.46
CA GLU D 163 16.63 9.55 -30.19
C GLU D 163 16.27 10.93 -29.64
N TYR D 164 15.56 11.71 -30.45
CA TYR D 164 15.18 13.09 -30.11
C TYR D 164 14.10 13.61 -31.05
N TRP D 165 13.49 14.75 -30.71
CA TRP D 165 12.51 15.33 -31.59
C TRP D 165 13.01 16.60 -32.27
N THR D 166 12.63 16.77 -33.53
CA THR D 166 13.04 17.93 -34.32
C THR D 166 11.87 18.33 -35.18
N THR D 167 12.08 19.37 -35.97
CA THR D 167 11.04 19.85 -36.85
C THR D 167 11.24 19.30 -38.25
N ALA D 168 10.23 18.59 -38.75
CA ALA D 168 10.31 18.02 -40.09
C ALA D 168 9.83 19.06 -41.12
N ARG D 169 10.53 19.15 -42.25
CA ARG D 169 10.11 20.08 -43.28
C ARG D 169 8.59 19.95 -43.46
N PRO D 170 7.95 21.11 -43.38
CA PRO D 170 6.51 21.29 -43.58
C PRO D 170 6.25 21.13 -45.06
N CYS D 171 5.05 20.70 -45.37
CA CYS D 171 4.65 20.45 -46.75
C CYS D 171 4.38 21.66 -47.63
N VAL D 172 4.39 21.41 -48.94
CA VAL D 172 4.13 22.45 -49.91
C VAL D 172 2.72 23.00 -49.68
N THR D 173 1.76 22.11 -49.41
CA THR D 173 0.41 22.59 -49.12
C THR D 173 0.58 23.86 -48.27
N ASP D 174 -0.10 24.94 -48.64
CA ASP D 174 0.04 26.19 -47.90
C ASP D 174 -1.20 26.75 -47.16
N ARG D 175 -1.17 26.60 -45.84
CA ARG D 175 -2.22 27.10 -44.93
C ARG D 175 -1.40 27.73 -43.79
N LEU D 176 -0.13 27.98 -44.10
CA LEU D 176 0.85 28.54 -43.16
C LEU D 176 0.64 29.98 -42.71
N GLU D 177 1.20 30.27 -41.54
CA GLU D 177 1.16 31.58 -40.91
C GLU D 177 2.53 31.68 -40.29
N ASN D 178 2.85 32.83 -39.69
CA ASN D 178 4.15 33.01 -39.08
C ASN D 178 4.30 32.32 -37.74
N GLY D 179 3.27 32.37 -36.92
CA GLY D 179 3.34 31.74 -35.61
C GLY D 179 2.85 30.31 -35.60
N ALA D 180 2.58 29.74 -36.77
CA ALA D 180 2.07 28.37 -36.84
C ALA D 180 3.08 27.38 -36.26
N CYS D 181 2.59 26.42 -35.50
CA CYS D 181 3.44 25.42 -34.87
C CYS D 181 4.11 24.50 -35.87
N PRO D 182 5.39 24.20 -35.64
CA PRO D 182 6.15 23.30 -36.49
C PRO D 182 5.73 21.85 -36.33
N PRO D 183 5.78 21.08 -37.42
CA PRO D 183 5.47 19.65 -37.37
C PRO D 183 6.65 19.03 -36.64
N LEU D 184 6.49 17.82 -36.12
CA LEU D 184 7.57 17.16 -35.41
C LEU D 184 7.85 15.80 -35.94
N GLU D 185 9.03 15.28 -35.64
CA GLU D 185 9.39 13.97 -36.12
C GLU D 185 10.57 13.41 -35.33
N LEU D 186 10.62 12.10 -35.21
CA LEU D 186 11.69 11.43 -34.47
C LEU D 186 12.96 11.25 -35.30
N LYS D 187 14.12 11.32 -34.65
CA LYS D 187 15.38 11.12 -35.36
C LYS D 187 16.41 10.40 -34.52
N ASN D 188 17.23 9.61 -35.19
CA ASN D 188 18.26 8.85 -34.51
C ASN D 188 19.57 9.57 -34.70
N LYS D 189 20.55 9.24 -33.87
CA LYS D 189 21.89 9.81 -33.97
C LYS D 189 22.75 8.98 -33.06
N HIS D 190 24.07 9.07 -33.18
CA HIS D 190 24.87 8.37 -32.18
C HIS D 190 25.18 9.33 -31.06
N ILE D 191 25.61 8.77 -29.95
CA ILE D 191 25.94 9.57 -28.77
C ILE D 191 27.45 9.90 -28.77
N GLU D 192 27.79 11.19 -28.80
CA GLU D 192 29.19 11.65 -28.82
C GLU D 192 29.65 12.04 -27.42
N ASP D 193 30.83 12.64 -27.29
CA ASP D 193 31.35 12.99 -25.95
C ASP D 193 30.68 14.12 -25.19
N GLY D 194 30.28 15.20 -25.86
CA GLY D 194 29.67 16.29 -25.14
C GLY D 194 28.19 16.47 -25.41
N ASP D 195 27.39 15.43 -25.18
CA ASP D 195 25.95 15.54 -25.41
C ASP D 195 25.22 15.76 -24.12
N MET D 196 23.96 16.15 -24.21
CA MET D 196 23.17 16.42 -23.03
C MET D 196 22.31 15.27 -22.50
N MET D 197 22.31 15.15 -21.17
CA MET D 197 21.54 14.16 -20.45
C MET D 197 20.11 14.67 -20.41
N GLU D 198 19.17 13.79 -20.11
CA GLU D 198 17.78 14.23 -20.09
C GLU D 198 17.40 14.79 -18.73
N ILE D 199 17.25 16.10 -18.68
CA ILE D 199 16.74 16.80 -17.52
C ILE D 199 15.30 17.32 -17.55
N GLY D 200 14.36 16.46 -17.21
CA GLY D 200 12.99 16.89 -17.15
C GLY D 200 12.19 17.27 -18.37
N PHE D 201 12.83 17.59 -19.49
CA PHE D 201 12.00 17.97 -20.64
C PHE D 201 12.25 17.03 -21.78
N GLY D 202 11.27 16.90 -22.67
CA GLY D 202 11.42 16.03 -23.82
C GLY D 202 12.73 16.29 -24.52
N ALA D 203 13.22 15.30 -25.26
CA ALA D 203 14.48 15.41 -26.00
C ALA D 203 14.35 16.03 -27.39
N ALA D 204 15.09 17.11 -27.64
CA ALA D 204 15.05 17.78 -28.92
C ALA D 204 16.15 18.80 -29.05
N ASN D 205 16.51 19.07 -30.30
CA ASN D 205 17.52 20.04 -30.56
C ASN D 205 16.65 21.24 -30.36
N PHE D 206 16.77 21.76 -29.14
CA PHE D 206 15.92 22.80 -28.64
C PHE D 206 16.15 24.04 -29.47
N LYS D 207 17.28 24.06 -30.14
CA LYS D 207 17.67 25.22 -30.91
C LYS D 207 16.52 25.73 -31.78
N GLU D 208 15.68 24.83 -32.26
CA GLU D 208 14.56 25.22 -33.11
C GLU D 208 13.23 25.19 -32.38
N ILE D 209 13.27 24.92 -31.09
CA ILE D 209 12.04 24.86 -30.30
C ILE D 209 11.93 26.01 -29.32
N ASN D 210 13.06 26.45 -28.79
CA ASN D 210 13.04 27.61 -27.92
C ASN D 210 13.53 28.82 -28.70
N ALA D 211 12.58 29.64 -29.13
CA ALA D 211 12.90 30.87 -29.83
C ALA D 211 12.80 31.98 -28.82
N SER D 212 12.52 31.58 -27.58
CA SER D 212 12.30 32.55 -26.49
C SER D 212 13.48 32.70 -25.55
N LYS D 213 14.28 31.64 -25.44
CA LYS D 213 15.50 31.66 -24.65
C LYS D 213 15.16 31.58 -23.16
N SER D 214 13.87 31.51 -22.86
CA SER D 214 13.41 31.47 -21.48
C SER D 214 12.79 30.12 -21.13
N ASP D 215 12.88 29.17 -22.06
CA ASP D 215 12.25 27.86 -21.83
C ASP D 215 13.14 26.74 -21.33
N LEU D 216 14.41 26.99 -21.06
CA LEU D 216 15.25 25.89 -20.61
C LEU D 216 16.20 26.30 -19.51
N PRO D 217 16.79 25.31 -18.83
CA PRO D 217 17.73 25.70 -17.77
C PRO D 217 18.99 26.10 -18.55
N LEU D 218 19.67 27.16 -18.14
CA LEU D 218 20.67 27.80 -18.97
C LEU D 218 21.74 26.84 -19.50
N ASP D 219 22.14 25.87 -18.68
CA ASP D 219 23.12 24.89 -19.12
C ASP D 219 22.68 24.03 -20.31
N ILE D 220 21.41 23.63 -20.33
CA ILE D 220 20.91 22.69 -21.30
C ILE D 220 20.58 23.40 -22.62
N GLN D 221 20.01 24.60 -22.51
CA GLN D 221 19.61 25.40 -23.65
C GLN D 221 20.55 25.47 -24.85
N ASN D 222 19.95 25.53 -26.03
CA ASN D 222 20.71 25.65 -27.26
C ASN D 222 21.54 24.40 -27.60
N GLU D 223 21.31 23.34 -26.83
CA GLU D 223 22.03 22.07 -27.00
C GLU D 223 21.02 20.95 -27.13
N ILE D 224 21.46 19.85 -27.74
CA ILE D 224 20.58 18.70 -27.93
C ILE D 224 20.55 17.65 -26.82
N CYS D 225 19.33 17.38 -26.37
CA CYS D 225 19.02 16.39 -25.33
C CYS D 225 18.80 15.04 -25.97
N LEU D 226 19.68 14.08 -25.70
CA LEU D 226 19.48 12.77 -26.27
C LEU D 226 18.83 11.84 -25.27
N TYR D 227 18.67 10.60 -25.70
CA TYR D 227 18.12 9.60 -24.83
C TYR D 227 18.54 8.24 -25.36
N PRO D 228 18.47 7.22 -24.53
CA PRO D 228 18.88 5.89 -25.01
C PRO D 228 17.70 5.26 -25.75
N ASP D 229 17.90 5.00 -27.03
CA ASP D 229 16.85 4.38 -27.83
C ASP D 229 16.97 2.89 -27.62
N TYR D 230 16.65 2.45 -26.41
CA TYR D 230 16.75 1.03 -26.09
C TYR D 230 16.08 0.16 -27.11
N LEU D 231 14.96 0.62 -27.65
CA LEU D 231 14.25 -0.17 -28.64
C LEU D 231 15.13 -0.53 -29.82
N LYS D 232 15.83 0.47 -30.34
CA LYS D 232 16.71 0.28 -31.49
C LYS D 232 17.84 -0.70 -31.16
N MET D 233 18.44 -0.53 -30.00
CA MET D 233 19.55 -1.37 -29.55
C MET D 233 19.18 -2.83 -29.45
N ALA D 234 17.94 -3.09 -29.02
CA ALA D 234 17.47 -4.45 -28.85
C ALA D 234 17.11 -5.11 -30.17
N GLU D 235 17.10 -4.33 -31.25
CA GLU D 235 16.73 -4.89 -32.52
C GLU D 235 17.88 -5.29 -33.44
N ASP D 236 19.01 -4.57 -33.36
CA ASP D 236 20.15 -4.88 -34.21
C ASP D 236 20.63 -6.31 -34.07
N ALA D 237 20.77 -6.99 -35.19
CA ALA D 237 21.21 -8.38 -35.18
C ALA D 237 22.53 -8.49 -34.45
N ALA D 238 23.49 -7.70 -34.90
CA ALA D 238 24.81 -7.69 -34.29
C ALA D 238 24.73 -7.60 -32.76
N GLY D 239 24.16 -6.51 -32.29
CA GLY D 239 24.06 -6.30 -30.86
C GLY D 239 25.25 -5.46 -30.51
N ASN D 240 26.02 -5.11 -31.55
CA ASN D 240 27.21 -4.31 -31.38
C ASN D 240 26.89 -3.05 -30.62
N SER D 241 25.67 -2.57 -30.76
CA SER D 241 25.24 -1.38 -30.08
C SER D 241 25.50 -1.39 -28.58
N MET D 242 25.21 -2.51 -27.92
CA MET D 242 25.44 -2.65 -26.48
C MET D 242 25.62 -4.10 -25.98
N PHE D 243 26.74 -4.40 -25.32
CA PHE D 243 26.99 -5.75 -24.79
C PHE D 243 26.01 -6.07 -23.66
N PHE D 244 25.82 -5.06 -22.81
CA PHE D 244 24.94 -5.05 -21.64
C PHE D 244 24.73 -3.58 -21.30
N PHE D 245 24.01 -3.31 -20.21
CA PHE D 245 23.75 -1.93 -19.80
C PHE D 245 22.93 -1.89 -18.53
N ALA D 246 23.04 -0.78 -17.81
CA ALA D 246 22.29 -0.58 -16.57
C ALA D 246 21.75 0.84 -16.50
N ARG D 247 20.61 1.01 -15.87
CA ARG D 247 20.04 2.35 -15.74
C ARG D 247 19.22 2.44 -14.46
N LYS D 248 19.35 3.55 -13.76
CA LYS D 248 18.61 3.80 -12.54
C LYS D 248 18.28 5.26 -12.58
N GLU D 249 17.00 5.60 -12.51
CA GLU D 249 16.62 6.99 -12.56
C GLU D 249 15.29 7.22 -11.87
N GLN D 250 15.26 8.17 -10.95
CA GLN D 250 14.02 8.47 -10.27
C GLN D 250 13.79 9.94 -10.45
N VAL D 251 12.52 10.31 -10.52
CA VAL D 251 12.16 11.70 -10.66
C VAL D 251 10.71 11.82 -10.29
N TYR D 252 10.26 13.05 -10.12
CA TYR D 252 8.87 13.31 -9.78
C TYR D 252 8.73 14.82 -9.80
N VAL D 253 7.51 15.28 -9.97
CA VAL D 253 7.22 16.70 -10.02
C VAL D 253 7.48 17.34 -8.65
N ARG D 254 7.94 18.58 -8.66
CA ARG D 254 8.25 19.27 -7.40
C ARG D 254 7.58 20.62 -7.29
N HIS D 255 7.18 21.17 -8.42
CA HIS D 255 6.50 22.45 -8.45
C HIS D 255 5.73 22.34 -9.75
N ILE D 256 4.82 23.26 -9.99
CA ILE D 256 4.10 23.21 -11.24
C ILE D 256 4.02 24.63 -11.74
N TRP D 257 4.54 24.88 -12.94
CA TRP D 257 4.54 26.24 -13.46
C TRP D 257 3.80 26.46 -14.75
N THR D 258 3.83 27.71 -15.18
CA THR D 258 3.14 28.11 -16.39
C THR D 258 3.98 29.01 -17.28
N ARG D 259 4.02 28.66 -18.56
CA ARG D 259 4.76 29.46 -19.52
C ARG D 259 4.16 30.84 -19.56
N GLY D 260 4.79 31.75 -20.30
CA GLY D 260 4.27 33.11 -20.37
C GLY D 260 4.04 33.63 -21.77
N GLY D 261 3.81 32.74 -22.71
CA GLY D 261 3.61 33.15 -24.09
C GLY D 261 2.18 33.41 -24.51
N SER D 262 2.03 34.26 -25.51
CA SER D 262 0.73 34.59 -26.04
C SER D 262 0.18 33.31 -26.66
N GLU D 263 -1.12 33.11 -26.59
CA GLU D 263 -1.73 31.90 -27.12
C GLU D 263 -2.38 31.97 -28.50
N LYS D 264 -2.06 30.99 -29.32
CA LYS D 264 -2.61 30.90 -30.66
C LYS D 264 -3.76 29.89 -30.66
N GLU D 265 -4.00 29.28 -29.51
CA GLU D 265 -5.05 28.26 -29.36
C GLU D 265 -5.50 28.12 -27.91
N ALA D 266 -6.65 28.68 -27.59
CA ALA D 266 -7.17 28.61 -26.24
C ALA D 266 -8.26 27.57 -26.20
N PRO D 267 -8.67 27.18 -25.00
CA PRO D 267 -9.74 26.18 -24.87
C PRO D 267 -11.06 26.78 -25.34
N THR D 268 -11.74 26.11 -26.27
CA THR D 268 -13.01 26.60 -26.80
C THR D 268 -14.04 26.83 -25.69
N THR D 269 -15.08 27.59 -26.01
CA THR D 269 -16.13 27.91 -25.06
C THR D 269 -16.82 26.70 -24.45
N ASP D 270 -16.59 25.52 -25.04
CA ASP D 270 -17.20 24.30 -24.53
C ASP D 270 -16.45 23.81 -23.29
N PHE D 271 -15.28 24.38 -23.03
CA PHE D 271 -14.47 24.02 -21.85
C PHE D 271 -14.40 25.15 -20.85
N TYR D 272 -14.18 26.36 -21.35
CA TYR D 272 -14.09 27.53 -20.50
C TYR D 272 -15.39 28.31 -20.39
N LEU D 273 -15.95 28.39 -19.19
CA LEU D 273 -17.19 29.12 -18.98
C LEU D 273 -16.88 30.56 -18.57
N LYS D 274 -17.33 31.51 -19.37
CA LYS D 274 -17.10 32.93 -19.12
C LYS D 274 -17.76 33.43 -17.84
N ASN D 275 -17.34 34.58 -17.36
CA ASN D 275 -17.92 35.16 -16.15
C ASN D 275 -18.26 36.64 -16.37
N ASN D 276 -18.95 37.22 -15.40
CA ASN D 276 -19.36 38.62 -15.47
C ASN D 276 -18.20 39.57 -15.66
N LYS D 277 -18.36 40.51 -16.59
CA LYS D 277 -17.31 41.49 -16.82
C LYS D 277 -16.02 40.81 -17.28
N GLY D 278 -16.08 39.51 -17.55
CA GLY D 278 -14.92 38.78 -17.99
C GLY D 278 -14.66 38.98 -19.47
N ASP D 279 -13.79 38.17 -20.07
CA ASP D 279 -13.49 38.30 -21.50
C ASP D 279 -13.98 37.09 -22.31
N ALA D 280 -14.46 37.35 -23.52
CA ALA D 280 -14.98 36.31 -24.39
C ALA D 280 -14.04 35.12 -24.56
N THR D 281 -12.77 35.39 -24.87
CA THR D 281 -11.78 34.33 -25.05
C THR D 281 -10.69 34.45 -23.99
N LEU D 282 -10.09 33.32 -23.63
CA LEU D 282 -9.03 33.30 -22.63
C LEU D 282 -7.74 33.81 -23.26
N LYS D 283 -7.02 34.66 -22.53
CA LYS D 283 -5.78 35.23 -23.06
C LYS D 283 -4.48 34.78 -22.41
N ILE D 284 -4.50 34.50 -21.10
CA ILE D 284 -3.31 34.03 -20.39
C ILE D 284 -3.08 32.57 -20.77
N PRO D 285 -1.86 32.21 -21.25
CA PRO D 285 -1.48 30.85 -21.66
C PRO D 285 -1.73 29.76 -20.63
N SER D 286 -2.09 28.58 -21.10
CA SER D 286 -2.40 27.51 -20.17
C SER D 286 -1.56 26.30 -20.49
N VAL D 287 -0.28 26.45 -20.18
CA VAL D 287 0.67 25.38 -20.29
C VAL D 287 1.18 25.14 -18.89
N HIS D 288 1.01 23.92 -18.41
CA HIS D 288 1.44 23.54 -17.08
C HIS D 288 2.52 22.48 -17.11
N PHE D 289 3.79 22.90 -17.10
CA PHE D 289 4.89 21.93 -17.09
C PHE D 289 5.43 21.92 -15.67
N GLY D 290 5.76 20.73 -15.18
CA GLY D 290 6.28 20.62 -13.83
C GLY D 290 7.79 20.68 -13.88
N SER D 291 8.40 21.01 -12.75
CA SER D 291 9.84 21.08 -12.68
C SER D 291 10.25 19.69 -12.27
N PRO D 292 11.25 19.16 -12.96
CA PRO D 292 11.75 17.82 -12.68
C PRO D 292 12.45 17.78 -11.34
N SER D 293 12.23 16.72 -10.57
CA SER D 293 12.85 16.59 -9.27
C SER D 293 13.70 15.33 -9.19
N GLY D 294 14.93 15.49 -8.71
CA GLY D 294 15.83 14.37 -8.52
C GLY D 294 15.64 13.77 -7.13
N SER D 295 15.50 12.45 -7.08
CA SER D 295 15.30 11.74 -5.82
C SER D 295 16.58 11.74 -4.99
N LEU D 296 16.44 11.56 -3.68
CA LEU D 296 17.60 11.55 -2.81
C LEU D 296 18.49 10.41 -3.26
N VAL D 297 19.80 10.66 -3.27
CA VAL D 297 20.74 9.70 -3.82
C VAL D 297 21.40 8.95 -2.67
N SER D 298 21.72 7.68 -2.89
CA SER D 298 22.31 6.90 -1.82
C SER D 298 23.66 6.30 -2.17
N THR D 299 24.25 5.68 -1.16
CA THR D 299 25.55 5.03 -1.28
C THR D 299 25.39 3.67 -1.92
N ASP D 300 24.15 3.21 -1.98
CA ASP D 300 23.86 1.92 -2.55
C ASP D 300 23.20 2.04 -3.92
N ASN D 301 22.42 3.09 -4.14
CA ASN D 301 21.79 3.20 -5.43
C ASN D 301 22.73 3.41 -6.59
N GLN D 302 23.81 4.18 -6.40
CA GLN D 302 24.69 4.46 -7.53
C GLN D 302 25.29 3.17 -8.07
N ILE D 303 25.20 3.00 -9.40
CA ILE D 303 25.74 1.83 -10.07
C ILE D 303 27.18 2.00 -10.54
N PHE D 304 28.14 1.94 -9.63
CA PHE D 304 29.54 2.07 -10.00
C PHE D 304 30.51 1.47 -9.03
N ASN D 305 31.74 1.33 -9.50
CA ASN D 305 32.76 0.75 -8.66
C ASN D 305 32.36 -0.72 -8.43
N ARG D 306 31.32 -1.16 -9.13
CA ARG D 306 30.84 -2.53 -8.99
C ARG D 306 31.20 -3.32 -10.22
N PRO D 307 32.23 -4.16 -10.13
CA PRO D 307 32.62 -4.95 -11.31
C PRO D 307 31.46 -5.72 -11.96
N TYR D 308 31.29 -5.54 -13.26
CA TYR D 308 30.24 -6.20 -14.01
C TYR D 308 30.80 -7.37 -14.78
N TRP D 309 30.44 -8.57 -14.36
CA TRP D 309 30.90 -9.75 -15.06
C TRP D 309 29.90 -10.01 -16.15
N LEU D 310 30.35 -9.94 -17.40
CA LEU D 310 29.48 -10.16 -18.53
C LEU D 310 29.51 -11.64 -18.92
N PHE D 311 28.43 -12.39 -18.67
CA PHE D 311 28.48 -13.80 -19.04
C PHE D 311 27.79 -14.14 -20.34
N ARG D 312 26.77 -13.38 -20.71
CA ARG D 312 26.12 -13.62 -21.98
C ARG D 312 25.56 -12.28 -22.37
N ALA D 313 25.85 -11.82 -23.57
CA ALA D 313 25.35 -10.51 -23.99
C ALA D 313 23.90 -10.68 -24.40
N GLN D 314 23.23 -9.63 -24.86
CA GLN D 314 21.80 -9.70 -25.22
C GLN D 314 21.52 -9.78 -26.73
N GLY D 315 22.55 -10.17 -27.48
CA GLY D 315 22.64 -10.04 -28.92
C GLY D 315 23.41 -11.26 -29.37
N MET D 316 23.73 -11.41 -30.64
CA MET D 316 24.48 -12.58 -31.03
C MET D 316 25.95 -12.34 -30.81
N ASN D 317 26.28 -11.21 -30.21
CA ASN D 317 27.68 -10.91 -29.97
C ASN D 317 28.03 -10.80 -28.50
N ASN D 318 28.40 -11.92 -27.87
CA ASN D 318 28.73 -11.90 -26.45
C ASN D 318 30.09 -11.26 -26.15
N GLY D 319 30.20 -9.95 -26.41
CA GLY D 319 31.42 -9.22 -26.11
C GLY D 319 32.68 -9.37 -26.96
N ILE D 320 32.54 -9.32 -28.27
CA ILE D 320 33.71 -9.45 -29.13
C ILE D 320 34.13 -8.09 -29.64
N ALA D 321 35.34 -7.70 -29.28
CA ALA D 321 35.87 -6.42 -29.69
C ALA D 321 36.25 -6.48 -31.16
N TRP D 322 35.25 -6.39 -32.02
CA TRP D 322 35.46 -6.39 -33.47
C TRP D 322 36.15 -5.08 -33.77
N ASN D 323 37.15 -5.09 -34.63
CA ASN D 323 37.86 -3.85 -34.95
C ASN D 323 38.71 -3.38 -33.80
N ASN D 324 39.01 -4.26 -32.85
CA ASN D 324 39.82 -3.88 -31.70
C ASN D 324 39.39 -2.51 -31.20
N LEU D 325 38.11 -2.42 -30.85
CA LEU D 325 37.55 -1.17 -30.36
C LEU D 325 36.38 -1.38 -29.39
N LEU D 326 36.26 -0.48 -28.42
CA LEU D 326 35.19 -0.54 -27.44
C LEU D 326 34.56 0.81 -27.26
N PHE D 327 33.31 0.83 -26.87
CA PHE D 327 32.62 2.09 -26.66
C PHE D 327 31.95 2.10 -25.32
N LEU D 328 32.38 3.01 -24.47
CA LEU D 328 31.81 3.07 -23.16
C LEU D 328 31.03 4.35 -23.01
N THR D 329 29.71 4.20 -22.89
CA THR D 329 28.86 5.35 -22.74
C THR D 329 28.40 5.39 -21.31
N VAL D 330 29.02 6.24 -20.51
CA VAL D 330 28.67 6.31 -19.10
C VAL D 330 28.27 7.71 -18.69
N GLY D 331 27.05 7.84 -18.19
CA GLY D 331 26.57 9.12 -17.73
C GLY D 331 25.76 9.01 -16.46
N ASP D 332 26.02 9.92 -15.53
CA ASP D 332 25.24 9.98 -14.30
C ASP D 332 25.40 11.35 -13.67
N ASN D 333 24.31 11.93 -13.20
CA ASN D 333 24.38 13.23 -12.59
C ASN D 333 24.47 13.06 -11.07
N THR D 334 24.64 11.83 -10.60
CA THR D 334 24.73 11.56 -9.17
C THR D 334 25.95 12.16 -8.46
N ARG D 335 27.14 11.83 -8.93
CA ARG D 335 28.37 12.33 -8.33
C ARG D 335 28.51 13.83 -8.29
N GLY D 336 28.22 14.46 -9.42
CA GLY D 336 28.37 15.91 -9.56
C GLY D 336 27.69 16.92 -8.64
N THR D 337 28.50 17.90 -8.23
CA THR D 337 28.08 19.02 -7.40
C THR D 337 29.00 20.13 -7.84
N ASN D 338 28.44 21.31 -8.03
CA ASN D 338 29.25 22.41 -8.49
C ASN D 338 30.13 23.02 -7.44
N LEU D 339 31.18 23.68 -7.89
CA LEU D 339 32.10 24.28 -6.97
C LEU D 339 32.19 25.80 -7.16
N THR D 340 31.91 26.53 -6.10
CA THR D 340 31.94 27.99 -6.13
C THR D 340 33.31 28.48 -5.70
N ILE D 341 33.59 29.73 -6.04
CA ILE D 341 34.85 30.34 -5.68
C ILE D 341 34.60 31.83 -5.53
N SER D 342 35.55 32.53 -4.92
CA SER D 342 35.41 33.96 -4.73
C SER D 342 36.76 34.63 -4.59
N VAL D 343 37.17 35.30 -5.66
CA VAL D 343 38.45 35.99 -5.67
C VAL D 343 38.18 37.47 -5.46
N ALA D 344 39.08 38.15 -4.76
CA ALA D 344 38.91 39.57 -4.51
C ALA D 344 39.16 40.25 -5.85
N SER D 345 38.39 41.28 -6.16
CA SER D 345 38.50 41.99 -7.43
C SER D 345 39.75 42.88 -7.53
N ASP D 346 40.60 42.83 -6.51
CA ASP D 346 41.84 43.63 -6.48
C ASP D 346 43.09 42.83 -6.15
N GLY D 347 42.92 41.61 -5.64
CA GLY D 347 44.08 40.79 -5.32
C GLY D 347 44.47 40.87 -3.84
N THR D 348 43.82 41.76 -3.10
CA THR D 348 44.10 41.92 -1.67
C THR D 348 42.85 41.54 -0.85
N PRO D 349 43.03 40.75 0.22
CA PRO D 349 41.85 40.39 1.03
C PRO D 349 41.04 41.63 1.35
N LEU D 350 39.73 41.53 1.20
CA LEU D 350 38.82 42.65 1.44
C LEU D 350 38.74 43.06 2.90
N THR D 351 38.95 44.34 3.19
CA THR D 351 38.90 44.82 4.57
C THR D 351 37.47 45.04 5.01
N GLU D 352 36.61 45.35 4.05
CA GLU D 352 35.21 45.58 4.31
C GLU D 352 34.43 44.69 3.34
N TYR D 353 33.15 44.46 3.62
CA TYR D 353 32.33 43.61 2.75
C TYR D 353 31.52 44.37 1.70
N ASP D 354 31.95 44.27 0.45
CA ASP D 354 31.28 44.94 -0.67
C ASP D 354 30.63 43.93 -1.59
N SER D 355 29.63 44.38 -2.31
CA SER D 355 28.93 43.53 -3.24
C SER D 355 29.70 43.49 -4.56
N SER D 356 30.65 44.42 -4.72
CA SER D 356 31.43 44.52 -5.94
C SER D 356 32.82 43.90 -5.87
N LYS D 357 33.38 43.83 -4.67
CA LYS D 357 34.72 43.30 -4.49
C LYS D 357 34.99 41.82 -4.80
N PHE D 358 34.09 40.92 -4.41
CA PHE D 358 34.33 39.51 -4.69
C PHE D 358 33.67 39.00 -5.95
N ASN D 359 34.49 38.45 -6.85
CA ASN D 359 34.01 37.91 -8.11
C ASN D 359 33.73 36.45 -7.93
N VAL D 360 32.50 36.06 -8.19
CA VAL D 360 32.09 34.66 -8.06
C VAL D 360 32.48 33.86 -9.28
N TYR D 361 33.25 32.80 -9.05
CA TYR D 361 33.66 31.95 -10.14
C TYR D 361 32.96 30.64 -10.07
N HIS D 362 33.02 29.88 -11.16
CA HIS D 362 32.24 28.70 -11.18
C HIS D 362 32.99 27.58 -11.90
N ARG D 363 33.43 26.60 -11.13
CA ARG D 363 34.19 25.46 -11.62
C ARG D 363 33.62 24.17 -11.05
N HIS D 364 33.59 23.13 -11.88
CA HIS D 364 33.06 21.83 -11.50
C HIS D 364 34.00 20.81 -12.11
N MET D 365 34.11 19.65 -11.50
CA MET D 365 35.16 18.73 -11.92
C MET D 365 34.69 17.29 -11.84
N GLU D 366 34.90 16.53 -12.91
CA GLU D 366 34.49 15.10 -12.95
C GLU D 366 35.66 14.15 -13.14
N GLU D 367 35.65 13.03 -12.41
CA GLU D 367 36.72 12.03 -12.54
C GLU D 367 36.28 10.56 -12.75
N TYR D 368 36.90 9.88 -13.72
CA TYR D 368 36.60 8.47 -14.00
C TYR D 368 37.86 7.62 -14.12
N LYS D 369 37.67 6.31 -14.02
CA LYS D 369 38.69 5.30 -14.23
C LYS D 369 38.02 4.13 -14.93
N LEU D 370 38.76 3.44 -15.80
CA LEU D 370 38.19 2.29 -16.52
C LEU D 370 39.03 1.03 -16.36
N ALA D 371 38.38 -0.10 -16.10
CA ALA D 371 39.12 -1.35 -15.95
C ALA D 371 38.43 -2.49 -16.68
N PHE D 372 39.19 -3.21 -17.51
CA PHE D 372 38.63 -4.31 -18.26
C PHE D 372 39.37 -5.60 -18.07
N ILE D 373 38.63 -6.70 -18.18
CA ILE D 373 39.21 -8.01 -18.10
C ILE D 373 38.92 -8.65 -19.45
N LEU D 374 39.80 -8.40 -20.41
CA LEU D 374 39.67 -8.93 -21.77
C LEU D 374 40.30 -10.27 -21.77
N GLU D 375 39.87 -11.09 -22.72
CA GLU D 375 40.43 -12.41 -22.84
C GLU D 375 40.74 -12.57 -24.31
N LEU D 376 41.63 -13.50 -24.58
CA LEU D 376 42.04 -13.77 -25.93
C LEU D 376 41.06 -14.74 -26.56
N CYS D 377 40.76 -14.55 -27.83
CA CYS D 377 39.84 -15.44 -28.53
C CYS D 377 40.10 -15.45 -30.03
N SER D 378 40.37 -16.66 -30.53
CA SER D 378 40.68 -16.89 -31.93
C SER D 378 39.50 -17.29 -32.81
N VAL D 379 39.24 -16.49 -33.83
CA VAL D 379 38.17 -16.81 -34.76
C VAL D 379 38.84 -17.62 -35.85
N GLU D 380 38.17 -18.69 -36.26
CA GLU D 380 38.64 -19.54 -37.34
C GLU D 380 38.39 -18.80 -38.64
N ILE D 381 39.11 -19.17 -39.69
CA ILE D 381 38.94 -18.51 -40.97
C ILE D 381 38.68 -19.56 -42.04
N THR D 382 37.47 -20.11 -42.01
CA THR D 382 37.06 -21.12 -42.99
C THR D 382 36.31 -20.36 -44.06
N ALA D 383 36.35 -20.88 -45.28
CA ALA D 383 35.66 -20.23 -46.38
C ALA D 383 34.28 -19.72 -45.92
N GLN D 384 33.52 -20.59 -45.27
CA GLN D 384 32.18 -20.28 -44.80
C GLN D 384 32.03 -19.17 -43.77
N THR D 385 32.79 -19.28 -42.70
CA THR D 385 32.75 -18.28 -41.63
C THR D 385 33.30 -16.94 -42.14
N VAL D 386 34.39 -17.01 -42.92
CA VAL D 386 35.02 -15.83 -43.50
C VAL D 386 33.93 -15.06 -44.22
N SER D 387 33.33 -15.74 -45.19
CA SER D 387 32.25 -15.20 -45.98
C SER D 387 31.25 -14.52 -45.07
N HIS D 388 30.66 -15.33 -44.20
CA HIS D 388 29.65 -14.87 -43.26
C HIS D 388 29.81 -13.43 -42.76
N LEU D 389 31.02 -13.04 -42.39
CA LEU D 389 31.26 -11.69 -41.88
C LEU D 389 30.99 -10.56 -42.88
N GLN D 390 30.94 -10.89 -44.15
CA GLN D 390 30.69 -9.89 -45.18
C GLN D 390 29.43 -9.11 -44.85
N GLY D 391 28.40 -9.85 -44.47
CA GLY D 391 27.12 -9.25 -44.13
C GLY D 391 27.01 -8.80 -42.68
N LEU D 392 27.80 -9.40 -41.80
CA LEU D 392 27.85 -8.94 -40.41
C LEU D 392 28.50 -7.56 -40.32
N MET D 393 29.65 -7.41 -40.99
CA MET D 393 30.35 -6.13 -41.07
C MET D 393 31.30 -6.06 -42.27
N PRO D 394 31.27 -4.93 -42.99
CA PRO D 394 32.19 -4.68 -44.09
C PRO D 394 33.66 -4.45 -43.70
N SER D 395 33.84 -3.74 -42.59
CA SER D 395 35.13 -3.20 -42.13
C SER D 395 36.13 -4.13 -41.43
N VAL D 396 35.66 -4.99 -40.53
CA VAL D 396 36.56 -5.88 -39.80
C VAL D 396 37.27 -6.86 -40.72
N LEU D 397 36.69 -7.10 -41.88
CA LEU D 397 37.25 -8.02 -42.85
C LEU D 397 38.37 -7.35 -43.61
N GLU D 398 38.37 -6.03 -43.56
CA GLU D 398 39.38 -5.26 -44.26
C GLU D 398 40.71 -5.19 -43.49
N ASN D 399 40.62 -4.84 -42.21
CA ASN D 399 41.78 -4.80 -41.32
C ASN D 399 42.31 -6.22 -41.10
N TRP D 400 41.35 -7.17 -40.96
CA TRP D 400 41.66 -8.59 -40.82
C TRP D 400 42.26 -9.10 -42.14
N GLU D 401 42.17 -8.27 -43.15
CA GLU D 401 42.70 -8.63 -44.48
C GLU D 401 42.32 -10.03 -44.98
N ILE D 402 41.02 -10.24 -45.09
CA ILE D 402 40.51 -11.54 -45.55
C ILE D 402 39.82 -11.40 -46.90
N GLY D 403 39.58 -10.15 -47.31
CA GLY D 403 38.95 -9.95 -48.59
C GLY D 403 38.96 -8.50 -49.07
N VAL D 404 39.09 -8.32 -50.38
CA VAL D 404 39.10 -6.99 -50.99
C VAL D 404 38.36 -7.00 -52.33
N GLN D 405 37.73 -5.87 -52.67
CA GLN D 405 36.99 -5.76 -53.93
C GLN D 405 37.94 -5.91 -55.12
N PRO D 406 39.10 -5.26 -55.00
CA PRO D 406 40.14 -5.29 -56.02
C PRO D 406 41.50 -5.53 -55.38
N PRO D 407 42.46 -6.05 -56.14
CA PRO D 407 43.80 -6.31 -55.61
C PRO D 407 44.50 -5.00 -55.21
N THR D 408 45.23 -5.04 -54.10
CA THR D 408 45.94 -3.86 -53.61
C THR D 408 46.99 -3.40 -54.61
N SER D 409 47.70 -4.35 -55.20
CA SER D 409 48.74 -4.04 -56.18
C SER D 409 48.12 -3.47 -57.44
N SER D 410 46.99 -4.04 -57.84
CA SER D 410 46.28 -3.60 -59.04
C SER D 410 45.73 -2.19 -59.24
N ILE D 411 45.45 -1.41 -58.20
CA ILE D 411 44.96 -0.08 -58.56
C ILE D 411 46.17 0.61 -59.20
N LEU D 412 45.97 1.21 -60.37
CA LEU D 412 47.07 1.90 -61.04
C LEU D 412 47.07 3.32 -60.50
N GLU D 413 48.10 3.68 -59.73
CA GLU D 413 48.19 5.03 -59.18
C GLU D 413 48.99 5.91 -60.12
N ASP D 414 48.43 7.06 -60.49
CA ASP D 414 49.11 7.98 -61.38
C ASP D 414 50.10 8.85 -60.67
N THR D 415 51.38 8.58 -60.93
CA THR D 415 52.50 9.30 -60.33
C THR D 415 53.17 10.25 -61.32
N TYR D 416 53.39 11.49 -60.88
CA TYR D 416 54.08 12.49 -61.68
C TYR D 416 55.55 12.60 -61.25
N ARG D 417 56.32 13.42 -61.95
CA ARG D 417 57.75 13.60 -61.68
C ARG D 417 57.99 15.10 -61.75
N TYR D 418 58.95 15.62 -61.02
CA TYR D 418 59.15 17.07 -61.05
C TYR D 418 57.78 17.71 -60.77
N ILE D 419 57.25 17.56 -59.56
CA ILE D 419 55.96 18.20 -59.31
C ILE D 419 56.17 19.69 -59.04
N GLU D 420 55.57 20.47 -59.92
CA GLU D 420 55.67 21.88 -59.82
C GLU D 420 54.49 22.34 -60.66
N SER D 421 54.31 23.65 -60.80
CA SER D 421 53.11 24.24 -61.40
C SER D 421 52.82 23.92 -62.86
N PRO D 422 53.83 23.89 -63.71
CA PRO D 422 53.57 23.70 -65.15
C PRO D 422 53.07 22.29 -65.51
N ALA D 423 51.89 22.22 -66.10
CA ALA D 423 51.34 20.96 -66.58
C ALA D 423 51.36 19.85 -65.54
N THR D 424 51.07 20.16 -64.28
CA THR D 424 51.12 19.12 -63.26
C THR D 424 50.13 19.28 -62.10
N LYS D 425 49.77 18.16 -61.48
CA LYS D 425 48.86 18.18 -60.34
C LYS D 425 49.58 18.76 -59.12
N CYS D 426 48.87 19.53 -58.32
CA CYS D 426 49.41 20.16 -57.11
C CYS D 426 48.46 20.04 -55.90
N ALA D 427 49.05 19.89 -54.72
CA ALA D 427 48.30 19.83 -53.44
C ALA D 427 47.26 18.70 -53.25
N SER D 428 47.61 17.51 -53.74
CA SER D 428 46.74 16.33 -53.61
C SER D 428 47.31 15.33 -52.59
N ASN D 429 48.07 15.83 -51.64
CA ASN D 429 48.62 14.93 -50.65
C ASN D 429 47.72 14.85 -49.44
N VAL D 430 47.92 13.81 -48.63
CA VAL D 430 47.18 13.57 -47.39
C VAL D 430 45.82 12.95 -47.57
N ILE D 431 45.46 12.57 -48.79
CA ILE D 431 44.17 11.93 -49.04
C ILE D 431 44.27 10.75 -50.00
N PRO D 432 43.33 9.83 -49.91
CA PRO D 432 42.27 9.85 -48.90
C PRO D 432 42.35 8.67 -47.93
N ALA D 433 43.36 7.83 -48.09
CA ALA D 433 43.53 6.63 -47.25
C ALA D 433 44.78 6.73 -46.37
N LYS D 434 44.64 6.34 -45.10
CA LYS D 434 43.39 5.80 -44.57
C LYS D 434 42.85 6.67 -43.45
N GLU D 435 41.55 6.96 -43.49
CA GLU D 435 40.92 7.80 -42.48
C GLU D 435 40.03 7.01 -41.52
N ASP D 436 40.00 7.44 -40.27
CA ASP D 436 39.15 6.81 -39.27
C ASP D 436 37.70 7.05 -39.66
N PRO D 437 36.83 6.06 -39.43
CA PRO D 437 35.43 6.19 -39.81
C PRO D 437 34.66 7.18 -38.93
N TYR D 438 34.93 7.17 -37.64
CA TYR D 438 34.23 8.05 -36.72
C TYR D 438 34.88 9.40 -36.60
N ALA D 439 35.65 9.79 -37.60
CA ALA D 439 36.32 11.07 -37.52
C ALA D 439 35.38 12.28 -37.54
N GLY D 440 34.20 12.14 -38.15
CA GLY D 440 33.26 13.24 -38.19
C GLY D 440 32.77 13.59 -36.80
N PHE D 441 32.44 12.54 -36.05
CA PHE D 441 31.97 12.67 -34.66
C PHE D 441 33.20 12.60 -33.79
N LYS D 442 33.13 13.09 -32.56
CA LYS D 442 34.30 13.01 -31.72
C LYS D 442 33.97 12.72 -30.28
N PHE D 443 34.88 12.05 -29.60
CA PHE D 443 34.63 11.74 -28.21
C PHE D 443 35.92 11.46 -27.47
N TRP D 444 35.82 11.35 -26.15
CA TRP D 444 37.01 11.20 -25.35
C TRP D 444 37.76 10.02 -25.91
N ASN D 445 39.07 10.17 -26.08
CA ASN D 445 39.82 9.09 -26.66
C ASN D 445 40.79 8.53 -25.62
N ILE D 446 40.52 7.30 -25.16
CA ILE D 446 41.36 6.67 -24.16
C ILE D 446 42.17 5.56 -24.78
N ASP D 447 43.48 5.73 -24.81
CA ASP D 447 44.36 4.73 -25.39
C ASP D 447 44.82 3.71 -24.36
N LEU D 448 44.68 2.43 -24.68
CA LEU D 448 45.09 1.38 -23.77
C LEU D 448 46.17 0.46 -24.34
N LYS D 449 46.76 0.86 -25.45
CA LYS D 449 47.78 0.03 -26.09
C LYS D 449 48.96 -0.38 -25.25
N GLU D 450 49.27 0.36 -24.20
CA GLU D 450 50.41 -0.03 -23.40
C GLU D 450 49.99 -0.38 -22.00
N LYS D 451 48.94 0.29 -21.50
CA LYS D 451 48.51 0.02 -20.14
C LYS D 451 47.64 -1.23 -20.19
N LEU D 452 48.25 -2.30 -20.68
CA LEU D 452 47.65 -3.61 -20.74
C LEU D 452 48.64 -4.63 -20.19
N SER D 453 48.16 -5.52 -19.33
CA SER D 453 49.02 -6.55 -18.76
C SER D 453 48.45 -7.96 -18.76
N LEU D 454 49.21 -8.87 -18.16
CA LEU D 454 48.86 -10.29 -18.08
C LEU D 454 48.85 -10.92 -16.69
N ASP D 455 49.25 -10.15 -15.67
CA ASP D 455 49.28 -10.64 -14.28
C ASP D 455 48.01 -10.25 -13.53
N LEU D 456 47.03 -11.14 -13.52
CA LEU D 456 45.79 -10.81 -12.86
C LEU D 456 45.93 -10.42 -11.41
N ASP D 457 46.76 -11.14 -10.68
CA ASP D 457 46.90 -10.82 -9.28
C ASP D 457 47.23 -9.36 -8.93
N GLN D 458 48.14 -8.76 -9.68
CA GLN D 458 48.58 -7.39 -9.43
C GLN D 458 47.57 -6.27 -9.22
N PHE D 459 46.64 -6.13 -10.15
CA PHE D 459 45.68 -5.05 -10.11
C PHE D 459 44.49 -5.23 -9.19
N PRO D 460 43.72 -4.15 -8.97
CA PRO D 460 42.54 -4.16 -8.12
C PRO D 460 41.45 -5.09 -8.65
N LEU D 461 41.08 -4.89 -9.91
CA LEU D 461 40.05 -5.71 -10.54
C LEU D 461 40.46 -7.16 -10.80
N GLY D 462 41.74 -7.46 -10.59
CA GLY D 462 42.21 -8.83 -10.78
C GLY D 462 41.80 -9.68 -9.59
N ARG D 463 42.24 -9.29 -8.41
CA ARG D 463 41.88 -10.02 -7.20
C ARG D 463 40.38 -10.13 -7.18
N ARG D 464 39.72 -9.01 -7.48
CA ARG D 464 38.26 -8.96 -7.51
C ARG D 464 37.71 -10.04 -8.42
N PHE D 465 38.51 -10.40 -9.42
CA PHE D 465 38.16 -11.42 -10.41
C PHE D 465 38.44 -12.82 -9.90
N LEU D 466 39.72 -13.10 -9.64
CA LEU D 466 40.15 -14.39 -9.13
C LEU D 466 39.33 -14.77 -7.91
N ALA D 467 38.97 -13.78 -7.11
CA ALA D 467 38.19 -14.01 -5.92
C ALA D 467 36.95 -14.81 -6.33
N GLN D 468 36.17 -14.25 -7.23
CA GLN D 468 34.96 -14.92 -7.68
C GLN D 468 35.32 -16.27 -8.29
N GLN D 469 36.46 -16.33 -8.97
CA GLN D 469 36.89 -17.57 -9.62
C GLN D 469 37.13 -18.75 -8.68
N GLY D 470 37.74 -18.51 -7.52
CA GLY D 470 37.99 -19.60 -6.59
C GLY D 470 39.49 -19.70 -6.42
N ALA D 471 40.23 -19.16 -7.39
CA ALA D 471 41.68 -19.04 -7.29
C ALA D 471 41.98 -17.69 -6.64
N GLY D 472 41.76 -17.56 -5.34
CA GLY D 472 42.02 -16.28 -4.73
C GLY D 472 42.89 -16.19 -3.51
N CYS D 473 43.93 -15.36 -3.60
CA CYS D 473 44.82 -15.16 -2.48
C CYS D 473 43.88 -14.50 -1.49
N SER D 474 43.04 -13.63 -2.03
CA SER D 474 42.05 -12.88 -1.26
C SER D 474 40.63 -13.12 -1.80
N THR D 475 39.73 -13.44 -0.88
CA THR D 475 38.31 -13.68 -1.16
C THR D 475 37.51 -12.45 -0.68
N VAL D 476 36.52 -12.03 -1.47
CA VAL D 476 35.72 -10.86 -1.10
C VAL D 476 34.70 -11.14 -0.02
N ARG D 477 35.16 -11.22 1.22
CA ARG D 477 34.27 -11.45 2.34
C ARG D 477 34.78 -10.81 3.62
N LYS D 478 33.97 -9.90 4.12
CA LYS D 478 34.18 -9.24 5.38
C LYS D 478 32.80 -9.36 5.97
N ARG D 479 32.44 -10.58 6.35
CA ARG D 479 31.10 -10.84 6.83
C ARG D 479 30.81 -9.99 8.04
N ARG D 480 29.64 -9.36 8.01
CA ARG D 480 29.22 -8.51 9.11
C ARG D 480 27.91 -9.03 9.65
N ILE D 481 27.88 -9.27 10.96
CA ILE D 481 26.66 -9.73 11.62
C ILE D 481 26.20 -8.56 12.50
N SER D 482 24.89 -8.42 12.68
CA SER D 482 24.33 -7.31 13.47
C SER D 482 22.89 -7.54 13.95
N ALA E 2 50.52 -10.16 -50.62
CA ALA E 2 51.19 -10.15 -51.93
C ALA E 2 52.25 -9.06 -52.07
N LEU E 3 52.86 -8.61 -50.98
CA LEU E 3 53.92 -7.57 -51.03
C LEU E 3 54.80 -7.56 -49.76
N TRP E 4 56.11 -7.35 -49.91
CA TRP E 4 57.04 -7.33 -48.77
C TRP E 4 57.49 -5.92 -48.49
N GLN E 5 57.54 -5.55 -47.22
CA GLN E 5 57.96 -4.21 -46.84
C GLN E 5 58.71 -4.33 -45.52
N GLN E 6 59.04 -3.19 -44.90
CA GLN E 6 59.79 -3.12 -43.63
C GLN E 6 58.91 -2.77 -42.42
N GLY E 7 58.55 -3.77 -41.61
CA GLY E 7 57.71 -3.51 -40.44
C GLY E 7 57.56 -4.64 -39.44
N GLN E 8 57.37 -4.33 -38.16
CA GLN E 8 57.28 -5.41 -37.18
C GLN E 8 56.34 -5.18 -35.99
N LYS E 9 55.83 -6.26 -35.44
CA LYS E 9 55.01 -6.13 -34.24
C LYS E 9 55.93 -6.39 -33.07
N LEU E 10 56.42 -5.33 -32.44
CA LEU E 10 57.29 -5.46 -31.28
C LEU E 10 56.44 -5.56 -30.04
N TYR E 11 55.78 -6.70 -29.85
CA TYR E 11 54.94 -6.94 -28.68
C TYR E 11 55.44 -8.05 -27.75
N LEU E 12 56.72 -8.40 -27.84
CA LEU E 12 57.23 -9.52 -27.06
C LEU E 12 57.02 -9.30 -25.57
N PRO E 13 56.60 -10.36 -24.87
CA PRO E 13 56.28 -10.29 -23.44
C PRO E 13 57.43 -9.70 -22.64
N PRO E 14 57.13 -8.84 -21.67
CA PRO E 14 58.15 -8.21 -20.83
C PRO E 14 58.86 -9.16 -19.87
N THR E 15 59.96 -8.68 -19.31
CA THR E 15 60.76 -9.46 -18.36
C THR E 15 60.01 -9.55 -17.04
N PRO E 16 59.96 -10.73 -16.45
CA PRO E 16 59.19 -10.84 -15.22
C PRO E 16 59.72 -9.79 -14.28
N VAL E 17 58.80 -9.02 -13.71
CA VAL E 17 59.11 -7.98 -12.77
C VAL E 17 58.53 -8.52 -11.50
N SER E 18 59.24 -8.39 -10.40
CA SER E 18 58.76 -9.06 -9.21
C SER E 18 57.33 -8.59 -8.96
N LYS E 19 56.47 -9.58 -8.79
CA LYS E 19 55.06 -9.36 -8.44
C LYS E 19 54.93 -9.47 -6.93
N VAL E 20 54.34 -8.47 -6.27
CA VAL E 20 54.20 -8.53 -4.81
C VAL E 20 53.43 -9.77 -4.32
N LEU E 21 54.08 -10.59 -3.47
CA LEU E 21 53.48 -11.81 -2.94
C LEU E 21 52.39 -11.50 -1.94
N CYS E 22 51.46 -12.44 -1.77
CA CYS E 22 50.36 -12.28 -0.82
C CYS E 22 50.83 -12.63 0.57
N SER E 23 50.39 -11.85 1.54
CA SER E 23 50.89 -11.91 2.92
C SER E 23 50.73 -13.29 3.54
N GLU E 24 49.72 -14.03 3.12
CA GLU E 24 49.47 -15.36 3.63
C GLU E 24 50.64 -16.31 3.37
N THR E 25 51.31 -16.15 2.24
CA THR E 25 52.38 -17.05 1.84
C THR E 25 53.58 -17.14 2.80
N TYR E 26 54.04 -16.01 3.33
CA TYR E 26 55.10 -16.07 4.30
C TYR E 26 54.64 -15.84 5.73
N VAL E 27 53.33 -15.77 5.94
CA VAL E 27 52.81 -15.57 7.29
C VAL E 27 52.07 -16.79 7.85
N GLN E 28 52.57 -17.30 8.96
CA GLN E 28 51.94 -18.45 9.62
C GLN E 28 50.92 -17.92 10.59
N ARG E 29 49.75 -18.53 10.61
CA ARG E 29 48.78 -18.08 11.56
C ARG E 29 48.70 -19.08 12.69
N LYS E 30 48.97 -18.62 13.90
CA LYS E 30 48.88 -19.50 15.04
C LYS E 30 47.39 -19.51 15.33
N SER E 31 46.98 -20.28 16.31
CA SER E 31 45.56 -20.32 16.62
C SER E 31 45.25 -19.61 17.93
N ILE E 32 45.96 -18.51 18.18
CA ILE E 32 45.75 -17.78 19.42
C ILE E 32 44.99 -16.49 19.22
N PHE E 33 44.17 -16.13 20.21
CA PHE E 33 43.39 -14.93 20.09
C PHE E 33 43.50 -14.04 21.29
N TYR E 34 43.29 -12.76 21.05
CA TYR E 34 43.33 -11.77 22.11
C TYR E 34 42.20 -10.81 21.98
N HIS E 35 41.90 -10.14 23.08
CA HIS E 35 40.83 -9.17 23.09
C HIS E 35 41.32 -7.81 23.57
N ALA E 36 41.38 -6.83 22.69
CA ALA E 36 41.85 -5.51 23.10
C ALA E 36 40.70 -4.49 23.19
N GLU E 37 40.20 -4.22 24.40
CA GLU E 37 39.11 -3.26 24.60
C GLU E 37 39.54 -1.93 25.22
N THR E 38 39.33 -0.82 24.51
CA THR E 38 39.69 0.51 25.01
C THR E 38 38.57 1.02 25.90
N GLU E 39 38.93 1.77 26.94
CA GLU E 39 37.88 2.29 27.82
C GLU E 39 37.23 3.45 27.09
N ARG E 40 35.92 3.65 27.29
CA ARG E 40 35.17 4.70 26.62
C ARG E 40 35.89 6.06 26.59
N LEU E 41 35.90 6.69 25.41
CA LEU E 41 36.57 7.98 25.20
C LEU E 41 35.60 9.14 25.01
N LEU E 42 35.79 10.21 25.74
CA LEU E 42 34.91 11.37 25.60
C LEU E 42 35.73 12.58 25.29
N THR E 43 35.12 13.52 24.61
CA THR E 43 35.77 14.76 24.24
C THR E 43 34.61 15.69 24.09
N ILE E 44 34.75 16.92 24.51
CA ILE E 44 33.63 17.83 24.36
C ILE E 44 34.13 19.20 23.96
N GLY E 45 33.27 20.07 23.44
CA GLY E 45 33.74 21.38 23.04
C GLY E 45 32.87 22.11 22.04
N HIS E 46 33.34 23.26 21.56
CA HIS E 46 32.62 23.99 20.54
C HIS E 46 33.09 23.48 19.18
N PRO E 47 32.17 22.86 18.44
CA PRO E 47 32.47 22.24 17.15
C PRO E 47 32.93 23.19 16.04
N TYR E 48 32.32 24.37 15.96
CA TYR E 48 32.58 25.26 14.84
C TYR E 48 34.01 25.74 14.73
N TYR E 49 34.56 26.19 15.84
CA TYR E 49 35.92 26.67 15.88
C TYR E 49 36.43 26.62 17.32
N PRO E 50 37.74 26.54 17.46
CA PRO E 50 38.40 26.58 18.77
C PRO E 50 38.15 27.92 19.49
N VAL E 51 37.69 27.83 20.73
CA VAL E 51 37.39 29.00 21.55
C VAL E 51 38.54 29.27 22.51
N SER E 52 38.54 30.47 23.08
CA SER E 52 39.60 30.83 24.01
C SER E 52 39.16 31.72 25.17
N ILE E 53 39.06 31.13 26.36
CA ILE E 53 38.67 31.86 27.56
C ILE E 53 39.90 31.95 28.47
N GLY E 54 40.29 33.15 28.86
CA GLY E 54 41.45 33.33 29.71
C GLY E 54 42.72 33.00 28.92
N ALA E 55 43.52 32.08 29.45
CA ALA E 55 44.76 31.68 28.77
C ALA E 55 44.73 30.20 28.44
N LYS E 56 43.52 29.62 28.44
CA LYS E 56 43.33 28.21 28.12
C LYS E 56 42.48 28.12 26.85
N THR E 57 42.36 26.91 26.29
CA THR E 57 41.59 26.70 25.07
C THR E 57 40.37 25.78 25.24
N VAL E 58 39.67 25.52 24.15
CA VAL E 58 38.51 24.63 24.14
C VAL E 58 38.50 23.98 22.77
N PRO E 59 39.05 22.78 22.64
CA PRO E 59 39.07 22.11 21.33
C PRO E 59 37.74 22.20 20.58
N LYS E 60 37.82 22.56 19.30
CA LYS E 60 36.63 22.67 18.46
C LYS E 60 36.28 21.24 18.04
N VAL E 61 35.42 20.63 18.85
CA VAL E 61 34.98 19.26 18.62
C VAL E 61 33.67 19.22 17.87
N SER E 62 33.75 18.89 16.59
CA SER E 62 32.56 18.83 15.75
C SER E 62 32.12 17.41 15.48
N ALA E 63 30.98 17.31 14.80
CA ALA E 63 30.42 16.04 14.43
C ALA E 63 30.85 15.72 13.00
N ASN E 64 31.60 16.64 12.40
CA ASN E 64 32.07 16.43 11.04
C ASN E 64 33.59 16.46 10.96
N GLN E 65 34.24 15.53 11.67
CA GLN E 65 35.70 15.41 11.67
C GLN E 65 36.06 13.95 11.79
N TYR E 66 36.94 13.49 10.93
CA TYR E 66 37.33 12.10 10.97
C TYR E 66 38.13 11.77 12.24
N ARG E 67 37.48 11.13 13.21
CA ARG E 67 38.23 10.74 14.38
C ARG E 67 39.22 9.70 13.89
N VAL E 68 40.50 9.99 13.94
CA VAL E 68 41.46 9.00 13.49
C VAL E 68 42.31 8.50 14.64
N PHE E 69 42.05 7.27 15.03
CA PHE E 69 42.76 6.66 16.12
C PHE E 69 44.02 5.95 15.66
N LYS E 70 45.05 6.04 16.47
CA LYS E 70 46.24 5.27 16.22
C LYS E 70 46.17 4.29 17.35
N ILE E 71 45.88 3.04 17.04
CA ILE E 71 45.81 2.05 18.09
C ILE E 71 47.18 1.46 18.14
N GLN E 72 47.97 1.87 19.12
CA GLN E 72 49.32 1.33 19.20
C GLN E 72 49.31 0.04 19.95
N LEU E 73 49.88 -0.99 19.34
CA LEU E 73 49.90 -2.29 19.95
C LEU E 73 51.10 -2.61 20.81
N PRO E 74 51.00 -3.71 21.56
CA PRO E 74 52.06 -4.20 22.44
C PRO E 74 52.88 -5.08 21.54
N ASP E 75 54.18 -4.82 21.46
CA ASP E 75 54.99 -5.57 20.52
C ASP E 75 54.86 -7.02 20.89
N PRO E 76 54.46 -7.81 19.91
CA PRO E 76 54.29 -9.25 20.06
C PRO E 76 55.59 -9.98 20.29
N ASN E 77 56.63 -9.53 19.61
CA ASN E 77 57.86 -10.28 19.53
C ASN E 77 58.67 -10.21 20.80
N GLN E 78 58.16 -9.46 21.78
CA GLN E 78 58.84 -9.27 23.05
C GLN E 78 57.99 -9.74 24.22
N PHE E 79 57.25 -10.82 24.01
CA PHE E 79 56.38 -11.36 25.04
C PHE E 79 56.98 -12.47 25.84
N ALA E 80 56.08 -13.22 26.48
CA ALA E 80 56.44 -14.36 27.30
C ALA E 80 56.08 -15.65 26.58
N LEU E 81 57.06 -16.55 26.56
CA LEU E 81 56.97 -17.86 25.92
C LEU E 81 57.34 -18.90 26.97
N PRO E 82 56.32 -19.54 27.58
CA PRO E 82 56.53 -20.57 28.61
C PRO E 82 57.04 -21.92 28.06
N ASP E 83 56.96 -22.06 26.74
CA ASP E 83 57.35 -23.29 26.05
C ASP E 83 58.43 -23.20 24.94
N ARG E 84 58.84 -24.36 24.43
CA ARG E 84 59.84 -24.44 23.36
C ARG E 84 59.11 -24.33 22.01
N THR E 85 57.80 -24.62 22.02
CA THR E 85 56.91 -24.56 20.84
C THR E 85 56.81 -23.16 20.24
N VAL E 86 56.89 -22.16 21.12
CA VAL E 86 56.83 -20.77 20.67
C VAL E 86 58.00 -20.61 19.72
N HIS E 87 57.85 -19.77 18.70
CA HIS E 87 58.81 -19.73 17.60
C HIS E 87 60.27 -19.55 18.02
N ASN E 88 61.14 -20.24 17.31
CA ASN E 88 62.56 -20.20 17.59
C ASN E 88 63.03 -18.77 17.46
N PRO E 89 64.01 -18.40 18.27
CA PRO E 89 64.44 -17.01 18.40
C PRO E 89 64.90 -16.43 17.07
N SER E 90 65.61 -17.19 16.25
CA SER E 90 66.06 -16.61 14.98
C SER E 90 65.33 -16.97 13.68
N LYS E 91 64.51 -18.00 13.70
CA LYS E 91 63.80 -18.37 12.47
C LYS E 91 62.64 -17.43 12.16
N GLU E 92 61.82 -17.19 13.19
CA GLU E 92 60.54 -16.49 13.04
C GLU E 92 60.27 -15.35 14.03
N ARG E 93 59.34 -14.50 13.64
CA ARG E 93 58.94 -13.32 14.34
C ARG E 93 57.45 -13.35 14.45
N LEU E 94 56.93 -12.79 15.53
CA LEU E 94 55.49 -12.77 15.72
C LEU E 94 54.94 -11.39 15.51
N VAL E 95 53.66 -11.33 15.14
CA VAL E 95 53.00 -10.06 14.92
C VAL E 95 51.55 -10.17 15.31
N TRP E 96 50.79 -9.18 14.90
CA TRP E 96 49.39 -9.19 15.21
C TRP E 96 48.61 -9.25 13.93
N ALA E 97 47.40 -9.79 14.00
CA ALA E 97 46.54 -9.85 12.83
C ALA E 97 45.13 -9.61 13.33
N VAL E 98 44.47 -8.59 12.79
CA VAL E 98 43.10 -8.32 13.20
C VAL E 98 42.09 -9.25 12.56
N ILE E 99 41.12 -9.65 13.34
CA ILE E 99 40.11 -10.55 12.84
C ILE E 99 38.80 -9.85 13.02
N GLY E 100 38.69 -9.16 14.14
CA GLY E 100 37.45 -8.47 14.42
C GLY E 100 37.62 -7.09 14.98
N VAL E 101 36.74 -6.20 14.52
CA VAL E 101 36.73 -4.84 14.98
C VAL E 101 35.31 -4.44 15.22
N GLN E 102 35.09 -3.75 16.33
CA GLN E 102 33.75 -3.31 16.62
C GLN E 102 33.85 -1.96 17.28
N VAL E 103 33.59 -0.94 16.49
CA VAL E 103 33.61 0.44 16.93
C VAL E 103 32.24 0.73 17.52
N SER E 104 32.22 1.11 18.79
CA SER E 104 30.95 1.40 19.44
C SER E 104 30.79 2.89 19.67
N ARG E 105 29.66 3.41 19.23
CA ARG E 105 29.35 4.83 19.36
C ARG E 105 28.26 5.08 20.38
N GLY E 106 28.62 5.63 21.53
CA GLY E 106 27.62 5.86 22.55
C GLY E 106 27.09 7.28 22.72
N GLN E 107 25.93 7.55 22.14
CA GLN E 107 25.30 8.86 22.24
C GLN E 107 23.90 8.75 21.68
N PRO E 108 23.04 9.71 22.00
CA PRO E 108 21.66 9.67 21.48
C PRO E 108 21.64 10.04 20.00
N LEU E 109 20.93 9.25 19.20
CA LEU E 109 20.84 9.50 17.77
C LEU E 109 20.19 10.85 17.49
N GLY E 110 20.43 11.39 16.30
CA GLY E 110 19.86 12.68 15.93
C GLY E 110 20.51 13.25 14.68
N GLY E 111 20.04 14.41 14.21
CA GLY E 111 20.61 15.00 13.01
C GLY E 111 21.58 16.12 13.31
N THR E 112 22.58 16.31 12.45
CA THR E 112 23.56 17.38 12.67
C THR E 112 23.20 18.62 11.90
N VAL E 113 23.26 19.76 12.57
CA VAL E 113 22.96 21.01 11.91
C VAL E 113 24.17 21.91 12.03
N THR E 114 24.27 22.85 11.11
CA THR E 114 25.36 23.80 11.08
C THR E 114 24.82 25.03 10.37
N GLY E 115 25.32 26.20 10.73
CA GLY E 115 24.83 27.39 10.07
C GLY E 115 25.97 28.37 9.94
N HIS E 116 25.62 29.65 9.90
CA HIS E 116 26.59 30.70 9.79
C HIS E 116 25.92 32.03 10.04
N PRO E 117 26.59 32.92 10.74
CA PRO E 117 26.03 34.23 11.05
C PRO E 117 25.61 35.00 9.80
N THR E 118 26.54 35.24 8.87
CA THR E 118 26.23 35.96 7.63
C THR E 118 26.63 35.21 6.35
N PHE E 119 25.69 34.43 5.81
CA PHE E 119 25.92 33.64 4.61
C PHE E 119 25.68 34.48 3.37
N ASN E 120 26.12 33.97 2.21
CA ASN E 120 25.97 34.68 0.95
C ASN E 120 24.95 34.05 0.02
N ALA E 121 23.69 34.43 0.19
CA ALA E 121 22.61 33.91 -0.64
C ALA E 121 21.63 35.02 -1.00
N LEU E 122 21.70 35.48 -2.24
CA LEU E 122 20.80 36.51 -2.76
C LEU E 122 19.32 36.16 -2.95
N LEU E 123 19.04 34.97 -3.53
CA LEU E 123 17.68 34.57 -3.86
C LEU E 123 17.53 33.06 -4.08
N ASP E 124 16.29 32.57 -4.16
CA ASP E 124 16.05 31.14 -4.31
C ASP E 124 15.08 30.75 -5.44
N ALA E 125 14.77 29.46 -5.51
CA ALA E 125 13.86 28.89 -6.53
C ALA E 125 12.38 29.03 -6.16
N GLU E 126 11.91 30.27 -6.13
CA GLU E 126 10.52 30.62 -5.80
C GLU E 126 9.88 31.44 -6.93
N ASN E 127 8.64 31.12 -7.28
CA ASN E 127 7.96 31.81 -8.38
C ASN E 127 7.15 33.03 -8.05
N VAL E 128 6.67 33.14 -6.82
CA VAL E 128 5.86 34.28 -6.46
C VAL E 128 6.63 35.34 -5.64
N ASN E 129 7.94 35.15 -5.51
CA ASN E 129 8.76 36.11 -4.77
C ASN E 129 8.98 37.38 -5.59
N ARG E 130 8.96 38.53 -4.92
CA ARG E 130 9.14 39.82 -5.60
C ARG E 130 10.38 39.82 -6.50
N LYS E 131 10.47 40.80 -7.39
CA LYS E 131 11.61 40.89 -8.30
C LYS E 131 12.94 41.22 -7.62
N VAL E 132 14.03 40.62 -8.13
CA VAL E 132 15.38 40.80 -7.57
C VAL E 132 15.87 42.24 -7.51
N THR E 133 16.01 42.74 -6.28
CA THR E 133 16.50 44.08 -6.07
C THR E 133 18.01 44.05 -6.35
N THR E 134 18.53 45.12 -6.94
CA THR E 134 19.95 45.20 -7.22
C THR E 134 20.60 44.83 -5.90
N GLN E 135 21.74 44.15 -5.94
CA GLN E 135 22.39 43.79 -4.70
C GLN E 135 22.76 45.03 -3.91
N THR E 136 22.36 45.06 -2.65
CA THR E 136 22.67 46.15 -1.74
C THR E 136 24.10 45.95 -1.26
N THR E 137 24.55 46.81 -0.36
CA THR E 137 25.93 46.71 0.11
C THR E 137 26.08 45.31 0.70
N ASP E 138 25.05 44.85 1.39
CA ASP E 138 25.05 43.48 1.92
C ASP E 138 23.69 42.79 1.67
N ASP E 139 23.72 41.48 1.47
CA ASP E 139 22.51 40.70 1.23
C ASP E 139 22.58 39.43 2.08
N ARG E 140 23.68 39.27 2.82
CA ARG E 140 23.88 38.12 3.70
C ARG E 140 22.75 38.06 4.70
N LYS E 141 22.53 36.89 5.29
CA LYS E 141 21.47 36.74 6.28
C LYS E 141 21.91 35.62 7.18
N GLN E 142 21.15 35.35 8.22
CA GLN E 142 21.53 34.25 9.09
C GLN E 142 21.02 33.01 8.37
N THR E 143 21.89 32.02 8.21
CA THR E 143 21.57 30.80 7.47
C THR E 143 21.64 29.46 8.17
N GLY E 144 20.56 28.69 8.05
CA GLY E 144 20.53 27.37 8.63
C GLY E 144 20.95 26.46 7.49
N LEU E 145 21.63 25.37 7.79
CA LEU E 145 22.06 24.45 6.74
C LEU E 145 22.33 23.08 7.34
N ASP E 146 21.39 22.16 7.15
CA ASP E 146 21.55 20.83 7.72
C ASP E 146 22.66 20.03 7.03
N ALA E 147 23.44 19.31 7.83
CA ALA E 147 24.55 18.48 7.35
C ALA E 147 24.10 17.49 6.27
N LYS E 148 25.05 17.02 5.48
CA LYS E 148 24.78 16.07 4.40
C LYS E 148 25.10 14.65 4.90
N GLN E 149 24.20 14.02 5.63
CA GLN E 149 24.54 12.79 6.37
C GLN E 149 25.27 11.67 5.62
N GLN E 150 26.33 11.20 6.28
CA GLN E 150 27.23 10.15 5.80
C GLN E 150 27.99 9.46 6.96
N GLN E 151 28.58 8.30 6.67
CA GLN E 151 29.33 7.48 7.63
C GLN E 151 30.48 6.74 6.98
N ILE E 152 31.66 6.84 7.59
CA ILE E 152 32.84 6.20 7.04
C ILE E 152 33.67 5.49 8.10
N LEU E 153 33.96 4.22 7.87
CA LEU E 153 34.82 3.48 8.76
C LEU E 153 35.88 2.71 7.95
N LEU E 154 37.13 2.82 8.33
CA LEU E 154 38.15 2.02 7.69
C LEU E 154 39.40 1.79 8.51
N LEU E 155 39.72 0.51 8.59
CA LEU E 155 40.83 0.00 9.34
C LEU E 155 41.96 -0.40 8.41
N GLY E 156 43.19 -0.16 8.88
CA GLY E 156 44.35 -0.48 8.09
C GLY E 156 45.66 -0.39 8.85
N CYS E 157 46.75 -0.42 8.10
CA CYS E 157 48.08 -0.36 8.68
C CYS E 157 48.64 1.05 8.63
N THR E 158 48.45 1.71 7.49
CA THR E 158 48.93 3.06 7.28
C THR E 158 47.75 4.02 7.24
N PRO E 159 47.96 5.29 7.58
CA PRO E 159 46.87 6.26 7.56
C PRO E 159 46.16 6.36 6.21
N ALA E 160 44.85 6.49 6.26
CA ALA E 160 44.03 6.59 5.05
C ALA E 160 44.32 7.87 4.29
N GLU E 161 44.22 7.79 2.96
CA GLU E 161 44.48 8.93 2.09
C GLU E 161 43.23 9.61 1.55
N GLY E 162 43.28 10.94 1.51
CA GLY E 162 42.18 11.71 1.01
C GLY E 162 42.60 12.59 -0.15
N GLU E 163 41.61 13.15 -0.84
CA GLU E 163 41.84 14.01 -1.98
C GLU E 163 41.06 15.31 -1.80
N TYR E 164 41.49 16.35 -2.51
CA TYR E 164 40.90 17.69 -2.41
C TYR E 164 41.35 18.57 -3.57
N TRP E 165 40.71 19.73 -3.76
CA TRP E 165 41.14 20.65 -4.78
C TRP E 165 41.81 21.88 -4.22
N THR E 166 42.84 22.35 -4.90
CA THR E 166 43.59 23.53 -4.48
C THR E 166 43.95 24.31 -5.71
N THR E 167 44.66 25.41 -5.51
CA THR E 167 45.06 26.24 -6.62
C THR E 167 46.50 25.92 -7.01
N ALA E 168 46.69 25.53 -8.26
CA ALA E 168 48.02 25.21 -8.76
C ALA E 168 48.72 26.48 -9.25
N ARG E 169 50.01 26.64 -8.93
CA ARG E 169 50.73 27.82 -9.39
C ARG E 169 50.39 28.02 -10.89
N PRO E 170 49.96 29.25 -11.16
CA PRO E 170 49.65 29.75 -12.49
C PRO E 170 51.00 29.93 -13.17
N CYS E 171 51.00 29.78 -14.48
CA CYS E 171 52.21 29.86 -15.27
C CYS E 171 52.74 31.26 -15.54
N VAL E 172 53.99 31.30 -16.03
CA VAL E 172 54.64 32.54 -16.36
C VAL E 172 53.87 33.27 -17.45
N THR E 173 53.38 32.55 -18.46
CA THR E 173 52.61 33.22 -19.50
C THR E 173 51.73 34.25 -18.77
N ASP E 174 51.73 35.49 -19.25
CA ASP E 174 50.96 36.54 -18.58
C ASP E 174 49.78 37.18 -19.34
N ARG E 175 48.57 36.80 -18.96
CA ARG E 175 47.32 37.32 -19.50
C ARG E 175 46.47 37.57 -18.25
N LEU E 176 47.16 37.60 -17.11
CA LEU E 176 46.57 37.77 -15.79
C LEU E 176 45.92 39.12 -15.48
N GLU E 177 44.98 39.07 -14.55
CA GLU E 177 44.24 40.22 -14.07
C GLU E 177 44.11 39.95 -12.58
N ASN E 178 43.55 40.89 -11.83
CA ASN E 178 43.41 40.68 -10.40
C ASN E 178 42.27 39.74 -10.01
N GLY E 179 41.14 39.85 -10.69
CA GLY E 179 40.01 38.99 -10.38
C GLY E 179 39.99 37.70 -11.18
N ALA E 180 41.05 37.42 -11.93
CA ALA E 180 41.09 36.22 -12.76
C ALA E 180 41.00 34.97 -11.90
N CYS E 181 40.22 34.00 -12.36
CA CYS E 181 40.02 32.75 -11.63
C CYS E 181 41.30 31.90 -11.55
N PRO E 182 41.54 31.34 -10.38
CA PRO E 182 42.70 30.47 -10.17
C PRO E 182 42.56 29.12 -10.86
N PRO E 183 43.68 28.56 -11.32
CA PRO E 183 43.68 27.25 -11.95
C PRO E 183 43.48 26.29 -10.80
N LEU E 184 43.05 25.06 -11.09
CA LEU E 184 42.83 24.09 -10.03
C LEU E 184 43.57 22.81 -10.27
N GLU E 185 43.73 22.02 -9.22
CA GLU E 185 44.45 20.77 -9.37
C GLU E 185 44.19 19.87 -8.17
N LEU E 186 44.23 18.56 -8.42
CA LEU E 186 43.97 17.57 -7.38
C LEU E 186 45.18 17.28 -6.51
N LYS E 187 44.97 17.01 -5.22
CA LYS E 187 46.08 16.70 -4.34
C LYS E 187 45.72 15.66 -3.30
N ASN E 188 46.70 14.85 -2.95
CA ASN E 188 46.51 13.79 -1.97
C ASN E 188 47.07 14.26 -0.66
N LYS E 189 46.66 13.61 0.41
CA LYS E 189 47.15 13.90 1.74
C LYS E 189 46.68 12.76 2.62
N HIS E 190 47.23 12.60 3.81
CA HIS E 190 46.65 11.60 4.69
C HIS E 190 45.60 12.25 5.55
N ILE E 191 44.76 11.43 6.16
CA ILE E 191 43.70 11.93 7.02
C ILE E 191 44.19 11.94 8.49
N GLU E 192 44.20 13.12 9.10
CA GLU E 192 44.64 13.30 10.50
C GLU E 192 43.45 13.31 11.46
N ASP E 193 43.66 13.65 12.73
CA ASP E 193 42.56 13.64 13.70
C ASP E 193 41.48 14.71 13.60
N GLY E 194 41.86 15.96 13.30
CA GLY E 194 40.87 17.01 13.21
C GLY E 194 40.59 17.52 11.81
N ASP E 195 40.21 16.64 10.90
CA ASP E 195 39.93 17.07 9.54
C ASP E 195 38.45 17.18 9.32
N MET E 196 38.07 17.83 8.24
CA MET E 196 36.67 18.04 7.94
C MET E 196 36.00 17.00 7.03
N MET E 197 34.77 16.65 7.41
CA MET E 197 33.94 15.72 6.68
C MET E 197 33.36 16.47 5.51
N GLU E 198 32.85 15.76 4.51
CA GLU E 198 32.31 16.44 3.35
C GLU E 198 30.84 16.81 3.57
N ILE E 199 30.62 18.11 3.74
CA ILE E 199 29.29 18.67 3.81
C ILE E 199 28.77 19.46 2.62
N GLY E 200 28.22 18.75 1.64
CA GLY E 200 27.64 19.42 0.50
C GLY E 200 28.48 20.16 -0.51
N PHE E 201 29.71 20.56 -0.20
CA PHE E 201 30.45 21.30 -1.21
C PHE E 201 31.70 20.56 -1.56
N GLY E 202 32.22 20.79 -2.76
CA GLY E 202 33.43 20.13 -3.20
C GLY E 202 34.51 20.26 -2.15
N ALA E 203 35.48 19.33 -2.18
CA ALA E 203 36.58 19.32 -1.22
C ALA E 203 37.76 20.20 -1.62
N ALA E 204 38.13 21.14 -0.74
CA ALA E 204 39.24 22.02 -1.02
C ALA E 204 39.63 22.80 0.22
N ASN E 205 40.89 23.22 0.21
CA ASN E 205 41.38 24.01 1.31
C ASN E 205 40.77 25.31 0.87
N PHE E 206 39.62 25.56 1.48
CA PHE E 206 38.75 26.65 1.12
C PHE E 206 39.48 27.94 1.38
N LYS E 207 40.50 27.83 2.22
CA LYS E 207 41.21 29.03 2.63
C LYS E 207 41.59 29.91 1.43
N GLU E 208 41.84 29.28 0.27
CA GLU E 208 42.21 30.05 -0.92
C GLU E 208 41.08 30.15 -1.92
N ILE E 209 39.91 29.64 -1.55
CA ILE E 209 38.76 29.68 -2.45
C ILE E 209 37.69 30.64 -1.97
N ASN E 210 37.53 30.74 -0.66
CA ASN E 210 36.58 31.70 -0.12
C ASN E 210 37.35 32.90 0.39
N ALA E 211 37.34 33.96 -0.41
CA ALA E 211 37.98 35.21 -0.04
C ALA E 211 36.88 36.11 0.45
N SER E 212 35.67 35.57 0.49
CA SER E 212 34.48 36.35 0.86
C SER E 212 33.98 36.08 2.27
N LYS E 213 34.27 34.89 2.78
CA LYS E 213 33.94 34.53 4.15
C LYS E 213 32.45 34.25 4.28
N SER E 214 31.74 34.38 3.17
CA SER E 214 30.29 34.18 3.14
C SER E 214 29.91 32.93 2.35
N ASP E 215 30.89 32.17 1.92
CA ASP E 215 30.61 31.00 1.11
C ASP E 215 30.56 29.63 1.78
N LEU E 216 30.71 29.58 3.10
CA LEU E 216 30.68 28.28 3.73
C LEU E 216 29.95 28.28 5.05
N PRO E 217 29.62 27.09 5.56
CA PRO E 217 28.92 27.08 6.85
C PRO E 217 30.05 27.36 7.86
N LEU E 218 29.78 28.18 8.88
CA LEU E 218 30.83 28.75 9.69
C LEU E 218 31.78 27.70 10.28
N ASP E 219 31.27 26.55 10.66
CA ASP E 219 32.12 25.48 11.20
C ASP E 219 33.16 24.96 10.20
N ILE E 220 32.78 24.84 8.92
CA ILE E 220 33.63 24.20 7.92
C ILE E 220 34.65 25.20 7.39
N GLN E 221 34.22 26.43 7.21
CA GLN E 221 35.08 27.49 6.70
C GLN E 221 36.52 27.59 7.21
N ASN E 222 37.42 27.98 6.31
CA ASN E 222 38.81 28.17 6.65
C ASN E 222 39.54 26.87 7.00
N GLU E 223 38.86 25.75 6.77
CA GLU E 223 39.40 24.43 7.06
C GLU E 223 39.28 23.56 5.82
N ILE E 224 40.12 22.53 5.75
CA ILE E 224 40.12 21.64 4.60
C ILE E 224 39.18 20.43 4.66
N CYS E 225 38.36 20.32 3.62
CA CYS E 225 37.41 19.24 3.41
C CYS E 225 38.07 18.10 2.67
N LEU E 226 38.22 16.96 3.32
CA LEU E 226 38.82 15.83 2.65
C LEU E 226 37.77 14.87 2.13
N TYR E 227 38.24 13.79 1.54
CA TYR E 227 37.34 12.79 1.05
C TYR E 227 38.13 11.49 0.94
N PRO E 228 37.45 10.37 0.89
CA PRO E 228 38.16 9.10 0.79
C PRO E 228 38.52 8.85 -0.67
N ASP E 229 39.82 8.79 -0.95
CA ASP E 229 40.28 8.55 -2.31
C ASP E 229 40.27 7.04 -2.50
N TYR E 230 39.08 6.46 -2.54
CA TYR E 230 38.95 5.03 -2.71
C TYR E 230 39.78 4.51 -3.85
N LEU E 231 39.84 5.26 -4.93
CA LEU E 231 40.61 4.83 -6.08
C LEU E 231 42.06 4.53 -5.74
N LYS E 232 42.68 5.45 -5.00
CA LYS E 232 44.07 5.29 -4.59
C LYS E 232 44.25 4.08 -3.69
N MET E 233 43.34 3.90 -2.74
CA MET E 233 43.39 2.79 -1.79
C MET E 233 43.33 1.43 -2.47
N ALA E 234 42.54 1.35 -3.53
CA ALA E 234 42.37 0.11 -4.25
C ALA E 234 43.56 -0.20 -5.17
N GLU E 235 44.47 0.74 -5.31
CA GLU E 235 45.59 0.49 -6.18
C GLU E 235 46.87 0.05 -5.49
N ASP E 236 47.12 0.51 -4.26
CA ASP E 236 48.33 0.14 -3.53
C ASP E 236 48.50 -1.36 -3.42
N ALA E 237 49.67 -1.84 -3.80
CA ALA E 237 49.96 -3.27 -3.74
C ALA E 237 49.73 -3.77 -2.32
N ALA E 238 50.39 -3.12 -1.37
CA ALA E 238 50.29 -3.47 0.03
C ALA E 238 48.83 -3.66 0.43
N GLY E 239 48.09 -2.57 0.33
CA GLY E 239 46.70 -2.61 0.72
C GLY E 239 46.70 -2.11 2.14
N ASN E 240 47.89 -1.74 2.61
CA ASN E 240 48.05 -1.22 3.95
C ASN E 240 47.08 -0.10 4.20
N SER E 241 46.76 0.64 3.15
CA SER E 241 45.84 1.75 3.27
C SER E 241 44.54 1.41 3.97
N MET E 242 43.94 0.26 3.63
CA MET E 242 42.69 -0.17 4.26
C MET E 242 42.44 -1.69 4.22
N PHE E 243 42.23 -2.31 5.39
CA PHE E 243 41.96 -3.75 5.45
C PHE E 243 40.60 -4.07 4.82
N PHE E 244 39.64 -3.22 5.14
CA PHE E 244 38.25 -3.25 4.68
C PHE E 244 37.70 -1.86 4.97
N PHE E 245 36.41 -1.66 4.70
CA PHE E 245 35.80 -0.35 4.93
C PHE E 245 34.32 -0.38 4.56
N ALA E 246 33.56 0.53 5.16
CA ALA E 246 32.13 0.65 4.91
C ALA E 246 31.73 2.12 4.80
N ARG E 247 30.73 2.40 3.98
CA ARG E 247 30.28 3.77 3.82
C ARG E 247 28.80 3.79 3.49
N LYS E 248 28.08 4.71 4.10
CA LYS E 248 26.66 4.87 3.84
C LYS E 248 26.43 6.35 3.90
N GLU E 249 25.88 6.91 2.84
CA GLU E 249 25.65 8.35 2.83
C GLU E 249 24.53 8.71 1.88
N GLN E 250 23.53 9.42 2.38
CA GLN E 250 22.45 9.84 1.52
C GLN E 250 22.37 11.33 1.60
N VAL E 251 21.99 11.97 0.49
CA VAL E 251 21.86 13.41 0.46
C VAL E 251 21.00 13.75 -0.73
N TYR E 252 20.56 15.00 -0.79
CA TYR E 252 19.73 15.46 -1.88
C TYR E 252 19.56 16.94 -1.64
N VAL E 253 19.25 17.66 -2.71
CA VAL E 253 19.04 19.08 -2.63
C VAL E 253 17.79 19.40 -1.82
N ARG E 254 17.81 20.50 -1.09
CA ARG E 254 16.68 20.87 -0.26
C ARG E 254 16.20 22.29 -0.51
N HIS E 255 17.06 23.11 -1.08
CA HIS E 255 16.73 24.48 -1.41
C HIS E 255 17.69 24.76 -2.53
N ILE E 256 17.50 25.87 -3.22
CA ILE E 256 18.42 26.20 -4.28
C ILE E 256 18.71 27.67 -4.15
N TRP E 257 19.98 28.02 -3.98
CA TRP E 257 20.33 29.42 -3.81
C TRP E 257 21.25 30.03 -4.83
N THR E 258 21.53 31.31 -4.63
CA THR E 258 22.39 32.06 -5.53
C THR E 258 23.42 32.90 -4.81
N ARG E 259 24.65 32.79 -5.26
CA ARG E 259 25.72 33.57 -4.68
C ARG E 259 25.41 35.05 -4.89
N GLY E 260 26.22 35.94 -4.32
CA GLY E 260 25.97 37.37 -4.47
C GLY E 260 27.14 38.17 -4.99
N GLY E 261 28.04 37.52 -5.71
CA GLY E 261 29.20 38.21 -6.22
C GLY E 261 29.08 38.82 -7.61
N SER E 262 29.88 39.84 -7.84
CA SER E 262 29.89 40.51 -9.13
C SER E 262 30.42 39.50 -10.14
N GLU E 263 29.92 39.56 -11.37
CA GLU E 263 30.34 38.61 -12.39
C GLU E 263 31.38 39.05 -13.39
N LYS E 264 32.37 38.20 -13.59
CA LYS E 264 33.45 38.46 -14.53
C LYS E 264 33.16 37.73 -15.83
N GLU E 265 32.07 36.96 -15.84
CA GLU E 265 31.68 36.17 -17.02
C GLU E 265 30.19 35.86 -17.02
N ALA E 266 29.44 36.57 -17.84
CA ALA E 266 28.01 36.36 -17.92
C ALA E 266 27.72 35.56 -19.17
N PRO E 267 26.48 35.05 -19.28
CA PRO E 267 26.11 34.28 -20.46
C PRO E 267 26.03 35.21 -21.67
N THR E 268 26.73 34.86 -22.74
CA THR E 268 26.74 35.68 -23.95
C THR E 268 25.34 35.90 -24.49
N THR E 269 25.20 36.89 -25.38
CA THR E 269 23.91 37.25 -25.96
C THR E 269 23.25 36.09 -26.71
N ASP E 270 23.99 35.03 -26.98
CA ASP E 270 23.44 33.88 -27.67
C ASP E 270 22.59 33.02 -26.72
N PHE E 271 22.67 33.30 -25.42
CA PHE E 271 21.90 32.57 -24.41
C PHE E 271 20.86 33.48 -23.76
N TYR E 272 21.28 34.68 -23.42
CA TYR E 272 20.39 35.65 -22.78
C TYR E 272 19.78 36.63 -23.76
N LEU E 273 18.45 36.59 -23.88
CA LEU E 273 17.75 37.51 -24.77
C LEU E 273 17.33 38.76 -24.00
N LYS E 274 17.82 39.91 -24.44
CA LYS E 274 17.51 41.19 -23.79
C LYS E 274 16.03 41.56 -23.89
N ASN E 275 15.61 42.51 -23.05
CA ASN E 275 14.22 42.96 -23.06
C ASN E 275 14.15 44.50 -23.07
N ASN E 276 12.95 45.02 -23.27
CA ASN E 276 12.73 46.46 -23.34
C ASN E 276 13.22 47.18 -22.10
N LYS E 277 13.91 48.28 -22.30
CA LYS E 277 14.38 49.07 -21.17
C LYS E 277 15.33 48.23 -20.28
N GLY E 278 15.69 47.03 -20.76
CA GLY E 278 16.59 46.17 -19.99
C GLY E 278 18.04 46.59 -20.17
N ASP E 279 18.98 45.76 -19.74
CA ASP E 279 20.40 46.08 -19.88
C ASP E 279 21.11 45.17 -20.87
N ALA E 280 22.06 45.73 -21.62
CA ALA E 280 22.81 44.98 -22.62
C ALA E 280 23.40 43.68 -22.11
N THR E 281 24.10 43.74 -20.98
CA THR E 281 24.72 42.56 -20.38
C THR E 281 24.08 42.27 -19.03
N LEU E 282 24.08 40.99 -18.64
CA LEU E 282 23.52 40.59 -17.35
C LEU E 282 24.48 40.93 -16.24
N LYS E 283 23.96 41.48 -15.15
CA LYS E 283 24.81 41.89 -14.03
C LYS E 283 24.70 41.06 -12.75
N ILE E 284 23.50 40.58 -12.43
CA ILE E 284 23.28 39.76 -11.23
C ILE E 284 23.87 38.36 -11.50
N PRO E 285 24.77 37.88 -10.62
CA PRO E 285 25.43 36.56 -10.73
C PRO E 285 24.51 35.36 -10.91
N SER E 286 24.96 34.38 -11.68
CA SER E 286 24.09 33.25 -11.95
C SER E 286 24.80 31.97 -11.56
N VAL E 287 24.95 31.82 -10.26
CA VAL E 287 25.48 30.60 -9.68
C VAL E 287 24.35 30.03 -8.84
N HIS E 288 23.99 28.80 -9.14
CA HIS E 288 22.93 28.10 -8.44
C HIS E 288 23.43 26.87 -7.72
N PHE E 289 23.84 27.01 -6.45
CA PHE E 289 24.29 25.86 -5.68
C PHE E 289 23.15 25.49 -4.75
N GLY E 290 22.93 24.20 -4.58
CA GLY E 290 21.86 23.76 -3.71
C GLY E 290 22.42 23.53 -2.32
N SER E 291 21.54 23.51 -1.33
CA SER E 291 21.95 23.28 0.04
C SER E 291 21.86 21.78 0.20
N PRO E 292 22.90 21.19 0.76
CA PRO E 292 22.96 19.75 0.97
C PRO E 292 21.94 19.35 2.02
N SER E 293 21.26 18.23 1.80
CA SER E 293 20.27 17.75 2.74
C SER E 293 20.62 16.35 3.23
N GLY E 294 20.59 16.18 4.55
CA GLY E 294 20.82 14.87 5.15
C GLY E 294 19.54 14.08 5.25
N SER E 295 19.59 12.83 4.82
CA SER E 295 18.44 11.94 4.85
C SER E 295 18.09 11.54 6.28
N LEU E 296 16.84 11.16 6.50
CA LEU E 296 16.40 10.76 7.84
C LEU E 296 17.26 9.57 8.25
N VAL E 297 17.68 9.56 9.51
CA VAL E 297 18.62 8.55 9.98
C VAL E 297 17.85 7.48 10.75
N SER E 298 18.29 6.23 10.65
CA SER E 298 17.58 5.18 11.33
C SER E 298 18.42 4.41 12.32
N THR E 299 17.75 3.50 13.02
CA THR E 299 18.37 2.64 14.01
C THR E 299 19.06 1.47 13.33
N ASP E 300 18.75 1.29 12.06
CA ASP E 300 19.32 0.20 11.30
C ASP E 300 20.35 0.69 10.31
N ASN E 301 20.20 1.90 9.78
CA ASN E 301 21.17 2.37 8.82
C ASN E 301 22.55 2.60 9.38
N GLN E 302 22.66 3.09 10.61
CA GLN E 302 23.99 3.38 11.15
C GLN E 302 24.84 2.12 11.21
N ILE E 303 26.05 2.22 10.68
CA ILE E 303 27.00 1.11 10.68
C ILE E 303 27.91 1.07 11.91
N PHE E 304 27.39 0.65 13.04
CA PHE E 304 28.21 0.57 14.26
C PHE E 304 27.70 -0.38 15.30
N ASN E 305 28.57 -0.67 16.25
CA ASN E 305 28.19 -1.59 17.30
C ASN E 305 28.00 -2.95 16.64
N ARG E 306 28.33 -3.05 15.36
CA ARG E 306 28.17 -4.29 14.62
C ARG E 306 29.52 -4.91 14.39
N PRO E 307 29.88 -5.92 15.15
CA PRO E 307 31.19 -6.55 14.94
C PRO E 307 31.49 -6.95 13.50
N TYR E 308 32.64 -6.51 12.98
CA TYR E 308 33.07 -6.81 11.62
C TYR E 308 34.10 -7.89 11.60
N TRP E 309 33.71 -9.06 11.12
CA TRP E 309 34.64 -10.15 11.04
C TRP E 309 35.35 -10.00 9.71
N LEU E 310 36.65 -9.81 9.77
CA LEU E 310 37.44 -9.64 8.56
C LEU E 310 37.97 -10.99 8.09
N PHE E 311 37.45 -11.55 7.00
CA PHE E 311 37.97 -12.85 6.58
C PHE E 311 38.97 -12.80 5.46
N ARG E 312 38.89 -11.81 4.59
CA ARG E 312 39.88 -11.67 3.55
C ARG E 312 39.90 -10.21 3.24
N ALA E 313 41.08 -9.60 3.27
CA ALA E 313 41.16 -8.18 3.00
C ALA E 313 41.06 -7.98 1.48
N GLN E 314 41.15 -6.75 0.99
CA GLN E 314 41.01 -6.47 -0.46
C GLN E 314 42.33 -6.22 -1.19
N GLY E 315 43.42 -6.66 -0.58
CA GLY E 315 44.79 -6.29 -0.91
C GLY E 315 45.60 -7.55 -0.63
N MET E 316 46.92 -7.50 -0.77
CA MET E 316 47.66 -8.71 -0.49
C MET E 316 47.92 -8.82 0.99
N ASN E 317 47.36 -7.89 1.76
CA ASN E 317 47.58 -7.92 3.19
C ASN E 317 46.31 -8.15 3.99
N ASN E 318 45.98 -9.41 4.25
CA ASN E 318 44.77 -9.73 5.01
C ASN E 318 44.89 -9.43 6.50
N GLY E 319 45.04 -8.16 6.83
CA GLY E 319 45.09 -7.74 8.23
C GLY E 319 46.32 -7.98 9.09
N ILE E 320 47.49 -7.68 8.57
CA ILE E 320 48.71 -7.87 9.34
C ILE E 320 49.17 -6.54 9.93
N ALA E 321 49.23 -6.48 11.24
CA ALA E 321 49.65 -5.27 11.91
C ALA E 321 51.16 -5.14 11.80
N TRP E 322 51.61 -4.71 10.63
CA TRP E 322 53.03 -4.48 10.38
C TRP E 322 53.41 -3.29 11.25
N ASN E 323 54.56 -3.35 11.90
CA ASN E 323 54.97 -2.24 12.75
C ASN E 323 54.13 -2.16 14.00
N ASN E 324 53.44 -3.25 14.35
CA ASN E 324 52.61 -3.25 15.55
C ASN E 324 51.84 -1.94 15.65
N LEU E 325 51.06 -1.66 14.59
CA LEU E 325 50.29 -0.44 14.55
C LEU E 325 49.01 -0.59 13.71
N LEU E 326 47.97 0.13 14.12
CA LEU E 326 46.68 0.11 13.43
C LEU E 326 46.16 1.51 13.24
N PHE E 327 45.37 1.70 12.20
CA PHE E 327 44.81 3.01 11.95
C PHE E 327 43.33 2.90 11.76
N LEU E 328 42.60 3.55 12.65
CA LEU E 328 41.16 3.49 12.54
C LEU E 328 40.62 4.85 12.17
N THR E 329 40.07 4.94 10.97
CA THR E 329 39.51 6.18 10.51
C THR E 329 38.01 6.05 10.54
N VAL E 330 37.39 6.60 11.58
CA VAL E 330 35.95 6.46 11.70
C VAL E 330 35.28 7.82 11.83
N GLY E 331 34.38 8.10 10.91
CA GLY E 331 33.66 9.35 10.94
C GLY E 331 32.21 9.17 10.54
N ASP E 332 31.33 9.85 11.27
CA ASP E 332 29.91 9.83 10.93
C ASP E 332 29.24 11.01 11.62
N ASN E 333 28.36 11.69 10.91
CA ASN E 333 27.68 12.82 11.48
C ASN E 333 26.31 12.36 11.98
N THR E 334 26.06 11.06 11.99
CA THR E 334 24.77 10.51 12.44
C THR E 334 24.47 10.74 13.93
N ARG E 335 25.37 10.26 14.79
CA ARG E 335 25.17 10.39 16.23
C ARG E 335 25.01 11.80 16.74
N GLY E 336 25.90 12.67 16.29
CA GLY E 336 25.92 14.06 16.74
C GLY E 336 24.73 15.00 16.67
N THR E 337 24.51 15.71 17.77
CA THR E 337 23.47 16.72 17.91
C THR E 337 24.08 17.68 18.89
N ASN E 338 23.94 18.97 18.61
CA ASN E 338 24.54 19.96 19.48
C ASN E 338 23.79 20.17 20.76
N LEU E 339 24.51 20.68 21.76
CA LEU E 339 23.89 20.92 23.04
C LEU E 339 23.95 22.39 23.44
N THR E 340 22.78 22.97 23.68
CA THR E 340 22.66 24.37 24.06
C THR E 340 22.67 24.49 25.57
N ILE E 341 22.96 25.70 26.04
CA ILE E 341 22.99 25.96 27.46
C ILE E 341 22.60 27.43 27.64
N SER E 342 22.27 27.80 28.86
CA SER E 342 21.89 29.17 29.16
C SER E 342 22.17 29.53 30.61
N VAL E 343 23.23 30.29 30.82
CA VAL E 343 23.61 30.70 32.16
C VAL E 343 23.15 32.15 32.34
N ALA E 344 22.73 32.49 33.54
CA ALA E 344 22.30 33.85 33.82
C ALA E 344 23.57 34.71 33.81
N SER E 345 23.49 35.89 33.22
CA SER E 345 24.66 36.77 33.15
C SER E 345 25.12 37.37 34.49
N ASP E 346 24.41 37.03 35.56
CA ASP E 346 24.71 37.54 36.90
C ASP E 346 24.93 36.46 37.95
N GLY E 347 24.52 35.23 37.66
CA GLY E 347 24.69 34.15 38.62
C GLY E 347 23.45 33.88 39.45
N THR E 348 22.43 34.73 39.30
CA THR E 348 21.17 34.57 40.04
C THR E 348 20.03 34.31 39.06
N PRO E 349 19.17 33.30 39.36
CA PRO E 349 18.07 33.05 38.43
C PRO E 349 17.34 34.35 38.09
N LEU E 350 17.05 34.54 36.81
CA LEU E 350 16.40 35.75 36.34
C LEU E 350 14.95 35.89 36.81
N THR E 351 14.62 37.03 37.41
CA THR E 351 13.26 37.25 37.91
C THR E 351 12.34 37.66 36.77
N GLU E 352 12.92 38.32 35.77
CA GLU E 352 12.16 38.76 34.62
C GLU E 352 12.90 38.24 33.38
N TYR E 353 12.22 38.22 32.23
CA TYR E 353 12.85 37.72 31.01
C TYR E 353 13.48 38.80 30.13
N ASP E 354 14.81 38.85 30.12
CA ASP E 354 15.55 39.83 29.32
C ASP E 354 16.29 39.16 28.19
N SER E 355 16.57 39.93 27.16
CA SER E 355 17.30 39.42 26.01
C SER E 355 18.79 39.46 26.31
N SER E 356 19.17 40.20 27.35
CA SER E 356 20.56 40.36 27.72
C SER E 356 21.03 39.46 28.87
N LYS E 357 20.11 39.08 29.74
CA LYS E 357 20.45 38.26 30.90
C LYS E 357 20.99 36.84 30.68
N PHE E 358 20.41 36.08 29.75
CA PHE E 358 20.91 34.73 29.55
C PHE E 358 21.92 34.60 28.42
N ASN E 359 23.09 34.07 28.77
CA ASN E 359 24.17 33.87 27.81
C ASN E 359 24.06 32.48 27.24
N VAL E 360 23.92 32.40 25.93
CA VAL E 360 23.80 31.12 25.24
C VAL E 360 25.17 30.48 25.03
N TYR E 361 25.34 29.28 25.55
CA TYR E 361 26.58 28.57 25.40
C TYR E 361 26.41 27.44 24.44
N HIS E 362 27.53 26.89 23.98
CA HIS E 362 27.41 25.90 22.95
C HIS E 362 28.46 24.80 23.10
N ARG E 363 27.99 23.64 23.56
CA ARG E 363 28.85 22.48 23.82
C ARG E 363 28.25 21.23 23.17
N HIS E 364 29.11 20.41 22.59
CA HIS E 364 28.72 19.19 21.91
C HIS E 364 29.70 18.12 22.33
N MET E 365 29.27 16.87 22.37
CA MET E 365 30.14 15.85 22.96
C MET E 365 30.06 14.55 22.19
N GLU E 366 31.21 13.95 21.86
CA GLU E 366 31.25 12.68 21.12
C GLU E 366 31.93 11.57 21.90
N GLU E 367 31.36 10.35 21.85
CA GLU E 367 31.97 9.21 22.54
C GLU E 367 32.17 7.92 21.71
N TYR E 368 33.36 7.32 21.81
CA TYR E 368 33.67 6.07 21.11
C TYR E 368 34.14 4.99 22.07
N LYS E 369 34.35 3.80 21.50
CA LYS E 369 34.91 2.64 22.15
C LYS E 369 35.54 1.83 21.03
N LEU E 370 36.61 1.09 21.32
CA LEU E 370 37.25 0.27 20.30
C LEU E 370 37.46 -1.15 20.79
N ALA E 371 37.14 -2.15 19.96
CA ALA E 371 37.39 -3.51 20.38
C ALA E 371 37.96 -4.35 19.22
N PHE E 372 39.07 -5.05 19.50
CA PHE E 372 39.70 -5.87 18.48
C PHE E 372 39.91 -7.30 18.92
N ILE E 373 39.89 -8.18 17.94
CA ILE E 373 40.13 -9.58 18.16
C ILE E 373 41.36 -9.89 17.32
N LEU E 374 42.54 -9.63 17.88
CA LEU E 374 43.81 -9.88 17.22
C LEU E 374 44.18 -11.31 17.47
N GLU E 375 44.99 -11.84 16.59
CA GLU E 375 45.45 -13.19 16.74
C GLU E 375 46.94 -13.15 16.53
N LEU E 376 47.59 -14.16 17.04
CA LEU E 376 49.02 -14.26 16.93
C LEU E 376 49.38 -14.89 15.59
N CYS E 377 50.44 -14.41 14.97
CA CYS E 377 50.86 -14.97 13.69
C CYS E 377 52.36 -14.77 13.46
N SER E 378 53.04 -15.89 13.27
CA SER E 378 54.49 -15.91 13.07
C SER E 378 54.95 -15.90 11.61
N VAL E 379 55.74 -14.89 11.25
CA VAL E 379 56.27 -14.81 9.90
C VAL E 379 57.61 -15.52 9.98
N GLU E 380 57.87 -16.35 8.98
CA GLU E 380 59.14 -17.07 8.86
C GLU E 380 60.19 -16.07 8.42
N ILE E 381 61.45 -16.39 8.67
CA ILE E 381 62.53 -15.50 8.29
C ILE E 381 63.54 -16.25 7.45
N THR E 382 63.15 -16.55 6.21
CA THR E 382 64.03 -17.25 5.27
C THR E 382 64.70 -16.18 4.46
N ALA E 383 65.90 -16.46 3.98
CA ALA E 383 66.62 -15.49 3.17
C ALA E 383 65.67 -14.82 2.17
N GLN E 384 64.89 -15.64 1.46
CA GLN E 384 63.97 -15.14 0.44
C GLN E 384 62.85 -14.24 0.91
N THR E 385 62.11 -14.69 1.90
CA THR E 385 61.00 -13.92 2.44
C THR E 385 61.52 -12.64 3.12
N VAL E 386 62.62 -12.78 3.85
CA VAL E 386 63.25 -11.65 4.54
C VAL E 386 63.47 -10.58 3.52
N SER E 387 64.24 -10.94 2.51
CA SER E 387 64.55 -10.06 1.40
C SER E 387 63.29 -9.38 0.93
N HIS E 388 62.36 -10.19 0.46
CA HIS E 388 61.08 -9.72 -0.05
C HIS E 388 60.52 -8.45 0.58
N LEU E 389 60.56 -8.37 1.91
CA LEU E 389 60.03 -7.22 2.63
C LEU E 389 60.74 -5.90 2.36
N GLN E 390 61.95 -5.97 1.84
CA GLN E 390 62.71 -4.77 1.53
C GLN E 390 61.89 -3.84 0.66
N GLY E 391 61.26 -4.42 -0.35
CA GLY E 391 60.43 -3.66 -1.28
C GLY E 391 59.00 -3.46 -0.83
N LEU E 392 58.51 -4.35 0.03
CA LEU E 392 57.19 -4.17 0.61
C LEU E 392 57.18 -2.99 1.58
N MET E 393 58.19 -2.95 2.46
CA MET E 393 58.37 -1.83 3.39
C MET E 393 59.80 -1.73 3.92
N PRO E 394 60.35 -0.52 3.94
CA PRO E 394 61.67 -0.25 4.52
C PRO E 394 61.76 -0.40 6.05
N SER E 395 60.72 0.06 6.73
CA SER E 395 60.67 0.24 8.18
C SER E 395 60.45 -0.97 9.10
N VAL E 396 59.55 -1.88 8.73
CA VAL E 396 59.26 -3.05 9.56
C VAL E 396 60.46 -3.98 9.71
N LEU E 397 61.45 -3.88 8.82
CA LEU E 397 62.69 -4.67 8.97
C LEU E 397 63.49 -4.18 10.20
N GLU E 398 63.47 -2.86 10.38
CA GLU E 398 64.19 -2.17 11.45
C GLU E 398 63.71 -2.64 12.82
N ASN E 399 62.41 -2.88 12.92
CA ASN E 399 61.85 -3.37 14.17
C ASN E 399 62.53 -4.71 14.40
N TRP E 400 62.73 -5.42 13.30
CA TRP E 400 63.37 -6.73 13.32
C TRP E 400 64.81 -6.74 13.84
N GLU E 401 65.61 -5.74 13.48
CA GLU E 401 67.01 -5.73 13.98
C GLU E 401 67.62 -7.01 13.46
N ILE E 402 67.18 -7.27 12.25
CA ILE E 402 67.40 -8.39 11.34
C ILE E 402 67.85 -7.68 10.06
N GLY E 403 67.94 -6.35 10.13
CA GLY E 403 68.34 -5.56 8.99
C GLY E 403 69.74 -5.87 8.50
N VAL E 404 69.89 -5.86 7.17
CA VAL E 404 71.15 -6.16 6.52
C VAL E 404 71.76 -4.98 5.80
N GLN E 405 72.71 -4.30 6.45
CA GLN E 405 73.37 -3.15 5.86
C GLN E 405 74.82 -3.16 6.31
N PRO E 406 75.70 -2.46 5.58
CA PRO E 406 77.10 -2.45 5.98
C PRO E 406 77.25 -1.82 7.37
N PRO E 407 78.06 -2.42 8.26
CA PRO E 407 78.28 -1.90 9.62
C PRO E 407 79.10 -0.60 9.64
N THR E 408 78.94 0.18 10.72
CA THR E 408 79.62 1.47 10.88
C THR E 408 81.15 1.46 10.79
N SER E 409 81.78 0.39 11.24
CA SER E 409 83.22 0.39 11.39
C SER E 409 83.88 0.84 10.10
N SER E 410 83.18 0.67 8.98
CA SER E 410 83.77 1.00 7.69
C SER E 410 83.58 2.43 7.15
N ILE E 411 83.35 3.41 8.02
CA ILE E 411 83.17 4.80 7.60
C ILE E 411 84.26 5.65 8.26
N LEU E 412 84.95 6.51 7.51
CA LEU E 412 86.04 7.32 8.12
C LEU E 412 85.66 8.66 8.75
N GLU E 413 85.84 8.74 10.06
CA GLU E 413 85.54 9.92 10.84
C GLU E 413 86.81 10.62 11.32
N ASP E 414 86.76 11.95 11.37
CA ASP E 414 87.91 12.74 11.79
C ASP E 414 87.93 13.04 13.26
N THR E 415 89.09 12.87 13.85
CA THR E 415 89.25 13.16 15.25
C THR E 415 90.28 14.27 15.24
N TYR E 416 90.65 14.83 16.40
CA TYR E 416 91.66 15.90 16.44
C TYR E 416 92.47 15.94 17.75
N ARG E 417 93.82 15.96 17.66
CA ARG E 417 94.62 16.01 18.89
C ARG E 417 93.94 17.05 19.76
N TYR E 418 93.70 18.24 19.20
CA TYR E 418 93.01 19.30 19.92
C TYR E 418 91.88 19.78 19.06
N ILE E 419 90.92 20.46 19.65
CA ILE E 419 89.81 20.99 18.87
C ILE E 419 89.48 22.43 19.29
N GLU E 420 89.84 22.79 20.52
CA GLU E 420 89.60 24.13 21.06
C GLU E 420 90.21 25.21 20.17
N SER E 421 91.31 24.86 19.53
CA SER E 421 92.01 25.81 18.66
C SER E 421 90.99 26.54 17.83
N PRO E 422 91.23 27.85 17.63
CA PRO E 422 90.33 28.67 16.83
C PRO E 422 90.49 28.30 15.35
N ALA E 423 91.48 27.48 15.07
CA ALA E 423 91.74 26.99 13.71
C ALA E 423 91.15 25.59 13.49
N THR E 424 90.41 25.07 14.46
CA THR E 424 89.84 23.72 14.37
C THR E 424 88.33 23.65 14.63
N LYS E 425 87.69 22.61 14.09
CA LYS E 425 86.25 22.40 14.23
C LYS E 425 85.79 22.16 15.67
N CYS E 426 84.68 22.79 16.03
CA CYS E 426 84.14 22.71 17.39
C CYS E 426 82.90 21.83 17.62
N ALA E 427 82.26 21.38 16.55
CA ALA E 427 81.06 20.57 16.73
C ALA E 427 81.08 19.20 16.03
N SER E 428 80.88 18.15 16.82
CA SER E 428 80.81 16.79 16.30
C SER E 428 79.43 16.19 16.53
N ASN E 429 78.51 17.03 17.02
CA ASN E 429 77.15 16.59 17.35
C ASN E 429 76.27 16.10 16.20
N VAL E 430 75.50 15.05 16.48
CA VAL E 430 74.56 14.46 15.53
C VAL E 430 73.19 14.41 16.19
N ILE E 431 72.13 14.72 15.46
CA ILE E 431 70.81 14.65 16.07
C ILE E 431 70.32 13.20 16.04
N PRO E 432 70.41 12.56 17.21
CA PRO E 432 70.01 11.16 17.41
C PRO E 432 68.54 10.84 17.22
N ALA E 433 67.66 11.73 17.67
CA ALA E 433 66.22 11.48 17.60
C ALA E 433 65.67 11.30 16.19
N LYS E 434 64.75 10.35 16.06
CA LYS E 434 64.09 10.06 14.79
C LYS E 434 62.60 10.34 14.94
N GLU E 435 62.05 11.07 13.97
CA GLU E 435 60.64 11.44 14.01
C GLU E 435 59.84 10.14 14.07
N ASP E 436 58.78 10.13 14.88
CA ASP E 436 57.92 8.95 14.97
C ASP E 436 57.63 8.77 13.49
N PRO E 437 57.32 7.56 13.04
CA PRO E 437 57.05 7.58 11.60
C PRO E 437 56.16 8.77 11.22
N TYR E 438 55.15 9.04 12.05
CA TYR E 438 54.19 10.12 11.79
C TYR E 438 54.10 11.26 12.81
N ALA E 439 55.24 11.80 13.25
CA ALA E 439 55.24 12.90 14.22
C ALA E 439 54.82 14.26 13.65
N GLY E 440 55.01 14.46 12.35
CA GLY E 440 54.62 15.73 11.75
C GLY E 440 53.11 15.90 11.81
N PHE E 441 52.40 14.83 11.49
CA PHE E 441 50.94 14.78 11.51
C PHE E 441 50.56 14.32 12.89
N LYS E 442 49.32 14.57 13.32
CA LYS E 442 48.95 14.11 14.64
C LYS E 442 47.52 13.64 14.70
N PHE E 443 47.27 12.69 15.58
CA PHE E 443 45.93 12.20 15.72
C PHE E 443 45.69 11.53 17.06
N TRP E 444 44.45 11.21 17.35
CA TRP E 444 44.12 10.68 18.65
C TRP E 444 45.02 9.50 18.88
N ASN E 445 45.61 9.42 20.07
CA ASN E 445 46.52 8.32 20.31
C ASN E 445 45.94 7.41 21.38
N ILE E 446 45.55 6.20 20.98
CA ILE E 446 44.97 5.24 21.90
C ILE E 446 45.95 4.12 22.17
N ASP E 447 46.41 4.03 23.41
CA ASP E 447 47.36 3.00 23.78
C ASP E 447 46.65 1.75 24.27
N LEU E 448 47.04 0.61 23.73
CA LEU E 448 46.45 -0.67 24.13
C LEU E 448 47.44 -1.66 24.71
N LYS E 449 48.64 -1.19 25.02
CA LYS E 449 49.68 -2.08 25.56
C LYS E 449 49.34 -2.86 26.80
N GLU E 450 48.39 -2.40 27.59
CA GLU E 450 48.07 -3.14 28.79
C GLU E 450 46.64 -3.65 28.75
N LYS E 451 45.77 -2.88 28.12
CA LYS E 451 44.38 -3.30 28.07
C LYS E 451 44.24 -4.33 26.95
N LEU E 452 45.02 -5.39 27.09
CA LEU E 452 45.00 -6.52 26.18
C LEU E 452 44.93 -7.80 27.00
N SER E 453 44.07 -8.72 26.60
CA SER E 453 43.95 -9.99 27.32
C SER E 453 43.91 -11.24 26.45
N LEU E 454 43.70 -12.38 27.12
CA LEU E 454 43.66 -13.68 26.47
C LEU E 454 42.42 -14.53 26.73
N ASP E 455 41.53 -14.07 27.61
CA ASP E 455 40.29 -14.79 27.93
C ASP E 455 39.12 -14.29 27.09
N LEU E 456 38.86 -14.96 25.98
CA LEU E 456 37.78 -14.52 25.12
C LEU E 456 36.44 -14.43 25.79
N ASP E 457 36.11 -15.41 26.61
CA ASP E 457 34.82 -15.40 27.25
C ASP E 457 34.45 -14.13 28.02
N GLN E 458 35.39 -13.60 28.78
CA GLN E 458 35.17 -12.41 29.60
C GLN E 458 34.52 -11.17 29.01
N PHE E 459 35.06 -10.68 27.90
CA PHE E 459 34.57 -9.46 27.29
C PHE E 459 33.33 -9.56 26.44
N PRO E 460 32.73 -8.41 26.07
CA PRO E 460 31.54 -8.35 25.24
C PRO E 460 31.77 -8.92 23.86
N LEU E 461 32.80 -8.43 23.18
CA LEU E 461 33.12 -8.88 21.84
C LEU E 461 33.65 -10.33 21.79
N GLY E 462 33.92 -10.91 22.95
CA GLY E 462 34.40 -12.28 22.98
C GLY E 462 33.25 -13.24 22.75
N ARG E 463 32.24 -13.16 23.62
CA ARG E 463 31.08 -14.01 23.49
C ARG E 463 30.56 -13.83 22.07
N ARG E 464 30.49 -12.57 21.64
CA ARG E 464 30.00 -12.23 20.32
C ARG E 464 30.78 -13.00 19.26
N PHE E 465 32.04 -13.32 19.58
CA PHE E 465 32.95 -14.05 18.70
C PHE E 465 32.71 -15.55 18.78
N LEU E 466 32.94 -16.11 19.97
CA LEU E 466 32.74 -17.53 20.20
C LEU E 466 31.37 -17.96 19.75
N ALA E 467 30.40 -17.08 19.90
CA ALA E 467 29.05 -17.36 19.49
C ALA E 467 29.09 -17.82 18.05
N GLN E 468 29.62 -16.96 17.18
CA GLN E 468 29.71 -17.28 15.76
C GLN E 468 30.53 -18.55 15.57
N GLN E 469 31.57 -18.72 16.39
CA GLN E 469 32.45 -19.87 16.29
C GLN E 469 31.77 -21.22 16.50
N GLY E 470 30.86 -21.33 17.48
CA GLY E 470 30.20 -22.58 17.73
C GLY E 470 30.56 -23.01 19.13
N ALA E 471 31.66 -22.46 19.65
CA ALA E 471 32.04 -22.67 21.03
C ALA E 471 31.33 -21.59 21.83
N GLY E 472 30.03 -21.79 22.07
CA GLY E 472 29.24 -20.76 22.72
C GLY E 472 28.58 -21.06 24.05
N CYS E 473 28.77 -20.14 24.98
CA CYS E 473 28.13 -20.16 26.28
C CYS E 473 26.94 -19.21 26.16
N SER E 474 26.93 -18.48 25.05
CA SER E 474 25.91 -17.48 24.76
C SER E 474 25.78 -17.33 23.23
N THR E 475 24.82 -18.04 22.61
CA THR E 475 24.60 -17.95 21.16
C THR E 475 23.76 -16.67 20.87
N VAL E 476 24.11 -15.93 19.82
CA VAL E 476 23.37 -14.70 19.50
C VAL E 476 22.04 -14.99 18.82
N ARG E 477 21.05 -15.37 19.60
CA ARG E 477 19.73 -15.62 19.07
C ARG E 477 18.64 -15.34 20.09
N LYS E 478 17.80 -14.39 19.72
CA LYS E 478 16.62 -14.02 20.47
C LYS E 478 15.61 -13.98 19.36
N ARG E 479 15.26 -15.16 18.85
CA ARG E 479 14.39 -15.23 17.70
C ARG E 479 13.06 -14.57 18.01
N ARG E 480 12.62 -13.72 17.08
CA ARG E 480 11.37 -13.02 17.25
C ARG E 480 10.46 -13.37 16.07
N ILE E 481 9.26 -13.82 16.39
CA ILE E 481 8.27 -14.15 15.36
C ILE E 481 7.18 -13.09 15.50
N SER E 482 6.54 -12.72 14.38
CA SER E 482 5.49 -11.69 14.39
C SER E 482 4.57 -11.71 13.15
N ALA F 2 86.83 -18.57 33.15
CA ALA F 2 85.42 -18.94 32.85
C ALA F 2 84.45 -17.91 33.44
N LEU F 3 83.81 -17.13 32.57
CA LEU F 3 82.87 -16.09 32.99
C LEU F 3 81.56 -16.14 32.20
N TRP F 4 80.44 -16.13 32.90
CA TRP F 4 79.12 -16.19 32.25
C TRP F 4 78.09 -15.27 32.96
N GLN F 5 77.34 -14.43 32.22
CA GLN F 5 76.32 -13.59 32.83
C GLN F 5 75.02 -13.57 32.04
N GLN F 6 73.98 -12.98 32.65
CA GLN F 6 72.68 -12.90 31.99
C GLN F 6 71.93 -11.56 32.07
N GLY F 7 71.62 -11.07 30.87
CA GLY F 7 70.87 -9.85 30.68
C GLY F 7 69.78 -10.33 29.73
N GLN F 8 68.56 -10.41 30.22
CA GLN F 8 67.45 -10.87 29.40
C GLN F 8 66.15 -10.38 30.01
N LYS F 9 65.07 -10.40 29.25
CA LYS F 9 63.81 -9.94 29.81
C LYS F 9 62.76 -11.04 29.72
N LEU F 10 62.38 -11.61 30.86
CA LEU F 10 61.37 -12.66 30.89
C LEU F 10 60.06 -12.17 31.48
N TYR F 11 58.96 -12.44 30.80
CA TYR F 11 57.65 -12.02 31.27
C TYR F 11 56.85 -13.20 31.80
N LEU F 12 55.60 -12.90 32.11
CA LEU F 12 54.63 -13.86 32.60
C LEU F 12 53.23 -13.29 32.38
N PRO F 13 52.24 -14.18 32.15
CA PRO F 13 50.84 -13.83 31.91
C PRO F 13 50.18 -13.02 33.01
N PRO F 14 49.01 -12.44 32.72
CA PRO F 14 48.42 -11.69 33.83
C PRO F 14 48.06 -12.80 34.83
N THR F 15 48.31 -12.58 36.12
CA THR F 15 48.01 -13.60 37.13
C THR F 15 46.59 -14.12 36.95
N PRO F 16 46.37 -15.43 37.15
CA PRO F 16 45.00 -15.95 37.00
C PRO F 16 43.99 -15.31 37.96
N VAL F 17 43.06 -14.52 37.41
CA VAL F 17 42.01 -13.83 38.18
C VAL F 17 40.66 -14.54 38.01
N SER F 18 39.94 -14.76 39.10
CA SER F 18 38.65 -15.44 39.01
C SER F 18 37.76 -14.82 37.95
N LYS F 19 37.54 -15.60 36.90
CA LYS F 19 36.72 -15.21 35.77
C LYS F 19 35.31 -15.70 36.02
N VAL F 20 34.32 -14.91 35.66
CA VAL F 20 32.94 -15.34 35.87
C VAL F 20 32.72 -16.64 35.10
N LEU F 21 31.61 -17.30 35.40
CA LEU F 21 31.25 -18.56 34.78
C LEU F 21 29.83 -18.38 34.25
N CYS F 22 29.52 -18.94 33.08
CA CYS F 22 28.18 -18.78 32.51
C CYS F 22 27.12 -19.61 33.20
N SER F 23 26.01 -18.98 33.53
CA SER F 23 25.03 -19.47 34.51
C SER F 23 24.50 -20.85 34.19
N GLU F 24 24.56 -21.25 32.93
CA GLU F 24 24.11 -22.57 32.53
C GLU F 24 24.89 -23.68 33.26
N THR F 25 26.18 -23.47 33.51
CA THR F 25 27.04 -24.50 34.10
C THR F 25 26.62 -25.01 35.49
N TYR F 26 26.23 -24.11 36.40
CA TYR F 26 25.70 -24.55 37.66
C TYR F 26 24.18 -24.50 37.74
N VAL F 27 23.53 -24.21 36.62
CA VAL F 27 22.06 -24.18 36.61
C VAL F 27 21.42 -25.30 35.81
N GLN F 28 20.60 -26.11 36.49
CA GLN F 28 19.90 -27.20 35.84
C GLN F 28 18.58 -26.68 35.34
N ARG F 29 18.23 -27.04 34.13
CA ARG F 29 16.96 -26.58 33.63
C ARG F 29 16.00 -27.75 33.67
N LYS F 30 14.91 -27.59 34.41
CA LYS F 30 13.89 -28.62 34.46
C LYS F 30 13.11 -28.39 33.18
N SER F 31 12.13 -29.22 32.91
CA SER F 31 11.37 -29.04 31.70
C SER F 31 9.95 -28.53 32.01
N ILE F 32 9.84 -27.66 33.00
CA ILE F 32 8.54 -27.15 33.37
C ILE F 32 8.34 -25.72 32.94
N PHE F 33 7.10 -25.40 32.58
CA PHE F 33 6.82 -24.05 32.14
C PHE F 33 5.63 -23.43 32.83
N TYR F 34 5.64 -22.10 32.89
CA TYR F 34 4.57 -21.36 33.51
C TYR F 34 4.19 -20.19 32.66
N HIS F 35 2.98 -19.70 32.90
CA HIS F 35 2.50 -18.56 32.16
C HIS F 35 2.07 -17.43 33.09
N ALA F 36 2.80 -16.33 33.12
CA ALA F 36 2.44 -15.22 34.00
C ALA F 36 1.86 -14.04 33.23
N GLU F 37 0.54 -13.91 33.23
CA GLU F 37 -0.14 -12.81 32.52
C GLU F 37 -0.72 -11.72 33.44
N THR F 38 -0.24 -10.49 33.28
CA THR F 38 -0.72 -9.37 34.09
C THR F 38 -1.99 -8.80 33.48
N GLU F 39 -2.92 -8.35 34.32
CA GLU F 39 -4.15 -7.80 33.77
C GLU F 39 -3.83 -6.42 33.23
N ARG F 40 -4.49 -6.01 32.14
CA ARG F 40 -4.24 -4.71 31.51
C ARG F 40 -4.10 -3.54 32.48
N LEU F 41 -3.07 -2.73 32.28
CA LEU F 41 -2.78 -1.59 33.14
C LEU F 41 -3.06 -0.26 32.48
N LEU F 42 -3.80 0.61 33.16
CA LEU F 42 -4.08 1.92 32.60
C LEU F 42 -3.63 2.99 33.57
N THR F 43 -3.32 4.15 33.02
CA THR F 43 -2.88 5.28 33.80
C THR F 43 -3.23 6.43 32.91
N ILE F 44 -3.72 7.51 33.48
CA ILE F 44 -4.06 8.63 32.63
C ILE F 44 -3.65 9.93 33.31
N GLY F 45 -3.56 11.03 32.56
CA GLY F 45 -3.17 12.28 33.20
C GLY F 45 -2.61 13.33 32.28
N HIS F 46 -2.14 14.44 32.85
CA HIS F 46 -1.51 15.48 32.04
C HIS F 46 -0.02 15.13 31.92
N PRO F 47 0.40 14.86 30.70
CA PRO F 47 1.78 14.43 30.42
C PRO F 47 2.87 15.46 30.73
N TYR F 48 2.62 16.73 30.43
CA TYR F 48 3.65 17.75 30.55
C TYR F 48 4.20 17.96 31.95
N TYR F 49 3.30 18.07 32.91
CA TYR F 49 3.69 18.26 34.30
C TYR F 49 2.53 17.85 35.19
N PRO F 50 2.85 17.47 36.41
CA PRO F 50 1.85 17.15 37.44
C PRO F 50 0.97 18.35 37.76
N VAL F 51 -0.34 18.13 37.71
CA VAL F 51 -1.34 19.15 37.98
C VAL F 51 -1.86 19.03 39.39
N SER F 52 -2.53 20.07 39.87
CA SER F 52 -3.05 20.04 41.22
C SER F 52 -4.39 20.77 41.40
N ILE F 53 -5.46 20.00 41.53
CA ILE F 53 -6.79 20.56 41.73
C ILE F 53 -7.23 20.23 43.17
N GLY F 54 -7.59 21.26 43.94
CA GLY F 54 -7.99 21.03 45.31
C GLY F 54 -6.80 20.61 46.15
N ALA F 55 -6.91 19.47 46.83
CA ALA F 55 -5.81 18.96 47.65
C ALA F 55 -5.35 17.60 47.14
N LYS F 56 -5.70 17.29 45.90
CA LYS F 56 -5.32 16.04 45.28
C LYS F 56 -4.42 16.34 44.08
N THR F 57 -3.82 15.31 43.50
CA THR F 57 -2.92 15.48 42.36
C THR F 57 -3.40 14.79 41.07
N VAL F 58 -2.59 14.87 40.01
CA VAL F 58 -2.89 14.24 38.72
C VAL F 58 -1.55 13.89 38.13
N PRO F 59 -1.11 12.64 38.30
CA PRO F 59 0.19 12.25 37.75
C PRO F 59 0.43 12.72 36.31
N LYS F 60 1.61 13.29 36.07
CA LYS F 60 1.96 13.78 34.74
C LYS F 60 2.36 12.56 33.93
N VAL F 61 1.39 12.00 33.25
CA VAL F 61 1.59 10.81 32.44
C VAL F 61 1.85 11.16 30.98
N SER F 62 3.11 11.07 30.58
CA SER F 62 3.49 11.38 29.21
C SER F 62 3.75 10.16 28.36
N ALA F 63 4.00 10.41 27.09
CA ALA F 63 4.27 9.36 26.14
C ALA F 63 5.79 9.25 26.02
N ASN F 64 6.50 10.10 26.75
CA ASN F 64 7.96 10.05 26.70
C ASN F 64 8.56 9.79 28.08
N GLN F 65 8.24 8.63 28.66
CA GLN F 65 8.75 8.23 29.97
C GLN F 65 8.92 6.74 29.96
N TYR F 66 10.07 6.27 30.40
CA TYR F 66 10.32 4.84 30.42
C TYR F 66 9.44 4.14 31.45
N ARG F 67 8.38 3.47 31.01
CA ARG F 67 7.59 2.75 31.98
C ARG F 67 8.50 1.64 32.46
N VAL F 68 8.87 1.64 33.73
CA VAL F 68 9.73 0.58 34.24
C VAL F 68 9.01 -0.29 35.25
N PHE F 69 8.69 -1.50 34.82
CA PHE F 69 7.97 -2.42 35.67
C PHE F 69 8.91 -3.24 36.49
N LYS F 70 8.51 -3.51 37.72
CA LYS F 70 9.24 -4.45 38.54
C LYS F 70 8.27 -5.58 38.58
N ILE F 71 8.60 -6.67 37.92
CA ILE F 71 7.71 -7.81 37.92
C ILE F 71 8.21 -8.65 39.06
N GLN F 72 7.49 -8.61 40.18
CA GLN F 72 7.95 -9.40 41.31
C GLN F 72 7.38 -10.80 41.21
N LEU F 73 8.25 -11.78 41.29
CA LEU F 73 7.82 -13.14 41.19
C LEU F 73 7.48 -13.84 42.47
N PRO F 74 6.88 -15.03 42.35
CA PRO F 74 6.46 -15.87 43.47
C PRO F 74 7.69 -16.71 43.73
N ASP F 75 8.19 -16.72 44.96
CA ASP F 75 9.45 -17.40 45.18
C ASP F 75 9.28 -18.86 44.81
N PRO F 76 10.15 -19.30 43.91
CA PRO F 76 10.15 -20.68 43.39
C PRO F 76 10.52 -21.73 44.44
N ASN F 77 11.50 -21.39 45.26
CA ASN F 77 12.10 -22.34 46.18
C ASN F 77 11.14 -22.64 47.32
N GLN F 78 9.99 -21.98 47.32
CA GLN F 78 9.00 -22.15 48.37
C GLN F 78 7.67 -22.65 47.82
N PHE F 79 7.74 -23.50 46.82
CA PHE F 79 6.55 -24.04 46.19
C PHE F 79 6.09 -25.36 46.73
N ALA F 80 5.28 -26.02 45.91
CA ALA F 80 4.74 -27.34 46.22
C ALA F 80 5.43 -28.39 45.36
N LEU F 81 5.86 -29.45 46.04
CA LEU F 81 6.55 -30.57 45.45
C LEU F 81 5.80 -31.82 45.85
N PRO F 82 4.95 -32.35 44.95
CA PRO F 82 4.15 -33.56 45.20
C PRO F 82 4.97 -34.86 45.20
N ASP F 83 6.20 -34.76 44.70
CA ASP F 83 7.10 -35.91 44.56
C ASP F 83 8.47 -35.84 45.26
N ARG F 84 9.21 -36.95 45.21
CA ARG F 84 10.55 -37.05 45.80
C ARG F 84 11.57 -36.56 44.75
N THR F 85 11.16 -36.60 43.47
CA THR F 85 11.98 -36.18 42.32
C THR F 85 12.35 -34.70 42.38
N VAL F 86 11.46 -33.90 42.93
CA VAL F 86 11.71 -32.48 43.08
C VAL F 86 12.99 -32.38 43.92
N HIS F 87 13.81 -31.36 43.67
CA HIS F 87 15.16 -31.32 44.24
C HIS F 87 15.22 -31.48 45.76
N ASN F 88 16.25 -32.21 46.18
CA ASN F 88 16.45 -32.49 47.59
C ASN F 88 16.57 -31.17 48.33
N PRO F 89 16.10 -31.14 49.57
CA PRO F 89 15.98 -29.90 50.33
C PRO F 89 17.32 -29.20 50.50
N SER F 90 18.40 -29.94 50.74
CA SER F 90 19.69 -29.24 50.91
C SER F 90 20.70 -29.24 49.77
N LYS F 91 20.53 -30.08 48.76
CA LYS F 91 21.49 -30.09 47.66
C LYS F 91 21.29 -28.91 46.71
N GLU F 92 20.02 -28.64 46.37
CA GLU F 92 19.62 -27.67 45.33
C GLU F 92 18.45 -26.70 45.65
N ARG F 93 18.32 -25.64 44.84
CA ARG F 93 17.38 -24.55 45.02
C ARG F 93 16.75 -24.28 43.65
N LEU F 94 15.51 -23.83 43.65
CA LEU F 94 14.83 -23.57 42.39
C LEU F 94 14.69 -22.09 42.16
N VAL F 95 14.59 -21.71 40.90
CA VAL F 95 14.44 -20.32 40.54
C VAL F 95 13.58 -20.21 39.30
N TRP F 96 13.58 -19.03 38.72
CA TRP F 96 12.81 -18.81 37.54
C TRP F 96 13.74 -18.48 36.40
N ALA F 97 13.32 -18.79 35.18
CA ALA F 97 14.12 -18.47 34.01
C ALA F 97 13.13 -18.04 32.93
N VAL F 98 13.29 -16.82 32.41
CA VAL F 98 12.41 -16.36 31.35
C VAL F 98 12.77 -16.94 29.99
N ILE F 99 11.74 -17.27 29.24
CA ILE F 99 11.93 -17.84 27.94
C ILE F 99 11.25 -16.96 26.97
N GLY F 100 10.08 -16.49 27.38
CA GLY F 100 9.34 -15.63 26.50
C GLY F 100 8.73 -14.42 27.17
N VAL F 101 8.75 -13.32 26.45
CA VAL F 101 8.17 -12.10 26.94
C VAL F 101 7.40 -11.47 25.81
N GLN F 102 6.23 -10.96 26.13
CA GLN F 102 5.45 -10.33 25.10
C GLN F 102 4.73 -9.17 25.74
N VAL F 103 5.27 -7.98 25.50
CA VAL F 103 4.71 -6.74 26.00
C VAL F 103 3.66 -6.29 25.00
N SER F 104 2.43 -6.15 25.46
CA SER F 104 1.36 -5.75 24.57
C SER F 104 0.93 -4.32 24.86
N ARG F 105 0.88 -3.52 23.81
CA ARG F 105 0.52 -2.11 23.93
C ARG F 105 -0.85 -1.85 23.31
N GLY F 106 -1.85 -1.60 24.13
CA GLY F 106 -3.18 -1.38 23.59
C GLY F 106 -3.67 0.06 23.51
N GLN F 107 -3.56 0.66 22.34
CA GLN F 107 -4.00 2.03 22.10
C GLN F 107 -3.95 2.32 20.62
N PRO F 108 -4.65 3.36 20.15
CA PRO F 108 -4.64 3.67 18.72
C PRO F 108 -3.31 4.30 18.34
N LEU F 109 -2.73 3.82 17.25
CA LEU F 109 -1.45 4.35 16.78
C LEU F 109 -1.57 5.83 16.43
N GLY F 110 -0.43 6.53 16.40
CA GLY F 110 -0.40 7.96 16.09
C GLY F 110 0.92 8.60 16.44
N GLY F 111 1.07 9.90 16.14
CA GLY F 111 2.32 10.57 16.45
C GLY F 111 2.25 11.40 17.72
N THR F 112 3.38 11.55 18.41
CA THR F 112 3.40 12.35 19.64
C THR F 112 3.86 13.75 19.37
N VAL F 113 3.14 14.71 19.92
CA VAL F 113 3.51 16.10 19.76
C VAL F 113 3.73 16.70 21.13
N THR F 114 4.52 17.75 21.16
CA THR F 114 4.82 18.46 22.38
C THR F 114 5.16 19.88 21.96
N GLY F 115 4.88 20.84 22.82
CA GLY F 115 5.19 22.22 22.48
C GLY F 115 5.60 22.95 23.73
N HIS F 116 5.38 24.25 23.71
CA HIS F 116 5.70 25.10 24.83
C HIS F 116 5.10 26.47 24.61
N PRO F 117 4.57 27.05 25.68
CA PRO F 117 3.97 28.38 25.58
C PRO F 117 4.90 29.44 24.98
N THR F 118 6.07 29.65 25.60
CA THR F 118 7.03 30.63 25.11
C THR F 118 8.44 30.07 24.90
N PHE F 119 8.70 29.61 23.68
CA PHE F 119 9.98 29.02 23.32
C PHE F 119 10.98 30.10 22.91
N ASN F 120 12.26 29.73 22.84
CA ASN F 120 13.30 30.68 22.48
C ASN F 120 13.89 30.44 21.10
N ALA F 121 13.24 31.03 20.09
CA ALA F 121 13.70 30.88 18.71
C ALA F 121 13.58 32.22 17.98
N LEU F 122 14.73 32.88 17.77
CA LEU F 122 14.78 34.15 17.04
C LEU F 122 14.49 34.13 15.53
N LEU F 123 15.05 33.16 14.81
CA LEU F 123 14.94 33.10 13.35
C LEU F 123 15.25 31.71 12.77
N ASP F 124 14.96 31.51 11.49
CA ASP F 124 15.17 30.20 10.86
C ASP F 124 15.92 30.23 9.52
N ALA F 125 16.02 29.06 8.88
CA ALA F 125 16.72 28.87 7.61
C ALA F 125 15.85 29.24 6.40
N GLU F 126 15.52 30.52 6.28
CA GLU F 126 14.70 31.07 5.19
C GLU F 126 15.44 32.19 4.45
N ASN F 127 15.37 32.19 3.13
CA ASN F 127 16.08 33.19 2.34
C ASN F 127 15.35 34.47 2.00
N VAL F 128 14.03 34.44 1.98
CA VAL F 128 13.29 35.65 1.62
C VAL F 128 12.69 36.34 2.84
N ASN F 129 13.04 35.88 4.04
CA ASN F 129 12.53 36.50 5.26
C ASN F 129 13.24 37.85 5.52
N ARG F 130 12.49 38.83 5.99
CA ARG F 130 13.04 40.16 6.27
C ARG F 130 14.30 40.08 7.13
N LYS F 131 15.07 41.16 7.18
CA LYS F 131 16.31 41.19 7.96
C LYS F 131 16.09 41.13 9.47
N VAL F 132 17.00 40.43 10.16
CA VAL F 132 16.92 40.23 11.62
C VAL F 132 16.89 41.51 12.46
N THR F 133 15.74 41.74 13.08
CA THR F 133 15.57 42.90 13.94
C THR F 133 16.35 42.61 15.22
N THR F 134 16.97 43.66 15.78
CA THR F 134 17.71 43.50 17.01
C THR F 134 16.74 42.77 17.94
N GLN F 135 17.25 41.91 18.79
CA GLN F 135 16.37 41.20 19.69
C GLN F 135 15.62 42.18 20.59
N THR F 136 14.30 42.04 20.63
CA THR F 136 13.45 42.87 21.45
C THR F 136 13.51 42.31 22.86
N THR F 137 12.74 42.88 23.77
CA THR F 137 12.78 42.43 25.15
C THR F 137 12.44 40.95 25.13
N ASP F 138 11.50 40.57 24.28
CA ASP F 138 11.15 39.15 24.11
C ASP F 138 10.98 38.81 22.63
N ASP F 139 11.32 37.57 22.27
CA ASP F 139 11.21 37.10 20.89
C ASP F 139 10.57 35.72 20.90
N ARG F 140 10.27 35.22 22.11
CA ARG F 140 9.65 33.91 22.27
C ARG F 140 8.33 33.89 21.54
N LYS F 141 7.84 32.69 21.23
CA LYS F 141 6.57 32.56 20.52
C LYS F 141 6.00 31.24 20.93
N GLN F 142 4.80 30.93 20.49
CA GLN F 142 4.23 29.64 20.83
C GLN F 142 4.86 28.68 19.83
N THR F 143 5.40 27.58 20.33
CA THR F 143 6.12 26.60 19.51
C THR F 143 5.63 25.17 19.46
N GLY F 144 5.45 24.68 18.25
CA GLY F 144 5.05 23.31 18.08
C GLY F 144 6.36 22.56 17.88
N LEU F 145 6.44 21.32 18.32
CA LEU F 145 7.65 20.54 18.16
C LEU F 145 7.32 19.06 18.25
N ASP F 146 7.29 18.39 17.11
CA ASP F 146 6.96 16.97 17.10
C ASP F 146 8.05 16.10 17.71
N ALA F 147 7.66 15.10 18.49
CA ALA F 147 8.59 14.19 19.15
C ALA F 147 9.54 13.52 18.16
N LYS F 148 10.67 13.04 18.67
CA LYS F 148 11.67 12.36 17.85
C LYS F 148 11.47 10.84 17.95
N GLN F 149 10.54 10.27 17.20
CA GLN F 149 10.11 8.88 17.44
C GLN F 149 11.18 7.80 17.59
N GLN F 150 10.98 7.02 18.67
CA GLN F 150 11.85 5.92 19.08
C GLN F 150 11.11 4.89 19.96
N GLN F 151 11.71 3.71 20.12
CA GLN F 151 11.16 2.60 20.91
C GLN F 151 12.23 1.78 21.58
N ILE F 152 12.07 1.54 22.88
CA ILE F 152 13.05 0.79 23.63
C ILE F 152 12.43 -0.25 24.54
N LEU F 153 12.89 -1.49 24.42
CA LEU F 153 12.44 -2.56 25.30
C LEU F 153 13.63 -3.34 25.82
N LEU F 154 13.69 -3.57 27.13
CA LEU F 154 14.73 -4.42 27.66
C LEU F 154 14.42 -5.04 29.00
N LEU F 155 14.59 -6.35 29.01
CA LEU F 155 14.34 -7.20 30.14
C LEU F 155 15.63 -7.63 30.79
N GLY F 156 15.60 -7.73 32.12
CA GLY F 156 16.78 -8.12 32.85
C GLY F 156 16.52 -8.42 34.31
N CYS F 157 17.61 -8.54 35.07
CA CYS F 157 17.51 -8.85 36.49
C CYS F 157 17.60 -7.59 37.33
N THR F 158 18.52 -6.72 36.97
CA THR F 158 18.75 -5.46 37.68
C THR F 158 18.26 -4.31 36.81
N PRO F 159 17.88 -3.18 37.43
CA PRO F 159 17.42 -2.02 36.67
C PRO F 159 18.42 -1.55 35.62
N ALA F 160 17.91 -1.16 34.46
CA ALA F 160 18.75 -0.70 33.36
C ALA F 160 19.42 0.62 33.70
N GLU F 161 20.64 0.80 33.17
CA GLU F 161 21.41 2.01 33.42
C GLU F 161 21.40 3.02 32.29
N GLY F 162 21.32 4.29 32.66
CA GLY F 162 21.31 5.36 31.69
C GLY F 162 22.45 6.32 31.91
N GLU F 163 22.68 7.18 30.92
CA GLU F 163 23.74 8.18 30.99
C GLU F 163 23.16 9.54 30.66
N TYR F 164 23.86 10.60 31.09
CA TYR F 164 23.42 11.98 30.91
C TYR F 164 24.56 12.97 31.19
N TRP F 165 24.39 14.23 30.82
CA TRP F 165 25.39 15.23 31.12
C TRP F 165 24.96 16.19 32.22
N THR F 166 25.91 16.56 33.07
CA THR F 166 25.64 17.46 34.18
C THR F 166 26.84 18.37 34.31
N THR F 167 26.78 19.25 35.30
CA THR F 167 27.86 20.17 35.55
C THR F 167 28.77 19.66 36.66
N ALA F 168 30.04 19.46 36.35
CA ALA F 168 31.01 18.99 37.34
C ALA F 168 31.56 20.16 38.13
N ARG F 169 31.69 20.01 39.45
CA ARG F 169 32.26 21.08 40.27
C ARG F 169 33.50 21.62 39.54
N PRO F 170 33.50 22.95 39.44
CA PRO F 170 34.59 23.76 38.92
C PRO F 170 35.70 23.75 39.96
N CYS F 171 36.91 23.93 39.48
CA CYS F 171 38.13 23.90 40.27
C CYS F 171 38.49 25.13 41.12
N VAL F 172 39.40 24.95 42.09
CA VAL F 172 39.81 26.03 42.95
C VAL F 172 40.39 27.15 42.09
N THR F 173 41.10 26.78 41.04
CA THR F 173 41.73 27.77 40.17
C THR F 173 40.65 28.80 39.84
N ASP F 174 40.96 30.08 40.00
CA ASP F 174 39.95 31.12 39.77
C ASP F 174 40.20 32.11 38.60
N ARG F 175 39.45 31.91 37.52
CA ARG F 175 39.48 32.76 36.33
C ARG F 175 37.99 32.93 36.00
N LEU F 176 37.17 32.63 37.00
CA LEU F 176 35.70 32.66 36.91
C LEU F 176 35.05 34.04 36.75
N GLU F 177 33.85 34.00 36.17
CA GLU F 177 33.03 35.17 35.93
C GLU F 177 31.62 34.66 36.19
N ASN F 178 30.63 35.54 36.13
CA ASN F 178 29.27 35.10 36.41
C ASN F 178 28.63 34.35 35.27
N GLY F 179 28.86 34.81 34.05
CA GLY F 179 28.28 34.14 32.89
C GLY F 179 29.15 33.05 32.29
N ALA F 180 30.23 32.72 32.97
CA ALA F 180 31.15 31.70 32.45
C ALA F 180 30.45 30.35 32.32
N CYS F 181 30.70 29.65 31.22
CA CYS F 181 30.09 28.36 30.96
C CYS F 181 30.55 27.29 31.94
N PRO F 182 29.60 26.47 32.39
CA PRO F 182 29.90 25.36 33.31
C PRO F 182 30.64 24.21 32.63
N PRO F 183 31.54 23.56 33.36
CA PRO F 183 32.27 22.40 32.84
C PRO F 183 31.22 21.30 32.77
N LEU F 184 31.47 20.26 31.99
CA LEU F 184 30.51 19.15 31.87
C LEU F 184 31.13 17.82 32.17
N GLU F 185 30.28 16.85 32.46
CA GLU F 185 30.80 15.53 32.76
C GLU F 185 29.71 14.50 32.66
N LEU F 186 30.08 13.27 32.30
CA LEU F 186 29.12 12.19 32.15
C LEU F 186 28.77 11.51 33.46
N LYS F 187 27.53 11.05 33.61
CA LYS F 187 27.11 10.37 34.82
C LYS F 187 26.14 9.25 34.55
N ASN F 188 26.24 8.21 35.37
CA ASN F 188 25.37 7.05 35.22
C ASN F 188 24.29 7.15 36.26
N LYS F 189 23.22 6.40 36.06
CA LYS F 189 22.11 6.35 37.00
C LYS F 189 21.26 5.17 36.57
N HIS F 190 20.36 4.71 37.41
CA HIS F 190 19.45 3.69 36.90
C HIS F 190 18.22 4.37 36.36
N ILE F 191 17.45 3.63 35.59
CA ILE F 191 16.22 4.14 35.00
C ILE F 191 15.02 3.80 35.89
N GLU F 192 14.32 4.82 36.41
CA GLU F 192 13.15 4.64 37.28
C GLU F 192 11.84 4.72 36.50
N ASP F 193 10.70 4.76 37.18
CA ASP F 193 9.41 4.79 36.46
C ASP F 193 9.01 6.07 35.70
N GLY F 194 9.31 7.24 36.26
CA GLY F 194 8.92 8.47 35.58
C GLY F 194 10.07 9.26 35.02
N ASP F 195 10.88 8.65 34.17
CA ASP F 195 12.01 9.38 33.60
C ASP F 195 11.69 9.81 32.21
N MET F 196 12.50 10.72 31.67
CA MET F 196 12.27 11.24 30.34
C MET F 196 12.99 10.54 29.19
N MET F 197 12.26 10.39 28.10
CA MET F 197 12.75 9.79 26.87
C MET F 197 13.56 10.85 26.15
N GLU F 198 14.39 10.44 25.21
CA GLU F 198 15.20 11.42 24.51
C GLU F 198 14.47 12.03 23.33
N ILE F 199 14.07 13.28 23.50
CA ILE F 199 13.50 14.09 22.44
C ILE F 199 14.35 15.16 21.80
N GLY F 200 15.15 14.77 20.82
CA GLY F 200 15.93 15.74 20.10
C GLY F 200 17.10 16.47 20.73
N PHE F 201 17.18 16.57 22.05
CA PHE F 201 18.31 17.31 22.59
C PHE F 201 19.14 16.41 23.44
N GLY F 202 20.42 16.76 23.60
CA GLY F 202 21.32 15.96 24.42
C GLY F 202 20.71 15.67 25.78
N ALA F 203 21.15 14.60 26.42
CA ALA F 203 20.64 14.20 27.73
C ALA F 203 21.33 14.88 28.91
N ALA F 204 20.54 15.54 29.75
CA ALA F 204 21.08 16.22 30.91
C ALA F 204 19.99 16.67 31.84
N ASN F 205 20.38 16.82 33.11
CA ASN F 205 19.45 17.27 34.10
C ASN F 205 19.51 18.72 33.72
N PHE F 206 18.52 19.08 32.92
CA PHE F 206 18.46 20.35 32.26
C PHE F 206 18.33 21.41 33.34
N LYS F 207 17.88 20.99 34.50
CA LYS F 207 17.63 21.90 35.58
C LYS F 207 18.78 22.90 35.77
N GLU F 208 20.00 22.47 35.49
CA GLU F 208 21.16 23.35 35.64
C GLU F 208 21.69 23.85 34.32
N ILE F 209 21.01 23.54 33.23
CA ILE F 209 21.44 23.97 31.91
C ILE F 209 20.52 25.01 31.31
N ASN F 210 19.23 24.91 31.60
CA ASN F 210 18.30 25.90 31.13
C ASN F 210 17.96 26.82 32.30
N ALA F 211 18.58 27.99 32.31
CA ALA F 211 18.31 29.00 33.32
C ALA F 211 17.37 29.99 32.69
N SER F 212 17.00 29.70 31.45
CA SER F 212 16.16 30.61 30.67
C SER F 212 14.70 30.20 30.59
N LYS F 213 14.45 28.90 30.72
CA LYS F 213 13.10 28.37 30.75
C LYS F 213 12.49 28.38 29.36
N SER F 214 13.27 28.84 28.39
CA SER F 214 12.81 28.93 27.00
C SER F 214 13.54 27.96 26.09
N ASP F 215 14.38 27.11 26.68
CA ASP F 215 15.17 26.19 25.88
C ASP F 215 14.66 24.77 25.71
N LEU F 216 13.49 24.44 26.24
CA LEU F 216 13.03 23.07 26.10
C LEU F 216 11.55 22.97 25.83
N PRO F 217 11.08 21.79 25.39
CA PRO F 217 9.65 21.69 25.15
C PRO F 217 9.05 21.55 26.55
N LEU F 218 7.92 22.19 26.82
CA LEU F 218 7.46 22.39 28.19
C LEU F 218 7.37 21.09 28.99
N ASP F 219 6.96 20.00 28.34
CA ASP F 219 6.87 18.72 29.03
C ASP F 219 8.21 18.19 29.55
N ILE F 220 9.29 18.38 28.78
CA ILE F 220 10.58 17.79 29.07
C ILE F 220 11.31 18.64 30.11
N GLN F 221 11.22 19.95 29.96
CA GLN F 221 11.87 20.90 30.86
C GLN F 221 11.88 20.61 32.36
N ASN F 222 12.99 20.99 32.99
CA ASN F 222 13.13 20.83 34.42
C ASN F 222 13.20 19.37 34.87
N GLU F 223 13.29 18.48 33.89
CA GLU F 223 13.35 17.04 34.13
C GLU F 223 14.56 16.45 33.44
N ILE F 224 15.02 15.30 33.93
CA ILE F 224 16.19 14.65 33.36
C ILE F 224 15.95 13.67 32.22
N CYS F 225 16.65 13.92 31.12
CA CYS F 225 16.64 13.10 29.91
C CYS F 225 17.68 12.01 30.00
N LEU F 226 17.24 10.76 30.06
CA LEU F 226 18.20 9.67 30.11
C LEU F 226 18.41 9.06 28.75
N TYR F 227 19.23 8.04 28.73
CA TYR F 227 19.49 7.33 27.51
C TYR F 227 20.01 5.96 27.88
N PRO F 228 19.94 5.01 26.95
CA PRO F 228 20.41 3.67 27.27
C PRO F 228 21.92 3.62 27.09
N ASP F 229 22.64 3.36 28.17
CA ASP F 229 24.08 3.28 28.10
C ASP F 229 24.43 1.87 27.67
N TYR F 230 24.12 1.56 26.41
CA TYR F 230 24.38 0.23 25.90
C TYR F 230 25.80 -0.22 26.16
N LEU F 231 26.74 0.69 26.08
CA LEU F 231 28.13 0.33 26.32
C LEU F 231 28.33 -0.31 27.68
N LYS F 232 27.78 0.32 28.70
CA LYS F 232 27.89 -0.17 30.07
C LYS F 232 27.25 -1.55 30.22
N MET F 233 26.06 -1.71 29.64
CA MET F 233 25.30 -2.97 29.72
C MET F 233 26.06 -4.13 29.10
N ALA F 234 26.78 -3.86 28.02
CA ALA F 234 27.53 -4.90 27.32
C ALA F 234 28.82 -5.26 28.04
N GLU F 235 29.18 -4.51 29.08
CA GLU F 235 30.41 -4.80 29.77
C GLU F 235 30.26 -5.61 31.06
N ASP F 236 29.14 -5.44 31.78
CA ASP F 236 28.93 -6.17 33.03
C ASP F 236 29.03 -7.67 32.86
N ALA F 237 29.86 -8.30 33.69
CA ALA F 237 30.04 -9.73 33.61
C ALA F 237 28.69 -10.44 33.72
N ALA F 238 27.97 -10.11 34.79
CA ALA F 238 26.67 -10.70 35.03
C ALA F 238 25.80 -10.66 33.78
N GLY F 239 25.53 -9.45 33.32
CA GLY F 239 24.67 -9.30 32.16
C GLY F 239 23.30 -9.06 32.73
N ASN F 240 23.24 -9.03 34.06
CA ASN F 240 21.97 -8.81 34.76
C ASN F 240 21.29 -7.58 34.24
N SER F 241 22.08 -6.62 33.79
CA SER F 241 21.54 -5.38 33.27
C SER F 241 20.47 -5.58 32.21
N MET F 242 20.71 -6.50 31.27
CA MET F 242 19.73 -6.79 30.22
C MET F 242 19.85 -8.20 29.61
N PHE F 243 18.75 -8.97 29.61
CA PHE F 243 18.75 -10.32 29.03
C PHE F 243 18.92 -10.24 27.51
N PHE F 244 18.19 -9.29 26.94
CA PHE F 244 18.13 -8.96 25.52
C PHE F 244 17.53 -7.56 25.44
N PHE F 245 17.32 -7.06 24.22
CA PHE F 245 16.75 -5.73 24.06
C PHE F 245 16.58 -5.39 22.58
N ALA F 246 15.66 -4.47 22.29
CA ALA F 246 15.38 -4.04 20.93
C ALA F 246 15.19 -2.52 20.90
N ARG F 247 15.57 -1.90 19.80
CA ARG F 247 15.41 -0.47 19.67
C ARG F 247 15.21 -0.10 18.21
N LYS F 248 14.30 0.83 17.97
CA LYS F 248 14.03 1.31 16.63
C LYS F 248 13.74 2.77 16.79
N GLU F 249 14.49 3.62 16.11
CA GLU F 249 14.26 5.04 16.25
C GLU F 249 14.72 5.79 15.01
N GLN F 250 13.84 6.61 14.45
CA GLN F 250 14.22 7.38 13.29
C GLN F 250 13.96 8.81 13.61
N VAL F 251 14.77 9.69 13.06
CA VAL F 251 14.61 11.10 13.28
C VAL F 251 15.38 11.81 12.20
N TYR F 252 15.16 13.10 12.09
CA TYR F 252 15.84 13.92 11.11
C TYR F 252 15.40 15.34 11.38
N VAL F 253 16.21 16.29 10.94
CA VAL F 253 15.92 17.69 11.13
C VAL F 253 14.70 18.09 10.32
N ARG F 254 13.91 19.03 10.83
CA ARG F 254 12.71 19.46 10.15
C ARG F 254 12.61 20.96 9.99
N HIS F 255 13.35 21.68 10.80
CA HIS F 255 13.41 23.13 10.73
C HIS F 255 14.75 23.41 11.33
N ILE F 256 15.20 24.64 11.22
CA ILE F 256 16.47 24.97 11.83
C ILE F 256 16.30 26.31 12.49
N TRP F 257 16.55 26.37 13.79
CA TRP F 257 16.37 27.61 14.51
C TRP F 257 17.58 28.20 15.20
N THR F 258 17.34 29.33 15.83
CA THR F 258 18.39 30.05 16.51
C THR F 258 17.99 30.53 17.89
N ARG F 259 18.83 30.27 18.87
CA ARG F 259 18.59 30.71 20.23
C ARG F 259 18.52 32.22 20.23
N GLY F 260 18.17 32.81 21.36
CA GLY F 260 18.08 34.26 21.45
C GLY F 260 18.88 34.90 22.56
N GLY F 261 19.93 34.23 22.99
CA GLY F 261 20.74 34.77 24.07
C GLY F 261 21.92 35.63 23.68
N SER F 262 22.30 36.51 24.59
CA SER F 262 23.43 37.38 24.37
C SER F 262 24.66 36.48 24.29
N GLU F 263 25.64 36.86 23.47
CA GLU F 263 26.84 36.05 23.31
C GLU F 263 28.09 36.45 24.06
N LYS F 264 28.71 35.47 24.69
CA LYS F 264 29.93 35.69 25.45
C LYS F 264 31.11 35.27 24.59
N GLU F 265 30.84 34.76 23.40
CA GLU F 265 31.88 34.29 22.48
C GLU F 265 31.39 34.30 21.04
N ALA F 266 31.83 35.28 20.27
CA ALA F 266 31.43 35.37 18.88
C ALA F 266 32.57 34.89 18.01
N PRO F 267 32.30 34.66 16.73
CA PRO F 267 33.35 34.21 15.82
C PRO F 267 34.35 35.33 15.61
N THR F 268 35.64 35.06 15.83
CA THR F 268 36.68 36.06 15.66
C THR F 268 36.68 36.66 14.26
N THR F 269 37.33 37.80 14.11
CA THR F 269 37.41 38.51 12.84
C THR F 269 37.99 37.67 11.70
N ASP F 270 38.62 36.55 12.05
CA ASP F 270 39.19 35.67 11.02
C ASP F 270 38.10 34.84 10.33
N PHE F 271 36.90 34.85 10.88
CA PHE F 271 35.76 34.12 10.30
C PHE F 271 34.71 35.08 9.78
N TYR F 272 34.40 36.09 10.58
CA TYR F 272 33.39 37.07 10.20
C TYR F 272 33.98 38.32 9.57
N LEU F 273 33.64 38.58 8.32
CA LEU F 273 34.14 39.76 7.61
C LEU F 273 33.12 40.90 7.77
N LYS F 274 33.59 42.00 8.37
CA LYS F 274 32.75 43.17 8.61
C LYS F 274 32.28 43.84 7.33
N ASN F 275 31.25 44.69 7.43
CA ASN F 275 30.74 45.40 6.27
C ASN F 275 30.56 46.88 6.58
N ASN F 276 30.28 47.66 5.54
CA ASN F 276 30.10 49.11 5.67
C ASN F 276 29.03 49.47 6.68
N LYS F 277 29.34 50.44 7.54
CA LYS F 277 28.37 50.88 8.51
C LYS F 277 27.96 49.73 9.45
N GLY F 278 28.66 48.60 9.34
CA GLY F 278 28.35 47.46 10.19
C GLY F 278 28.97 47.60 11.56
N ASP F 279 28.99 46.52 12.35
CA ASP F 279 29.57 46.58 13.69
C ASP F 279 30.84 45.75 13.82
N ALA F 280 31.81 46.25 14.59
CA ALA F 280 33.08 45.56 14.77
C ALA F 280 32.94 44.09 15.16
N THR F 281 32.13 43.81 16.17
CA THR F 281 31.91 42.44 16.63
C THR F 281 30.47 42.03 16.39
N LEU F 282 30.24 40.73 16.19
CA LEU F 282 28.89 40.22 15.97
C LEU F 282 28.15 40.16 17.29
N LYS F 283 26.88 40.58 17.29
CA LYS F 283 26.09 40.59 18.53
C LYS F 283 24.94 39.59 18.62
N ILE F 284 24.30 39.30 17.49
CA ILE F 284 23.19 38.34 17.47
C ILE F 284 23.80 36.93 17.59
N PRO F 285 23.33 36.12 18.56
CA PRO F 285 23.81 34.75 18.81
C PRO F 285 23.78 33.81 17.61
N SER F 286 24.75 32.91 17.52
CA SER F 286 24.82 32.04 16.37
C SER F 286 24.85 30.61 16.82
N VAL F 287 23.70 30.18 17.33
CA VAL F 287 23.48 28.80 17.70
C VAL F 287 22.37 28.32 16.79
N HIS F 288 22.66 27.25 16.06
CA HIS F 288 21.72 26.67 15.14
C HIS F 288 21.34 25.25 15.52
N PHE F 289 20.29 25.08 16.31
CA PHE F 289 19.85 23.74 16.69
C PHE F 289 18.64 23.42 15.83
N GLY F 290 18.54 22.20 15.37
CA GLY F 290 17.41 21.81 14.54
C GLY F 290 16.33 21.23 15.42
N SER F 291 15.10 21.22 14.93
CA SER F 291 13.99 20.67 15.68
C SER F 291 13.97 19.21 15.26
N PRO F 292 13.87 18.33 16.26
CA PRO F 292 13.84 16.90 16.02
C PRO F 292 12.56 16.50 15.31
N SER F 293 12.67 15.61 14.35
CA SER F 293 11.49 15.16 13.61
C SER F 293 11.30 13.66 13.75
N GLY F 294 10.08 13.26 14.07
CA GLY F 294 9.74 11.85 14.16
C GLY F 294 9.27 11.32 12.82
N SER F 295 9.83 10.19 12.41
CA SER F 295 9.49 9.56 11.13
C SER F 295 8.08 8.98 11.16
N LEU F 296 7.48 8.81 9.99
CA LEU F 296 6.13 8.27 9.92
C LEU F 296 6.18 6.88 10.53
N VAL F 297 5.15 6.55 11.31
CA VAL F 297 5.16 5.31 12.07
C VAL F 297 4.28 4.30 11.34
N SER F 298 4.66 3.03 11.40
CA SER F 298 3.89 2.02 10.70
C SER F 298 3.34 0.93 11.59
N THR F 299 2.55 0.06 10.97
CA THR F 299 1.94 -1.08 11.64
C THR F 299 2.93 -2.20 11.77
N ASP F 300 4.02 -2.08 11.04
CA ASP F 300 5.05 -3.11 11.06
C ASP F 300 6.28 -2.66 11.83
N ASN F 301 6.59 -1.37 11.80
CA ASN F 301 7.77 -0.93 12.52
C ASN F 301 7.69 -1.08 14.02
N GLN F 302 6.53 -0.86 14.62
CA GLN F 302 6.46 -0.93 16.08
C GLN F 302 6.83 -2.33 16.57
N ILE F 303 7.73 -2.38 17.54
CA ILE F 303 8.18 -3.65 18.13
C ILE F 303 7.36 -4.07 19.34
N PHE F 304 6.16 -4.59 19.11
CA PHE F 304 5.33 -5.05 20.22
C PHE F 304 4.28 -6.06 19.84
N ASN F 305 3.71 -6.69 20.86
CA ASN F 305 2.71 -7.69 20.62
C ASN F 305 3.41 -8.83 19.90
N ARG F 306 4.73 -8.77 19.79
CA ARG F 306 5.50 -9.80 19.11
C ARG F 306 6.25 -10.62 20.13
N PRO F 307 5.77 -11.81 20.45
CA PRO F 307 6.48 -12.63 21.43
C PRO F 307 7.98 -12.80 21.14
N TYR F 308 8.81 -12.51 22.14
CA TYR F 308 10.25 -12.63 22.02
C TYR F 308 10.73 -13.88 22.69
N TRP F 309 11.19 -14.83 21.89
CA TRP F 309 11.71 -16.06 22.45
C TRP F 309 13.18 -15.80 22.74
N LEU F 310 13.56 -15.89 24.00
CA LEU F 310 14.93 -15.66 24.38
C LEU F 310 15.69 -16.99 24.38
N PHE F 311 16.58 -17.22 23.43
CA PHE F 311 17.29 -18.50 23.44
C PHE F 311 18.68 -18.44 24.03
N ARG F 312 19.35 -17.31 23.93
CA ARG F 312 20.66 -17.19 24.55
C ARG F 312 20.79 -15.71 24.85
N ALA F 313 21.11 -15.37 26.08
CA ALA F 313 21.24 -13.96 26.41
C ALA F 313 22.60 -13.47 25.91
N GLN F 314 22.95 -12.22 26.14
CA GLN F 314 24.22 -11.66 25.63
C GLN F 314 25.33 -11.54 26.68
N GLY F 315 25.20 -12.29 27.76
CA GLY F 315 25.93 -12.15 29.01
C GLY F 315 26.08 -13.56 29.52
N MET F 316 26.66 -13.76 30.70
CA MET F 316 26.79 -15.13 31.17
C MET F 316 25.52 -15.56 31.85
N ASN F 317 24.52 -14.70 31.80
CA ASN F 317 23.25 -15.01 32.44
C ASN F 317 22.09 -15.14 31.47
N ASN F 318 21.87 -16.34 30.93
CA ASN F 318 20.79 -16.54 29.97
C ASN F 318 19.40 -16.55 30.61
N GLY F 319 19.01 -15.41 31.17
CA GLY F 319 17.68 -15.28 31.77
C GLY F 319 17.33 -15.91 33.11
N ILE F 320 18.19 -15.76 34.10
CA ILE F 320 17.91 -16.33 35.42
C ILE F 320 17.39 -15.26 36.35
N ALA F 321 16.17 -15.45 36.80
CA ALA F 321 15.56 -14.50 37.71
C ALA F 321 16.16 -14.65 39.10
N TRP F 322 17.37 -14.09 39.26
CA TRP F 322 18.07 -14.11 40.54
C TRP F 322 17.26 -13.20 41.45
N ASN F 323 17.06 -13.61 42.68
CA ASN F 323 16.30 -12.77 43.60
C ASN F 323 14.83 -12.76 43.24
N ASN F 324 14.38 -13.73 42.46
CA ASN F 324 12.99 -13.79 42.07
C ASN F 324 12.48 -12.40 41.72
N LEU F 325 13.16 -11.77 40.75
CA LEU F 325 12.81 -10.43 40.32
C LEU F 325 13.15 -10.17 38.86
N LEU F 326 12.34 -9.35 38.21
CA LEU F 326 12.54 -8.99 36.81
C LEU F 326 12.38 -7.51 36.62
N PHE F 327 13.05 -6.97 35.62
CA PHE F 327 12.96 -5.56 35.34
C PHE F 327 12.64 -5.33 33.90
N LEU F 328 11.48 -4.72 33.66
CA LEU F 328 11.10 -4.47 32.30
C LEU F 328 11.10 -3.01 32.04
N THR F 329 12.02 -2.59 31.17
CA THR F 329 12.12 -1.19 30.82
C THR F 329 11.60 -1.03 29.42
N VAL F 330 10.36 -0.57 29.31
CA VAL F 330 9.76 -0.43 28.00
C VAL F 330 9.28 0.99 27.76
N GLY F 331 9.81 1.60 26.70
CA GLY F 331 9.42 2.95 26.35
C GLY F 331 9.28 3.13 24.85
N ASP F 332 8.21 3.81 24.45
CA ASP F 332 8.02 4.14 23.05
C ASP F 332 7.01 5.28 22.94
N ASN F 333 7.31 6.23 22.08
CA ASN F 333 6.42 7.35 21.90
C ASN F 333 5.52 7.08 20.69
N THR F 334 5.57 5.87 20.15
CA THR F 334 4.78 5.53 18.97
C THR F 334 3.26 5.52 19.23
N ARG F 335 2.82 4.73 20.19
CA ARG F 335 1.39 4.64 20.48
C ARG F 335 0.70 5.93 20.86
N GLY F 336 1.35 6.69 21.74
CA GLY F 336 0.78 7.93 22.25
C GLY F 336 0.34 9.08 21.37
N THR F 337 -0.84 9.61 21.69
CA THR F 337 -1.44 10.76 21.03
C THR F 337 -2.24 11.39 22.12
N ASN F 338 -2.17 12.71 22.23
CA ASN F 338 -2.88 13.38 23.30
C ASN F 338 -4.36 13.50 23.06
N LEU F 339 -5.09 13.67 24.15
CA LEU F 339 -6.53 13.78 24.06
C LEU F 339 -7.04 15.12 24.61
N THR F 340 -7.73 15.86 23.75
CA THR F 340 -8.28 17.15 24.11
C THR F 340 -9.68 17.00 24.61
N ILE F 341 -10.15 18.02 25.31
CA ILE F 341 -11.49 18.01 25.86
C ILE F 341 -11.95 19.46 25.92
N SER F 342 -13.25 19.65 26.11
CA SER F 342 -13.80 21.00 26.19
C SER F 342 -15.11 21.01 26.96
N VAL F 343 -15.02 21.50 28.19
CA VAL F 343 -16.17 21.57 29.06
C VAL F 343 -16.65 23.02 29.06
N ALA F 344 -17.96 23.20 29.14
CA ALA F 344 -18.51 24.55 29.17
C ALA F 344 -18.15 25.13 30.54
N SER F 345 -17.76 26.39 30.59
CA SER F 345 -17.38 27.03 31.86
C SER F 345 -18.53 27.27 32.83
N ASP F 346 -19.75 26.89 32.43
CA ASP F 346 -20.94 27.07 33.26
C ASP F 346 -21.74 25.80 33.51
N GLY F 347 -21.47 24.75 32.73
CA GLY F 347 -22.19 23.51 32.91
C GLY F 347 -23.36 23.33 31.96
N THR F 348 -23.67 24.37 31.20
CA THR F 348 -24.77 24.33 30.25
C THR F 348 -24.23 24.49 28.82
N PRO F 349 -24.69 23.64 27.88
CA PRO F 349 -24.18 23.77 26.51
C PRO F 349 -24.26 25.23 26.07
N LEU F 350 -23.19 25.71 25.45
CA LEU F 350 -23.10 27.10 25.01
C LEU F 350 -24.06 27.43 23.86
N THR F 351 -24.86 28.48 24.03
CA THR F 351 -25.82 28.87 23.00
C THR F 351 -25.12 29.66 21.90
N GLU F 352 -24.06 30.35 22.27
CA GLU F 352 -23.28 31.14 21.33
C GLU F 352 -21.83 30.73 21.49
N TYR F 353 -20.99 31.05 20.51
CA TYR F 353 -19.58 30.68 20.58
C TYR F 353 -18.66 31.76 21.15
N ASP F 354 -18.19 31.55 22.38
CA ASP F 354 -17.29 32.49 23.03
C ASP F 354 -15.91 31.89 23.20
N SER F 355 -14.93 32.77 23.34
CA SER F 355 -13.56 32.34 23.51
C SER F 355 -13.32 32.04 24.99
N SER F 356 -14.25 32.48 25.84
CA SER F 356 -14.13 32.29 27.28
C SER F 356 -14.94 31.14 27.85
N LYS F 357 -16.03 30.78 27.18
CA LYS F 357 -16.90 29.72 27.66
C LYS F 357 -16.35 28.28 27.73
N PHE F 358 -15.62 27.83 26.71
CA PHE F 358 -15.11 26.46 26.77
C PHE F 358 -13.68 26.35 27.32
N ASN F 359 -13.54 25.55 28.37
CA ASN F 359 -12.25 25.33 29.01
C ASN F 359 -11.62 24.11 28.38
N VAL F 360 -10.43 24.29 27.82
CA VAL F 360 -9.71 23.21 27.19
C VAL F 360 -8.96 22.37 28.21
N TYR F 361 -9.27 21.08 28.22
CA TYR F 361 -8.61 20.19 29.14
C TYR F 361 -7.66 19.30 28.42
N HIS F 362 -6.79 18.64 29.16
CA HIS F 362 -5.76 17.90 28.48
C HIS F 362 -5.44 16.60 29.22
N ARG F 363 -5.79 15.47 28.62
CA ARG F 363 -5.51 14.15 29.18
C ARG F 363 -4.91 13.21 28.14
N HIS F 364 -3.95 12.39 28.59
CA HIS F 364 -3.32 11.37 27.74
C HIS F 364 -3.40 10.06 28.50
N MET F 365 -3.58 8.94 27.79
CA MET F 365 -3.74 7.69 28.50
C MET F 365 -2.92 6.59 27.88
N GLU F 366 -2.15 5.85 28.68
CA GLU F 366 -1.31 4.75 28.17
C GLU F 366 -1.69 3.39 28.75
N GLU F 367 -1.69 2.35 27.92
CA GLU F 367 -2.01 1.01 28.40
C GLU F 367 -1.03 -0.12 28.00
N TYR F 368 -0.65 -0.95 28.98
CA TYR F 368 0.24 -2.09 28.75
C TYR F 368 -0.37 -3.41 29.20
N LYS F 369 0.35 -4.48 28.91
CA LYS F 369 0.07 -5.83 29.34
C LYS F 369 1.42 -6.54 29.36
N LEU F 370 1.59 -7.51 30.25
CA LEU F 370 2.86 -8.24 30.31
C LEU F 370 2.63 -9.74 30.32
N ALA F 371 3.40 -10.49 29.52
CA ALA F 371 3.23 -11.93 29.55
C ALA F 371 4.59 -12.63 29.51
N PHE F 372 4.80 -13.55 30.43
CA PHE F 372 6.05 -14.30 30.50
C PHE F 372 5.88 -15.79 30.47
N ILE F 373 6.88 -16.46 29.92
CA ILE F 373 6.90 -17.90 29.87
C ILE F 373 8.15 -18.29 30.65
N LEU F 374 7.99 -18.38 31.97
CA LEU F 374 9.07 -18.73 32.87
C LEU F 374 9.13 -20.23 32.93
N GLU F 375 10.30 -20.74 33.26
CA GLU F 375 10.45 -22.17 33.39
C GLU F 375 11.15 -22.38 34.71
N LEU F 376 11.01 -23.59 35.22
CA LEU F 376 11.63 -23.93 36.47
C LEU F 376 13.06 -24.37 36.23
N CYS F 377 13.97 -24.00 37.13
CA CYS F 377 15.36 -24.39 36.98
C CYS F 377 16.08 -24.44 38.33
N SER F 378 16.61 -25.61 38.62
CA SER F 378 17.31 -25.90 39.87
C SER F 378 18.83 -25.72 39.85
N VAL F 379 19.33 -24.83 40.70
CA VAL F 379 20.75 -24.61 40.78
C VAL F 379 21.22 -25.58 41.85
N GLU F 380 22.33 -26.25 41.57
CA GLU F 380 22.95 -27.16 42.52
C GLU F 380 23.61 -26.32 43.60
N ILE F 381 23.86 -26.92 44.76
CA ILE F 381 24.49 -26.19 45.85
C ILE F 381 25.70 -26.97 46.33
N THR F 382 26.75 -26.95 45.53
CA THR F 382 28.00 -27.64 45.86
C THR F 382 28.89 -26.59 46.49
N ALA F 383 29.77 -27.01 47.38
CA ALA F 383 30.67 -26.08 48.02
C ALA F 383 31.22 -25.05 47.00
N GLN F 384 31.70 -25.54 45.88
CA GLN F 384 32.28 -24.70 44.82
C GLN F 384 31.35 -23.69 44.16
N THR F 385 30.21 -24.16 43.69
CA THR F 385 29.25 -23.31 43.02
C THR F 385 28.65 -22.31 44.02
N VAL F 386 28.36 -22.80 45.23
CA VAL F 386 27.82 -21.97 46.30
C VAL F 386 28.75 -20.77 46.45
N SER F 387 29.99 -21.10 46.76
CA SER F 387 31.03 -20.11 46.91
C SER F 387 30.95 -19.12 45.78
N HIS F 388 31.15 -19.64 44.57
CA HIS F 388 31.14 -18.83 43.36
C HIS F 388 30.22 -17.61 43.36
N LEU F 389 28.99 -17.79 43.83
CA LEU F 389 28.01 -16.70 43.84
C LEU F 389 28.38 -15.51 44.73
N GLN F 390 29.29 -15.74 45.66
CA GLN F 390 29.70 -14.68 46.57
C GLN F 390 30.13 -13.45 45.79
N GLY F 391 30.91 -13.70 44.74
CA GLY F 391 31.41 -12.63 43.90
C GLY F 391 30.47 -12.24 42.77
N LEU F 392 29.60 -13.16 42.37
CA LEU F 392 28.57 -12.83 41.38
C LEU F 392 27.55 -11.86 41.97
N MET F 393 27.07 -12.18 43.17
CA MET F 393 26.15 -11.31 43.91
C MET F 393 26.15 -11.59 45.41
N PRO F 394 26.17 -10.53 46.22
CA PRO F 394 26.07 -10.64 47.68
C PRO F 394 24.70 -11.09 48.21
N SER F 395 23.65 -10.58 47.57
CA SER F 395 22.26 -10.68 48.02
C SER F 395 21.46 -11.96 47.81
N VAL F 396 21.58 -12.58 46.65
CA VAL F 396 20.83 -13.82 46.36
C VAL F 396 21.22 -14.98 47.26
N LEU F 397 22.41 -14.89 47.86
CA LEU F 397 22.84 -15.89 48.82
C LEU F 397 21.86 -15.71 49.97
N GLU F 398 21.55 -14.43 50.23
CA GLU F 398 20.63 -14.03 51.29
C GLU F 398 19.22 -14.56 51.02
N ASN F 399 18.81 -14.55 49.76
CA ASN F 399 17.50 -15.04 49.38
C ASN F 399 17.44 -16.52 49.70
N TRP F 400 18.61 -17.17 49.39
CA TRP F 400 18.70 -18.61 49.62
C TRP F 400 18.82 -18.95 51.09
N GLU F 401 19.07 -18.00 51.97
CA GLU F 401 19.22 -18.20 53.43
C GLU F 401 20.35 -19.19 53.70
N ILE F 402 21.36 -19.17 52.78
CA ILE F 402 22.58 -19.91 53.02
C ILE F 402 23.49 -18.99 53.83
N GLY F 403 24.28 -19.57 54.73
CA GLY F 403 25.17 -18.78 55.56
C GLY F 403 26.66 -18.94 55.31
N VAL F 404 27.32 -17.81 55.13
CA VAL F 404 28.77 -17.76 54.91
C VAL F 404 29.35 -16.44 55.41
N GLN F 405 30.07 -16.49 56.53
CA GLN F 405 30.68 -15.30 57.15
C GLN F 405 31.84 -14.80 56.27
N PRO F 406 32.12 -13.49 56.32
CA PRO F 406 33.20 -12.90 55.53
C PRO F 406 34.53 -13.63 55.72
N PRO F 407 35.43 -13.54 54.73
CA PRO F 407 36.72 -14.22 54.88
C PRO F 407 37.41 -13.69 56.14
N THR F 408 38.44 -14.39 56.60
CA THR F 408 39.14 -13.97 57.81
C THR F 408 39.82 -12.65 57.55
N SER F 409 39.76 -11.75 58.53
CA SER F 409 40.43 -10.47 58.36
C SER F 409 41.83 -10.60 58.92
N SER F 410 42.78 -10.85 58.04
CA SER F 410 44.17 -10.98 58.43
C SER F 410 44.82 -9.60 58.44
N ILE F 411 44.44 -8.78 59.42
CA ILE F 411 45.02 -7.45 59.49
C ILE F 411 44.59 -6.95 60.87
N LEU F 412 44.99 -5.75 61.24
CA LEU F 412 44.59 -5.24 62.55
C LEU F 412 43.89 -3.89 62.52
N GLU F 413 43.01 -3.73 63.49
CA GLU F 413 42.25 -2.53 63.72
C GLU F 413 41.95 -2.68 65.21
N ASP F 414 41.58 -1.60 65.87
CA ASP F 414 41.33 -1.65 67.30
C ASP F 414 39.85 -1.55 67.63
N THR F 415 39.51 -1.73 68.89
CA THR F 415 38.13 -1.64 69.32
C THR F 415 38.16 -0.85 70.57
N TYR F 416 37.31 0.15 70.71
CA TYR F 416 37.33 0.87 71.97
C TYR F 416 36.06 0.54 72.71
N ARG F 417 36.19 0.31 73.99
CA ARG F 417 35.05 0.00 74.81
C ARG F 417 34.56 1.36 75.24
N TYR F 418 33.25 1.51 75.42
CA TYR F 418 32.67 2.80 75.80
C TYR F 418 33.14 3.86 74.79
N ILE F 419 32.93 3.60 73.51
CA ILE F 419 33.34 4.51 72.45
C ILE F 419 32.92 5.94 72.76
N GLU F 420 31.70 6.08 73.26
CA GLU F 420 31.09 7.38 73.58
C GLU F 420 31.78 8.32 74.59
N SER F 421 32.78 7.85 75.32
CA SER F 421 33.42 8.74 76.28
C SER F 421 34.11 9.88 75.59
N PRO F 422 34.23 11.01 76.28
CA PRO F 422 34.91 12.16 75.66
C PRO F 422 36.42 11.94 75.52
N ALA F 423 36.94 10.92 76.20
CA ALA F 423 38.35 10.56 76.10
C ALA F 423 38.60 9.51 75.01
N THR F 424 37.54 9.11 74.30
CA THR F 424 37.64 8.08 73.26
C THR F 424 37.33 8.57 71.84
N LYS F 425 38.13 8.09 70.88
CA LYS F 425 37.98 8.45 69.46
C LYS F 425 36.65 7.99 68.84
N CYS F 426 36.12 8.85 67.96
CA CYS F 426 34.86 8.62 67.24
C CYS F 426 35.05 7.89 65.92
N ALA F 427 34.33 6.79 65.75
CA ALA F 427 34.40 6.01 64.52
C ALA F 427 33.92 6.79 63.31
N SER F 428 32.85 7.56 63.49
CA SER F 428 32.31 8.38 62.42
C SER F 428 31.97 7.52 61.20
N ASN F 429 31.46 6.33 61.46
CA ASN F 429 31.10 5.41 60.39
C ASN F 429 29.61 5.13 60.39
N VAL F 430 28.97 5.26 59.24
CA VAL F 430 27.54 5.03 59.16
C VAL F 430 27.24 3.66 58.58
N ILE F 431 26.56 2.84 59.36
CA ILE F 431 26.17 1.51 58.92
C ILE F 431 24.65 1.39 58.94
N PRO F 432 24.09 0.99 57.82
CA PRO F 432 22.64 0.83 57.70
C PRO F 432 22.31 -0.60 57.32
N ALA F 433 21.36 -1.22 58.01
CA ALA F 433 20.99 -2.58 57.69
C ALA F 433 20.44 -2.53 56.28
N LYS F 434 20.80 -3.53 55.47
CA LYS F 434 20.33 -3.56 54.09
C LYS F 434 19.03 -4.33 54.00
N GLU F 435 17.97 -3.68 53.52
CA GLU F 435 16.69 -4.37 53.43
C GLU F 435 16.28 -4.36 51.98
N ASP F 436 16.04 -3.15 51.49
CA ASP F 436 15.69 -2.98 50.10
C ASP F 436 16.64 -1.92 49.57
N PRO F 437 17.57 -2.35 48.72
CA PRO F 437 18.52 -1.41 48.13
C PRO F 437 17.69 -0.47 47.29
N TYR F 438 16.68 -1.07 46.68
CA TYR F 438 15.76 -0.39 45.79
C TYR F 438 14.77 0.65 46.26
N ALA F 439 14.40 0.58 47.53
CA ALA F 439 13.40 1.49 48.08
C ALA F 439 13.64 2.98 47.85
N GLY F 440 14.89 3.38 47.67
CA GLY F 440 15.18 4.79 47.43
C GLY F 440 14.59 5.24 46.10
N PHE F 441 14.76 4.41 45.08
CA PHE F 441 14.23 4.66 43.73
C PHE F 441 12.86 4.03 43.70
N LYS F 442 12.02 4.44 42.77
CA LYS F 442 10.71 3.82 42.73
C LYS F 442 10.19 3.64 41.32
N PHE F 443 9.39 2.61 41.12
CA PHE F 443 8.85 2.38 39.81
C PHE F 443 7.59 1.54 39.86
N TRP F 444 6.93 1.41 38.72
CA TRP F 444 5.65 0.73 38.69
C TRP F 444 5.89 -0.64 39.31
N ASN F 445 5.00 -1.04 40.20
CA ASN F 445 5.19 -2.32 40.84
C ASN F 445 4.10 -3.29 40.42
N ILE F 446 4.47 -4.29 39.63
CA ILE F 446 3.50 -5.27 39.14
C ILE F 446 3.70 -6.58 39.84
N ASP F 447 2.70 -6.99 40.62
CA ASP F 447 2.80 -8.25 41.36
C ASP F 447 2.24 -9.41 40.56
N LEU F 448 3.01 -10.48 40.46
CA LEU F 448 2.57 -11.67 39.72
C LEU F 448 2.48 -12.92 40.58
N LYS F 449 2.56 -12.77 41.90
CA LYS F 449 2.51 -13.92 42.79
C LYS F 449 1.31 -14.84 42.68
N GLU F 450 0.20 -14.37 42.16
CA GLU F 450 -0.95 -15.23 42.06
C GLU F 450 -1.35 -15.42 40.62
N LYS F 451 -1.15 -14.40 39.80
CA LYS F 451 -1.53 -14.52 38.41
C LYS F 451 -0.42 -15.27 37.69
N LEU F 452 -0.17 -16.48 38.19
CA LEU F 452 0.80 -17.39 37.60
C LEU F 452 0.14 -18.77 37.48
N SER F 453 0.31 -19.40 36.34
CA SER F 453 -0.27 -20.73 36.13
C SER F 453 0.65 -21.77 35.50
N LEU F 454 0.08 -22.95 35.23
CA LEU F 454 0.81 -24.08 34.68
C LEU F 454 0.23 -24.71 33.41
N ASP F 455 -0.95 -24.23 32.98
CA ASP F 455 -1.60 -24.75 31.77
C ASP F 455 -1.28 -23.89 30.56
N LEU F 456 -0.26 -24.27 29.80
CA LEU F 456 0.13 -23.48 28.66
C LEU F 456 -0.97 -23.26 27.66
N ASP F 457 -1.74 -24.29 27.38
CA ASP F 457 -2.79 -24.14 26.39
C ASP F 457 -3.77 -22.98 26.60
N GLN F 458 -4.21 -22.79 27.84
CA GLN F 458 -5.18 -21.74 28.18
C GLN F 458 -4.99 -20.30 27.72
N PHE F 459 -3.83 -19.73 27.99
CA PHE F 459 -3.55 -18.35 27.65
C PHE F 459 -3.17 -18.05 26.22
N PRO F 460 -3.14 -16.75 25.86
CA PRO F 460 -2.80 -16.31 24.51
C PRO F 460 -1.37 -16.66 24.14
N LEU F 461 -0.44 -16.27 25.00
CA LEU F 461 0.97 -16.53 24.77
C LEU F 461 1.37 -18.01 24.87
N GLY F 462 0.43 -18.84 25.33
CA GLY F 462 0.72 -20.26 25.44
C GLY F 462 0.64 -20.91 24.09
N ARG F 463 -0.53 -20.79 23.46
CA ARG F 463 -0.72 -21.35 22.14
C ARG F 463 0.40 -20.81 21.26
N ARG F 464 0.63 -19.51 21.38
CA ARG F 464 1.67 -18.84 20.60
C ARG F 464 3.01 -19.53 20.80
N PHE F 465 3.16 -20.16 21.97
CA PHE F 465 4.38 -20.89 22.35
C PHE F 465 4.38 -22.29 21.79
N LEU F 466 3.43 -23.09 22.23
CA LEU F 466 3.30 -24.47 21.76
C LEU F 466 3.30 -24.53 20.25
N ALA F 467 2.71 -23.52 19.62
CA ALA F 467 2.66 -23.45 18.18
C ALA F 467 4.08 -23.63 17.66
N GLN F 468 4.97 -22.74 18.07
CA GLN F 468 6.35 -22.82 17.63
C GLN F 468 6.95 -24.16 18.02
N GLN F 469 6.56 -24.67 19.18
CA GLN F 469 7.10 -25.94 19.67
C GLN F 469 6.80 -27.15 18.79
N GLY F 470 5.59 -27.25 18.25
CA GLY F 470 5.26 -28.38 17.40
C GLY F 470 4.12 -29.12 18.06
N ALA F 471 3.96 -28.90 19.37
CA ALA F 471 2.82 -29.43 20.11
C ALA F 471 1.71 -28.40 20.02
N GLY F 472 1.09 -28.29 18.85
CA GLY F 472 0.07 -27.26 18.64
C GLY F 472 -1.32 -27.69 18.27
N CYS F 473 -2.30 -27.11 18.95
CA CYS F 473 -3.72 -27.33 18.66
C CYS F 473 -4.11 -26.19 17.72
N SER F 474 -3.20 -25.24 17.61
CA SER F 474 -3.38 -24.05 16.79
C SER F 474 -2.01 -23.54 16.35
N THR F 475 -1.64 -23.84 15.10
CA THR F 475 -0.37 -23.44 14.49
C THR F 475 -0.53 -22.00 13.94
N VAL F 476 0.49 -21.15 14.11
CA VAL F 476 0.40 -19.77 13.64
C VAL F 476 0.61 -19.65 12.14
N ARG F 477 -0.43 -19.97 11.38
CA ARG F 477 -0.35 -19.85 9.94
C ARG F 477 -1.71 -19.56 9.33
N LYS F 478 -1.77 -18.41 8.68
CA LYS F 478 -2.91 -17.96 7.93
C LYS F 478 -2.23 -17.51 6.66
N ARG F 479 -1.75 -18.49 5.89
CA ARG F 479 -0.97 -18.17 4.71
C ARG F 479 -1.79 -17.33 3.76
N ARG F 480 -1.17 -16.26 3.28
CA ARG F 480 -1.82 -15.37 2.35
C ARG F 480 -1.01 -15.30 1.07
N ILE F 481 -1.68 -15.56 -0.04
CA ILE F 481 -1.03 -15.49 -1.35
C ILE F 481 -1.66 -14.28 -2.07
N SER F 482 -0.87 -13.60 -2.90
CA SER F 482 -1.34 -12.39 -3.60
C SER F 482 -0.51 -12.00 -4.84
#